data_7SO9
#
_entry.id   7SO9
#
loop_
_entity.id
_entity.type
_entity.pdbx_description
1 polymer 'Spike glycoprotein'
2 polymer 'S2M11 Fab light chain'
3 polymer 'S2M11 Fab heavy chain'
4 polymer 'S2L20 Fab light chain'
5 polymer 'S2L20 Fab heavy chain'
6 branched alpha-L-fucopyranose-(1-6)-2-acetamido-2-deoxy-beta-D-glucopyranose
7 non-polymer 2-acetamido-2-deoxy-beta-D-glucopyranose
8 water water
#
loop_
_entity_poly.entity_id
_entity_poly.type
_entity_poly.pdbx_seq_one_letter_code
_entity_poly.pdbx_strand_id
1 'polypeptide(L)'
;MFVFLVLLPLVSSQCVNLRTRTQLPPAYTNSFTRGVYYPDKVFRSSVLHSTQDLFLPFFSNVTWFHAIHVSGTNGTKRFD
NPVLPFNDGVYFASTEKSNIIRGWIFGTTLDSKTQSLLIVNNATNVVIKVCEFQFCNDPFLDVYYHKNNKSWMESGVYSS
ANNCTFEYVSQPFLMDLEGKQGNFKNLREFVFKNIDGYFKIYSKHTPINLVRDLPQGFSALEPLVDLPIGINITRFQTLL
ALHRSYLTPGDSSSGWTAGAAAYYVGYLQPRTFLLKYNENGTITDAVDCALDPLSETKCTLKSFTVEKGIYQTSNFRVQP
TESIVRFPNITNLCPFGEVFNATRFASVYAWNRKRISNCVADYSVLYNSASFSTFKCYGVSPTKLNDLCFTNVYADSFVI
RGDEVRQIAPGQTGKIADYNYKLPDDFTGCVIAWNSNNLDSKVGGNYNYRYRLFRKSNLKPFERDISTEIYQAGSKPCNG
VEGFNCYFPLQSYGFQPTNGVGYQPYRVVVLSFELLHAPATVCGPKKSTNLVKNKCVNFNFNGLTGTGVLTESNKKFLPF
QQFGRDIADTTDAVRDPQTLEILDITPCSFGGVSVITPGTNTSNQVAVLYQGVNCTEVPVAIHADQLTPTWRVYSTGSNV
FQTRAGCLIGAEHVNNSYECDIPIGAGICASYQTQTNSRRRARSVASQSIIAYTMSLGAENSVACSNNSIAIPTNFTISV
TTEILPVSMTKTSVDCTMYICGDSTECSNLLLQYGSFCTQLNRALTGIAVEQDKNTQEVFAQVKQIYKTPPIKDFGGFNF
SQILPDPSKPSKRSPIEDLLFNKVTLADAGFIKQYGDCLGDIAARDLICAQKFNGLTVLPPLLTDEMIAQYTSALLAGTI
CSGWTFGAGPALQIPFPMQMAYRFNGIGVTQNVLYENQKLIANQFNSAIGKIQDSLSSTPSALGKLQNVVNQNAQALNTL
VKQLSSNFGAISSVLNDILSRLDKPEAEVQIDRLITGRLQSLQTYVTQQLIRAAEIRASANLAATKMSECVLGQSKRVDF
CGKGYHLMSFPQSAPHGVVFLHVTYVPAQEKNFTTAPAICHDGKAHFPREGVFVSNGTHWFVTQRNFYEPQIITTDNTFV
SGNCDVVIGIVNNTVYDPLQPELDSFKEELDKYFKNHTSPDVDLGDISGINASVVNIQKEIDRLNEVAKNLNESLIDLQE
LGKYEQGSGYIPEAPRDGQAYVRKDGEWVLLSTFLGRSLEVLFQGPGSGGLNDIFEAQKIEWHEGSGHHHHHHHH
;
A,F,K
2 'polypeptide(L)'
;IVMMQSPGTLSLSPGERATLSCRASQSVSSSYLAWYQQKPGQAPRLLIYGASSRATGIPDRFSGSGSGTDFTLTISRLEP
EDFAVYYCQQYGSSAWTFGQGTKV
;
D,G,L
3 'polypeptide(L)'
;VQLVQSGAEVKKPGASVKVSCKASGYTFTGYYMHWVRQAPGQGLEWMGWINPISSGTSYAQTFQGRVTMTSDTSITTAYM
ELSRLRSDDTAVYYCARAAPFYDFWSGYSYFDYWGQGTLVTV
;
E,H,M
4 'polypeptide(L)'
;VIWMTQSPSSLSASVGDRVTITCQASQDIRFYLNWYQQKPGKAPKLLISDASNMETGVPSRFSGSGSGTDFTFTISSLQP
EDIATYYCQQYDNLPFTFGPGTKVDFK
;
B,I,N
5 'polypeptide(L)'
;EVQLVESGGGVVQPGGSLRLSCAASGFTFNSYGMHWVRQAPGKGLEWVAFIRYDGGNKYYADSVKGRFTISRDNSKNTLY
LQMKSLRAEDTAVYYCANLKDSRYSGSYYDYWGQGTLVTVS
;
C,J,O
#
# COMPACT_ATOMS: atom_id res chain seq x y z
N GLN A 14 -25.17 55.53 37.35
CA GLN A 14 -24.44 56.37 36.40
C GLN A 14 -22.94 56.07 36.45
N CYS A 15 -22.23 56.37 35.42
CA CYS A 15 -20.79 56.22 35.34
C CYS A 15 -20.10 57.25 36.10
N VAL A 16 -19.08 56.88 36.87
CA VAL A 16 -18.24 57.82 37.60
C VAL A 16 -16.78 57.47 37.39
N ASN A 17 -15.90 58.42 37.64
CA ASN A 17 -14.47 58.18 37.58
C ASN A 17 -13.93 57.74 38.94
N LEU A 18 -13.08 56.71 38.94
CA LEU A 18 -12.50 56.16 40.17
C LEU A 18 -10.99 56.28 40.15
N GLN A 23 -0.79 54.66 37.41
CA GLN A 23 -0.76 53.20 37.49
C GLN A 23 0.21 52.73 38.59
N LEU A 24 -0.16 51.64 39.27
CA LEU A 24 0.72 50.98 40.24
C LEU A 24 1.48 49.83 39.59
N PRO A 25 2.68 49.51 40.09
CA PRO A 25 3.48 48.38 39.69
C PRO A 25 2.81 47.08 40.12
N PRO A 26 2.96 46.02 39.33
CA PRO A 26 2.45 44.68 39.55
C PRO A 26 3.25 43.95 40.61
N ALA A 27 2.58 43.05 41.33
CA ALA A 27 3.25 42.11 42.19
C ALA A 27 3.23 40.73 41.53
N TYR A 28 4.12 39.85 41.93
CA TYR A 28 4.16 38.52 41.33
C TYR A 28 4.16 37.42 42.38
N THR A 29 3.50 36.32 42.05
CA THR A 29 3.51 35.14 42.90
C THR A 29 3.82 33.89 42.08
N ASN A 30 4.18 32.82 42.77
CA ASN A 30 4.51 31.55 42.12
C ASN A 30 3.30 30.64 42.03
N SER A 31 2.90 30.25 40.81
CA SER A 31 1.80 29.24 40.66
C SER A 31 2.43 27.85 40.63
N PHE A 32 2.51 27.15 41.77
CA PHE A 32 3.25 25.85 41.82
C PHE A 32 2.64 24.72 40.96
N THR A 33 1.32 24.48 41.06
CA THR A 33 0.69 23.33 40.33
C THR A 33 -0.79 23.65 40.15
N ARG A 34 -1.10 24.87 39.75
CA ARG A 34 -2.48 25.33 39.58
C ARG A 34 -2.82 25.51 38.12
N GLY A 35 -4.13 25.53 37.82
CA GLY A 35 -4.60 25.89 36.49
C GLY A 35 -4.83 24.68 35.58
N VAL A 36 -4.83 23.50 36.18
CA VAL A 36 -5.09 22.28 35.42
C VAL A 36 -6.58 21.98 35.40
N TYR A 37 -7.07 21.59 34.23
CA TYR A 37 -8.50 21.32 34.05
C TYR A 37 -8.72 20.09 33.19
N TYR A 38 -9.93 19.55 33.24
CA TYR A 38 -10.28 18.39 32.45
C TYR A 38 -10.37 18.77 30.96
N PRO A 39 -9.45 18.24 30.14
CA PRO A 39 -9.21 18.61 28.75
C PRO A 39 -10.35 18.23 27.82
N ASP A 40 -11.16 17.25 28.22
CA ASP A 40 -12.27 16.81 27.39
C ASP A 40 -13.40 16.21 28.22
N LYS A 41 -14.35 15.58 27.54
CA LYS A 41 -15.55 15.06 28.20
C LYS A 41 -15.56 13.55 28.23
N VAL A 42 -14.36 12.96 28.19
CA VAL A 42 -14.23 11.50 28.20
C VAL A 42 -13.88 11.01 29.61
N PHE A 43 -14.62 10.00 30.06
CA PHE A 43 -14.35 9.42 31.38
C PHE A 43 -13.18 8.47 31.32
N ARG A 44 -12.23 8.66 32.22
CA ARG A 44 -11.07 7.80 32.34
C ARG A 44 -10.86 7.48 33.79
N SER A 45 -10.25 6.35 34.09
CA SER A 45 -9.92 6.01 35.47
C SER A 45 -8.69 5.12 35.55
N SER A 46 -7.97 5.23 36.67
CA SER A 46 -6.80 4.40 36.93
C SER A 46 -5.87 4.36 35.72
N VAL A 47 -5.53 5.54 35.21
CA VAL A 47 -4.74 5.62 33.99
C VAL A 47 -3.95 6.93 33.92
N LEU A 48 -2.78 6.87 33.29
CA LEU A 48 -2.02 8.08 33.01
C LEU A 48 -2.20 8.48 31.55
N HIS A 49 -2.77 9.66 31.33
CA HIS A 49 -3.12 10.11 29.99
C HIS A 49 -2.31 11.32 29.57
N SER A 50 -1.69 11.24 28.40
CA SER A 50 -0.92 12.35 27.86
C SER A 50 -1.75 13.20 26.91
N THR A 51 -1.81 14.50 27.16
CA THR A 51 -2.64 15.39 26.36
C THR A 51 -1.91 16.68 26.01
N GLN A 52 -2.34 17.30 24.92
CA GLN A 52 -1.81 18.60 24.51
C GLN A 52 -2.93 19.62 24.42
N ASP A 53 -2.81 20.69 25.19
CA ASP A 53 -3.83 21.72 25.25
C ASP A 53 -3.26 23.00 25.84
N LEU A 54 -4.09 24.03 25.97
CA LEU A 54 -3.66 25.28 26.56
C LEU A 54 -3.75 25.23 28.08
N PHE A 55 -2.59 25.17 28.72
CA PHE A 55 -2.50 25.04 30.17
C PHE A 55 -1.62 26.11 30.75
N LEU A 56 -1.79 26.40 32.03
CA LEU A 56 -0.87 27.28 32.74
C LEU A 56 0.38 26.49 33.12
N PRO A 57 1.57 26.90 32.64
CA PRO A 57 2.85 26.28 32.91
C PRO A 57 3.10 26.21 34.40
N PHE A 58 3.75 25.15 34.85
CA PHE A 58 4.02 24.98 36.27
C PHE A 58 5.09 25.96 36.74
N PHE A 59 4.92 26.48 37.95
CA PHE A 59 5.87 27.39 38.57
C PHE A 59 6.11 28.64 37.73
N SER A 60 5.05 29.15 37.11
CA SER A 60 5.13 30.37 36.33
C SER A 60 4.91 31.59 37.20
N ASN A 61 5.24 32.78 36.67
CA ASN A 61 5.02 34.05 37.35
C ASN A 61 3.63 34.60 37.04
N VAL A 62 2.74 34.56 38.03
CA VAL A 62 1.38 35.04 37.91
C VAL A 62 1.25 36.43 38.52
N THR A 63 0.58 37.32 37.80
CA THR A 63 0.49 38.70 38.24
C THR A 63 -0.57 38.86 39.33
N TRP A 64 -0.16 39.51 40.40
CA TRP A 64 -1.02 39.71 41.56
C TRP A 64 -1.51 41.16 41.65
N PHE A 65 -2.81 41.34 41.48
CA PHE A 65 -3.42 42.67 41.43
C PHE A 65 -4.17 43.00 42.70
N HIS A 66 -4.19 44.29 43.06
CA HIS A 66 -5.03 44.81 44.12
C HIS A 66 -5.84 45.98 43.60
N ALA A 67 -7.03 45.71 43.08
CA ALA A 67 -7.81 46.73 42.39
C ALA A 67 -8.19 47.88 43.32
N ILE A 68 -8.51 47.55 44.56
CA ILE A 68 -8.84 48.56 45.55
C ILE A 68 -7.78 48.58 46.65
N HIS A 69 -6.96 49.64 46.67
CA HIS A 69 -5.82 49.74 47.57
C HIS A 69 -6.00 50.89 48.54
N ARG A 78 -7.05 54.40 46.81
CA ARG A 78 -6.58 54.44 45.43
C ARG A 78 -7.14 53.26 44.63
N PHE A 79 -7.77 53.56 43.49
CA PHE A 79 -8.37 52.55 42.63
C PHE A 79 -7.55 52.35 41.36
N ASP A 80 -7.20 51.10 41.09
CA ASP A 80 -6.44 50.74 39.89
C ASP A 80 -6.82 49.35 39.40
N ASN A 81 -7.71 49.30 38.42
CA ASN A 81 -8.28 48.04 37.96
C ASN A 81 -8.22 47.95 36.44
N PRO A 82 -7.04 47.65 35.89
CA PRO A 82 -6.62 47.84 34.52
C PRO A 82 -7.30 46.89 33.57
N VAL A 83 -7.34 47.27 32.30
CA VAL A 83 -7.78 46.36 31.25
C VAL A 83 -6.60 45.52 30.79
N LEU A 84 -6.80 44.21 30.77
CA LEU A 84 -5.72 43.28 30.44
C LEU A 84 -6.00 42.58 29.13
N PRO A 85 -4.96 42.15 28.41
CA PRO A 85 -5.02 41.33 27.21
C PRO A 85 -5.53 39.94 27.56
N PHE A 86 -6.34 39.39 26.66
CA PHE A 86 -6.90 38.05 26.84
C PHE A 86 -5.99 36.99 26.23
N ASN A 87 -5.27 37.38 25.19
CA ASN A 87 -4.37 36.48 24.49
C ASN A 87 -5.05 35.20 24.06
N ASP A 88 -4.49 34.05 24.44
CA ASP A 88 -4.99 32.76 23.99
C ASP A 88 -5.80 32.05 25.05
N GLY A 89 -6.13 32.77 26.11
CA GLY A 89 -6.83 32.17 27.24
C GLY A 89 -6.19 32.61 28.54
N VAL A 90 -7.02 32.71 29.58
CA VAL A 90 -6.58 33.30 30.83
C VAL A 90 -6.86 32.41 32.04
N TYR A 91 -5.87 32.32 32.91
CA TYR A 91 -6.07 31.74 34.23
C TYR A 91 -6.38 32.85 35.22
N PHE A 92 -7.52 32.76 35.87
CA PHE A 92 -7.95 33.81 36.79
C PHE A 92 -8.27 33.21 38.15
N ALA A 93 -7.81 33.85 39.21
CA ALA A 93 -8.11 33.36 40.55
C ALA A 93 -8.25 34.49 41.53
N SER A 94 -9.04 34.28 42.58
CA SER A 94 -9.14 35.24 43.66
C SER A 94 -9.48 34.58 44.98
N THR A 95 -9.03 35.19 46.07
CA THR A 95 -9.37 34.70 47.40
C THR A 95 -10.01 35.80 48.23
N GLU A 96 -11.22 35.54 48.72
CA GLU A 96 -11.93 36.53 49.53
C GLU A 96 -13.22 35.96 50.12
N LYS A 97 -13.66 36.55 51.22
CA LYS A 97 -14.97 36.25 51.79
C LYS A 97 -15.93 37.41 51.62
N SER A 98 -15.42 38.50 51.04
CA SER A 98 -16.17 39.75 50.97
C SER A 98 -17.06 39.82 49.73
N ASN A 99 -16.91 38.85 48.83
CA ASN A 99 -17.69 38.83 47.59
C ASN A 99 -17.61 40.17 46.87
N ILE A 100 -16.40 40.63 46.61
CA ILE A 100 -16.19 41.91 45.95
C ILE A 100 -16.16 41.73 44.45
N ILE A 101 -15.49 40.68 44.00
CA ILE A 101 -15.47 40.39 42.58
C ILE A 101 -16.79 39.76 42.18
N ARG A 102 -17.44 40.35 41.19
CA ARG A 102 -18.77 39.89 40.80
C ARG A 102 -18.79 39.34 39.38
N GLY A 103 -17.90 39.82 38.52
CA GLY A 103 -17.99 39.43 37.13
C GLY A 103 -16.84 39.92 36.28
N TRP A 104 -16.95 39.70 34.97
CA TRP A 104 -15.91 40.04 34.02
C TRP A 104 -16.50 40.61 32.73
N ILE A 105 -15.70 41.42 32.04
CA ILE A 105 -16.05 41.87 30.71
C ILE A 105 -15.04 41.33 29.71
N PHE A 106 -15.54 40.73 28.64
CA PHE A 106 -14.67 40.24 27.58
C PHE A 106 -15.07 40.84 26.24
N GLY A 107 -14.10 41.28 25.46
CA GLY A 107 -14.39 41.83 24.14
C GLY A 107 -13.17 42.45 23.50
N THR A 108 -13.38 43.43 22.64
CA THR A 108 -12.30 44.09 21.92
C THR A 108 -12.22 45.56 22.32
N THR A 109 -13.09 46.37 21.73
CA THR A 109 -13.09 47.81 21.97
C THR A 109 -13.85 48.18 23.24
N LEU A 110 -14.68 47.26 23.71
CA LEU A 110 -15.42 47.46 24.95
C LEU A 110 -16.27 48.73 24.91
N ASP A 111 -16.90 48.97 23.76
CA ASP A 111 -17.80 50.10 23.57
C ASP A 111 -18.95 49.70 22.64
N SER A 112 -19.76 50.68 22.25
CA SER A 112 -20.97 50.41 21.48
C SER A 112 -20.68 50.03 20.02
N LYS A 113 -19.40 49.99 19.65
CA LYS A 113 -19.04 49.67 18.27
C LYS A 113 -19.10 48.18 17.98
N THR A 114 -18.89 47.36 19.01
CA THR A 114 -18.84 45.91 18.81
C THR A 114 -19.61 45.16 19.89
N GLN A 115 -19.86 43.88 19.65
CA GLN A 115 -20.44 43.02 20.66
C GLN A 115 -19.44 42.77 21.78
N SER A 116 -19.93 42.81 23.02
CA SER A 116 -19.10 42.49 24.18
C SER A 116 -19.81 41.52 25.10
N LEU A 117 -19.03 40.68 25.78
CA LEU A 117 -19.56 39.67 26.68
C LEU A 117 -19.48 40.12 28.14
N LEU A 118 -20.64 40.21 28.77
CA LEU A 118 -20.73 40.64 30.15
C LEU A 118 -21.22 39.51 31.06
N ILE A 119 -20.35 39.08 31.96
CA ILE A 119 -20.70 38.02 32.91
C ILE A 119 -20.78 38.60 34.30
N VAL A 120 -21.97 38.66 34.86
CA VAL A 120 -22.16 39.24 36.18
C VAL A 120 -22.93 38.34 37.13
N ASN A 121 -22.40 38.19 38.33
CA ASN A 121 -23.04 37.41 39.37
C ASN A 121 -23.72 38.29 40.39
N ASN A 122 -24.77 37.78 41.03
CA ASN A 122 -25.37 38.41 42.20
C ASN A 122 -25.80 37.38 43.24
N ALA A 123 -26.58 37.79 44.22
CA ALA A 123 -26.94 36.96 45.38
C ALA A 123 -27.66 35.67 45.00
N THR A 124 -28.45 35.69 43.93
CA THR A 124 -29.30 34.55 43.62
C THR A 124 -28.97 33.87 42.29
N ASN A 125 -28.37 34.62 41.36
CA ASN A 125 -28.17 34.08 40.01
C ASN A 125 -26.92 34.63 39.32
N VAL A 126 -26.69 34.14 38.11
CA VAL A 126 -25.68 34.72 37.21
C VAL A 126 -26.34 35.08 35.89
N VAL A 127 -26.01 36.26 35.38
CA VAL A 127 -26.55 36.68 34.11
C VAL A 127 -25.44 36.93 33.10
N ILE A 128 -25.55 36.29 31.95
CA ILE A 128 -24.56 36.43 30.91
C ILE A 128 -25.20 36.99 29.65
N LYS A 129 -24.71 38.15 29.21
CA LYS A 129 -25.26 38.80 28.03
C LYS A 129 -24.19 39.15 27.03
N VAL A 130 -24.54 39.12 25.76
CA VAL A 130 -23.67 39.65 24.72
C VAL A 130 -24.42 40.71 23.92
N CYS A 131 -23.98 41.97 24.07
CA CYS A 131 -24.65 43.13 23.50
C CYS A 131 -23.64 44.19 23.10
N GLU A 132 -24.11 45.24 22.44
CA GLU A 132 -23.28 46.39 22.17
C GLU A 132 -23.33 47.33 23.36
N PHE A 133 -22.49 47.06 24.36
CA PHE A 133 -22.50 47.80 25.60
C PHE A 133 -21.60 49.03 25.51
N GLN A 134 -22.10 50.16 25.97
CA GLN A 134 -21.24 51.34 26.11
C GLN A 134 -20.77 51.44 27.54
N PHE A 135 -19.62 50.84 27.82
CA PHE A 135 -19.16 50.66 29.20
C PHE A 135 -18.63 51.94 29.82
N CYS A 136 -18.75 52.00 31.14
CA CYS A 136 -18.20 53.17 31.88
C CYS A 136 -16.68 53.13 31.77
N ASN A 137 -16.03 54.27 31.97
CA ASN A 137 -14.57 54.36 31.95
C ASN A 137 -13.95 53.55 33.07
N ASP A 138 -14.61 53.53 34.22
CA ASP A 138 -14.18 52.75 35.37
C ASP A 138 -15.34 51.94 35.92
N PRO A 139 -15.75 50.88 35.22
CA PRO A 139 -16.98 50.14 35.39
C PRO A 139 -16.95 49.32 36.66
N PHE A 140 -18.10 49.21 37.32
CA PHE A 140 -18.23 48.44 38.54
C PHE A 140 -19.68 48.17 38.87
N LEU A 141 -19.91 47.43 39.92
CA LEU A 141 -21.27 47.18 40.41
C LEU A 141 -21.50 47.91 41.72
N ASP A 142 -22.61 48.61 41.82
CA ASP A 142 -22.96 49.27 43.08
C ASP A 142 -23.26 48.22 44.13
N VAL A 143 -22.81 48.45 45.36
CA VAL A 143 -23.15 47.53 46.44
C VAL A 143 -24.65 47.56 46.73
N TYR A 144 -25.25 48.72 46.51
CA TYR A 144 -26.69 48.86 46.66
C TYR A 144 -27.24 49.72 45.52
N TYR A 145 -28.29 49.23 44.85
CA TYR A 145 -28.89 49.91 43.70
C TYR A 145 -30.20 50.57 44.09
N LYS A 150 -32.67 51.81 36.75
CA LYS A 150 -31.93 50.96 35.82
C LYS A 150 -32.00 49.49 36.27
N SER A 151 -30.83 48.85 36.42
CA SER A 151 -30.74 47.46 36.83
C SER A 151 -29.47 47.19 37.63
N TRP A 152 -29.51 46.14 38.42
CA TRP A 152 -28.37 45.73 39.25
C TRP A 152 -27.12 45.45 38.42
N MET A 153 -27.30 45.16 37.14
CA MET A 153 -26.15 44.86 36.28
C MET A 153 -25.90 45.96 35.27
N GLU A 154 -26.51 47.11 35.48
CA GLU A 154 -26.43 48.19 34.50
C GLU A 154 -25.83 49.47 35.07
N SER A 155 -26.37 49.94 36.20
CA SER A 155 -26.09 51.30 36.66
C SER A 155 -24.60 51.65 36.59
N GLY A 156 -23.77 50.88 37.28
CA GLY A 156 -22.36 51.23 37.41
C GLY A 156 -21.46 50.59 36.35
N VAL A 157 -22.06 49.82 35.45
CA VAL A 157 -21.27 49.06 34.49
C VAL A 157 -21.25 49.72 33.13
N TYR A 158 -22.42 50.11 32.64
CA TYR A 158 -22.52 50.72 31.32
C TYR A 158 -23.61 51.78 31.27
N SER A 159 -23.49 52.70 30.31
CA SER A 159 -24.44 53.78 30.15
C SER A 159 -25.63 53.36 29.31
N SER A 160 -25.40 52.43 28.39
CA SER A 160 -26.45 51.93 27.51
C SER A 160 -26.09 50.57 26.94
N ALA A 161 -27.09 49.85 26.44
CA ALA A 161 -26.87 48.61 25.73
C ALA A 161 -27.93 48.40 24.67
N ASN A 162 -27.52 47.86 23.53
CA ASN A 162 -28.45 47.57 22.44
C ASN A 162 -27.97 46.37 21.64
N ASN A 163 -28.77 45.97 20.64
CA ASN A 163 -28.40 44.93 19.67
C ASN A 163 -27.88 43.66 20.36
N CYS A 164 -28.61 43.19 21.38
CA CYS A 164 -28.24 41.98 22.10
C CYS A 164 -28.43 40.73 21.25
N THR A 165 -27.44 39.85 21.26
CA THR A 165 -27.46 38.65 20.44
C THR A 165 -27.52 37.36 21.27
N PHE A 166 -27.11 37.44 22.53
CA PHE A 166 -27.07 36.27 23.38
C PHE A 166 -27.48 36.58 24.81
N GLU A 167 -28.27 35.70 25.41
CA GLU A 167 -28.62 35.82 26.82
C GLU A 167 -28.69 34.45 27.50
N TYR A 168 -28.11 34.37 28.69
CA TYR A 168 -28.11 33.14 29.46
C TYR A 168 -28.20 33.44 30.96
N VAL A 169 -29.04 32.69 31.66
CA VAL A 169 -29.18 32.86 33.10
C VAL A 169 -29.13 31.51 33.83
N SER A 170 -28.35 31.45 34.89
CA SER A 170 -28.23 30.23 35.69
C SER A 170 -27.88 30.55 37.14
N GLN A 171 -27.27 29.58 37.82
CA GLN A 171 -26.85 29.76 39.20
C GLN A 171 -25.50 30.47 39.27
N PRO A 172 -25.20 31.15 40.39
CA PRO A 172 -24.01 31.95 40.60
C PRO A 172 -22.73 31.16 40.36
N PHE A 173 -21.75 31.82 39.75
CA PHE A 173 -20.42 31.26 39.54
C PHE A 173 -19.50 31.52 40.73
N LEU A 174 -19.83 32.56 41.52
CA LEU A 174 -19.01 33.02 42.64
C LEU A 174 -19.79 32.92 43.95
N PHE A 184 -12.59 31.16 57.61
CA PHE A 184 -11.45 30.77 56.79
C PHE A 184 -11.32 31.71 55.58
N LYS A 185 -10.96 31.17 54.42
CA LYS A 185 -10.87 31.91 53.17
C LYS A 185 -11.31 31.03 52.01
N ASN A 186 -12.01 31.62 51.04
CA ASN A 186 -12.48 30.87 49.87
C ASN A 186 -11.70 31.25 48.62
N LEU A 187 -11.04 30.26 48.03
CA LEU A 187 -10.30 30.46 46.78
C LEU A 187 -11.10 29.98 45.58
N ARG A 188 -11.26 30.87 44.60
CA ARG A 188 -12.00 30.53 43.40
C ARG A 188 -11.11 30.65 42.18
N GLU A 189 -11.03 29.57 41.41
CA GLU A 189 -10.18 29.53 40.22
C GLU A 189 -11.01 29.35 38.96
N PHE A 190 -10.64 30.09 37.92
CA PHE A 190 -11.32 30.02 36.63
C PHE A 190 -10.33 29.93 35.48
N VAL A 191 -10.73 29.25 34.42
CA VAL A 191 -9.99 29.27 33.17
C VAL A 191 -10.91 29.67 32.02
N PHE A 192 -10.48 30.68 31.27
CA PHE A 192 -11.28 31.19 30.16
C PHE A 192 -10.63 30.90 28.82
N LYS A 193 -11.38 30.22 27.96
CA LYS A 193 -10.94 29.94 26.59
C LYS A 193 -12.01 30.39 25.61
N ASN A 194 -11.59 30.76 24.39
CA ASN A 194 -12.54 31.18 23.38
C ASN A 194 -12.18 30.58 22.02
N ILE A 195 -12.71 29.39 21.75
CA ILE A 195 -12.30 28.63 20.58
C ILE A 195 -13.48 28.24 19.70
N ASP A 196 -13.37 28.55 18.41
CA ASP A 196 -14.38 28.19 17.42
C ASP A 196 -15.77 28.72 17.80
N GLY A 197 -15.80 29.89 18.42
CA GLY A 197 -17.05 30.54 18.75
C GLY A 197 -17.57 30.17 20.13
N TYR A 198 -16.93 29.19 20.76
CA TYR A 198 -17.37 28.75 22.08
C TYR A 198 -16.54 29.35 23.19
N PHE A 199 -17.21 30.05 24.10
CA PHE A 199 -16.55 30.59 25.27
C PHE A 199 -16.63 29.57 26.40
N LYS A 200 -15.51 28.97 26.72
CA LYS A 200 -15.47 27.88 27.68
C LYS A 200 -14.98 28.35 29.04
N ILE A 201 -15.78 28.07 30.07
CA ILE A 201 -15.40 28.41 31.42
C ILE A 201 -15.21 27.17 32.26
N TYR A 202 -14.06 27.07 32.93
CA TYR A 202 -13.80 26.02 33.89
C TYR A 202 -13.70 26.65 35.27
N SER A 203 -14.06 25.92 36.31
CA SER A 203 -13.95 26.48 37.65
C SER A 203 -13.75 25.45 38.75
N LYS A 204 -13.20 25.92 39.87
CA LYS A 204 -13.09 25.11 41.08
C LYS A 204 -13.13 26.00 42.32
N HIS A 205 -13.81 25.54 43.36
CA HIS A 205 -13.93 26.27 44.61
C HIS A 205 -13.36 25.47 45.77
N THR A 206 -12.31 26.00 46.41
CA THR A 206 -11.67 25.31 47.53
C THR A 206 -11.41 26.27 48.68
N PRO A 207 -11.30 25.75 49.91
CA PRO A 207 -10.84 26.44 51.10
C PRO A 207 -9.34 26.70 51.05
N ILE A 208 -8.90 27.74 51.74
CA ILE A 208 -7.48 28.09 51.79
C ILE A 208 -7.12 28.77 53.10
N ASN A 209 -5.90 28.53 53.59
CA ASN A 209 -5.43 29.14 54.83
C ASN A 209 -4.18 29.99 54.62
N LEU A 210 -4.02 30.52 53.41
CA LEU A 210 -2.88 31.37 53.09
C LEU A 210 -3.32 32.82 52.90
N VAL A 211 -2.37 33.75 52.98
CA VAL A 211 -2.70 35.16 52.89
C VAL A 211 -2.22 35.82 51.61
N ARG A 212 -0.95 35.59 51.25
CA ARG A 212 -0.31 36.38 50.19
C ARG A 212 0.07 35.56 48.96
N ASP A 213 -0.44 34.35 48.83
CA ASP A 213 -0.07 33.52 47.69
C ASP A 213 -1.11 32.46 47.37
N LEU A 214 -0.87 31.70 46.32
CA LEU A 214 -1.71 30.58 45.93
C LEU A 214 -1.19 29.31 46.59
N PRO A 215 -2.09 28.37 46.90
CA PRO A 215 -1.83 27.14 47.62
C PRO A 215 -1.08 26.13 46.77
N GLN A 216 -0.37 25.24 47.46
CA GLN A 216 0.32 24.15 46.74
C GLN A 216 -0.67 22.98 46.67
N GLY A 217 -0.26 21.86 46.06
CA GLY A 217 -1.12 20.70 45.90
C GLY A 217 -1.84 20.76 44.57
N PHE A 218 -2.55 19.69 44.23
CA PHE A 218 -3.16 19.60 42.92
C PHE A 218 -4.69 19.52 43.00
N SER A 219 -5.35 20.35 42.20
CA SER A 219 -6.80 20.31 42.07
C SER A 219 -7.22 20.71 40.67
N ALA A 220 -7.92 19.82 39.98
CA ALA A 220 -8.32 20.07 38.60
C ALA A 220 -9.64 20.82 38.53
N LEU A 221 -9.74 21.72 37.55
CA LEU A 221 -10.95 22.50 37.34
C LEU A 221 -11.90 21.80 36.38
N GLU A 222 -13.19 21.86 36.71
CA GLU A 222 -14.20 21.20 35.89
C GLU A 222 -14.89 22.21 35.00
N PRO A 223 -15.34 21.79 33.82
CA PRO A 223 -16.19 22.55 32.91
C PRO A 223 -17.40 23.09 33.64
N LEU A 224 -17.65 24.38 33.46
CA LEU A 224 -18.76 25.06 34.11
C LEU A 224 -19.85 25.34 33.09
N VAL A 225 -19.47 25.93 31.97
CA VAL A 225 -20.43 26.24 30.91
C VAL A 225 -19.73 26.45 29.56
N ASP A 226 -20.35 25.95 28.50
CA ASP A 226 -19.88 26.19 27.14
C ASP A 226 -20.87 27.10 26.40
N LEU A 227 -20.47 28.34 26.15
CA LEU A 227 -21.37 29.32 25.57
C LEU A 227 -21.12 29.54 24.08
N PRO A 228 -22.11 29.24 23.23
CA PRO A 228 -22.08 29.35 21.77
C PRO A 228 -22.33 30.79 21.34
N ILE A 229 -21.37 31.65 21.62
CA ILE A 229 -21.54 33.09 21.43
C ILE A 229 -21.08 33.58 20.06
N GLY A 230 -19.89 33.15 19.64
CA GLY A 230 -19.39 33.51 18.31
C GLY A 230 -18.83 34.93 18.19
N ILE A 231 -18.09 35.39 19.21
CA ILE A 231 -17.47 36.71 19.15
C ILE A 231 -15.97 36.65 19.38
N ASN A 232 -15.28 37.73 18.99
CA ASN A 232 -13.80 37.81 19.17
C ASN A 232 -13.45 38.53 20.48
N ILE A 233 -12.54 37.95 21.27
CA ILE A 233 -12.10 38.52 22.54
C ILE A 233 -10.60 38.77 22.51
N THR A 234 -10.20 40.01 22.77
CA THR A 234 -8.79 40.38 22.78
C THR A 234 -8.39 40.98 24.12
N ARG A 235 -9.38 41.49 24.85
CA ARG A 235 -9.13 42.16 26.12
C ARG A 235 -10.22 41.81 27.14
N PHE A 236 -9.90 41.92 28.42
CA PHE A 236 -10.88 41.69 29.45
C PHE A 236 -10.63 42.54 30.69
N GLN A 237 -11.66 42.70 31.51
CA GLN A 237 -11.58 43.47 32.73
C GLN A 237 -12.42 42.86 33.84
N THR A 238 -11.97 43.00 35.09
CA THR A 238 -12.70 42.45 36.22
C THR A 238 -13.66 43.46 36.83
N LEU A 239 -14.90 43.04 37.07
CA LEU A 239 -15.90 43.90 37.69
C LEU A 239 -16.04 43.65 39.18
N LEU A 240 -15.94 44.72 39.96
CA LEU A 240 -16.01 44.67 41.40
C LEU A 240 -17.26 45.35 41.93
N ALA A 241 -17.69 44.96 43.12
CA ALA A 241 -18.77 45.67 43.80
C ALA A 241 -18.20 46.72 44.75
N LEU A 242 -18.72 47.95 44.65
CA LEU A 242 -18.29 49.08 45.51
C LEU A 242 -19.48 49.63 46.29
N ALA A 261 -10.12 43.29 47.11
CA ALA A 261 -10.30 43.17 45.67
C ALA A 261 -9.01 42.68 45.00
N ALA A 262 -8.41 41.63 45.56
CA ALA A 262 -7.19 41.03 45.03
C ALA A 262 -7.51 39.87 44.10
N TYR A 263 -6.74 39.76 43.02
CA TYR A 263 -6.89 38.64 42.11
C TYR A 263 -5.59 38.36 41.35
N TYR A 264 -5.53 37.17 40.76
CA TYR A 264 -4.34 36.70 40.08
C TYR A 264 -4.63 36.44 38.61
N VAL A 265 -3.69 36.83 37.75
CA VAL A 265 -3.84 36.57 36.32
C VAL A 265 -2.64 35.88 35.71
N GLY A 266 -2.87 34.73 35.09
CA GLY A 266 -1.84 34.02 34.36
C GLY A 266 -2.32 33.77 32.94
N TYR A 267 -1.43 33.27 32.08
CA TYR A 267 -1.81 33.01 30.70
C TYR A 267 -1.50 31.59 30.29
N LEU A 268 -2.38 31.03 29.47
CA LEU A 268 -2.25 29.64 29.05
C LEU A 268 -1.29 29.52 27.88
N GLN A 269 -0.62 28.38 27.78
CA GLN A 269 0.27 28.09 26.68
C GLN A 269 0.00 26.68 26.14
N PRO A 270 0.30 26.44 24.86
CA PRO A 270 0.27 25.15 24.21
C PRO A 270 1.35 24.24 24.80
N ARG A 271 0.91 23.34 25.67
CA ARG A 271 1.81 22.53 26.48
C ARG A 271 1.40 21.06 26.51
N THR A 272 2.37 20.19 26.77
CA THR A 272 2.08 18.77 26.92
C THR A 272 2.12 18.37 28.38
N PHE A 273 1.05 17.73 28.84
CA PHE A 273 0.94 17.29 30.22
C PHE A 273 0.62 15.81 30.33
N LEU A 274 1.16 15.17 31.36
CA LEU A 274 0.76 13.83 31.73
C LEU A 274 -0.17 13.88 32.92
N LEU A 275 -1.41 13.45 32.73
CA LEU A 275 -2.43 13.56 33.78
C LEU A 275 -2.72 12.23 34.43
N LYS A 276 -2.79 12.23 35.75
CA LYS A 276 -3.08 11.00 36.50
C LYS A 276 -4.52 10.96 36.98
N TYR A 277 -5.27 9.97 36.48
CA TYR A 277 -6.64 9.73 36.90
C TYR A 277 -6.70 8.62 37.93
N ASN A 278 -7.41 8.86 39.03
CA ASN A 278 -7.58 7.84 40.06
C ASN A 278 -8.73 6.91 39.69
N GLU A 279 -9.08 6.00 40.59
CA GLU A 279 -10.13 5.02 40.30
C GLU A 279 -11.53 5.63 40.17
N ASN A 280 -11.70 6.87 40.62
CA ASN A 280 -12.97 7.58 40.54
C ASN A 280 -13.03 8.51 39.33
N GLY A 281 -11.98 8.49 38.50
CA GLY A 281 -11.91 9.32 37.30
C GLY A 281 -11.55 10.76 37.60
N THR A 282 -11.04 11.00 38.79
CA THR A 282 -10.63 12.33 39.19
C THR A 282 -9.14 12.53 38.92
N ILE A 283 -8.77 13.66 38.36
CA ILE A 283 -7.36 13.95 38.14
C ILE A 283 -6.74 14.37 39.46
N THR A 284 -5.74 13.62 39.91
CA THR A 284 -5.16 13.86 41.21
C THR A 284 -3.76 14.42 41.12
N ASP A 285 -3.11 14.23 39.98
CA ASP A 285 -1.77 14.76 39.79
C ASP A 285 -1.50 15.04 38.32
N ALA A 286 -0.37 15.67 38.04
CA ALA A 286 0.02 15.98 36.67
C ALA A 286 1.50 16.30 36.56
N VAL A 287 2.06 16.06 35.38
CA VAL A 287 3.43 16.45 35.09
C VAL A 287 3.51 17.40 33.90
N ASP A 288 4.16 18.54 34.11
CA ASP A 288 4.46 19.47 33.03
C ASP A 288 5.71 18.99 32.30
N CYS A 289 5.55 18.42 31.12
CA CYS A 289 6.59 17.64 30.45
C CYS A 289 7.75 18.52 29.98
N ALA A 290 7.56 19.83 30.02
CA ALA A 290 8.60 20.74 29.55
C ALA A 290 9.18 21.57 30.68
N LEU A 291 8.86 21.19 31.92
CA LEU A 291 9.32 21.94 33.08
C LEU A 291 10.82 21.75 33.32
N ASP A 292 11.26 20.50 33.34
CA ASP A 292 12.64 20.15 33.61
C ASP A 292 12.94 18.75 33.09
N PRO A 293 14.23 18.35 32.98
CA PRO A 293 14.70 17.06 32.52
C PRO A 293 14.07 15.89 33.27
N LEU A 294 13.78 16.06 34.56
CA LEU A 294 13.15 14.99 35.33
C LEU A 294 11.72 14.79 34.90
N SER A 295 11.00 15.88 34.66
CA SER A 295 9.62 15.80 34.22
C SER A 295 9.54 15.20 32.84
N GLU A 296 10.51 15.52 32.00
CA GLU A 296 10.59 14.94 30.67
C GLU A 296 10.77 13.43 30.76
N THR A 297 11.61 13.00 31.70
CA THR A 297 11.84 11.58 31.95
C THR A 297 10.55 10.90 32.37
N LYS A 298 9.83 11.51 33.29
CA LYS A 298 8.56 10.96 33.78
C LYS A 298 7.54 10.80 32.65
N CYS A 299 7.44 11.81 31.77
CA CYS A 299 6.52 11.76 30.64
C CYS A 299 6.93 10.70 29.63
N THR A 300 8.23 10.59 29.39
CA THR A 300 8.76 9.61 28.45
C THR A 300 8.45 8.19 28.91
N LEU A 301 8.60 7.94 30.20
CA LEU A 301 8.38 6.61 30.75
C LEU A 301 6.91 6.47 31.13
N LYS A 302 6.08 7.49 30.91
CA LYS A 302 4.66 7.46 31.33
C LYS A 302 4.56 6.97 32.78
N SER A 303 5.28 7.62 33.71
CA SER A 303 5.24 7.20 35.09
C SER A 303 5.55 8.40 35.96
N PHE A 304 4.94 8.46 37.14
CA PHE A 304 5.21 9.54 38.08
C PHE A 304 6.33 9.17 39.03
N THR A 305 6.83 7.94 38.91
CA THR A 305 7.94 7.47 39.72
C THR A 305 9.04 6.92 38.83
N VAL A 306 10.27 7.37 39.07
CA VAL A 306 11.39 6.92 38.27
C VAL A 306 12.44 6.23 39.14
N GLU A 307 12.81 5.03 38.75
CA GLU A 307 13.81 4.26 39.48
C GLU A 307 15.22 4.69 39.09
N LYS A 308 16.19 4.33 39.90
CA LYS A 308 17.58 4.68 39.64
C LYS A 308 18.05 4.13 38.30
N GLY A 309 18.74 4.97 37.52
CA GLY A 309 19.29 4.52 36.25
C GLY A 309 19.51 5.67 35.28
N ILE A 310 19.81 5.32 34.04
CA ILE A 310 20.02 6.29 32.98
C ILE A 310 19.01 6.05 31.87
N TYR A 311 18.33 7.11 31.44
CA TYR A 311 17.27 6.97 30.45
C TYR A 311 17.47 7.93 29.28
N GLN A 312 17.26 7.43 28.08
CA GLN A 312 17.24 8.34 26.93
C GLN A 312 15.84 8.91 26.76
N THR A 313 15.75 10.23 26.84
CA THR A 313 14.45 10.88 26.86
C THR A 313 14.15 11.63 25.57
N SER A 314 15.20 12.10 24.91
CA SER A 314 15.00 12.94 23.74
C SER A 314 16.25 13.02 22.89
N ASN A 315 16.18 13.88 21.88
CA ASN A 315 17.32 14.16 21.02
C ASN A 315 17.55 15.66 20.94
N PHE A 316 18.78 16.06 20.66
CA PHE A 316 19.07 17.46 20.44
C PHE A 316 19.49 17.67 18.99
N ARG A 317 19.25 18.87 18.48
CA ARG A 317 19.63 19.20 17.12
C ARG A 317 19.93 20.68 16.99
N VAL A 318 21.02 21.01 16.31
CA VAL A 318 21.34 22.40 16.02
C VAL A 318 20.49 22.92 14.87
N GLN A 319 19.87 24.06 15.08
CA GLN A 319 19.01 24.66 14.07
C GLN A 319 19.82 25.59 13.17
N PRO A 320 19.42 25.74 11.91
CA PRO A 320 20.00 26.62 10.92
C PRO A 320 19.86 28.08 11.33
N THR A 321 20.91 28.85 11.13
CA THR A 321 20.95 30.25 11.53
C THR A 321 20.41 31.16 10.41
N GLU A 322 20.58 30.72 9.17
CA GLU A 322 20.12 31.50 8.03
C GLU A 322 19.95 30.63 6.79
N SER A 323 19.40 31.20 5.73
CA SER A 323 19.25 30.49 4.47
C SER A 323 20.05 31.17 3.36
N ILE A 324 20.70 30.37 2.53
CA ILE A 324 21.45 30.91 1.39
C ILE A 324 21.02 30.29 0.08
N VAL A 325 21.04 31.08 -0.98
CA VAL A 325 20.68 30.61 -2.31
C VAL A 325 21.79 30.89 -3.31
N ARG A 326 22.20 29.86 -4.04
CA ARG A 326 23.25 30.03 -5.03
C ARG A 326 22.81 29.47 -6.38
N PHE A 327 22.36 30.35 -7.27
CA PHE A 327 21.98 29.97 -8.63
C PHE A 327 23.02 30.50 -9.62
N PRO A 328 23.06 29.97 -10.84
CA PRO A 328 23.85 30.45 -11.97
C PRO A 328 23.50 31.91 -12.24
N ASN A 329 24.51 32.70 -12.60
CA ASN A 329 24.31 34.13 -12.82
C ASN A 329 24.06 34.47 -14.29
N ILE A 330 23.09 33.77 -14.88
CA ILE A 330 22.62 34.07 -16.24
C ILE A 330 21.40 34.99 -16.17
N THR A 331 21.31 35.92 -17.11
CA THR A 331 20.25 36.92 -17.06
C THR A 331 19.27 36.82 -18.21
N ASN A 332 19.58 36.05 -19.24
CA ASN A 332 18.71 35.94 -20.40
C ASN A 332 17.44 35.17 -20.04
N LEU A 333 16.31 35.60 -20.59
CA LEU A 333 15.04 34.96 -20.30
C LEU A 333 14.71 33.86 -21.30
N CYS A 334 13.98 32.84 -20.84
CA CYS A 334 13.52 31.76 -21.69
C CYS A 334 12.42 32.24 -22.64
N PRO A 335 12.53 31.92 -23.93
CA PRO A 335 11.66 32.33 -25.01
C PRO A 335 10.35 31.56 -25.03
N PHE A 336 9.57 31.68 -23.94
CA PHE A 336 8.30 31.00 -23.87
C PHE A 336 7.25 31.71 -24.71
N GLY A 337 7.26 33.03 -24.68
CA GLY A 337 6.27 33.81 -25.40
C GLY A 337 6.32 33.54 -26.89
N GLU A 338 7.49 33.18 -27.39
CA GLU A 338 7.67 32.86 -28.80
C GLU A 338 6.90 31.59 -29.17
N VAL A 339 6.60 30.77 -28.17
CA VAL A 339 5.84 29.56 -28.37
C VAL A 339 4.36 29.85 -28.29
N PHE A 340 3.98 30.65 -27.30
CA PHE A 340 2.59 30.94 -27.02
C PHE A 340 1.92 31.86 -28.05
N ASN A 341 2.65 32.85 -28.57
CA ASN A 341 2.06 33.84 -29.48
C ASN A 341 2.52 33.63 -30.92
N ALA A 342 2.87 32.40 -31.30
CA ALA A 342 3.19 32.06 -32.68
C ALA A 342 1.97 32.26 -33.57
N THR A 343 2.19 32.77 -34.77
CA THR A 343 1.09 33.02 -35.70
C THR A 343 0.40 31.73 -36.10
N ARG A 344 1.19 30.71 -36.40
CA ARG A 344 0.64 29.44 -36.85
C ARG A 344 0.99 28.31 -35.91
N PHE A 345 -0.01 27.51 -35.58
CA PHE A 345 0.21 26.30 -34.80
C PHE A 345 0.12 25.06 -35.66
N ALA A 346 0.81 24.02 -35.23
CA ALA A 346 0.83 22.75 -35.96
C ALA A 346 -0.43 21.94 -35.72
N SER A 347 -0.70 21.03 -36.66
CA SER A 347 -1.69 19.98 -36.45
C SER A 347 -1.20 19.03 -35.38
N VAL A 348 -2.13 18.41 -34.67
CA VAL A 348 -1.77 17.53 -33.56
C VAL A 348 -1.02 16.28 -34.01
N TYR A 349 -1.29 15.79 -35.21
CA TYR A 349 -0.59 14.60 -35.70
C TYR A 349 0.86 14.93 -36.04
N ALA A 350 1.10 16.19 -36.39
CA ALA A 350 2.43 16.65 -36.74
C ALA A 350 2.85 17.78 -35.81
N TRP A 351 2.86 17.48 -34.52
CA TRP A 351 3.06 18.49 -33.49
C TRP A 351 4.47 19.05 -33.48
N ASN A 352 4.61 20.31 -33.08
CA ASN A 352 5.91 20.97 -33.02
C ASN A 352 6.57 20.74 -31.69
N ARG A 353 7.90 20.70 -31.69
CA ARG A 353 8.68 20.66 -30.45
C ARG A 353 9.82 21.67 -30.49
N LYS A 354 9.94 22.44 -29.42
CA LYS A 354 11.05 23.37 -29.27
C LYS A 354 11.83 23.08 -27.99
N ARG A 355 13.16 23.05 -28.11
CA ARG A 355 14.00 22.85 -26.95
C ARG A 355 14.39 24.18 -26.32
N ILE A 356 14.23 24.27 -25.01
CA ILE A 356 14.60 25.45 -24.24
C ILE A 356 15.70 25.12 -23.26
N SER A 357 16.78 25.90 -23.28
CA SER A 357 17.92 25.67 -22.41
C SER A 357 18.73 26.94 -22.16
N ASN A 358 19.55 26.91 -21.13
CA ASN A 358 20.49 27.99 -20.81
C ASN A 358 19.78 29.35 -20.70
N CYS A 359 18.80 29.44 -19.79
CA CYS A 359 17.99 30.64 -19.64
C CYS A 359 17.27 30.67 -18.30
N VAL A 360 16.68 31.83 -17.99
CA VAL A 360 15.89 32.00 -16.78
C VAL A 360 14.41 31.87 -17.09
N ALA A 361 13.75 30.97 -16.40
CA ALA A 361 12.36 30.64 -16.69
C ALA A 361 11.41 31.16 -15.62
N ASP A 362 10.64 32.18 -15.96
CA ASP A 362 9.62 32.68 -15.05
C ASP A 362 8.28 32.05 -15.38
N TYR A 363 7.81 31.17 -14.51
CA TYR A 363 6.62 30.41 -14.79
C TYR A 363 5.38 31.05 -14.20
N SER A 364 5.56 32.11 -13.42
CA SER A 364 4.46 32.74 -12.72
C SER A 364 3.68 33.64 -13.64
N VAL A 365 4.36 34.16 -14.66
CA VAL A 365 3.71 35.00 -15.65
C VAL A 365 2.68 34.21 -16.44
N LEU A 366 2.93 32.91 -16.59
CA LEU A 366 1.99 32.04 -17.29
C LEU A 366 0.90 31.57 -16.35
N TYR A 367 1.29 31.12 -15.15
CA TYR A 367 0.34 30.55 -14.23
C TYR A 367 -0.67 31.57 -13.71
N ASN A 368 -0.21 32.80 -13.50
CA ASN A 368 -1.07 33.83 -12.94
C ASN A 368 -1.83 34.59 -14.02
N SER A 369 -1.71 34.14 -15.26
CA SER A 369 -2.44 34.75 -16.37
C SER A 369 -3.92 34.40 -16.30
N ALA A 370 -4.76 35.32 -16.75
CA ALA A 370 -6.19 35.10 -16.81
C ALA A 370 -6.62 34.57 -18.18
N SER A 371 -5.67 34.43 -19.09
CA SER A 371 -5.98 34.14 -20.48
C SER A 371 -6.01 32.65 -20.83
N PHE A 372 -5.59 31.81 -19.89
CA PHE A 372 -5.54 30.37 -20.15
C PHE A 372 -6.71 29.66 -19.47
N SER A 373 -7.37 28.78 -20.20
CA SER A 373 -8.52 28.06 -19.67
C SER A 373 -8.10 26.79 -18.94
N THR A 374 -6.98 26.24 -19.35
CA THR A 374 -6.43 25.05 -18.74
C THR A 374 -4.98 25.26 -18.34
N PHE A 375 -4.65 24.87 -17.12
CA PHE A 375 -3.27 24.89 -16.66
C PHE A 375 -3.07 23.81 -15.62
N LYS A 376 -2.62 22.65 -16.06
CA LYS A 376 -2.51 21.50 -15.17
C LYS A 376 -1.08 20.95 -15.14
N CYS A 377 -0.56 20.73 -13.95
CA CYS A 377 0.80 20.22 -13.78
C CYS A 377 0.81 18.81 -13.20
N TYR A 378 1.79 18.03 -13.63
CA TYR A 378 1.94 16.66 -13.17
C TYR A 378 3.38 16.44 -12.71
N GLY A 379 3.53 15.82 -11.55
CA GLY A 379 4.85 15.51 -11.02
C GLY A 379 5.49 16.73 -10.38
N VAL A 380 4.78 17.85 -10.41
CA VAL A 380 5.30 19.10 -9.87
C VAL A 380 4.17 20.07 -9.58
N SER A 381 4.31 20.85 -8.52
CA SER A 381 3.35 21.89 -8.21
C SER A 381 3.65 23.16 -8.99
N PRO A 382 2.62 23.82 -9.55
CA PRO A 382 2.69 25.02 -10.37
C PRO A 382 3.19 26.22 -9.57
N THR A 383 3.16 26.12 -8.24
CA THR A 383 3.58 27.21 -7.40
C THR A 383 5.01 27.04 -6.91
N LYS A 384 5.65 25.94 -7.30
CA LYS A 384 7.01 25.67 -6.89
C LYS A 384 7.98 25.71 -8.05
N LEU A 385 7.47 25.95 -9.26
CA LEU A 385 8.28 25.89 -10.47
C LEU A 385 9.41 26.89 -10.46
N ASN A 386 9.18 28.06 -9.88
CA ASN A 386 10.20 29.11 -9.88
C ASN A 386 11.34 28.81 -8.92
N ASP A 387 11.21 27.77 -8.12
CA ASP A 387 12.26 27.41 -7.17
C ASP A 387 13.10 26.25 -7.69
N LEU A 388 12.76 25.75 -8.87
CA LEU A 388 13.41 24.56 -9.40
C LEU A 388 14.36 24.87 -10.54
N CYS A 389 15.27 23.92 -10.80
CA CYS A 389 16.18 23.96 -11.95
C CYS A 389 16.09 22.66 -12.73
N PHE A 390 16.12 22.76 -14.04
CA PHE A 390 16.02 21.61 -14.93
C PHE A 390 17.16 21.59 -15.93
N THR A 391 17.45 20.42 -16.48
CA THR A 391 18.52 20.28 -17.46
C THR A 391 18.04 20.76 -18.83
N ASN A 392 16.80 20.43 -19.15
CA ASN A 392 16.17 20.93 -20.37
C ASN A 392 14.67 21.10 -20.17
N VAL A 393 14.08 21.97 -20.98
CA VAL A 393 12.63 22.07 -21.05
C VAL A 393 12.17 21.94 -22.49
N TYR A 394 11.17 21.09 -22.71
CA TYR A 394 10.60 20.99 -24.05
C TYR A 394 9.25 21.66 -24.09
N ALA A 395 8.99 22.37 -25.17
CA ALA A 395 7.69 22.98 -25.38
C ALA A 395 7.04 22.43 -26.64
N ASP A 396 6.00 21.63 -26.47
CA ASP A 396 5.29 21.04 -27.59
C ASP A 396 4.01 21.82 -27.85
N SER A 397 3.65 22.02 -29.10
CA SER A 397 2.46 22.80 -29.40
C SER A 397 1.67 22.28 -30.59
N PHE A 398 0.34 22.40 -30.50
CA PHE A 398 -0.58 21.92 -31.53
C PHE A 398 -2.01 22.42 -31.32
N VAL A 399 -2.87 22.17 -32.30
CA VAL A 399 -4.30 22.48 -32.19
C VAL A 399 -5.19 21.23 -32.19
N ILE A 400 -6.10 21.18 -31.21
CA ILE A 400 -7.14 20.16 -31.11
C ILE A 400 -8.48 20.82 -30.83
N ARG A 401 -9.56 20.05 -30.76
CA ARG A 401 -10.84 20.64 -30.42
C ARG A 401 -11.12 20.54 -28.92
N GLY A 402 -11.99 21.42 -28.43
CA GLY A 402 -12.26 21.56 -27.00
C GLY A 402 -12.45 20.24 -26.26
N ASP A 403 -13.31 19.36 -26.79
CA ASP A 403 -13.63 18.11 -26.11
C ASP A 403 -12.42 17.20 -25.93
N GLU A 404 -11.38 17.41 -26.73
CA GLU A 404 -10.23 16.53 -26.74
C GLU A 404 -9.14 16.97 -25.78
N VAL A 405 -9.32 18.13 -25.17
CA VAL A 405 -8.28 18.67 -24.28
C VAL A 405 -8.03 17.74 -23.10
N ARG A 406 -9.07 17.05 -22.67
CA ARG A 406 -8.95 16.10 -21.56
C ARG A 406 -8.05 14.91 -21.89
N GLN A 407 -7.77 14.68 -23.16
CA GLN A 407 -6.92 13.57 -23.56
C GLN A 407 -5.45 13.89 -23.40
N ILE A 408 -5.12 15.17 -23.21
CA ILE A 408 -3.72 15.55 -23.06
C ILE A 408 -3.33 15.44 -21.60
N ALA A 409 -3.15 14.21 -21.16
CA ALA A 409 -2.80 13.90 -19.78
C ALA A 409 -2.31 12.45 -19.72
N PRO A 410 -1.54 12.10 -18.70
CA PRO A 410 -1.10 10.75 -18.37
C PRO A 410 -2.29 9.82 -18.16
N GLY A 411 -2.18 8.61 -18.72
CA GLY A 411 -3.16 7.56 -18.50
C GLY A 411 -4.48 7.77 -19.24
N GLN A 412 -4.45 8.51 -20.35
CA GLN A 412 -5.67 8.75 -21.10
C GLN A 412 -5.74 7.92 -22.36
N THR A 413 -6.97 7.69 -22.84
CA THR A 413 -7.19 6.99 -24.09
C THR A 413 -8.10 7.80 -25.00
N GLY A 414 -8.08 7.46 -26.29
CA GLY A 414 -8.86 8.17 -27.28
C GLY A 414 -8.02 8.39 -28.53
N LYS A 415 -8.64 8.90 -29.58
CA LYS A 415 -7.94 9.03 -30.86
C LYS A 415 -6.71 9.93 -30.76
N ILE A 416 -6.76 10.95 -29.91
CA ILE A 416 -5.64 11.86 -29.80
C ILE A 416 -4.56 11.25 -28.93
N ALA A 417 -4.96 10.71 -27.79
CA ALA A 417 -4.01 10.10 -26.87
C ALA A 417 -3.30 8.91 -27.51
N ASP A 418 -4.01 8.17 -28.36
CA ASP A 418 -3.49 6.93 -28.91
C ASP A 418 -2.74 7.09 -30.24
N TYR A 419 -3.20 7.97 -31.11
CA TYR A 419 -2.64 8.03 -32.46
C TYR A 419 -1.94 9.35 -32.79
N ASN A 420 -2.06 10.36 -31.95
CA ASN A 420 -1.53 11.67 -32.30
C ASN A 420 -0.46 12.15 -31.34
N TYR A 421 -0.81 12.30 -30.07
CA TYR A 421 0.12 12.82 -29.07
C TYR A 421 -0.01 12.07 -27.75
N LYS A 422 1.04 11.34 -27.39
CA LYS A 422 1.00 10.50 -26.21
C LYS A 422 1.93 11.01 -25.11
N LEU A 423 1.41 11.12 -23.89
CA LEU A 423 2.23 11.44 -22.73
C LEU A 423 2.53 10.18 -21.93
N PRO A 424 3.70 10.12 -21.29
CA PRO A 424 4.14 9.06 -20.39
C PRO A 424 3.38 9.12 -19.07
N ASP A 425 3.38 8.01 -18.35
CA ASP A 425 2.68 7.92 -17.08
C ASP A 425 3.46 8.60 -15.96
N ASP A 426 4.78 8.66 -16.12
CA ASP A 426 5.64 9.33 -15.15
C ASP A 426 6.00 10.72 -15.64
N PHE A 427 5.08 11.32 -16.38
CA PHE A 427 5.26 12.64 -16.96
C PHE A 427 5.48 13.70 -15.89
N THR A 428 6.48 14.54 -16.11
CA THR A 428 6.70 15.72 -15.29
C THR A 428 6.62 16.96 -16.17
N GLY A 429 5.64 17.80 -15.91
CA GLY A 429 5.42 18.95 -16.79
C GLY A 429 4.04 19.56 -16.59
N CYS A 430 3.71 20.52 -17.46
CA CYS A 430 2.43 21.23 -17.38
C CYS A 430 1.75 21.32 -18.75
N VAL A 431 0.43 21.16 -18.74
CA VAL A 431 -0.37 21.27 -19.96
C VAL A 431 -1.18 22.56 -19.93
N ILE A 432 -0.96 23.41 -20.93
CA ILE A 432 -1.60 24.71 -20.99
C ILE A 432 -2.43 24.85 -22.26
N ALA A 433 -3.68 25.29 -22.12
CA ALA A 433 -4.53 25.42 -23.30
C ALA A 433 -5.44 26.63 -23.21
N TRP A 434 -5.81 27.16 -24.38
CA TRP A 434 -6.76 28.26 -24.46
C TRP A 434 -7.57 28.20 -25.75
N ASN A 435 -8.77 28.78 -25.69
CA ASN A 435 -9.67 28.83 -26.84
C ASN A 435 -9.14 29.78 -27.91
N SER A 436 -9.08 29.30 -29.14
CA SER A 436 -8.54 30.10 -30.25
C SER A 436 -9.56 30.28 -31.37
N ASN A 437 -10.83 30.26 -31.03
CA ASN A 437 -11.91 30.38 -32.02
C ASN A 437 -11.71 31.61 -32.91
N ASN A 438 -11.22 32.70 -32.32
CA ASN A 438 -11.06 33.95 -33.06
C ASN A 438 -9.91 33.92 -34.07
N LEU A 439 -9.03 32.94 -33.94
CA LEU A 439 -7.87 32.88 -34.83
C LEU A 439 -7.95 31.72 -35.80
N ASP A 440 -8.44 30.58 -35.33
CA ASP A 440 -8.33 29.34 -36.08
C ASP A 440 -9.62 28.95 -36.81
N SER A 441 -10.74 29.56 -36.47
CA SER A 441 -11.99 29.23 -37.15
C SER A 441 -12.23 30.15 -38.34
N LYS A 442 -12.82 29.60 -39.40
CA LYS A 442 -13.16 30.39 -40.58
C LYS A 442 -14.60 30.19 -40.98
N VAL A 443 -15.18 31.18 -41.64
CA VAL A 443 -16.52 31.01 -42.19
C VAL A 443 -16.44 30.11 -43.41
N GLY A 444 -17.16 29.00 -43.34
CA GLY A 444 -17.08 27.97 -44.37
C GLY A 444 -16.26 26.78 -43.91
N GLY A 445 -15.46 26.97 -42.85
CA GLY A 445 -14.68 25.89 -42.27
C GLY A 445 -13.18 25.99 -42.57
N ASN A 446 -12.38 25.86 -41.52
CA ASN A 446 -10.93 25.83 -41.64
C ASN A 446 -10.44 24.39 -41.66
N TYR A 447 -9.96 23.94 -42.82
CA TYR A 447 -9.61 22.54 -43.00
C TYR A 447 -8.11 22.31 -42.98
N ASN A 448 -7.37 23.27 -42.44
CA ASN A 448 -5.92 23.16 -42.36
C ASN A 448 -5.47 22.26 -41.22
N TYR A 449 -6.25 22.21 -40.14
CA TYR A 449 -5.88 21.41 -38.99
C TYR A 449 -6.40 19.99 -39.11
N ARG A 450 -5.49 19.03 -38.94
CA ARG A 450 -5.82 17.63 -39.16
C ARG A 450 -5.34 16.74 -38.01
N TYR A 451 -5.92 15.56 -37.92
CA TYR A 451 -5.54 14.59 -36.91
C TYR A 451 -5.56 13.18 -37.48
N ARG A 452 -4.85 12.27 -36.84
CA ARG A 452 -4.82 10.88 -37.26
C ARG A 452 -5.99 10.11 -36.69
N LEU A 453 -6.72 9.45 -37.57
CA LEU A 453 -7.93 8.73 -37.22
C LEU A 453 -7.69 7.23 -37.15
N PHE A 454 -6.80 6.72 -38.00
CA PHE A 454 -6.50 5.29 -38.02
C PHE A 454 -5.01 5.01 -37.89
N ARG A 455 -4.68 4.01 -37.09
CA ARG A 455 -3.30 3.55 -36.98
C ARG A 455 -3.28 2.09 -36.55
N LYS A 456 -2.23 1.36 -36.96
CA LYS A 456 -2.14 -0.07 -36.68
C LYS A 456 -1.79 -0.36 -35.21
N SER A 457 -1.20 0.62 -34.55
CA SER A 457 -0.85 0.48 -33.14
C SER A 457 -0.82 1.85 -32.45
N ASN A 458 -0.81 1.83 -31.12
CA ASN A 458 -0.73 3.07 -30.36
C ASN A 458 0.68 3.65 -30.41
N LEU A 459 0.76 4.96 -30.26
CA LEU A 459 2.05 5.65 -30.17
C LEU A 459 2.71 5.42 -28.82
N LYS A 460 4.03 5.46 -28.80
CA LYS A 460 4.78 5.55 -27.56
C LYS A 460 4.82 7.02 -27.15
N PRO A 461 5.08 7.32 -25.88
CA PRO A 461 5.22 8.64 -25.34
C PRO A 461 6.17 9.49 -26.18
N PHE A 462 5.69 10.66 -26.57
CA PHE A 462 6.46 11.62 -27.36
C PHE A 462 6.87 11.10 -28.73
N GLU A 463 6.16 10.10 -29.24
CA GLU A 463 6.36 9.64 -30.61
C GLU A 463 5.60 10.53 -31.59
N ARG A 464 6.18 10.76 -32.75
CA ARG A 464 5.58 11.62 -33.77
C ARG A 464 5.47 10.90 -35.11
N ASP A 465 4.25 10.74 -35.60
CA ASP A 465 4.00 10.01 -36.84
C ASP A 465 3.31 10.89 -37.88
N ILE A 466 4.02 11.20 -38.96
CA ILE A 466 3.50 12.12 -39.96
C ILE A 466 3.31 11.44 -41.32
N SER A 467 3.22 10.12 -41.33
CA SER A 467 3.02 9.37 -42.57
C SER A 467 1.58 9.48 -43.06
N THR A 468 1.38 9.19 -44.35
CA THR A 468 0.04 9.19 -44.94
C THR A 468 -0.28 7.87 -45.60
N GLU A 469 0.33 6.80 -45.11
CA GLU A 469 0.11 5.45 -45.63
C GLU A 469 -1.35 5.04 -45.50
N ILE A 470 -1.91 4.50 -46.57
CA ILE A 470 -3.29 4.03 -46.55
C ILE A 470 -3.47 2.91 -45.54
N TYR A 471 -4.48 3.04 -44.70
CA TYR A 471 -4.74 2.10 -43.62
C TYR A 471 -5.52 0.89 -44.09
N GLN A 472 -5.01 -0.29 -43.77
CA GLN A 472 -5.68 -1.53 -44.15
C GLN A 472 -6.57 -2.04 -43.03
N ALA A 473 -7.88 -1.94 -43.23
CA ALA A 473 -8.84 -2.35 -42.22
C ALA A 473 -9.19 -3.82 -42.39
N GLY A 474 -9.13 -4.29 -43.62
CA GLY A 474 -9.51 -5.67 -43.93
C GLY A 474 -8.30 -6.58 -44.04
N SER A 475 -8.48 -7.73 -44.70
CA SER A 475 -7.41 -8.70 -44.86
C SER A 475 -6.70 -8.54 -46.20
N LYS A 476 -7.39 -7.90 -47.14
CA LYS A 476 -6.82 -7.67 -48.47
C LYS A 476 -5.90 -6.46 -48.46
N PRO A 477 -4.67 -6.59 -49.00
CA PRO A 477 -3.70 -5.54 -49.21
C PRO A 477 -4.29 -4.39 -50.01
N CYS A 478 -3.95 -3.15 -49.63
CA CYS A 478 -4.46 -1.97 -50.30
C CYS A 478 -3.53 -1.53 -51.44
N ASN A 479 -2.24 -1.78 -51.26
CA ASN A 479 -1.24 -1.41 -52.25
C ASN A 479 -1.31 0.07 -52.62
N GLY A 480 -1.59 0.91 -51.63
CA GLY A 480 -1.59 2.36 -51.84
C GLY A 480 -2.89 2.88 -52.43
N VAL A 481 -3.88 2.00 -52.59
CA VAL A 481 -5.14 2.39 -53.20
C VAL A 481 -6.26 2.54 -52.17
N GLU A 482 -6.88 3.71 -52.14
CA GLU A 482 -7.97 3.99 -51.22
C GLU A 482 -9.29 3.43 -51.75
N GLY A 483 -10.09 2.84 -50.86
CA GLY A 483 -11.36 2.24 -51.25
C GLY A 483 -11.96 1.43 -50.11
N PHE A 484 -12.65 0.36 -50.45
CA PHE A 484 -13.31 -0.47 -49.44
C PHE A 484 -12.26 -1.13 -48.55
N ASN A 485 -12.41 -0.95 -47.24
CA ASN A 485 -11.45 -1.44 -46.24
C ASN A 485 -10.04 -0.87 -46.39
N CYS A 486 -9.91 0.26 -47.11
CA CYS A 486 -8.64 0.95 -47.31
C CYS A 486 -8.82 2.46 -47.13
N TYR A 487 -8.41 2.96 -45.97
CA TYR A 487 -8.79 4.31 -45.57
C TYR A 487 -7.62 5.28 -45.62
N PHE A 488 -7.91 6.54 -45.89
CA PHE A 488 -6.95 7.60 -45.68
C PHE A 488 -6.91 7.92 -44.18
N PRO A 489 -5.73 7.81 -43.55
CA PRO A 489 -5.51 7.80 -42.12
C PRO A 489 -5.79 9.12 -41.42
N LEU A 490 -5.84 10.21 -42.16
CA LEU A 490 -6.04 11.52 -41.55
C LEU A 490 -7.43 12.09 -41.81
N GLN A 491 -7.83 13.03 -40.96
CA GLN A 491 -9.10 13.75 -41.13
C GLN A 491 -8.96 15.18 -40.62
N SER A 492 -9.79 16.09 -41.15
CA SER A 492 -9.75 17.50 -40.78
C SER A 492 -10.81 17.83 -39.75
N TYR A 493 -10.57 18.89 -38.98
CA TYR A 493 -11.55 19.38 -38.01
C TYR A 493 -12.62 20.24 -38.68
N GLY A 494 -12.21 21.09 -39.62
CA GLY A 494 -13.14 21.97 -40.30
C GLY A 494 -13.73 22.99 -39.34
N PHE A 495 -12.86 23.69 -38.61
CA PHE A 495 -13.31 24.59 -37.55
C PHE A 495 -14.13 25.75 -38.09
N GLN A 496 -15.27 26.01 -37.46
CA GLN A 496 -16.14 27.11 -37.83
C GLN A 496 -16.51 27.93 -36.59
N PRO A 497 -16.67 29.24 -36.74
CA PRO A 497 -16.90 30.22 -35.70
C PRO A 497 -18.23 30.00 -34.98
N THR A 498 -19.13 29.25 -35.60
CA THR A 498 -20.46 29.03 -35.04
C THR A 498 -20.58 27.65 -34.38
N ASN A 499 -19.46 26.93 -34.29
CA ASN A 499 -19.46 25.62 -33.65
C ASN A 499 -19.71 25.73 -32.15
N GLY A 500 -20.22 24.66 -31.56
CA GLY A 500 -20.33 24.59 -30.11
C GLY A 500 -18.94 24.54 -29.50
N VAL A 501 -18.84 24.86 -28.22
CA VAL A 501 -17.53 25.01 -27.57
C VAL A 501 -16.67 23.76 -27.69
N GLY A 502 -17.29 22.60 -27.59
CA GLY A 502 -16.56 21.33 -27.66
C GLY A 502 -15.95 21.11 -29.05
N TYR A 503 -16.44 21.85 -30.03
CA TYR A 503 -15.96 21.73 -31.40
C TYR A 503 -15.19 22.95 -31.86
N GLN A 504 -14.88 23.84 -30.93
CA GLN A 504 -14.04 24.98 -31.22
C GLN A 504 -12.58 24.60 -31.04
N PRO A 505 -11.67 25.22 -31.77
CA PRO A 505 -10.24 25.00 -31.72
C PRO A 505 -9.63 25.50 -30.42
N TYR A 506 -8.72 24.70 -29.88
CA TYR A 506 -7.93 25.08 -28.74
C TYR A 506 -6.45 24.93 -29.03
N ARG A 507 -5.68 25.94 -28.67
CA ARG A 507 -4.23 25.88 -28.81
C ARG A 507 -3.63 25.32 -27.54
N VAL A 508 -2.79 24.32 -27.70
CA VAL A 508 -2.22 23.61 -26.56
C VAL A 508 -0.71 23.68 -26.55
N VAL A 509 -0.15 24.03 -25.41
CA VAL A 509 1.28 23.99 -25.19
C VAL A 509 1.62 23.06 -24.03
N VAL A 510 2.50 22.11 -24.26
CA VAL A 510 2.91 21.19 -23.21
C VAL A 510 4.36 21.43 -22.83
N LEU A 511 4.60 21.71 -21.56
CA LEU A 511 5.95 21.92 -21.07
C LEU A 511 6.45 20.70 -20.32
N SER A 512 7.45 20.05 -20.87
CA SER A 512 8.02 18.84 -20.28
C SER A 512 9.35 19.16 -19.62
N PHE A 513 9.46 18.84 -18.33
CA PHE A 513 10.63 19.22 -17.55
C PHE A 513 11.61 18.07 -17.41
N GLU A 514 12.75 18.19 -18.05
CA GLU A 514 13.76 17.14 -18.04
C GLU A 514 14.70 17.32 -16.88
N LEU A 515 14.69 16.36 -15.96
CA LEU A 515 15.55 16.42 -14.79
C LEU A 515 16.44 15.19 -14.72
N LEU A 516 17.75 15.39 -14.84
CA LEU A 516 18.73 14.30 -14.88
C LEU A 516 19.75 14.45 -13.76
N ALA A 518 22.94 15.62 -14.02
CA ALA A 518 23.56 16.55 -14.95
C ALA A 518 23.39 17.99 -14.44
N PRO A 519 24.21 18.95 -14.93
CA PRO A 519 24.08 20.38 -14.71
C PRO A 519 22.75 20.91 -15.23
N ALA A 520 22.11 21.76 -14.45
CA ALA A 520 20.88 22.39 -14.87
C ALA A 520 21.20 23.59 -15.76
N THR A 521 20.34 23.87 -16.72
CA THR A 521 20.55 25.01 -17.60
C THR A 521 19.37 25.97 -17.56
N VAL A 522 18.23 25.50 -17.04
CA VAL A 522 17.06 26.34 -16.91
C VAL A 522 16.63 26.43 -15.46
N CYS A 523 16.68 27.65 -14.90
CA CYS A 523 16.33 27.89 -13.50
C CYS A 523 15.32 29.00 -13.38
N GLY A 524 14.51 28.96 -12.32
CA GLY A 524 13.58 30.04 -12.04
C GLY A 524 14.34 31.30 -11.63
N PRO A 525 13.65 32.44 -11.58
CA PRO A 525 14.15 33.77 -11.30
C PRO A 525 14.33 34.01 -9.81
N LYS A 526 15.11 33.15 -9.16
CA LYS A 526 15.40 33.31 -7.75
C LYS A 526 16.70 34.07 -7.56
N LYS A 527 16.71 34.99 -6.61
CA LYS A 527 17.90 35.79 -6.36
C LYS A 527 18.87 35.04 -5.46
N SER A 528 20.15 35.15 -5.76
CA SER A 528 21.19 34.51 -4.97
C SER A 528 21.58 35.37 -3.78
N THR A 529 22.16 34.72 -2.77
CA THR A 529 22.62 35.38 -1.58
C THR A 529 24.11 35.17 -1.40
N ASN A 530 24.68 35.76 -0.36
CA ASN A 530 26.09 35.56 -0.06
C ASN A 530 26.33 34.14 0.45
N LEU A 531 27.51 33.61 0.17
CA LEU A 531 27.88 32.29 0.64
C LEU A 531 28.35 32.34 2.09
N VAL A 532 27.79 31.47 2.92
CA VAL A 532 28.12 31.43 4.34
C VAL A 532 28.73 30.09 4.72
N LYS A 533 29.89 30.13 5.37
CA LYS A 533 30.60 28.91 5.73
C LYS A 533 30.80 28.79 7.24
N ASN A 534 31.02 27.56 7.70
CA ASN A 534 31.32 27.25 9.10
C ASN A 534 30.14 27.50 10.03
N LYS A 535 28.95 27.59 9.47
CA LYS A 535 27.73 27.72 10.25
C LYS A 535 26.64 26.80 9.72
N CYS A 536 25.73 26.39 10.60
CA CYS A 536 24.58 25.59 10.20
C CYS A 536 23.58 26.44 9.42
N VAL A 537 23.40 26.12 8.14
CA VAL A 537 22.52 26.91 7.29
C VAL A 537 21.59 26.03 6.46
N ASN A 538 20.54 26.66 5.95
CA ASN A 538 19.73 26.05 4.90
C ASN A 538 20.25 26.53 3.56
N PHE A 539 20.56 25.60 2.68
CA PHE A 539 21.15 25.99 1.40
C PHE A 539 20.33 25.52 0.21
N ASN A 540 20.50 26.21 -0.91
CA ASN A 540 19.92 25.82 -2.18
C ASN A 540 20.90 26.04 -3.31
N PHE A 541 21.49 24.95 -3.81
CA PHE A 541 22.45 25.03 -4.90
C PHE A 541 21.84 24.50 -6.19
N ASN A 542 21.46 25.40 -7.09
CA ASN A 542 20.82 25.02 -8.34
C ASN A 542 19.66 24.05 -8.14
N GLY A 543 18.84 24.30 -7.13
CA GLY A 543 17.68 23.47 -6.89
C GLY A 543 17.94 22.37 -5.86
N LEU A 544 19.20 22.17 -5.51
CA LEU A 544 19.57 21.17 -4.51
C LEU A 544 19.48 21.76 -3.11
N THR A 545 18.53 21.28 -2.33
CA THR A 545 18.27 21.86 -1.04
C THR A 545 18.64 20.92 0.09
N GLY A 546 18.98 21.50 1.24
CA GLY A 546 19.30 20.72 2.42
C GLY A 546 19.81 21.62 3.55
N THR A 547 20.18 20.98 4.66
CA THR A 547 20.67 21.71 5.82
C THR A 547 22.02 21.16 6.25
N GLY A 548 22.96 22.03 6.56
CA GLY A 548 24.27 21.59 7.02
C GLY A 548 25.28 22.72 7.07
N VAL A 549 26.47 22.39 7.52
CA VAL A 549 27.58 23.33 7.60
C VAL A 549 28.47 23.21 6.37
N LEU A 550 28.74 24.33 5.73
CA LEU A 550 29.55 24.34 4.52
C LEU A 550 30.97 24.77 4.83
N THR A 551 31.94 23.98 4.37
CA THR A 551 33.35 24.30 4.57
C THR A 551 34.14 24.10 3.29
N GLU A 552 35.33 24.69 3.22
CA GLU A 552 36.20 24.46 2.07
C GLU A 552 36.57 22.99 1.98
N SER A 553 36.46 22.43 0.78
CA SER A 553 36.73 21.01 0.57
C SER A 553 38.17 20.77 0.14
N ASN A 554 38.70 19.62 0.52
CA ASN A 554 40.00 19.17 0.03
C ASN A 554 39.84 18.12 -1.06
N LYS A 555 38.61 17.94 -1.52
CA LYS A 555 38.32 16.94 -2.55
C LYS A 555 38.71 17.46 -3.92
N LYS A 556 39.52 16.69 -4.63
CA LYS A 556 40.02 17.11 -5.92
C LYS A 556 39.03 16.82 -7.03
N PHE A 557 38.00 17.66 -7.13
CA PHE A 557 37.01 17.51 -8.18
C PHE A 557 37.63 17.79 -9.54
N LEU A 558 37.22 17.01 -10.54
CA LEU A 558 37.62 17.29 -11.90
C LEU A 558 36.70 18.36 -12.47
N PRO A 559 37.15 19.15 -13.44
CA PRO A 559 36.48 20.30 -14.03
C PRO A 559 35.03 20.02 -14.44
N PHE A 560 34.72 18.78 -14.76
CA PHE A 560 33.39 18.44 -15.23
C PHE A 560 32.44 18.03 -14.10
N GLN A 561 33.00 17.75 -12.93
CA GLN A 561 32.22 17.22 -11.81
C GLN A 561 31.58 18.35 -10.99
N GLN A 562 30.30 18.18 -10.65
CA GLN A 562 29.55 19.25 -10.00
C GLN A 562 29.25 18.98 -8.54
N PHE A 563 29.15 17.71 -8.16
CA PHE A 563 28.84 17.34 -6.79
C PHE A 563 29.30 15.93 -6.47
N GLY A 564 29.46 15.63 -5.19
CA GLY A 564 29.81 14.29 -4.74
C GLY A 564 28.62 13.61 -4.08
N ARG A 565 28.66 12.28 -4.01
CA ARG A 565 27.58 11.52 -3.39
C ARG A 565 28.06 10.48 -2.40
N ASP A 566 27.26 10.25 -1.37
CA ASP A 566 27.51 9.20 -0.38
C ASP A 566 26.78 7.91 -0.75
N ILE A 567 26.94 6.88 0.07
CA ILE A 567 26.31 5.58 -0.20
C ILE A 567 24.80 5.62 0.06
N ALA A 568 24.35 6.66 0.76
CA ALA A 568 22.93 6.83 1.05
C ALA A 568 22.25 7.64 -0.05
N ASP A 569 22.98 7.91 -1.13
CA ASP A 569 22.51 8.71 -2.24
C ASP A 569 22.22 10.15 -1.81
N THR A 570 23.06 10.67 -0.93
CA THR A 570 22.97 12.05 -0.51
C THR A 570 24.19 12.82 -0.97
N THR A 571 24.07 14.13 -1.09
CA THR A 571 25.18 14.96 -1.53
C THR A 571 26.05 15.36 -0.35
N ASP A 572 27.36 15.18 -0.51
CA ASP A 572 28.29 15.49 0.57
C ASP A 572 29.30 16.55 0.15
N ALA A 573 29.14 17.04 -1.07
CA ALA A 573 29.99 18.09 -1.59
C ALA A 573 29.39 18.68 -2.84
N VAL A 574 29.51 19.99 -3.01
CA VAL A 574 29.01 20.66 -4.21
C VAL A 574 30.01 21.64 -4.78
N ARG A 575 29.88 21.91 -6.06
CA ARG A 575 30.57 23.03 -6.67
C ARG A 575 29.67 24.24 -6.70
N ASP A 576 30.14 25.34 -6.15
CA ASP A 576 29.37 26.58 -6.14
C ASP A 576 29.23 27.11 -7.56
N PRO A 577 28.00 27.36 -8.03
CA PRO A 577 27.63 27.71 -9.38
C PRO A 577 28.18 29.07 -9.82
N GLN A 578 28.66 29.88 -8.87
CA GLN A 578 29.18 31.20 -9.22
C GLN A 578 30.69 31.29 -9.07
N THR A 579 31.24 30.68 -8.02
CA THR A 579 32.67 30.78 -7.77
C THR A 579 33.42 29.53 -8.24
N LEU A 580 32.66 28.46 -8.48
CA LEU A 580 33.22 27.16 -8.88
C LEU A 580 34.09 26.57 -7.77
N GLU A 581 33.92 27.08 -6.56
CA GLU A 581 34.57 26.57 -5.37
C GLU A 581 33.93 25.26 -4.91
N ILE A 582 34.75 24.33 -4.42
CA ILE A 582 34.21 23.08 -3.91
C ILE A 582 34.00 23.14 -2.41
N LEU A 583 32.77 22.86 -2.00
CA LEU A 583 32.39 22.92 -0.59
C LEU A 583 31.97 21.55 -0.08
N ASP A 584 32.39 21.22 1.14
CA ASP A 584 31.94 20.00 1.80
C ASP A 584 30.65 20.28 2.56
N ILE A 585 29.75 19.30 2.57
CA ILE A 585 28.50 19.45 3.32
C ILE A 585 28.46 18.51 4.50
N THR A 586 28.45 19.08 5.70
CA THR A 586 28.42 18.31 6.93
C THR A 586 27.10 18.57 7.67
N PRO A 587 26.37 17.54 8.09
CA PRO A 587 25.10 17.65 8.78
C PRO A 587 25.29 18.37 10.10
N CYS A 588 24.29 19.17 10.49
CA CYS A 588 24.34 19.95 11.72
C CYS A 588 24.30 19.05 12.93
N SER A 589 25.06 19.40 13.96
CA SER A 589 25.26 18.52 15.10
C SER A 589 23.93 18.04 15.69
N PHE A 590 23.91 16.76 16.01
CA PHE A 590 22.74 16.13 16.60
C PHE A 590 23.19 14.97 17.46
N GLY A 591 22.31 14.50 18.33
CA GLY A 591 22.61 13.34 19.16
C GLY A 591 21.52 13.08 20.18
N GLY A 592 21.68 12.03 20.96
CA GLY A 592 20.69 11.69 21.97
C GLY A 592 20.92 12.43 23.27
N VAL A 593 19.86 12.57 24.05
CA VAL A 593 19.96 13.14 25.38
C VAL A 593 19.50 12.14 26.43
N SER A 594 20.38 11.82 27.37
CA SER A 594 20.06 10.90 28.44
C SER A 594 20.05 11.58 29.78
N VAL A 595 19.09 11.21 30.61
CA VAL A 595 18.99 11.75 31.96
C VAL A 595 19.45 10.73 32.99
N ILE A 596 20.43 11.12 33.78
CA ILE A 596 20.98 10.28 34.82
C ILE A 596 20.34 10.63 36.14
N THR A 597 19.74 9.67 36.78
CA THR A 597 19.03 9.98 38.01
C THR A 597 19.11 8.84 39.01
N PRO A 598 19.15 9.18 40.31
CA PRO A 598 18.83 8.32 41.43
C PRO A 598 17.33 8.19 41.46
N GLY A 599 16.81 7.26 42.22
CA GLY A 599 15.37 7.11 42.24
C GLY A 599 14.72 8.39 42.76
N THR A 600 13.50 8.66 42.29
CA THR A 600 12.72 9.78 42.82
C THR A 600 12.29 9.54 44.27
N ASN A 601 12.51 8.30 44.75
CA ASN A 601 12.33 7.89 46.13
C ASN A 601 13.48 8.40 47.02
N THR A 602 14.54 8.93 46.37
CA THR A 602 15.73 9.45 47.07
C THR A 602 15.93 10.94 46.83
N SER A 603 15.90 11.34 45.56
CA SER A 603 16.22 12.72 45.20
C SER A 603 15.59 13.13 43.88
N ASN A 604 15.45 14.45 43.68
CA ASN A 604 14.94 14.98 42.43
C ASN A 604 16.05 15.64 41.60
N GLN A 605 17.30 15.38 41.98
CA GLN A 605 18.44 15.90 41.23
C GLN A 605 18.75 15.00 40.06
N VAL A 606 19.09 15.59 38.92
CA VAL A 606 19.49 14.80 37.76
C VAL A 606 20.74 15.39 37.10
N ALA A 607 21.40 14.55 36.32
CA ALA A 607 22.48 14.99 35.43
C ALA A 607 22.11 14.65 34.00
N VAL A 608 22.58 15.44 33.05
CA VAL A 608 22.22 15.21 31.66
C VAL A 608 23.43 14.92 30.80
N LEU A 609 23.36 13.82 30.05
CA LEU A 609 24.41 13.44 29.13
C LEU A 609 24.02 13.73 27.68
N TYR A 610 24.82 14.52 27.01
CA TYR A 610 24.62 14.80 25.59
C TYR A 610 25.54 13.91 24.78
N GLN A 611 24.96 12.92 24.11
CA GLN A 611 25.74 11.84 23.54
C GLN A 611 26.45 12.23 22.24
N GLY A 612 27.75 11.94 22.19
CA GLY A 612 28.54 12.10 20.98
C GLY A 612 28.81 13.55 20.61
N VAL A 613 28.80 14.45 21.59
CA VAL A 613 29.00 15.87 21.31
C VAL A 613 29.99 16.50 22.27
N ASN A 614 30.66 17.55 21.80
CA ASN A 614 31.52 18.40 22.62
C ASN A 614 30.69 19.26 23.58
N CYS A 615 31.24 19.57 24.75
CA CYS A 615 30.58 20.41 25.73
C CYS A 615 30.49 21.86 25.25
N THR A 616 31.20 22.16 24.17
CA THR A 616 31.22 23.52 23.62
C THR A 616 30.01 23.77 22.75
N GLU A 617 29.31 22.71 22.36
CA GLU A 617 28.17 22.82 21.45
C GLU A 617 26.83 22.65 22.15
N VAL A 618 26.88 22.44 23.46
CA VAL A 618 25.67 22.14 24.22
C VAL A 618 24.64 23.30 24.26
N PRO A 619 25.04 24.57 24.57
CA PRO A 619 24.17 25.73 24.67
C PRO A 619 23.86 26.31 23.30
N ASN A 639 29.57 22.19 36.67
CA ASN A 639 29.69 20.73 36.61
C ASN A 639 29.60 20.23 35.16
N VAL A 640 30.57 20.61 34.34
CA VAL A 640 30.64 20.18 32.94
C VAL A 640 31.85 19.29 32.71
N PHE A 641 31.59 18.03 32.38
CA PHE A 641 32.64 17.03 32.24
C PHE A 641 32.56 16.30 30.90
N GLN A 642 33.64 16.31 30.14
CA GLN A 642 33.66 15.68 28.83
C GLN A 642 34.10 14.22 28.94
N THR A 643 33.27 13.32 28.42
CA THR A 643 33.58 11.90 28.39
C THR A 643 33.55 11.37 26.98
N ARG A 644 33.99 10.13 26.78
CA ARG A 644 33.95 9.51 25.47
C ARG A 644 32.52 9.22 25.02
N ALA A 645 31.60 9.18 25.99
CA ALA A 645 30.20 8.94 25.70
C ALA A 645 29.49 10.22 25.27
N GLY A 646 30.11 11.36 25.56
CA GLY A 646 29.47 12.65 25.31
C GLY A 646 29.75 13.63 26.46
N CYS A 647 28.99 14.72 26.50
CA CYS A 647 29.16 15.76 27.52
C CYS A 647 28.20 15.54 28.68
N LEU A 648 28.76 15.39 29.88
CA LEU A 648 27.96 15.15 31.07
C LEU A 648 27.86 16.42 31.91
N ILE A 649 26.64 16.90 32.10
CA ILE A 649 26.43 18.14 32.83
C ILE A 649 25.54 17.95 34.05
N GLY A 650 26.01 18.41 35.20
CA GLY A 650 25.24 18.32 36.43
C GLY A 650 25.88 17.36 37.44
N ALA A 651 26.89 16.63 36.99
CA ALA A 651 27.61 15.71 37.87
C ALA A 651 29.00 16.24 38.16
N GLU A 652 29.40 16.16 39.41
CA GLU A 652 30.74 16.58 39.81
C GLU A 652 31.76 15.46 39.62
N HIS A 653 32.78 15.72 38.82
CA HIS A 653 33.81 14.73 38.60
C HIS A 653 34.78 14.67 39.77
N VAL A 654 35.08 13.46 40.22
CA VAL A 654 36.01 13.26 41.33
C VAL A 654 37.13 12.30 40.92
N ASN A 655 38.23 12.32 41.67
CA ASN A 655 39.39 11.47 41.41
C ASN A 655 39.34 10.15 42.19
N ASN A 656 38.26 9.93 42.93
CA ASN A 656 38.08 8.71 43.71
C ASN A 656 37.44 7.62 42.86
N SER A 657 37.78 6.37 43.14
CA SER A 657 37.20 5.25 42.42
C SER A 657 36.23 4.49 43.30
N TYR A 658 35.06 4.18 42.75
CA TYR A 658 34.04 3.45 43.47
C TYR A 658 33.50 2.33 42.61
N GLU A 659 32.74 1.44 43.21
CA GLU A 659 32.01 0.44 42.44
C GLU A 659 31.01 1.17 41.55
N CYS A 660 30.78 0.63 40.35
CA CYS A 660 29.89 1.27 39.38
C CYS A 660 28.45 1.22 39.87
N ASP A 661 27.77 2.35 39.76
CA ASP A 661 26.37 2.45 40.15
C ASP A 661 25.51 2.65 38.90
N ILE A 662 25.52 3.85 38.36
CA ILE A 662 24.88 4.11 37.08
C ILE A 662 25.95 4.27 35.99
N PRO A 663 26.03 3.33 35.06
CA PRO A 663 27.05 3.27 34.02
C PRO A 663 26.86 4.40 33.02
N ILE A 664 27.96 5.04 32.64
CA ILE A 664 27.93 6.07 31.61
C ILE A 664 28.57 5.54 30.34
N GLY A 665 29.75 4.96 30.48
CA GLY A 665 30.48 4.40 29.36
C GLY A 665 31.96 4.70 29.44
N ALA A 666 32.77 3.84 28.82
CA ALA A 666 34.22 4.01 28.78
C ALA A 666 34.82 4.13 30.17
N GLY A 667 34.31 3.33 31.10
CA GLY A 667 34.87 3.26 32.44
C GLY A 667 34.26 4.27 33.40
N ILE A 668 33.47 5.20 32.87
CA ILE A 668 32.86 6.23 33.70
C ILE A 668 31.49 5.81 34.21
N CYS A 669 31.27 6.01 35.50
CA CYS A 669 29.99 5.76 36.16
C CYS A 669 29.58 6.96 37.00
N ALA A 670 28.31 7.03 37.34
CA ALA A 670 27.79 8.10 38.17
C ALA A 670 27.06 7.54 39.38
N SER A 671 27.04 8.30 40.46
CA SER A 671 26.32 7.90 41.66
C SER A 671 25.88 9.11 42.49
N TYR A 672 24.94 8.88 43.39
CA TYR A 672 24.46 9.93 44.28
C TYR A 672 25.12 9.82 45.64
N GLN A 673 25.87 10.85 46.03
CA GLN A 673 26.64 10.85 47.28
C GLN A 673 26.41 12.13 48.06
N GLN A 688 23.99 16.24 49.68
CA GLN A 688 24.35 15.18 48.73
C GLN A 688 24.10 15.64 47.29
N SER A 689 24.95 15.15 46.37
CA SER A 689 24.88 15.50 44.96
C SER A 689 25.34 14.35 44.07
N ILE A 690 25.14 14.51 42.77
CA ILE A 690 25.55 13.49 41.79
C ILE A 690 27.01 13.69 41.39
N ILE A 691 27.77 12.60 41.40
CA ILE A 691 29.17 12.65 41.03
C ILE A 691 29.46 11.70 39.88
N ALA A 692 30.57 11.95 39.19
CA ALA A 692 31.07 11.08 38.14
C ALA A 692 32.48 10.63 38.46
N TYR A 693 32.79 9.38 38.15
CA TYR A 693 34.08 8.82 38.50
C TYR A 693 34.47 7.66 37.60
N THR A 694 35.76 7.32 37.62
CA THR A 694 36.22 6.10 36.98
C THR A 694 35.94 4.91 37.90
N MET A 695 35.31 3.89 37.36
CA MET A 695 34.87 2.76 38.17
C MET A 695 36.05 1.92 38.63
N SER A 696 35.93 1.37 39.84
CA SER A 696 36.89 0.43 40.37
C SER A 696 36.55 -0.98 39.91
N LEU A 697 37.58 -1.79 39.71
CA LEU A 697 37.36 -3.18 39.30
C LEU A 697 37.37 -4.11 40.49
N GLY A 698 37.57 -3.56 41.68
CA GLY A 698 37.64 -4.36 42.88
C GLY A 698 38.82 -3.93 43.75
N ALA A 699 38.91 -4.52 44.94
CA ALA A 699 39.99 -4.18 45.87
C ALA A 699 41.33 -4.65 45.33
N GLU A 700 42.37 -3.86 45.56
CA GLU A 700 43.72 -4.23 45.17
C GLU A 700 44.33 -5.17 46.21
N ASN A 701 44.97 -6.23 45.74
CA ASN A 701 45.57 -7.21 46.62
C ASN A 701 46.81 -7.84 46.00
N SER A 702 47.80 -8.15 46.83
CA SER A 702 48.99 -8.84 46.35
C SER A 702 49.07 -10.23 46.93
N VAL A 703 49.15 -11.23 46.05
CA VAL A 703 49.21 -12.63 46.47
C VAL A 703 50.59 -12.94 47.02
N ALA A 704 50.62 -13.65 48.15
CA ALA A 704 51.89 -14.00 48.78
C ALA A 704 52.61 -15.09 48.00
N CYS A 705 53.14 -14.71 46.84
CA CYS A 705 53.73 -15.65 45.88
C CYS A 705 55.15 -16.00 46.30
N SER A 706 55.43 -17.30 46.44
CA SER A 706 56.73 -17.77 46.92
C SER A 706 57.07 -19.14 46.36
N ASN A 707 58.33 -19.58 46.56
CA ASN A 707 58.80 -20.86 46.02
C ASN A 707 59.04 -21.93 47.11
N ASN A 708 58.77 -21.59 48.37
CA ASN A 708 59.02 -22.52 49.48
C ASN A 708 58.02 -22.39 50.63
N SER A 709 56.88 -21.76 50.37
CA SER A 709 55.91 -21.53 51.42
C SER A 709 54.50 -21.83 50.94
N ILE A 710 53.70 -22.45 51.80
CA ILE A 710 52.33 -22.81 51.47
C ILE A 710 51.37 -22.30 52.53
N ALA A 711 50.21 -21.82 52.09
CA ALA A 711 49.18 -21.40 53.03
C ALA A 711 48.11 -22.47 53.18
N ILE A 712 47.82 -22.83 54.42
CA ILE A 712 46.83 -23.87 54.70
C ILE A 712 45.79 -23.39 55.71
N PRO A 713 44.50 -23.48 55.35
CA PRO A 713 43.35 -23.17 56.17
C PRO A 713 43.36 -23.94 57.46
N THR A 714 43.11 -23.27 58.57
CA THR A 714 42.98 -23.93 59.86
C THR A 714 41.52 -24.00 60.32
N ASN A 715 40.64 -23.32 59.59
CA ASN A 715 39.22 -23.24 59.89
C ASN A 715 38.42 -23.18 58.59
N PHE A 716 37.10 -23.13 58.71
CA PHE A 716 36.20 -23.05 57.56
C PHE A 716 34.87 -22.44 57.96
N THR A 717 34.11 -22.02 56.96
CA THR A 717 32.74 -21.57 57.18
C THR A 717 31.79 -22.25 56.22
N ILE A 718 30.55 -22.40 56.64
CA ILE A 718 29.51 -22.94 55.78
C ILE A 718 28.68 -21.81 55.20
N SER A 719 28.72 -21.67 53.88
CA SER A 719 28.05 -20.58 53.21
C SER A 719 26.81 -21.06 52.48
N VAL A 720 25.76 -20.27 52.51
CA VAL A 720 24.57 -20.55 51.73
C VAL A 720 24.25 -19.37 50.83
N THR A 721 24.17 -19.63 49.53
CA THR A 721 23.86 -18.59 48.57
C THR A 721 22.66 -18.94 47.73
N THR A 722 22.03 -17.93 47.16
CA THR A 722 20.82 -18.12 46.37
C THR A 722 21.07 -17.90 44.89
N GLU A 723 20.55 -18.80 44.08
CA GLU A 723 20.56 -18.63 42.63
C GLU A 723 19.15 -18.70 42.07
N ILE A 724 18.76 -17.69 41.30
CA ILE A 724 17.41 -17.59 40.79
C ILE A 724 17.36 -17.72 39.27
N LEU A 725 16.54 -18.67 38.79
CA LEU A 725 16.39 -18.87 37.36
C LEU A 725 14.91 -18.83 36.94
N PRO A 726 14.61 -18.17 35.83
CA PRO A 726 13.36 -18.25 35.08
C PRO A 726 13.18 -19.65 34.50
N VAL A 727 11.95 -20.14 34.54
CA VAL A 727 11.63 -21.43 33.94
C VAL A 727 10.58 -21.31 32.84
N SER A 728 9.57 -20.47 33.07
CA SER A 728 8.47 -20.38 32.11
C SER A 728 7.90 -18.98 31.99
N MET A 729 7.18 -18.76 30.90
CA MET A 729 6.44 -17.51 30.67
C MET A 729 4.96 -17.74 30.86
N THR A 730 4.20 -16.65 30.94
CA THR A 730 2.76 -16.72 30.84
C THR A 730 2.35 -17.20 29.46
N LYS A 731 1.43 -18.15 29.41
CA LYS A 731 0.99 -18.71 28.14
C LYS A 731 -0.13 -17.88 27.54
N THR A 732 0.19 -17.12 26.52
CA THR A 732 -0.81 -16.27 25.90
C THR A 732 -1.28 -16.87 24.60
N SER A 733 -2.44 -16.45 24.15
CA SER A 733 -2.96 -16.83 22.86
C SER A 733 -3.72 -15.68 22.24
N VAL A 734 -3.41 -15.37 20.99
CA VAL A 734 -4.07 -14.30 20.29
C VAL A 734 -4.76 -14.82 19.05
N ASP A 735 -6.07 -14.65 18.99
CA ASP A 735 -6.81 -15.05 17.80
C ASP A 735 -6.63 -13.98 16.73
N CYS A 736 -5.87 -14.32 15.68
CA CYS A 736 -5.50 -13.36 14.64
C CYS A 736 -6.71 -12.65 14.06
N THR A 737 -7.73 -13.41 13.69
CA THR A 737 -8.90 -12.83 13.02
C THR A 737 -9.62 -11.83 13.90
N MET A 738 -9.84 -12.18 15.17
CA MET A 738 -10.57 -11.28 16.05
C MET A 738 -9.77 -10.03 16.38
N TYR A 739 -8.47 -10.17 16.57
CA TYR A 739 -7.63 -9.01 16.84
C TYR A 739 -7.70 -8.00 15.70
N ILE A 740 -7.58 -8.49 14.48
CA ILE A 740 -7.57 -7.63 13.31
C ILE A 740 -8.94 -7.07 12.93
N CYS A 741 -9.97 -7.93 12.93
CA CYS A 741 -11.26 -7.61 12.34
C CYS A 741 -12.38 -7.49 13.37
N GLY A 742 -12.14 -7.94 14.59
CA GLY A 742 -13.21 -8.00 15.57
C GLY A 742 -14.32 -8.92 15.06
N ASP A 743 -15.55 -8.41 15.05
CA ASP A 743 -16.70 -9.19 14.58
C ASP A 743 -17.21 -8.71 13.23
N SER A 744 -16.37 -7.98 12.50
CA SER A 744 -16.73 -7.47 11.18
C SER A 744 -16.53 -8.52 10.10
N THR A 745 -17.60 -8.82 9.36
CA THR A 745 -17.53 -9.82 8.30
C THR A 745 -16.94 -9.24 7.03
N GLU A 746 -17.07 -7.93 6.86
CA GLU A 746 -16.45 -7.26 5.72
C GLU A 746 -14.94 -7.33 5.79
N CYS A 747 -14.40 -7.10 7.00
CA CYS A 747 -12.97 -7.18 7.25
C CYS A 747 -12.48 -8.62 7.10
N SER A 748 -13.23 -9.55 7.68
CA SER A 748 -12.83 -10.95 7.66
C SER A 748 -12.67 -11.45 6.22
N ASN A 749 -13.58 -11.06 5.35
CA ASN A 749 -13.52 -11.48 3.96
C ASN A 749 -12.31 -10.88 3.23
N LEU A 750 -11.94 -9.67 3.60
CA LEU A 750 -10.74 -9.05 3.04
C LEU A 750 -9.48 -9.72 3.55
N LEU A 751 -9.52 -10.14 4.82
CA LEU A 751 -8.39 -10.79 5.45
C LEU A 751 -8.04 -12.10 4.75
N LEU A 752 -9.04 -12.76 4.18
CA LEU A 752 -8.83 -14.02 3.47
C LEU A 752 -7.90 -13.88 2.27
N GLN A 753 -7.76 -12.66 1.76
CA GLN A 753 -6.93 -12.43 0.58
C GLN A 753 -5.46 -12.57 0.90
N TYR A 754 -5.13 -12.64 2.19
CA TYR A 754 -3.74 -12.70 2.63
C TYR A 754 -3.27 -14.13 2.82
N GLY A 755 -4.15 -15.08 2.58
CA GLY A 755 -3.77 -16.49 2.68
C GLY A 755 -3.74 -16.99 4.12
N SER A 756 -2.66 -17.65 4.49
CA SER A 756 -2.59 -18.37 5.75
C SER A 756 -1.79 -17.64 6.83
N PHE A 757 -1.53 -16.35 6.65
CA PHE A 757 -0.74 -15.62 7.63
C PHE A 757 -1.28 -15.80 9.06
N CYS A 758 -2.59 -15.72 9.22
CA CYS A 758 -3.23 -15.87 10.54
C CYS A 758 -3.07 -17.28 11.10
N THR A 759 -3.07 -18.27 10.23
CA THR A 759 -2.87 -19.65 10.66
C THR A 759 -1.46 -19.84 11.19
N GLN A 760 -0.50 -19.22 10.49
CA GLN A 760 0.91 -19.31 10.89
C GLN A 760 1.14 -18.67 12.25
N LEU A 761 0.48 -17.54 12.48
CA LEU A 761 0.65 -16.80 13.72
C LEU A 761 0.01 -17.53 14.89
N ASN A 762 -1.16 -18.11 14.66
CA ASN A 762 -1.84 -18.87 15.72
C ASN A 762 -1.01 -20.10 16.08
N ARG A 763 -0.41 -20.70 15.08
CA ARG A 763 0.40 -21.90 15.26
C ARG A 763 1.66 -21.62 16.05
N ALA A 764 2.32 -20.49 15.75
CA ALA A 764 3.55 -20.13 16.44
C ALA A 764 3.31 -19.89 17.93
N LEU A 765 2.20 -19.23 18.26
CA LEU A 765 1.89 -18.96 19.65
C LEU A 765 1.49 -20.23 20.40
N THR A 766 0.85 -21.14 19.68
CA THR A 766 0.49 -22.43 20.26
C THR A 766 1.74 -23.22 20.64
N GLY A 767 2.74 -23.20 19.74
CA GLY A 767 3.99 -23.89 19.99
C GLY A 767 4.69 -23.35 21.23
N ILE A 768 4.66 -22.04 21.42
CA ILE A 768 5.26 -21.43 22.60
C ILE A 768 4.54 -21.87 23.86
N ALA A 769 3.21 -21.85 23.83
CA ALA A 769 2.42 -22.22 25.00
C ALA A 769 2.70 -23.64 25.44
N VAL A 770 2.83 -24.55 24.49
CA VAL A 770 3.11 -25.94 24.80
C VAL A 770 4.49 -26.09 25.43
N GLU A 771 5.45 -25.37 24.89
CA GLU A 771 6.82 -25.40 25.38
C GLU A 771 6.91 -24.98 26.84
N GLN A 772 6.07 -24.05 27.27
CA GLN A 772 6.14 -23.56 28.65
C GLN A 772 5.84 -24.65 29.66
N ASP A 773 4.98 -25.59 29.29
CA ASP A 773 4.67 -26.70 30.18
C ASP A 773 5.79 -27.73 30.15
N LYS A 774 6.41 -27.88 28.98
CA LYS A 774 7.56 -28.77 28.85
C LYS A 774 8.71 -28.27 29.71
N ASN A 775 8.93 -26.95 29.73
CA ASN A 775 10.00 -26.36 30.52
C ASN A 775 9.84 -26.69 31.99
N THR A 776 8.63 -26.53 32.50
CA THR A 776 8.36 -26.78 33.91
C THR A 776 8.58 -28.24 34.25
N GLN A 777 8.09 -29.13 33.39
CA GLN A 777 8.21 -30.55 33.62
C GLN A 777 9.67 -31.00 33.66
N GLU A 778 10.48 -30.46 32.76
CA GLU A 778 11.89 -30.82 32.69
C GLU A 778 12.65 -30.45 33.95
N VAL A 779 12.25 -29.35 34.58
CA VAL A 779 12.93 -28.89 35.78
C VAL A 779 12.47 -29.62 37.04
N PHE A 780 11.16 -29.76 37.23
CA PHE A 780 10.65 -30.21 38.51
C PHE A 780 10.30 -31.70 38.57
N ALA A 781 9.87 -32.28 37.45
CA ALA A 781 9.43 -33.66 37.45
C ALA A 781 10.61 -34.60 37.20
N GLN A 782 11.60 -34.56 38.08
CA GLN A 782 12.79 -35.40 37.94
C GLN A 782 12.81 -36.54 38.92
N VAL A 783 11.72 -36.71 39.65
CA VAL A 783 11.62 -37.78 40.63
C VAL A 783 10.43 -38.67 40.28
N LYS A 784 10.66 -39.98 40.32
CA LYS A 784 9.61 -40.94 39.95
C LYS A 784 8.60 -41.12 41.08
N GLN A 785 9.06 -41.03 42.31
CA GLN A 785 8.20 -41.21 43.46
C GLN A 785 8.04 -39.91 44.22
N ILE A 786 6.86 -39.71 44.79
CA ILE A 786 6.60 -38.53 45.59
C ILE A 786 6.87 -38.83 47.04
N TYR A 787 7.97 -38.29 47.55
CA TYR A 787 8.42 -38.58 48.90
C TYR A 787 7.89 -37.55 49.88
N LYS A 788 7.72 -37.97 51.13
CA LYS A 788 7.39 -37.06 52.20
C LYS A 788 8.37 -37.22 53.35
N THR A 789 8.59 -36.16 54.11
CA THR A 789 9.46 -36.22 55.27
C THR A 789 8.76 -36.92 56.42
N PRO A 790 9.54 -37.48 57.36
CA PRO A 790 9.08 -38.11 58.59
C PRO A 790 8.49 -37.07 59.54
N PRO A 791 7.56 -37.48 60.41
CA PRO A 791 7.03 -36.75 61.54
C PRO A 791 8.12 -36.29 62.51
N ILE A 792 9.22 -37.05 62.58
CA ILE A 792 10.29 -36.73 63.52
C ILE A 792 11.53 -36.19 62.81
N LYS A 793 11.75 -34.90 62.95
CA LYS A 793 12.84 -34.24 62.26
C LYS A 793 14.14 -34.27 63.07
N ASP A 794 14.73 -35.45 63.21
CA ASP A 794 16.01 -35.58 63.90
C ASP A 794 17.14 -35.72 62.91
N PHE A 795 17.86 -34.63 62.67
CA PHE A 795 18.90 -34.61 61.66
C PHE A 795 20.24 -34.22 62.25
N GLY A 796 20.45 -34.57 63.51
CA GLY A 796 21.76 -34.39 64.13
C GLY A 796 22.11 -32.92 64.39
N GLY A 797 21.10 -32.09 64.59
CA GLY A 797 21.32 -30.68 64.88
C GLY A 797 21.07 -29.79 63.67
N PHE A 798 20.90 -30.39 62.50
CA PHE A 798 20.63 -29.62 61.29
C PHE A 798 19.14 -29.29 61.17
N ASN A 799 18.83 -28.01 61.00
CA ASN A 799 17.48 -27.48 61.03
C ASN A 799 17.01 -27.06 59.63
N PHE A 800 16.00 -27.75 59.09
CA PHE A 800 15.50 -27.50 57.74
C PHE A 800 14.12 -26.87 57.74
N SER A 801 13.72 -26.29 58.86
CA SER A 801 12.35 -25.80 59.02
C SER A 801 11.99 -24.68 58.06
N GLN A 802 12.99 -23.98 57.53
CA GLN A 802 12.74 -22.85 56.65
C GLN A 802 12.57 -23.26 55.20
N ILE A 803 12.99 -24.48 54.87
CA ILE A 803 12.90 -24.96 53.50
C ILE A 803 11.85 -26.05 53.34
N LEU A 804 11.51 -26.70 54.45
CA LEU A 804 10.46 -27.72 54.43
C LEU A 804 9.08 -27.07 54.49
N PRO A 805 8.05 -27.74 53.95
CA PRO A 805 6.66 -27.31 53.94
C PRO A 805 6.17 -26.99 55.33
N ASP A 806 5.46 -25.87 55.45
CA ASP A 806 4.86 -25.49 56.72
C ASP A 806 3.38 -25.88 56.75
N PRO A 807 3.05 -26.95 57.49
CA PRO A 807 1.77 -27.64 57.49
C PRO A 807 0.65 -26.77 58.03
N SER A 808 1.00 -25.69 58.73
CA SER A 808 0.02 -24.82 59.34
C SER A 808 -0.58 -23.85 58.33
N LYS A 809 -0.02 -23.81 57.12
CA LYS A 809 -0.52 -22.94 56.08
C LYS A 809 -1.20 -23.78 54.99
N PRO A 810 -2.31 -23.28 54.43
CA PRO A 810 -3.16 -23.93 53.46
C PRO A 810 -2.45 -24.20 52.14
N SER A 811 -1.38 -23.46 51.88
CA SER A 811 -0.61 -23.60 50.65
C SER A 811 0.43 -24.71 50.76
N LYS A 812 0.70 -25.14 51.99
CA LYS A 812 1.69 -26.17 52.24
C LYS A 812 3.04 -25.83 51.62
N ARG A 813 3.44 -24.56 51.75
CA ARG A 813 4.73 -24.10 51.26
C ARG A 813 5.68 -23.84 52.42
N SER A 814 6.97 -23.80 52.12
CA SER A 814 7.96 -23.45 53.13
C SER A 814 7.88 -21.95 53.43
N PRO A 815 8.39 -21.50 54.58
CA PRO A 815 8.58 -20.13 54.97
C PRO A 815 9.30 -19.32 53.89
N ILE A 816 10.34 -19.89 53.31
CA ILE A 816 11.07 -19.22 52.23
C ILE A 816 10.23 -19.11 50.97
N GLU A 817 9.54 -20.18 50.61
CA GLU A 817 8.67 -20.15 49.43
C GLU A 817 7.55 -19.13 49.57
N ASP A 818 6.96 -19.04 50.76
CA ASP A 818 5.91 -18.04 50.98
C ASP A 818 6.44 -16.65 50.71
N LEU A 819 7.65 -16.37 51.15
CA LEU A 819 8.27 -15.09 50.94
C LEU A 819 8.52 -14.83 49.45
N LEU A 820 8.98 -15.85 48.74
CA LEU A 820 9.27 -15.70 47.31
C LEU A 820 8.01 -15.37 46.53
N PHE A 821 6.91 -16.04 46.87
CA PHE A 821 5.65 -15.85 46.16
C PHE A 821 5.02 -14.50 46.42
N ASN A 822 5.31 -13.91 47.57
CA ASN A 822 4.75 -12.61 47.92
C ASN A 822 5.63 -11.46 47.42
N LYS A 823 6.73 -11.79 46.74
CA LYS A 823 7.64 -10.77 46.23
C LYS A 823 7.56 -10.54 44.72
N VAL A 824 6.79 -11.38 44.01
CA VAL A 824 6.62 -11.26 42.56
C VAL A 824 5.14 -11.31 42.19
N ASN A 854 -10.45 -8.56 22.72
CA ASN A 854 -9.66 -8.23 21.53
C ASN A 854 -8.99 -9.46 20.93
N GLY A 855 -9.47 -10.65 21.32
CA GLY A 855 -8.92 -11.92 20.83
C GLY A 855 -7.74 -12.38 21.66
N LEU A 856 -7.48 -11.66 22.75
CA LEU A 856 -6.36 -11.95 23.62
C LEU A 856 -6.80 -12.73 24.85
N THR A 857 -6.18 -13.89 25.08
CA THR A 857 -6.50 -14.68 26.25
C THR A 857 -5.26 -15.26 26.89
N VAL A 858 -5.40 -15.68 28.14
CA VAL A 858 -4.31 -16.32 28.86
C VAL A 858 -4.69 -17.73 29.28
N LEU A 859 -3.83 -18.68 28.94
CA LEU A 859 -4.07 -20.08 29.25
C LEU A 859 -3.39 -20.44 30.56
N PRO A 860 -4.01 -21.29 31.37
CA PRO A 860 -3.49 -21.83 32.61
C PRO A 860 -2.38 -22.84 32.33
N PRO A 861 -1.37 -22.92 33.19
CA PRO A 861 -0.34 -23.94 33.25
C PRO A 861 -0.96 -25.30 33.49
N LEU A 862 -0.34 -26.35 32.96
CA LEU A 862 -0.79 -27.69 33.23
C LEU A 862 -0.59 -28.05 34.69
N LEU A 863 0.56 -27.69 35.24
CA LEU A 863 0.83 -27.93 36.65
C LEU A 863 0.51 -26.70 37.48
N THR A 864 -0.25 -26.90 38.54
CA THR A 864 -0.60 -25.83 39.45
C THR A 864 0.55 -25.54 40.41
N ASP A 865 0.45 -24.45 41.14
CA ASP A 865 1.48 -24.10 42.10
C ASP A 865 1.61 -25.15 43.19
N GLU A 866 0.49 -25.76 43.58
CA GLU A 866 0.52 -26.82 44.57
C GLU A 866 1.25 -28.04 44.06
N MET A 867 1.04 -28.40 42.79
CA MET A 867 1.69 -29.56 42.20
C MET A 867 3.20 -29.36 42.12
N ILE A 868 3.61 -28.14 41.79
CA ILE A 868 5.03 -27.81 41.74
C ILE A 868 5.65 -27.87 43.13
N ALA A 869 4.92 -27.37 44.12
CA ALA A 869 5.38 -27.44 45.50
C ALA A 869 5.53 -28.89 45.96
N GLN A 870 4.64 -29.77 45.49
CA GLN A 870 4.73 -31.19 45.84
C GLN A 870 6.00 -31.82 45.27
N TYR A 871 6.36 -31.45 44.04
CA TYR A 871 7.59 -31.94 43.44
C TYR A 871 8.79 -31.47 44.24
N THR A 872 8.77 -30.21 44.63
CA THR A 872 9.87 -29.64 45.40
C THR A 872 10.01 -30.35 46.74
N SER A 873 8.89 -30.61 47.39
CA SER A 873 8.89 -31.30 48.68
C SER A 873 9.46 -32.71 48.53
N ALA A 874 9.10 -33.40 47.46
CA ALA A 874 9.58 -34.74 47.21
C ALA A 874 11.09 -34.76 47.02
N LEU A 875 11.61 -33.74 46.34
CA LEU A 875 13.04 -33.63 46.11
C LEU A 875 13.79 -33.36 47.41
N LEU A 876 13.22 -32.52 48.26
CA LEU A 876 13.82 -32.21 49.55
C LEU A 876 13.81 -33.39 50.48
N ALA A 877 12.69 -34.11 50.52
CA ALA A 877 12.57 -35.28 51.37
C ALA A 877 13.57 -36.34 50.95
N GLY A 878 13.74 -36.50 49.65
CA GLY A 878 14.69 -37.45 49.11
C GLY A 878 16.11 -37.09 49.50
N THR A 879 16.50 -35.83 49.28
CA THR A 879 17.85 -35.39 49.55
C THR A 879 18.20 -35.51 51.02
N ILE A 880 17.31 -35.06 51.89
CA ILE A 880 17.58 -35.04 53.31
C ILE A 880 17.73 -36.43 53.91
N CYS A 881 16.91 -37.39 53.48
CA CYS A 881 16.88 -38.71 54.10
C CYS A 881 17.70 -39.76 53.34
N SER A 882 17.93 -39.56 52.04
CA SER A 882 18.65 -40.58 51.26
C SER A 882 19.81 -40.02 50.44
N GLY A 883 20.14 -38.76 50.63
CA GLY A 883 21.26 -38.15 49.94
C GLY A 883 21.09 -38.15 48.43
N TRP A 884 22.11 -38.63 47.72
CA TRP A 884 22.07 -38.63 46.26
C TRP A 884 21.64 -39.96 45.66
N THR A 885 21.35 -40.93 46.52
CA THR A 885 21.09 -42.28 46.04
C THR A 885 19.78 -42.37 45.26
N PHE A 886 18.80 -41.56 45.66
CA PHE A 886 17.48 -41.61 45.05
C PHE A 886 17.50 -41.04 43.65
N GLY A 887 18.57 -40.35 43.30
CA GLY A 887 18.69 -39.73 41.99
C GLY A 887 19.33 -40.68 40.98
N ALA A 888 19.73 -41.86 41.44
CA ALA A 888 20.40 -42.83 40.57
C ALA A 888 19.84 -44.24 40.79
N GLY A 889 18.59 -44.31 41.23
CA GLY A 889 17.98 -45.59 41.55
C GLY A 889 17.09 -45.46 42.77
N PRO A 890 16.92 -46.53 43.55
CA PRO A 890 16.09 -46.62 44.73
C PRO A 890 16.68 -45.77 45.85
N ALA A 891 15.82 -45.17 46.65
CA ALA A 891 16.28 -44.33 47.74
C ALA A 891 16.83 -45.18 48.88
N LEU A 892 18.08 -44.91 49.25
CA LEU A 892 18.74 -45.63 50.32
C LEU A 892 18.94 -44.72 51.51
N GLN A 893 18.34 -45.08 52.65
CA GLN A 893 18.41 -44.18 53.80
C GLN A 893 19.81 -44.14 54.41
N ILE A 894 20.14 -42.98 54.95
CA ILE A 894 21.40 -42.74 55.64
C ILE A 894 21.18 -41.62 56.65
N PRO A 895 21.81 -41.67 57.83
CA PRO A 895 21.86 -40.61 58.81
C PRO A 895 22.40 -39.33 58.18
N PHE A 896 21.76 -38.20 58.47
CA PHE A 896 22.16 -36.96 57.82
C PHE A 896 23.63 -36.59 58.05
N PRO A 897 24.14 -36.68 59.30
CA PRO A 897 25.52 -36.41 59.66
C PRO A 897 26.49 -37.25 58.84
N MET A 898 26.09 -38.48 58.53
CA MET A 898 26.93 -39.36 57.73
C MET A 898 26.90 -38.97 56.26
N GLN A 899 25.76 -38.46 55.82
CA GLN A 899 25.64 -37.95 54.47
C GLN A 899 26.58 -36.76 54.29
N MET A 900 26.62 -35.90 55.30
CA MET A 900 27.48 -34.73 55.27
C MET A 900 28.95 -35.12 55.31
N ALA A 901 29.25 -36.21 56.01
CA ALA A 901 30.59 -36.74 56.05
C ALA A 901 31.05 -37.20 54.66
N TYR A 902 30.14 -37.80 53.91
CA TYR A 902 30.46 -38.24 52.55
C TYR A 902 30.72 -37.04 51.66
N ARG A 903 29.96 -35.98 51.87
CA ARG A 903 30.09 -34.77 51.08
C ARG A 903 31.38 -34.02 51.41
N PHE A 904 31.87 -34.18 52.63
CA PHE A 904 33.16 -33.64 53.00
C PHE A 904 34.29 -34.37 52.29
N ASN A 905 34.18 -35.70 52.22
CA ASN A 905 35.16 -36.49 51.48
C ASN A 905 35.20 -36.07 50.02
N GLY A 906 34.05 -35.70 49.48
CA GLY A 906 33.91 -35.30 48.09
C GLY A 906 34.67 -34.02 47.76
N ILE A 907 35.04 -33.25 48.78
CA ILE A 907 35.76 -31.99 48.56
C ILE A 907 37.18 -32.08 49.08
N GLY A 908 37.63 -33.30 49.37
CA GLY A 908 39.01 -33.53 49.78
C GLY A 908 39.27 -33.23 51.25
N VAL A 909 38.23 -33.29 52.07
CA VAL A 909 38.37 -33.07 53.49
C VAL A 909 38.00 -34.35 54.24
N THR A 910 38.82 -34.76 55.18
CA THR A 910 38.58 -36.04 55.86
C THR A 910 37.31 -35.98 56.70
N GLN A 911 36.65 -37.11 56.83
CA GLN A 911 35.34 -37.17 57.47
C GLN A 911 35.38 -36.91 58.96
N ASN A 912 36.54 -37.07 59.58
CA ASN A 912 36.65 -36.81 61.00
C ASN A 912 36.51 -35.32 61.29
N VAL A 913 36.74 -34.49 60.28
CA VAL A 913 36.60 -33.05 60.42
C VAL A 913 35.13 -32.70 60.62
N LEU A 914 34.27 -33.42 59.91
CA LEU A 914 32.83 -33.24 60.03
C LEU A 914 32.35 -33.66 61.41
N TYR A 915 32.77 -34.85 61.85
CA TYR A 915 32.27 -35.42 63.10
C TYR A 915 32.78 -34.69 64.32
N GLU A 916 34.01 -34.19 64.26
CA GLU A 916 34.60 -33.50 65.39
C GLU A 916 34.02 -32.11 65.56
N ASN A 917 33.51 -31.54 64.48
CA ASN A 917 32.97 -30.20 64.50
C ASN A 917 31.47 -30.19 64.20
N GLN A 918 30.80 -31.30 64.46
CA GLN A 918 29.41 -31.44 64.06
C GLN A 918 28.53 -30.33 64.60
N LYS A 919 28.74 -29.94 65.85
CA LYS A 919 27.91 -28.89 66.46
C LYS A 919 28.17 -27.53 65.81
N LEU A 920 29.44 -27.23 65.57
CA LEU A 920 29.81 -25.98 64.91
C LEU A 920 29.22 -25.90 63.51
N ILE A 921 29.34 -27.00 62.78
CA ILE A 921 28.89 -27.05 61.40
C ILE A 921 27.37 -26.91 61.31
N ALA A 922 26.66 -27.61 62.19
CA ALA A 922 25.21 -27.51 62.23
C ALA A 922 24.77 -26.09 62.56
N ASN A 923 25.51 -25.42 63.45
CA ASN A 923 25.17 -24.05 63.84
C ASN A 923 25.44 -23.08 62.70
N GLN A 924 26.56 -23.26 62.00
CA GLN A 924 26.88 -22.39 60.88
C GLN A 924 25.84 -22.54 59.77
N PHE A 925 25.41 -23.77 59.54
CA PHE A 925 24.38 -24.05 58.55
C PHE A 925 23.06 -23.38 58.93
N ASN A 926 22.63 -23.56 60.17
CA ASN A 926 21.35 -23.05 60.62
C ASN A 926 21.33 -21.53 60.56
N SER A 927 22.46 -20.91 60.89
CA SER A 927 22.58 -19.46 60.84
C SER A 927 22.50 -18.94 59.42
N ALA A 928 23.22 -19.60 58.51
CA ALA A 928 23.25 -19.19 57.11
C ALA A 928 21.85 -19.24 56.48
N ILE A 929 21.07 -20.26 56.84
CA ILE A 929 19.72 -20.37 56.32
C ILE A 929 18.86 -19.22 56.81
N GLY A 930 18.99 -18.89 58.10
CA GLY A 930 18.24 -17.79 58.68
C GLY A 930 18.53 -16.47 57.96
N LYS A 931 19.78 -16.28 57.57
CA LYS A 931 20.18 -15.07 56.86
C LYS A 931 19.49 -14.95 55.51
N ILE A 932 19.27 -16.08 54.85
CA ILE A 932 18.62 -16.07 53.55
C ILE A 932 17.22 -15.48 53.65
N GLN A 933 16.49 -15.91 54.68
CA GLN A 933 15.13 -15.44 54.89
C GLN A 933 15.10 -13.93 55.15
N ASP A 934 16.04 -13.47 55.97
CA ASP A 934 16.12 -12.06 56.31
C ASP A 934 16.58 -11.20 55.13
N SER A 935 17.47 -11.76 54.32
CA SER A 935 17.98 -11.06 53.16
C SER A 935 16.87 -10.82 52.15
N LEU A 936 16.13 -11.87 51.82
CA LEU A 936 15.07 -11.76 50.82
C LEU A 936 14.00 -10.78 51.26
N SER A 937 13.66 -10.80 52.55
CA SER A 937 12.57 -9.99 53.07
C SER A 937 12.92 -8.51 53.12
N SER A 938 14.19 -8.19 52.89
CA SER A 938 14.64 -6.81 53.00
C SER A 938 15.37 -6.34 51.74
N THR A 939 15.27 -7.12 50.66
CA THR A 939 15.96 -6.78 49.41
C THR A 939 15.00 -6.77 48.21
N PRO A 940 14.50 -5.58 47.83
CA PRO A 940 13.55 -5.33 46.76
C PRO A 940 14.00 -5.84 45.39
N SER A 941 15.30 -5.98 45.20
CA SER A 941 15.85 -6.38 43.90
C SER A 941 16.24 -7.85 43.85
N ALA A 942 15.97 -8.58 44.93
CA ALA A 942 16.42 -9.95 45.06
C ALA A 942 15.87 -10.85 43.96
N LEU A 943 14.64 -10.59 43.55
CA LEU A 943 13.97 -11.43 42.57
C LEU A 943 13.76 -10.71 41.25
N GLY A 944 14.68 -9.81 40.92
CA GLY A 944 14.59 -9.02 39.70
C GLY A 944 14.52 -9.89 38.45
N LYS A 945 15.22 -11.02 38.45
CA LYS A 945 15.25 -11.89 37.29
C LYS A 945 13.87 -12.45 36.93
N LEU A 946 13.06 -12.74 37.94
CA LEU A 946 11.73 -13.27 37.68
C LEU A 946 10.77 -12.14 37.36
N GLN A 947 10.98 -11.00 38.00
CA GLN A 947 10.12 -9.84 37.78
C GLN A 947 10.30 -9.29 36.36
N ASN A 948 11.53 -9.38 35.85
CA ASN A 948 11.83 -8.89 34.51
C ASN A 948 11.05 -9.65 33.44
N VAL A 949 10.86 -10.95 33.66
CA VAL A 949 10.12 -11.76 32.70
C VAL A 949 8.66 -11.35 32.69
N VAL A 950 8.10 -11.15 33.87
CA VAL A 950 6.72 -10.72 34.01
C VAL A 950 6.50 -9.35 33.38
N ASN A 951 7.44 -8.43 33.62
CA ASN A 951 7.32 -7.08 33.11
C ASN A 951 7.42 -7.02 31.60
N GLN A 952 8.30 -7.81 31.02
CA GLN A 952 8.50 -7.81 29.58
C GLN A 952 7.28 -8.35 28.84
N ASN A 953 6.66 -9.38 29.41
CA ASN A 953 5.50 -9.97 28.76
C ASN A 953 4.29 -9.06 28.87
N ALA A 954 4.13 -8.40 30.02
CA ALA A 954 3.03 -7.46 30.20
C ALA A 954 3.18 -6.29 29.26
N GLN A 955 4.41 -5.82 29.10
CA GLN A 955 4.70 -4.69 28.23
C GLN A 955 4.38 -5.01 26.78
N ALA A 956 4.71 -6.22 26.35
CA ALA A 956 4.47 -6.64 24.98
C ALA A 956 2.97 -6.68 24.66
N LEU A 957 2.17 -7.18 25.59
CA LEU A 957 0.73 -7.23 25.38
C LEU A 957 0.11 -5.84 25.37
N ASN A 958 0.59 -4.97 26.25
CA ASN A 958 0.07 -3.62 26.30
C ASN A 958 0.36 -2.88 25.01
N THR A 959 1.52 -3.13 24.43
CA THR A 959 1.90 -2.54 23.17
C THR A 959 1.00 -3.04 22.04
N LEU A 960 0.74 -4.34 22.03
CA LEU A 960 -0.09 -4.96 21.00
C LEU A 960 -1.51 -4.39 21.03
N VAL A 961 -2.06 -4.21 22.23
CA VAL A 961 -3.40 -3.67 22.36
C VAL A 961 -3.48 -2.20 21.97
N LYS A 962 -2.47 -1.42 22.37
CA LYS A 962 -2.44 0.00 22.04
C LYS A 962 -2.34 0.25 20.55
N GLN A 963 -1.79 -0.69 19.80
CA GLN A 963 -1.69 -0.54 18.35
C GLN A 963 -3.06 -0.52 17.68
N LEU A 964 -4.09 -0.97 18.39
CA LEU A 964 -5.44 -0.97 17.84
C LEU A 964 -6.01 0.45 17.79
N SER A 965 -5.30 1.39 18.40
CA SER A 965 -5.71 2.79 18.41
C SER A 965 -5.11 3.57 17.23
N SER A 966 -4.22 2.92 16.48
CA SER A 966 -3.55 3.58 15.37
C SER A 966 -4.41 3.58 14.11
N ASN A 967 -4.34 4.66 13.35
CA ASN A 967 -5.11 4.78 12.13
C ASN A 967 -4.43 4.11 10.94
N PHE A 968 -3.10 4.13 10.95
CA PHE A 968 -2.33 3.57 9.84
C PHE A 968 -2.71 4.19 8.50
N GLY A 969 -3.18 5.43 8.53
CA GLY A 969 -3.52 6.14 7.31
C GLY A 969 -5.03 6.14 7.03
N ALA A 970 -5.78 5.37 7.81
CA ALA A 970 -7.22 5.31 7.66
C ALA A 970 -7.88 6.52 8.29
N ILE A 971 -9.13 6.78 7.92
CA ILE A 971 -9.91 7.87 8.50
C ILE A 971 -10.20 7.64 9.98
N SER A 972 -10.17 6.38 10.40
CA SER A 972 -10.47 6.03 11.78
C SER A 972 -9.82 4.70 12.16
N SER A 973 -9.52 4.56 13.45
CA SER A 973 -8.98 3.32 13.98
C SER A 973 -10.10 2.33 14.32
N VAL A 974 -11.33 2.80 14.25
CA VAL A 974 -12.48 1.99 14.63
C VAL A 974 -13.25 1.49 13.41
N LEU A 975 -13.33 0.17 13.26
CA LEU A 975 -13.99 -0.43 12.11
C LEU A 975 -15.47 -0.10 12.05
N ASN A 976 -16.10 0.01 13.20
CA ASN A 976 -17.54 0.30 13.25
C ASN A 976 -17.83 1.71 12.76
N ASP A 977 -16.90 2.63 12.99
CA ASP A 977 -17.07 4.01 12.54
C ASP A 977 -16.87 4.13 11.05
N ILE A 978 -16.03 3.27 10.49
CA ILE A 978 -15.83 3.24 9.05
C ILE A 978 -17.05 2.65 8.35
N LEU A 979 -17.54 1.54 8.86
CA LEU A 979 -18.65 0.82 8.26
C LEU A 979 -19.96 1.59 8.35
N SER A 980 -20.12 2.39 9.40
CA SER A 980 -21.34 3.15 9.59
C SER A 980 -21.39 4.41 8.71
N ARG A 981 -20.26 4.77 8.10
CA ARG A 981 -20.17 5.99 7.33
C ARG A 981 -20.03 5.75 5.83
N LEU A 982 -19.20 4.78 5.47
CA LEU A 982 -18.85 4.56 4.07
C LEU A 982 -19.57 3.36 3.48
N ASP A 983 -19.73 3.38 2.17
CA ASP A 983 -20.30 2.25 1.45
C ASP A 983 -19.21 1.20 1.21
N LYS A 984 -19.56 0.05 0.64
CA LYS A 984 -18.56 -1.06 0.49
C LYS A 984 -17.23 -0.66 -0.15
N PRO A 985 -17.15 -0.13 -1.40
CA PRO A 985 -15.89 0.15 -2.06
C PRO A 985 -15.01 1.16 -1.31
N GLU A 986 -15.65 2.15 -0.69
CA GLU A 986 -14.90 3.15 0.07
C GLU A 986 -14.42 2.57 1.39
N ALA A 987 -15.28 1.79 2.04
CA ALA A 987 -14.94 1.18 3.30
C ALA A 987 -13.78 0.21 3.13
N GLU A 988 -13.78 -0.51 2.02
CA GLU A 988 -12.73 -1.50 1.75
C GLU A 988 -11.35 -0.85 1.69
N VAL A 989 -11.27 0.33 1.11
CA VAL A 989 -10.00 1.04 1.04
C VAL A 989 -9.49 1.37 2.43
N GLN A 990 -10.39 1.85 3.28
CA GLN A 990 -10.02 2.23 4.65
C GLN A 990 -9.69 1.01 5.50
N ILE A 991 -10.45 -0.06 5.28
CA ILE A 991 -10.26 -1.28 6.06
C ILE A 991 -8.93 -1.94 5.72
N ASP A 992 -8.58 -1.95 4.44
CA ASP A 992 -7.31 -2.52 4.01
C ASP A 992 -6.13 -1.87 4.72
N ARG A 993 -6.22 -0.56 4.96
CA ARG A 993 -5.15 0.14 5.65
C ARG A 993 -5.03 -0.35 7.09
N LEU A 994 -6.17 -0.61 7.74
CA LEU A 994 -6.15 -1.10 9.10
C LEU A 994 -5.67 -2.54 9.18
N ILE A 995 -6.05 -3.36 8.20
CA ILE A 995 -5.62 -4.74 8.17
C ILE A 995 -4.11 -4.84 8.03
N THR A 996 -3.56 -4.04 7.13
CA THR A 996 -2.12 -4.05 6.89
C THR A 996 -1.36 -3.69 8.17
N GLY A 997 -1.79 -2.64 8.84
CA GLY A 997 -1.13 -2.16 10.04
C GLY A 997 -1.27 -3.14 11.20
N ARG A 998 -2.46 -3.69 11.37
CA ARG A 998 -2.73 -4.58 12.49
C ARG A 998 -2.07 -5.94 12.30
N LEU A 999 -1.99 -6.39 11.05
CA LEU A 999 -1.31 -7.63 10.74
C LEU A 999 0.18 -7.50 11.01
N GLN A 1000 0.75 -6.35 10.64
CA GLN A 1000 2.16 -6.08 10.89
C GLN A 1000 2.44 -6.01 12.39
N SER A 1001 1.51 -5.43 13.14
CA SER A 1001 1.67 -5.31 14.59
C SER A 1001 1.65 -6.67 15.26
N LEU A 1002 0.79 -7.55 14.78
CA LEU A 1002 0.67 -8.88 15.32
C LEU A 1002 1.88 -9.74 14.97
N GLN A 1003 2.38 -9.60 13.75
CA GLN A 1003 3.57 -10.34 13.33
C GLN A 1003 4.78 -9.93 14.16
N THR A 1004 4.87 -8.64 14.48
CA THR A 1004 5.95 -8.15 15.31
C THR A 1004 5.90 -8.78 16.70
N TYR A 1005 4.71 -8.82 17.27
CA TYR A 1005 4.52 -9.43 18.59
C TYR A 1005 4.96 -10.89 18.62
N VAL A 1006 4.50 -11.66 17.66
CA VAL A 1006 4.79 -13.09 17.64
C VAL A 1006 6.28 -13.36 17.47
N THR A 1007 6.94 -12.60 16.59
CA THR A 1007 8.36 -12.76 16.38
C THR A 1007 9.13 -12.51 17.68
N GLN A 1008 8.76 -11.47 18.40
CA GLN A 1008 9.42 -11.15 19.66
C GLN A 1008 9.19 -12.23 20.71
N GLN A 1009 8.00 -12.84 20.69
CA GLN A 1009 7.69 -13.90 21.63
C GLN A 1009 8.51 -15.16 21.35
N LEU A 1010 8.73 -15.45 20.08
CA LEU A 1010 9.52 -16.61 19.71
C LEU A 1010 10.97 -16.45 20.15
N ILE A 1011 11.49 -15.24 20.03
CA ILE A 1011 12.85 -14.95 20.45
C ILE A 1011 12.97 -15.02 21.97
N ARG A 1012 12.01 -14.44 22.68
CA ARG A 1012 12.02 -14.49 24.14
C ARG A 1012 11.80 -15.92 24.64
N ALA A 1013 10.99 -16.69 23.94
CA ALA A 1013 10.73 -18.06 24.32
C ALA A 1013 12.01 -18.89 24.24
N ALA A 1014 12.83 -18.63 23.24
CA ALA A 1014 14.09 -19.34 23.09
C ALA A 1014 15.02 -19.03 24.26
N GLU A 1015 15.02 -17.79 24.71
CA GLU A 1015 15.84 -17.40 25.85
C GLU A 1015 15.39 -18.10 27.13
N ILE A 1016 14.08 -18.16 27.34
CA ILE A 1016 13.52 -18.82 28.51
C ILE A 1016 13.79 -20.31 28.48
N ARG A 1017 13.70 -20.91 27.30
CA ARG A 1017 13.99 -22.33 27.14
C ARG A 1017 15.43 -22.65 27.57
N ALA A 1018 16.37 -21.80 27.16
CA ALA A 1018 17.76 -21.97 27.53
C ALA A 1018 17.93 -21.88 29.05
N SER A 1019 17.21 -20.96 29.67
CA SER A 1019 17.24 -20.81 31.12
C SER A 1019 16.66 -22.04 31.82
N ALA A 1020 15.56 -22.56 31.29
CA ALA A 1020 14.93 -23.75 31.84
C ALA A 1020 15.84 -24.97 31.71
N ASN A 1021 16.57 -25.05 30.60
CA ASN A 1021 17.49 -26.16 30.39
C ASN A 1021 18.63 -26.12 31.39
N LEU A 1022 19.09 -24.91 31.70
CA LEU A 1022 20.13 -24.72 32.69
C LEU A 1022 19.62 -25.09 34.09
N ALA A 1023 18.39 -24.69 34.39
CA ALA A 1023 17.77 -25.00 35.67
C ALA A 1023 17.60 -26.51 35.84
N ALA A 1024 17.24 -27.19 34.76
CA ALA A 1024 17.07 -28.64 34.81
C ALA A 1024 18.41 -29.33 35.03
N THR A 1025 19.47 -28.79 34.43
CA THR A 1025 20.80 -29.33 34.61
C THR A 1025 21.27 -29.16 36.05
N LYS A 1026 21.01 -27.99 36.63
CA LYS A 1026 21.36 -27.72 38.01
C LYS A 1026 20.57 -28.59 38.98
N MET A 1027 19.31 -28.85 38.67
CA MET A 1027 18.52 -29.74 39.50
C MET A 1027 19.19 -31.11 39.57
N SER A 1028 19.64 -31.62 38.43
CA SER A 1028 20.28 -32.92 38.38
C SER A 1028 21.65 -32.93 39.04
N GLU A 1029 22.46 -31.91 38.76
CA GLU A 1029 23.86 -31.94 39.17
C GLU A 1029 24.17 -31.30 40.52
N CYS A 1030 23.30 -30.39 40.98
CA CYS A 1030 23.49 -29.69 42.26
C CYS A 1030 22.62 -30.30 43.35
N VAL A 1031 21.38 -30.65 43.00
CA VAL A 1031 20.43 -31.16 43.99
C VAL A 1031 20.47 -32.68 44.10
N LEU A 1032 20.52 -33.37 42.97
CA LEU A 1032 20.51 -34.83 42.97
C LEU A 1032 21.91 -35.42 43.01
N GLY A 1033 22.89 -34.58 43.26
CA GLY A 1033 24.26 -35.04 43.39
C GLY A 1033 25.19 -33.93 43.83
N GLN A 1034 26.46 -34.26 44.01
CA GLN A 1034 27.47 -33.30 44.41
C GLN A 1034 28.36 -32.98 43.21
N SER A 1035 28.48 -31.71 42.87
CA SER A 1035 29.18 -31.30 41.66
C SER A 1035 30.63 -30.93 41.91
N LYS A 1036 31.48 -31.25 40.93
CA LYS A 1036 32.89 -30.86 40.96
C LYS A 1036 33.16 -29.70 39.99
N ARG A 1037 32.11 -29.18 39.38
CA ARG A 1037 32.26 -28.09 38.42
C ARG A 1037 32.34 -26.77 39.14
N VAL A 1038 33.44 -26.06 38.93
CA VAL A 1038 33.69 -24.82 39.66
C VAL A 1038 32.66 -23.75 39.34
N ASP A 1039 32.09 -23.16 40.37
CA ASP A 1039 31.10 -22.09 40.27
C ASP A 1039 29.81 -22.51 39.59
N PHE A 1040 29.60 -23.80 39.44
CA PHE A 1040 28.34 -24.27 38.87
C PHE A 1040 27.22 -24.30 39.90
N CYS A 1041 27.56 -24.67 41.15
CA CYS A 1041 26.59 -24.81 42.24
C CYS A 1041 26.98 -23.89 43.40
N GLY A 1042 27.23 -22.62 43.11
CA GLY A 1042 27.59 -21.65 44.14
C GLY A 1042 29.10 -21.45 44.25
N LYS A 1043 29.49 -20.42 45.01
CA LYS A 1043 30.91 -20.12 45.21
C LYS A 1043 31.46 -20.89 46.41
N GLY A 1044 32.60 -21.55 46.20
CA GLY A 1044 33.19 -22.40 47.23
C GLY A 1044 33.09 -23.85 46.78
N TYR A 1045 33.42 -24.77 47.68
CA TYR A 1045 33.37 -26.17 47.33
C TYR A 1045 31.99 -26.73 47.61
N HIS A 1046 31.30 -27.17 46.56
CA HIS A 1046 29.91 -27.58 46.69
C HIS A 1046 29.73 -28.76 47.61
N LEU A 1047 28.80 -28.64 48.54
CA LEU A 1047 28.40 -29.74 49.40
C LEU A 1047 27.06 -30.30 48.95
N MET A 1048 26.05 -29.44 48.92
CA MET A 1048 24.71 -29.85 48.54
C MET A 1048 23.84 -28.64 48.21
N SER A 1049 22.71 -28.89 47.57
CA SER A 1049 21.78 -27.81 47.25
C SER A 1049 20.34 -28.20 47.51
N PHE A 1050 19.50 -27.19 47.74
CA PHE A 1050 18.08 -27.39 47.97
C PHE A 1050 17.26 -26.50 47.04
N PRO A 1051 16.29 -27.05 46.32
CA PRO A 1051 15.35 -26.36 45.47
C PRO A 1051 14.22 -25.72 46.27
N GLN A 1052 13.75 -24.57 45.80
CA GLN A 1052 12.54 -23.93 46.28
C GLN A 1052 11.74 -23.41 45.09
N SER A 1053 10.43 -23.56 45.11
CA SER A 1053 9.63 -23.08 43.99
C SER A 1053 9.47 -21.57 44.04
N ALA A 1054 9.25 -20.98 42.88
CA ALA A 1054 8.99 -19.55 42.76
C ALA A 1054 8.07 -19.31 41.57
N PRO A 1055 7.38 -18.18 41.51
CA PRO A 1055 6.54 -17.76 40.40
C PRO A 1055 7.30 -17.79 39.08
N HIS A 1056 6.90 -18.70 38.19
CA HIS A 1056 7.51 -18.83 36.87
C HIS A 1056 9.00 -19.17 36.91
N GLY A 1057 9.47 -19.72 38.02
CA GLY A 1057 10.88 -20.05 38.11
C GLY A 1057 11.23 -20.92 39.29
N VAL A 1058 12.53 -21.11 39.48
CA VAL A 1058 13.05 -21.95 40.55
C VAL A 1058 14.17 -21.22 41.29
N VAL A 1059 14.24 -21.45 42.59
CA VAL A 1059 15.32 -20.88 43.38
C VAL A 1059 16.16 -21.98 44.01
N PHE A 1060 17.47 -21.91 43.82
CA PHE A 1060 18.36 -22.89 44.40
C PHE A 1060 19.13 -22.30 45.57
N LEU A 1061 19.16 -23.04 46.67
CA LEU A 1061 20.01 -22.68 47.80
C LEU A 1061 21.23 -23.57 47.84
N HIS A 1062 22.38 -23.00 47.54
CA HIS A 1062 23.61 -23.76 47.42
C HIS A 1062 24.42 -23.69 48.70
N VAL A 1063 24.76 -24.86 49.24
CA VAL A 1063 25.55 -24.94 50.46
C VAL A 1063 26.98 -25.30 50.09
N THR A 1064 27.92 -24.43 50.42
CA THR A 1064 29.31 -24.65 50.05
C THR A 1064 30.25 -24.57 51.24
N TYR A 1065 31.40 -25.20 51.09
CA TYR A 1065 32.47 -25.16 52.08
C TYR A 1065 33.50 -24.12 51.67
N VAL A 1066 33.74 -23.15 52.54
CA VAL A 1066 34.71 -22.10 52.26
C VAL A 1066 35.82 -22.07 53.32
N PRO A 1067 37.07 -22.31 52.92
CA PRO A 1067 38.26 -22.28 53.75
C PRO A 1067 38.42 -20.93 54.45
N ALA A 1068 38.91 -20.96 55.68
CA ALA A 1068 39.09 -19.74 56.46
C ALA A 1068 40.33 -19.81 57.35
N GLN A 1069 40.86 -18.65 57.70
CA GLN A 1069 41.94 -18.53 58.68
C GLN A 1069 43.15 -19.37 58.29
N GLU A 1070 43.75 -19.07 57.14
CA GLU A 1070 44.92 -19.78 56.69
C GLU A 1070 46.17 -19.35 57.46
N LYS A 1071 47.17 -20.24 57.51
CA LYS A 1071 48.45 -19.93 58.13
C LYS A 1071 49.60 -20.24 57.18
N ASN A 1072 50.72 -19.53 57.34
CA ASN A 1072 51.92 -19.74 56.54
C ASN A 1072 52.78 -20.87 57.12
N PHE A 1073 53.11 -21.85 56.28
CA PHE A 1073 54.01 -22.94 56.64
C PHE A 1073 55.12 -23.08 55.62
N THR A 1074 56.28 -23.59 56.06
CA THR A 1074 57.35 -23.92 55.14
C THR A 1074 57.09 -25.29 54.55
N THR A 1075 57.33 -25.44 53.25
CA THR A 1075 57.02 -26.70 52.60
C THR A 1075 58.19 -27.26 51.82
N ALA A 1076 58.05 -28.51 51.40
CA ALA A 1076 59.02 -29.20 50.56
C ALA A 1076 58.29 -30.25 49.74
N PRO A 1077 58.75 -30.50 48.51
CA PRO A 1077 58.21 -31.46 47.57
C PRO A 1077 58.45 -32.91 47.99
N ALA A 1078 59.46 -33.13 48.81
CA ALA A 1078 59.80 -34.48 49.24
C ALA A 1078 60.67 -34.48 50.50
N ILE A 1079 60.68 -35.60 51.20
CA ILE A 1079 61.56 -35.80 52.34
C ILE A 1079 62.60 -36.88 52.03
N CYS A 1080 63.85 -36.58 52.33
CA CYS A 1080 64.95 -37.53 52.13
C CYS A 1080 65.26 -38.27 53.43
N HIS A 1081 65.23 -39.59 53.35
CA HIS A 1081 65.52 -40.43 54.51
C HIS A 1081 66.09 -41.77 54.09
N ASP A 1082 67.21 -42.15 54.70
CA ASP A 1082 67.91 -43.38 54.35
C ASP A 1082 68.27 -43.41 52.87
N GLY A 1083 68.51 -42.23 52.30
CA GLY A 1083 68.95 -42.11 50.91
C GLY A 1083 67.79 -42.22 49.91
N LYS A 1084 66.57 -42.32 50.43
CA LYS A 1084 65.41 -42.48 49.57
C LYS A 1084 64.52 -41.24 49.59
N ALA A 1085 63.82 -41.01 48.48
CA ALA A 1085 62.89 -39.89 48.39
C ALA A 1085 61.46 -40.30 48.74
N HIS A 1086 60.91 -39.68 49.79
CA HIS A 1086 59.56 -39.97 50.25
C HIS A 1086 58.58 -38.87 49.84
N PHE A 1087 57.47 -39.27 49.26
CA PHE A 1087 56.44 -38.33 48.84
C PHE A 1087 55.16 -38.58 49.65
N PRO A 1088 54.32 -37.57 49.88
CA PRO A 1088 53.03 -37.67 50.54
C PRO A 1088 52.08 -38.55 49.74
N ARG A 1089 51.33 -39.39 50.41
CA ARG A 1089 50.33 -40.19 49.72
C ARG A 1089 49.07 -39.39 49.42
N GLU A 1090 48.69 -38.51 50.35
CA GLU A 1090 47.44 -37.77 50.22
C GLU A 1090 47.61 -36.28 50.44
N GLY A 1091 48.49 -35.91 51.36
CA GLY A 1091 48.60 -34.52 51.80
C GLY A 1091 49.85 -33.82 51.29
N VAL A 1092 50.32 -32.86 52.09
CA VAL A 1092 51.48 -32.05 51.75
C VAL A 1092 52.42 -31.93 52.96
N PHE A 1093 53.73 -31.88 52.71
CA PHE A 1093 54.69 -31.72 53.79
C PHE A 1093 54.81 -30.28 54.23
N VAL A 1094 54.71 -30.06 55.53
CA VAL A 1094 54.84 -28.72 56.09
C VAL A 1094 55.74 -28.68 57.31
N SER A 1095 56.29 -27.51 57.59
CA SER A 1095 57.10 -27.32 58.78
C SER A 1095 56.63 -26.10 59.58
N ASN A 1096 56.59 -26.25 60.91
CA ASN A 1096 56.23 -25.16 61.81
C ASN A 1096 57.47 -24.38 62.27
N GLY A 1097 58.61 -24.65 61.65
CA GLY A 1097 59.87 -23.96 61.93
C GLY A 1097 60.89 -24.89 62.57
N THR A 1098 60.42 -25.95 63.22
CA THR A 1098 61.34 -26.89 63.86
C THR A 1098 61.06 -28.34 63.48
N HIS A 1099 59.80 -28.67 63.21
CA HIS A 1099 59.43 -30.05 62.91
C HIS A 1099 58.62 -30.17 61.64
N TRP A 1100 58.84 -31.27 60.92
CA TRP A 1100 58.10 -31.56 59.70
C TRP A 1100 56.92 -32.48 59.95
N PHE A 1101 55.79 -32.16 59.30
CA PHE A 1101 54.56 -32.93 59.39
C PHE A 1101 53.94 -33.12 58.03
N VAL A 1102 53.04 -34.07 57.92
CA VAL A 1102 52.22 -34.19 56.73
C VAL A 1102 50.77 -33.89 57.07
N THR A 1103 50.12 -33.07 56.24
CA THR A 1103 48.75 -32.66 56.51
C THR A 1103 47.89 -32.73 55.26
N GLN A 1104 46.60 -32.97 55.46
CA GLN A 1104 45.63 -32.80 54.38
C GLN A 1104 45.65 -31.36 53.92
N ARG A 1105 45.31 -31.14 52.65
CA ARG A 1105 45.57 -29.85 51.99
C ARG A 1105 44.58 -28.75 52.33
N ASN A 1106 43.33 -29.10 52.58
CA ASN A 1106 42.29 -28.10 52.73
C ASN A 1106 41.94 -27.84 54.18
N PHE A 1107 42.70 -28.43 55.10
CA PHE A 1107 42.46 -28.26 56.51
C PHE A 1107 43.68 -28.65 57.31
N TYR A 1108 44.23 -27.72 58.07
CA TYR A 1108 45.47 -27.98 58.79
C TYR A 1108 45.27 -28.99 59.90
N GLU A 1109 45.93 -30.12 59.76
CA GLU A 1109 45.83 -31.20 60.71
C GLU A 1109 47.11 -32.04 60.66
N PRO A 1110 48.19 -31.56 61.26
CA PRO A 1110 49.54 -32.05 61.13
C PRO A 1110 49.69 -33.41 61.77
N GLN A 1111 50.33 -34.33 61.05
CA GLN A 1111 50.59 -35.65 61.56
C GLN A 1111 52.06 -36.01 61.38
N ILE A 1112 52.55 -36.91 62.21
CA ILE A 1112 53.93 -37.39 62.10
C ILE A 1112 54.13 -38.09 60.77
N ILE A 1113 55.26 -37.81 60.13
CA ILE A 1113 55.58 -38.43 58.85
C ILE A 1113 56.05 -39.86 59.06
N THR A 1114 55.33 -40.80 58.48
CA THR A 1114 55.60 -42.22 58.66
C THR A 1114 55.57 -42.93 57.33
N THR A 1115 55.93 -44.21 57.35
CA THR A 1115 55.91 -45.03 56.15
C THR A 1115 54.48 -45.38 55.74
N ASP A 1116 53.51 -45.03 56.58
CA ASP A 1116 52.11 -45.31 56.30
C ASP A 1116 51.41 -44.16 55.59
N ASN A 1117 52.07 -43.01 55.49
CA ASN A 1117 51.45 -41.85 54.87
C ASN A 1117 52.35 -41.23 53.80
N THR A 1118 53.41 -41.94 53.45
CA THR A 1118 54.28 -41.56 52.34
C THR A 1118 54.55 -42.74 51.44
N PHE A 1119 55.12 -42.49 50.28
CA PHE A 1119 55.60 -43.56 49.43
C PHE A 1119 56.97 -43.21 48.87
N VAL A 1120 57.75 -44.24 48.56
CA VAL A 1120 59.13 -44.02 48.13
C VAL A 1120 59.31 -44.18 46.64
N SER A 1121 60.00 -43.24 46.03
CA SER A 1121 60.35 -43.36 44.63
C SER A 1121 61.73 -42.79 44.33
N GLY A 1122 62.69 -43.67 44.09
CA GLY A 1122 64.03 -43.28 43.70
C GLY A 1122 64.84 -42.71 44.86
N ASN A 1123 65.99 -42.14 44.52
CA ASN A 1123 66.92 -41.58 45.49
C ASN A 1123 66.70 -40.07 45.64
N CYS A 1124 67.55 -39.41 46.44
CA CYS A 1124 67.39 -38.01 46.80
C CYS A 1124 68.17 -37.08 45.87
N ASP A 1125 68.69 -37.63 44.78
CA ASP A 1125 69.55 -36.85 43.89
C ASP A 1125 68.79 -36.16 42.77
N VAL A 1126 67.49 -36.39 42.69
CA VAL A 1126 66.70 -35.89 41.57
C VAL A 1126 65.79 -34.72 41.93
N VAL A 1127 65.13 -34.82 43.08
CA VAL A 1127 64.09 -33.85 43.43
C VAL A 1127 64.67 -32.53 43.89
N ILE A 1128 64.23 -31.46 43.27
CA ILE A 1128 64.70 -30.12 43.61
C ILE A 1128 63.95 -29.59 44.81
N GLY A 1129 64.69 -29.26 45.86
CA GLY A 1129 64.08 -28.72 47.07
C GLY A 1129 63.82 -29.78 48.12
N ILE A 1130 64.27 -31.00 47.88
CA ILE A 1130 64.11 -32.08 48.84
C ILE A 1130 64.86 -31.77 50.13
N VAL A 1131 64.23 -32.06 51.28
CA VAL A 1131 64.85 -31.75 52.57
C VAL A 1131 65.05 -33.02 53.39
N ASN A 1132 65.96 -32.96 54.37
CA ASN A 1132 66.27 -34.09 55.23
C ASN A 1132 65.35 -34.13 56.47
N ASN A 1133 64.75 -35.29 56.72
CA ASN A 1133 63.96 -35.52 57.92
C ASN A 1133 63.82 -37.01 58.20
N THR A 1134 63.51 -37.35 59.44
CA THR A 1134 63.22 -38.73 59.78
C THR A 1134 61.85 -39.16 59.27
N VAL A 1135 61.78 -40.39 58.76
CA VAL A 1135 60.51 -41.01 58.42
C VAL A 1135 60.28 -42.22 59.32
N TYR A 1136 59.22 -42.17 60.12
CA TYR A 1136 59.00 -43.15 61.16
C TYR A 1136 58.33 -44.43 60.65
N ASP A 1137 58.90 -45.57 61.06
CA ASP A 1137 58.32 -46.87 60.74
C ASP A 1137 57.70 -47.48 62.00
N PRO A 1138 56.36 -47.58 62.05
CA PRO A 1138 55.54 -48.05 63.16
C PRO A 1138 55.99 -49.40 63.70
N LEU A 1139 56.67 -50.19 62.88
CA LEU A 1139 57.10 -51.52 63.29
C LEU A 1139 58.37 -51.46 64.13
N GLN A 1140 59.09 -50.35 64.04
CA GLN A 1140 60.38 -50.22 64.71
C GLN A 1140 60.31 -50.54 66.21
N PRO A 1141 59.49 -49.83 67.03
CA PRO A 1141 59.37 -50.02 68.47
C PRO A 1141 58.74 -51.35 68.84
N GLU A 1142 57.97 -51.92 67.91
CA GLU A 1142 57.36 -53.23 68.12
C GLU A 1142 58.42 -54.32 68.06
N LEU A 1143 59.39 -54.17 67.16
CA LEU A 1143 60.50 -55.10 66.98
C LEU A 1143 61.83 -54.40 67.25
N ILE B 1 -24.07 -6.80 -61.81
CA ILE B 1 -25.43 -6.95 -61.29
C ILE B 1 -26.43 -6.16 -62.13
N VAL B 2 -27.68 -6.64 -62.17
CA VAL B 2 -28.78 -5.95 -62.82
C VAL B 2 -29.93 -5.74 -61.86
N MET B 3 -30.42 -4.50 -61.78
CA MET B 3 -31.56 -4.17 -60.93
C MET B 3 -32.79 -3.91 -61.79
N MET B 4 -33.83 -4.74 -61.58
CA MET B 4 -35.05 -4.65 -62.44
C MET B 4 -36.28 -4.28 -61.60
N GLN B 5 -36.88 -3.13 -61.87
CA GLN B 5 -38.07 -2.69 -61.14
C GLN B 5 -39.34 -3.05 -61.90
N SER B 6 -40.44 -3.20 -61.17
CA SER B 6 -41.71 -3.56 -61.77
C SER B 6 -42.89 -3.15 -60.88
N PRO B 7 -43.99 -2.73 -61.50
CA PRO B 7 -44.24 -2.52 -62.92
C PRO B 7 -43.56 -1.25 -63.42
N GLY B 8 -43.32 -1.17 -64.72
CA GLY B 8 -42.75 0.03 -65.30
C GLY B 8 -43.60 1.25 -65.01
N THR B 9 -44.92 1.07 -65.04
CA THR B 9 -45.86 2.13 -64.71
C THR B 9 -46.99 1.62 -63.82
N LEU B 10 -47.30 2.37 -62.78
CA LEU B 10 -48.39 2.05 -61.89
C LEU B 10 -49.43 3.17 -61.87
N SER B 11 -50.69 2.81 -61.95
CA SER B 11 -51.77 3.81 -61.94
C SER B 11 -52.81 3.49 -60.89
N LEU B 12 -53.05 4.44 -60.00
CA LEU B 12 -54.02 4.28 -58.93
C LEU B 12 -54.48 5.64 -58.42
N SER B 13 -55.54 5.65 -57.61
CA SER B 13 -56.08 6.90 -57.10
C SER B 13 -55.33 7.37 -55.86
N PRO B 14 -55.42 8.66 -55.54
CA PRO B 14 -55.08 9.26 -54.27
C PRO B 14 -55.87 8.60 -53.15
N GLY B 15 -55.21 8.40 -52.02
CA GLY B 15 -55.86 7.76 -50.87
C GLY B 15 -55.73 6.25 -50.91
N GLU B 16 -55.20 5.72 -52.00
CA GLU B 16 -55.02 4.28 -52.16
C GLU B 16 -53.57 3.87 -51.88
N ARG B 17 -53.37 2.58 -51.65
CA ARG B 17 -52.02 2.05 -51.38
C ARG B 17 -51.32 1.61 -52.66
N ALA B 18 -50.01 1.83 -52.71
CA ALA B 18 -49.20 1.37 -53.83
C ALA B 18 -48.03 0.52 -53.37
N THR B 19 -47.67 -0.48 -54.17
CA THR B 19 -46.47 -1.26 -53.92
C THR B 19 -45.61 -1.34 -55.16
N LEU B 20 -44.32 -1.04 -55.00
CA LEU B 20 -43.35 -1.16 -56.08
C LEU B 20 -42.33 -2.23 -55.75
N SER B 21 -41.90 -2.97 -56.76
CA SER B 21 -40.94 -4.05 -56.54
C SER B 21 -39.62 -3.77 -57.25
N CYS B 22 -38.54 -4.33 -56.69
CA CYS B 22 -37.22 -4.34 -57.31
C CYS B 22 -36.54 -5.69 -57.11
N ARG B 23 -36.11 -6.29 -58.21
CA ARG B 23 -35.46 -7.60 -58.16
C ARG B 23 -34.01 -7.51 -58.58
N ALA B 24 -33.17 -8.28 -57.90
CA ALA B 24 -31.75 -8.31 -58.23
C ALA B 24 -31.38 -9.61 -58.93
N SER B 25 -30.45 -9.53 -59.86
CA SER B 25 -29.92 -10.71 -60.55
C SER B 25 -29.09 -11.57 -59.61
N GLN B 26 -28.72 -11.02 -58.47
CA GLN B 26 -27.94 -11.74 -57.47
C GLN B 26 -28.28 -11.22 -56.08
N SER B 27 -27.92 -11.97 -55.05
CA SER B 27 -28.25 -11.58 -53.69
C SER B 27 -27.63 -10.23 -53.32
N VAL B 28 -28.41 -9.40 -52.66
CA VAL B 28 -27.97 -8.10 -52.19
C VAL B 28 -28.22 -7.95 -50.70
N SER B 29 -27.20 -7.52 -49.97
CA SER B 29 -27.36 -7.29 -48.54
C SER B 29 -28.41 -6.21 -48.32
N SER B 30 -29.21 -6.37 -47.28
CA SER B 30 -30.27 -5.41 -47.01
C SER B 30 -29.70 -4.03 -46.73
N SER B 31 -28.49 -4.01 -46.19
CA SER B 31 -27.81 -2.76 -45.85
C SER B 31 -27.41 -1.96 -47.09
N TYR B 32 -27.43 -2.60 -48.25
CA TYR B 32 -26.97 -1.97 -49.48
C TYR B 32 -28.10 -1.64 -50.44
N LEU B 33 -29.35 -1.73 -49.98
CA LEU B 33 -30.49 -1.45 -50.84
C LEU B 33 -31.18 -0.13 -50.45
N ALA B 34 -31.33 0.78 -51.41
CA ALA B 34 -31.95 2.07 -51.14
C ALA B 34 -33.01 2.43 -52.19
N TRP B 35 -33.94 3.30 -51.81
CA TRP B 35 -34.96 3.81 -52.72
C TRP B 35 -34.91 5.34 -52.81
N TYR B 36 -35.09 5.85 -54.03
CA TYR B 36 -35.14 7.29 -54.26
C TYR B 36 -36.44 7.71 -54.94
N GLN B 37 -36.86 8.94 -54.69
CA GLN B 37 -38.04 9.51 -55.33
C GLN B 37 -37.67 10.74 -56.13
N GLN B 38 -37.98 10.75 -57.42
CA GLN B 38 -37.68 11.89 -58.26
C GLN B 38 -38.93 12.52 -58.85
N LYS B 39 -39.21 13.75 -58.46
CA LYS B 39 -40.33 14.50 -59.01
C LYS B 39 -39.87 15.16 -60.31
N PRO B 40 -40.81 15.47 -61.22
CA PRO B 40 -40.58 16.16 -62.47
C PRO B 40 -39.82 17.47 -62.26
N GLY B 41 -38.70 17.61 -62.96
CA GLY B 41 -37.93 18.85 -62.92
C GLY B 41 -37.06 18.99 -61.68
N GLN B 42 -36.94 17.91 -60.90
CA GLN B 42 -36.17 17.96 -59.66
C GLN B 42 -35.12 16.85 -59.58
N ALA B 43 -34.07 17.09 -58.80
CA ALA B 43 -33.11 16.04 -58.47
C ALA B 43 -33.79 14.98 -57.62
N PRO B 44 -33.30 13.72 -57.68
CA PRO B 44 -33.72 12.60 -56.85
C PRO B 44 -33.50 12.90 -55.37
N ARG B 45 -34.36 12.35 -54.52
CA ARG B 45 -34.14 12.42 -53.08
C ARG B 45 -34.27 11.04 -52.46
N LEU B 46 -33.53 10.81 -51.38
CA LEU B 46 -33.54 9.53 -50.69
C LEU B 46 -34.81 9.36 -49.86
N LEU B 47 -35.43 8.19 -49.98
CA LEU B 47 -36.57 7.84 -49.14
C LEU B 47 -36.23 6.75 -48.16
N ILE B 48 -35.65 5.67 -48.68
CA ILE B 48 -35.33 4.51 -47.87
C ILE B 48 -33.88 4.09 -48.07
N TYR B 49 -33.23 3.70 -46.98
CA TYR B 49 -31.91 3.12 -47.06
C TYR B 49 -31.82 1.91 -46.15
N GLY B 50 -30.92 1.01 -46.44
CA GLY B 50 -30.78 -0.18 -45.61
C GLY B 50 -32.01 -1.06 -45.72
N ALA B 51 -32.66 -1.02 -46.89
CA ALA B 51 -33.88 -1.76 -47.19
C ALA B 51 -35.11 -1.20 -46.49
N SER B 52 -35.00 -0.90 -45.19
CA SER B 52 -36.19 -0.58 -44.40
C SER B 52 -36.15 0.76 -43.66
N SER B 53 -34.99 1.41 -43.60
CA SER B 53 -34.87 2.63 -42.80
C SER B 53 -35.26 3.88 -43.58
N ARG B 54 -36.12 4.70 -43.00
CA ARG B 54 -36.51 5.95 -43.62
C ARG B 54 -35.43 7.02 -43.51
N ALA B 55 -35.28 7.81 -44.56
CA ALA B 55 -34.38 8.95 -44.55
C ALA B 55 -34.98 10.08 -43.73
N THR B 56 -34.14 10.96 -43.22
CA THR B 56 -34.59 12.08 -42.41
C THR B 56 -35.58 12.95 -43.18
N GLY B 57 -36.72 13.23 -42.56
CA GLY B 57 -37.72 14.12 -43.16
C GLY B 57 -38.78 13.36 -43.96
N ILE B 58 -38.62 12.05 -44.06
CA ILE B 58 -39.57 11.23 -44.81
C ILE B 58 -40.73 10.77 -43.92
N PRO B 59 -41.97 11.02 -44.33
CA PRO B 59 -43.22 10.63 -43.69
C PRO B 59 -43.29 9.13 -43.47
N ASP B 60 -44.01 8.73 -42.42
CA ASP B 60 -44.15 7.32 -42.08
C ASP B 60 -45.14 6.62 -43.00
N ARG B 61 -45.60 7.34 -44.01
CA ARG B 61 -46.44 6.78 -45.05
C ARG B 61 -45.61 5.90 -45.98
N PHE B 62 -44.29 6.04 -45.89
CA PHE B 62 -43.38 5.24 -46.69
C PHE B 62 -42.71 4.16 -45.86
N SER B 63 -42.58 2.98 -46.43
CA SER B 63 -41.87 1.89 -45.77
C SER B 63 -41.25 0.95 -46.79
N GLY B 64 -40.26 0.18 -46.37
CA GLY B 64 -39.62 -0.77 -47.27
C GLY B 64 -39.29 -2.07 -46.56
N SER B 65 -39.07 -3.11 -47.34
CA SER B 65 -38.69 -4.41 -46.80
C SER B 65 -38.10 -5.29 -47.88
N GLY B 66 -37.52 -6.41 -47.47
CA GLY B 66 -37.02 -7.39 -48.43
C GLY B 66 -35.65 -7.92 -48.04
N SER B 67 -35.19 -8.90 -48.80
CA SER B 67 -33.90 -9.53 -48.58
C SER B 67 -33.49 -10.30 -49.81
N GLY B 68 -32.24 -10.72 -49.87
CA GLY B 68 -31.80 -11.55 -50.97
C GLY B 68 -31.94 -10.83 -52.30
N THR B 69 -32.83 -11.32 -53.15
CA THR B 69 -33.02 -10.75 -54.47
C THR B 69 -34.34 -10.01 -54.64
N ASP B 70 -35.13 -9.92 -53.57
CA ASP B 70 -36.46 -9.36 -53.69
C ASP B 70 -36.75 -8.27 -52.66
N PHE B 71 -36.94 -7.05 -53.15
CA PHE B 71 -37.21 -5.91 -52.29
C PHE B 71 -38.44 -5.14 -52.75
N THR B 72 -39.14 -4.52 -51.81
CA THR B 72 -40.32 -3.73 -52.15
C THR B 72 -40.35 -2.37 -51.45
N LEU B 73 -41.06 -1.43 -52.06
CA LEU B 73 -41.35 -0.14 -51.47
C LEU B 73 -42.85 0.08 -51.37
N THR B 74 -43.35 0.40 -50.19
CA THR B 74 -44.78 0.56 -49.98
C THR B 74 -45.15 2.00 -49.62
N ILE B 75 -46.19 2.50 -50.26
CA ILE B 75 -46.78 3.77 -49.89
C ILE B 75 -48.19 3.54 -49.37
N SER B 76 -48.39 3.79 -48.08
CA SER B 76 -49.64 3.40 -47.43
C SER B 76 -50.85 4.08 -48.04
N ARG B 77 -50.82 5.41 -48.11
CA ARG B 77 -51.89 6.18 -48.72
C ARG B 77 -51.29 7.30 -49.56
N LEU B 78 -51.56 7.29 -50.84
CA LEU B 78 -50.90 8.23 -51.75
C LEU B 78 -51.48 9.63 -51.67
N GLU B 79 -50.58 10.61 -51.72
CA GLU B 79 -50.93 12.00 -51.90
C GLU B 79 -50.64 12.40 -53.34
N PRO B 80 -51.20 13.52 -53.81
CA PRO B 80 -50.95 14.13 -55.11
C PRO B 80 -49.45 14.31 -55.38
N GLU B 81 -48.67 14.42 -54.31
CA GLU B 81 -47.23 14.64 -54.42
C GLU B 81 -46.43 13.35 -54.54
N ASP B 82 -47.10 12.22 -54.42
CA ASP B 82 -46.40 10.93 -54.43
C ASP B 82 -46.38 10.30 -55.81
N PHE B 83 -46.99 10.97 -56.78
CA PHE B 83 -47.06 10.43 -58.13
C PHE B 83 -45.81 10.82 -58.91
N ALA B 84 -44.71 10.17 -58.56
CA ALA B 84 -43.40 10.49 -59.11
C ALA B 84 -42.71 9.21 -59.58
N VAL B 85 -41.46 9.34 -60.01
CA VAL B 85 -40.68 8.19 -60.44
C VAL B 85 -39.80 7.69 -59.31
N TYR B 86 -39.88 6.40 -59.04
CA TYR B 86 -39.12 5.81 -57.95
C TYR B 86 -38.00 4.92 -58.49
N TYR B 87 -36.85 4.97 -57.84
CA TYR B 87 -35.71 4.16 -58.23
C TYR B 87 -35.22 3.32 -57.08
N CYS B 88 -34.72 2.12 -57.38
CA CYS B 88 -33.97 1.33 -56.41
C CYS B 88 -32.49 1.41 -56.73
N GLN B 89 -31.67 1.38 -55.70
CA GLN B 89 -30.23 1.47 -55.88
C GLN B 89 -29.52 0.43 -55.03
N GLN B 90 -28.48 -0.15 -55.60
CA GLN B 90 -27.71 -1.17 -54.92
C GLN B 90 -26.23 -0.83 -54.89
N TYR B 91 -25.57 -1.18 -53.80
CA TYR B 91 -24.12 -1.09 -53.74
C TYR B 91 -23.48 -2.47 -53.68
N GLY B 92 -22.36 -2.61 -54.36
CA GLY B 92 -21.52 -3.79 -54.21
C GLY B 92 -20.35 -3.73 -55.17
N SER B 93 -19.32 -4.51 -54.89
CA SER B 93 -18.14 -4.58 -55.75
C SER B 93 -17.63 -3.18 -56.10
N SER B 94 -17.59 -2.30 -55.11
CA SER B 94 -17.10 -0.94 -55.26
C SER B 94 -17.78 -0.19 -56.39
N ALA B 95 -19.09 -0.41 -56.56
CA ALA B 95 -19.86 0.29 -57.57
C ALA B 95 -21.28 0.54 -57.11
N TRP B 96 -21.89 1.59 -57.66
CA TRP B 96 -23.27 1.94 -57.34
C TRP B 96 -24.15 1.82 -58.59
N THR B 97 -25.23 1.05 -58.47
CA THR B 97 -26.10 0.75 -59.61
C THR B 97 -27.55 1.10 -59.33
N PHE B 98 -28.20 1.72 -60.31
CA PHE B 98 -29.62 2.08 -60.18
C PHE B 98 -30.49 1.21 -61.10
N GLY B 99 -31.74 1.02 -60.70
CA GLY B 99 -32.73 0.36 -61.55
C GLY B 99 -33.23 1.33 -62.61
N GLN B 100 -34.10 0.86 -63.49
CA GLN B 100 -34.59 1.69 -64.58
C GLN B 100 -35.62 2.70 -64.11
N GLY B 101 -36.20 2.45 -62.95
CA GLY B 101 -37.19 3.35 -62.36
C GLY B 101 -38.61 2.97 -62.77
N THR B 102 -39.56 3.32 -61.92
CA THR B 102 -40.98 3.11 -62.22
C THR B 102 -41.78 4.37 -61.95
N LYS B 103 -42.78 4.63 -62.79
CA LYS B 103 -43.59 5.83 -62.65
C LYS B 103 -44.93 5.53 -61.98
N VAL B 104 -45.27 6.29 -60.94
CA VAL B 104 -46.54 6.17 -60.25
C VAL B 104 -47.46 7.34 -60.61
N VAL C 1 -27.72 21.04 -44.74
CA VAL C 1 -26.89 20.60 -45.86
C VAL C 1 -27.45 21.14 -47.18
N GLN C 2 -26.59 21.78 -47.96
CA GLN C 2 -26.93 22.29 -49.29
C GLN C 2 -25.86 21.96 -50.30
N LEU C 3 -26.28 21.66 -51.53
CA LEU C 3 -25.36 21.46 -52.63
C LEU C 3 -25.79 22.30 -53.83
N VAL C 4 -24.93 23.22 -54.25
CA VAL C 4 -25.26 24.14 -55.32
C VAL C 4 -24.34 23.96 -56.52
N GLN C 5 -24.93 23.66 -57.67
CA GLN C 5 -24.17 23.37 -58.88
C GLN C 5 -24.21 24.53 -59.86
N SER C 6 -23.27 24.50 -60.81
CA SER C 6 -23.19 25.52 -61.86
C SER C 6 -24.34 25.40 -62.85
N GLY C 7 -24.49 26.41 -63.69
CA GLY C 7 -25.59 26.45 -64.66
C GLY C 7 -25.32 25.60 -65.88
N ALA C 8 -26.31 25.50 -66.76
CA ALA C 8 -26.22 24.65 -67.95
C ALA C 8 -25.15 25.11 -68.92
N GLU C 9 -24.56 24.15 -69.62
CA GLU C 9 -23.50 24.42 -70.60
C GLU C 9 -23.82 23.79 -71.94
N VAL C 10 -23.34 24.41 -73.01
CA VAL C 10 -23.47 23.83 -74.35
C VAL C 10 -22.11 23.69 -75.02
N LYS C 11 -21.78 22.48 -75.43
CA LYS C 11 -20.47 22.18 -76.00
C LYS C 11 -20.59 21.47 -77.34
N LYS C 12 -19.50 21.44 -78.08
CA LYS C 12 -19.44 20.68 -79.32
C LYS C 12 -18.60 19.42 -79.11
N PRO C 13 -18.84 18.36 -79.89
CA PRO C 13 -18.13 17.10 -79.86
C PRO C 13 -16.63 17.32 -79.92
N GLY C 14 -15.90 16.62 -79.06
CA GLY C 14 -14.45 16.73 -78.97
C GLY C 14 -14.03 17.71 -77.87
N ALA C 15 -14.98 18.51 -77.39
CA ALA C 15 -14.72 19.51 -76.36
C ALA C 15 -14.73 18.86 -74.97
N SER C 16 -14.57 19.70 -73.95
CA SER C 16 -14.62 19.25 -72.57
C SER C 16 -15.47 20.18 -71.73
N VAL C 17 -16.10 19.64 -70.69
CA VAL C 17 -16.95 20.44 -69.81
C VAL C 17 -16.57 20.23 -68.35
N LYS C 18 -16.64 21.29 -67.56
CA LYS C 18 -16.38 21.20 -66.14
C LYS C 18 -17.57 21.68 -65.32
N VAL C 19 -18.09 20.81 -64.47
CA VAL C 19 -19.23 21.14 -63.63
C VAL C 19 -18.82 21.22 -62.16
N SER C 20 -19.17 22.33 -61.53
CA SER C 20 -18.81 22.54 -60.12
C SER C 20 -19.98 22.19 -59.20
N CYS C 21 -19.65 21.95 -57.93
CA CYS C 21 -20.64 21.73 -56.87
C CYS C 21 -20.12 22.28 -55.54
N LYS C 22 -20.77 23.34 -55.06
CA LYS C 22 -20.38 23.96 -53.81
C LYS C 22 -21.18 23.38 -52.65
N ALA C 23 -20.48 22.95 -51.61
CA ALA C 23 -21.12 22.33 -50.46
C ALA C 23 -21.15 23.27 -49.28
N SER C 24 -22.19 23.16 -48.47
CA SER C 24 -22.27 23.90 -47.21
C SER C 24 -23.15 23.18 -46.20
N GLY C 25 -22.97 23.52 -44.92
CA GLY C 25 -23.83 23.00 -43.86
C GLY C 25 -23.23 21.75 -43.20
N TYR C 26 -22.05 21.34 -43.63
CA TYR C 26 -21.40 20.17 -43.05
C TYR C 26 -19.89 20.22 -43.23
N THR C 27 -19.19 19.35 -42.51
CA THR C 27 -17.76 19.23 -42.66
C THR C 27 -17.41 18.61 -44.00
N PHE C 28 -16.85 19.42 -44.88
CA PHE C 28 -16.64 19.06 -46.27
C PHE C 28 -15.84 17.78 -46.43
N THR C 29 -14.78 17.64 -45.64
CA THR C 29 -13.85 16.54 -45.81
C THR C 29 -14.33 15.26 -45.12
N GLY C 30 -15.50 15.32 -44.50
CA GLY C 30 -16.03 14.18 -43.79
C GLY C 30 -16.82 13.24 -44.71
N TYR C 31 -17.04 13.66 -45.94
CA TYR C 31 -17.87 12.89 -46.87
C TYR C 31 -17.25 12.76 -48.24
N TYR C 32 -17.64 11.70 -48.96
CA TYR C 32 -17.28 11.55 -50.37
C TYR C 32 -18.24 12.34 -51.24
N MET C 33 -17.74 12.87 -52.33
CA MET C 33 -18.60 13.51 -53.31
C MET C 33 -18.72 12.67 -54.56
N HIS C 34 -19.96 12.31 -54.90
CA HIS C 34 -20.23 11.47 -56.05
C HIS C 34 -20.88 12.27 -57.17
N TRP C 35 -20.65 11.82 -58.40
CA TRP C 35 -21.37 12.40 -59.53
C TRP C 35 -22.25 11.35 -60.21
N VAL C 36 -23.48 11.75 -60.52
CA VAL C 36 -24.46 10.87 -61.15
C VAL C 36 -25.07 11.54 -62.38
N ARG C 37 -25.10 10.81 -63.49
CA ARG C 37 -25.62 11.35 -64.74
C ARG C 37 -27.01 10.84 -65.07
N GLN C 38 -27.87 11.71 -65.56
CA GLN C 38 -29.19 11.32 -66.02
C GLN C 38 -29.49 11.82 -67.42
N ALA C 39 -29.30 10.97 -68.42
CA ALA C 39 -29.62 11.33 -69.80
C ALA C 39 -31.13 11.51 -69.93
N PRO C 40 -31.60 12.33 -70.87
CA PRO C 40 -33.00 12.62 -71.11
C PRO C 40 -33.81 11.35 -71.31
N GLY C 41 -34.83 11.17 -70.48
CA GLY C 41 -35.75 10.03 -70.61
C GLY C 41 -35.12 8.75 -70.05
N GLN C 42 -33.95 8.86 -69.46
CA GLN C 42 -33.24 7.68 -68.96
C GLN C 42 -33.16 7.66 -67.44
N GLY C 43 -32.55 6.61 -66.91
CA GLY C 43 -32.39 6.47 -65.46
C GLY C 43 -31.08 7.10 -65.00
N LEU C 44 -30.60 6.67 -63.86
CA LEU C 44 -29.43 7.29 -63.23
C LEU C 44 -28.19 6.42 -63.40
N GLU C 45 -27.07 7.04 -63.74
CA GLU C 45 -25.80 6.34 -63.87
C GLU C 45 -24.72 6.94 -62.98
N TRP C 46 -24.06 6.10 -62.20
CA TRP C 46 -22.98 6.55 -61.33
C TRP C 46 -21.67 6.70 -62.10
N MET C 47 -20.98 7.81 -61.89
CA MET C 47 -19.76 8.10 -62.64
C MET C 47 -18.49 7.84 -61.84
N GLY C 48 -18.53 8.16 -60.56
CA GLY C 48 -17.32 8.08 -59.72
C GLY C 48 -17.44 8.97 -58.48
N TRP C 49 -16.39 8.96 -57.67
CA TRP C 49 -16.33 9.79 -56.46
C TRP C 49 -14.95 10.37 -56.21
N ILE C 50 -14.92 11.46 -55.46
CA ILE C 50 -13.68 12.03 -54.95
C ILE C 50 -13.74 12.22 -53.44
N ASN C 51 -12.61 11.96 -52.78
CA ASN C 51 -12.46 12.19 -51.34
C ASN C 51 -11.57 13.40 -51.07
N PRO C 52 -12.16 14.55 -50.73
CA PRO C 52 -11.52 15.86 -50.56
C PRO C 52 -10.33 15.86 -49.61
N ILE C 53 -10.30 14.95 -48.63
CA ILE C 53 -9.20 14.94 -47.68
C ILE C 53 -7.92 14.42 -48.30
N SER C 54 -8.06 13.51 -49.26
CA SER C 54 -6.91 12.85 -49.86
C SER C 54 -6.77 13.16 -51.32
N SER C 55 -7.84 13.69 -51.92
CA SER C 55 -7.92 13.90 -53.36
C SER C 55 -7.92 12.59 -54.13
N GLY C 56 -8.17 11.49 -53.43
CA GLY C 56 -8.30 10.18 -54.06
C GLY C 56 -9.62 10.06 -54.78
N THR C 57 -9.62 9.31 -55.88
CA THR C 57 -10.84 9.12 -56.67
C THR C 57 -11.04 7.68 -57.07
N SER C 58 -12.25 7.39 -57.54
CA SER C 58 -12.56 6.14 -58.21
C SER C 58 -13.62 6.37 -59.26
N TYR C 59 -13.46 5.76 -60.43
CA TYR C 59 -14.36 6.01 -61.54
C TYR C 59 -15.02 4.75 -62.04
N ALA C 60 -16.25 4.88 -62.52
CA ALA C 60 -16.95 3.80 -63.19
C ALA C 60 -16.21 3.44 -64.47
N GLN C 61 -16.14 2.16 -64.78
CA GLN C 61 -15.40 1.70 -65.95
C GLN C 61 -15.78 2.47 -67.20
N THR C 62 -17.06 2.79 -67.32
CA THR C 62 -17.59 3.50 -68.48
C THR C 62 -16.79 4.75 -68.81
N PHE C 63 -16.37 5.49 -67.78
CA PHE C 63 -15.78 6.80 -67.99
C PHE C 63 -14.28 6.83 -67.72
N GLN C 64 -13.68 5.68 -67.45
CA GLN C 64 -12.26 5.66 -67.12
C GLN C 64 -11.42 6.16 -68.28
N GLY C 65 -10.61 7.18 -68.01
CA GLY C 65 -9.78 7.79 -69.03
C GLY C 65 -10.43 9.03 -69.62
N ARG C 66 -11.72 9.22 -69.36
CA ARG C 66 -12.44 10.37 -69.89
C ARG C 66 -12.77 11.39 -68.81
N VAL C 67 -13.06 10.91 -67.61
CA VAL C 67 -13.53 11.79 -66.55
C VAL C 67 -12.45 12.00 -65.48
N THR C 68 -12.30 13.25 -65.06
CA THR C 68 -11.41 13.60 -63.97
C THR C 68 -12.15 14.39 -62.90
N MET C 69 -11.95 14.02 -61.64
CA MET C 69 -12.59 14.74 -60.54
C MET C 69 -11.56 15.38 -59.64
N THR C 70 -11.83 16.62 -59.24
CA THR C 70 -10.96 17.36 -58.34
C THR C 70 -11.78 18.07 -57.27
N SER C 71 -11.11 18.61 -56.27
CA SER C 71 -11.79 19.37 -55.24
C SER C 71 -10.88 20.43 -54.65
N ASP C 72 -11.49 21.44 -54.05
CA ASP C 72 -10.77 22.50 -53.38
C ASP C 72 -11.40 22.81 -52.03
N THR C 73 -10.75 22.39 -50.95
CA THR C 73 -11.33 22.47 -49.62
C THR C 73 -11.45 23.90 -49.14
N SER C 74 -10.65 24.81 -49.71
CA SER C 74 -10.65 26.19 -49.25
C SER C 74 -11.95 26.90 -49.62
N ILE C 75 -12.67 26.33 -50.58
CA ILE C 75 -13.94 26.87 -51.00
C ILE C 75 -15.02 25.79 -50.97
N THR C 76 -14.73 24.71 -50.25
CA THR C 76 -15.61 23.55 -50.17
C THR C 76 -16.36 23.29 -51.48
N THR C 77 -15.60 23.13 -52.56
CA THR C 77 -16.20 22.89 -53.87
C THR C 77 -15.57 21.69 -54.58
N ALA C 78 -16.42 20.88 -55.19
CA ALA C 78 -15.97 19.75 -55.99
C ALA C 78 -16.19 20.02 -57.48
N TYR C 79 -15.32 19.46 -58.31
CA TYR C 79 -15.42 19.64 -59.75
C TYR C 79 -15.37 18.30 -60.49
N MET C 80 -16.12 18.22 -61.58
CA MET C 80 -16.03 17.07 -62.48
C MET C 80 -15.82 17.52 -63.92
N GLU C 81 -14.77 17.00 -64.54
CA GLU C 81 -14.45 17.37 -65.91
C GLU C 81 -14.49 16.16 -66.83
N LEU C 82 -15.28 16.28 -67.89
CA LEU C 82 -15.42 15.19 -68.86
C LEU C 82 -14.92 15.61 -70.23
N SER C 83 -13.92 14.88 -70.74
CA SER C 83 -13.28 15.23 -72.01
C SER C 83 -13.80 14.38 -73.17
N ARG C 84 -13.36 14.72 -74.38
CA ARG C 84 -13.79 13.97 -75.60
C ARG C 84 -15.32 13.84 -75.58
N LEU C 85 -16.02 14.98 -75.50
CA LEU C 85 -17.48 14.94 -75.43
C LEU C 85 -18.12 14.42 -76.71
N ARG C 86 -19.19 13.67 -76.54
CA ARG C 86 -19.98 13.17 -77.66
C ARG C 86 -21.44 13.54 -77.46
N SER C 87 -22.25 13.42 -78.50
CA SER C 87 -23.65 13.78 -78.42
C SER C 87 -24.41 12.95 -77.39
N ASP C 88 -23.90 11.76 -77.11
CA ASP C 88 -24.57 10.86 -76.17
C ASP C 88 -24.22 11.21 -74.71
N ASP C 89 -23.44 12.27 -74.53
CA ASP C 89 -23.12 12.75 -73.19
C ASP C 89 -24.10 13.82 -72.74
N THR C 90 -25.08 14.10 -73.60
CA THR C 90 -26.12 15.06 -73.22
C THR C 90 -26.91 14.49 -72.06
N ALA C 91 -26.88 15.19 -70.93
CA ALA C 91 -27.50 14.70 -69.71
C ALA C 91 -27.53 15.76 -68.64
N VAL C 92 -28.33 15.52 -67.61
CA VAL C 92 -28.26 16.32 -66.40
C VAL C 92 -27.32 15.68 -65.41
N TYR C 93 -26.32 16.43 -64.98
CA TYR C 93 -25.30 15.90 -64.08
C TYR C 93 -25.54 16.38 -62.66
N TYR C 94 -25.56 15.44 -61.72
CA TYR C 94 -25.81 15.76 -60.32
C TYR C 94 -24.57 15.49 -59.48
N CYS C 95 -24.39 16.28 -58.42
CA CYS C 95 -23.46 15.94 -57.35
C CYS C 95 -24.27 15.41 -56.16
N ALA C 96 -23.71 14.43 -55.45
CA ALA C 96 -24.40 13.83 -54.32
C ALA C 96 -23.43 13.47 -53.22
N ARG C 97 -23.90 13.54 -51.98
CA ARG C 97 -23.07 13.25 -50.82
C ARG C 97 -23.30 11.85 -50.29
N ALA C 98 -22.21 11.20 -49.89
CA ALA C 98 -22.26 9.89 -49.24
C ALA C 98 -21.12 9.75 -48.23
N ALA C 99 -21.30 8.89 -47.26
CA ALA C 99 -20.27 8.65 -46.25
C ALA C 99 -19.07 7.95 -46.88
N PRO C 100 -17.89 8.07 -46.25
CA PRO C 100 -16.67 7.36 -46.57
C PRO C 100 -16.79 5.89 -46.20
N PHE C 101 -15.88 5.08 -46.73
CA PHE C 101 -15.96 3.63 -46.56
C PHE C 101 -15.75 3.16 -45.13
N TYR C 102 -15.25 4.02 -44.27
CA TYR C 102 -15.00 3.60 -42.89
C TYR C 102 -16.22 3.80 -42.00
N ASP C 103 -17.32 4.26 -42.59
CA ASP C 103 -18.56 4.43 -41.84
C ASP C 103 -19.10 3.09 -41.34
N PHE C 104 -19.28 2.99 -40.04
CA PHE C 104 -19.65 1.72 -39.40
C PHE C 104 -21.00 1.20 -39.88
N TRP C 105 -21.95 2.09 -40.10
CA TRP C 105 -23.30 1.68 -40.46
C TRP C 105 -23.57 1.80 -41.97
N SER C 106 -22.52 1.64 -42.77
CA SER C 106 -22.64 1.53 -44.22
C SER C 106 -23.34 2.73 -44.86
N GLY C 107 -22.99 3.93 -44.42
CA GLY C 107 -23.57 5.14 -44.98
C GLY C 107 -23.00 5.46 -46.36
N TYR C 108 -22.04 4.66 -46.79
CA TYR C 108 -21.39 4.85 -48.07
C TYR C 108 -22.17 4.20 -49.21
N SER C 109 -23.13 3.38 -48.85
CA SER C 109 -23.86 2.58 -49.84
C SER C 109 -24.96 3.36 -50.54
N TYR C 110 -25.25 4.56 -50.04
CA TYR C 110 -26.35 5.35 -50.57
C TYR C 110 -26.04 6.84 -50.54
N PHE C 111 -26.85 7.62 -51.25
CA PHE C 111 -26.64 9.06 -51.36
C PHE C 111 -27.72 9.82 -50.60
N ASP C 112 -27.34 10.50 -49.53
CA ASP C 112 -28.33 11.11 -48.67
C ASP C 112 -28.69 12.53 -49.08
N TYR C 113 -27.79 13.21 -49.77
CA TYR C 113 -28.08 14.56 -50.25
C TYR C 113 -27.71 14.76 -51.70
N TRP C 114 -28.59 15.43 -52.43
CA TRP C 114 -28.37 15.72 -53.84
C TRP C 114 -28.44 17.21 -54.09
N GLY C 115 -27.62 17.68 -55.02
CA GLY C 115 -27.76 19.04 -55.51
C GLY C 115 -28.71 18.99 -56.69
N GLN C 116 -29.15 20.18 -57.12
CA GLN C 116 -29.97 20.29 -58.35
C GLN C 116 -28.97 20.07 -59.49
N GLY C 117 -29.38 19.43 -60.57
CA GLY C 117 -28.43 19.05 -61.61
C GLY C 117 -28.01 20.16 -62.56
N THR C 118 -26.93 19.91 -63.29
CA THR C 118 -26.46 20.80 -64.33
C THR C 118 -26.69 20.18 -65.70
N LEU C 119 -27.45 20.87 -66.53
CA LEU C 119 -27.74 20.34 -67.85
C LEU C 119 -26.62 20.63 -68.84
N VAL C 120 -26.06 19.58 -69.42
CA VAL C 120 -25.00 19.72 -70.41
C VAL C 120 -25.45 19.17 -71.75
N THR C 121 -25.39 20.01 -72.77
CA THR C 121 -25.78 19.61 -74.12
C THR C 121 -24.58 19.53 -75.05
N VAL C 122 -24.47 18.43 -75.81
CA VAL C 122 -23.37 18.24 -76.75
C VAL C 122 -23.93 17.89 -78.13
N VAL D 1 -0.83 44.63 2.26
CA VAL D 1 -0.41 45.95 2.71
C VAL D 1 -1.51 46.98 2.45
N ILE D 2 -2.00 47.61 3.52
CA ILE D 2 -2.97 48.69 3.41
C ILE D 2 -2.23 50.03 3.42
N TRP D 3 -2.37 50.78 2.33
CA TRP D 3 -1.65 52.03 2.19
C TRP D 3 -2.40 53.17 2.84
N MET D 4 -1.69 53.99 3.60
CA MET D 4 -2.28 55.12 4.29
C MET D 4 -1.73 56.43 3.76
N THR D 5 -2.60 57.41 3.59
CA THR D 5 -2.18 58.74 3.18
C THR D 5 -2.78 59.80 4.08
N GLN D 6 -2.16 60.97 4.12
CA GLN D 6 -2.68 62.09 4.90
C GLN D 6 -2.62 63.39 4.10
N SER D 7 -3.54 64.30 4.39
CA SER D 7 -3.59 65.57 3.70
C SER D 7 -4.17 66.67 4.59
N PRO D 8 -3.57 67.86 4.55
CA PRO D 8 -2.37 68.26 3.81
C PRO D 8 -1.14 67.66 4.47
N SER D 9 -0.03 67.62 3.74
CA SER D 9 1.23 67.16 4.32
C SER D 9 1.76 68.17 5.32
N SER D 10 1.34 69.42 5.16
CA SER D 10 1.74 70.50 6.05
C SER D 10 0.72 71.62 6.05
N LEU D 11 0.42 72.14 7.24
CA LEU D 11 -0.47 73.28 7.37
C LEU D 11 0.04 74.22 8.45
N SER D 12 -0.26 75.51 8.31
CA SER D 12 0.11 76.47 9.34
C SER D 12 -1.14 77.11 9.95
N ALA D 13 -1.12 77.28 11.26
CA ALA D 13 -2.24 77.88 11.96
C ALA D 13 -1.77 78.58 13.23
N SER D 14 -2.55 79.54 13.72
CA SER D 14 -2.19 80.26 14.93
C SER D 14 -2.96 79.74 16.14
N VAL D 15 -2.76 80.36 17.28
CA VAL D 15 -3.42 79.92 18.51
C VAL D 15 -4.89 80.32 18.49
N GLY D 16 -5.77 79.34 18.71
CA GLY D 16 -7.20 79.58 18.68
C GLY D 16 -7.81 79.12 17.36
N ASP D 17 -6.96 78.86 16.36
CA ASP D 17 -7.43 78.40 15.06
C ASP D 17 -7.85 76.94 15.12
N ARG D 18 -8.76 76.56 14.24
CA ARG D 18 -9.17 75.16 14.13
C ARG D 18 -8.31 74.41 13.12
N VAL D 19 -7.80 73.25 13.54
CA VAL D 19 -6.94 72.45 12.68
C VAL D 19 -7.56 71.10 12.37
N THR D 20 -7.68 70.79 11.08
CA THR D 20 -8.21 69.51 10.66
C THR D 20 -7.22 68.76 9.79
N ILE D 21 -7.05 67.47 10.07
CA ILE D 21 -6.15 66.61 9.31
C ILE D 21 -6.90 65.40 8.76
N THR D 22 -6.77 65.17 7.46
CA THR D 22 -7.45 64.06 6.81
C THR D 22 -6.52 62.85 6.64
N CYS D 23 -7.04 61.65 6.94
CA CYS D 23 -6.33 60.40 6.70
C CYS D 23 -7.20 59.44 5.90
N GLN D 24 -6.59 58.79 4.91
CA GLN D 24 -7.32 57.88 4.06
C GLN D 24 -6.63 56.52 3.94
N ALA D 25 -7.44 55.47 3.81
CA ALA D 25 -6.91 54.13 3.63
C ALA D 25 -7.26 53.58 2.25
N SER D 26 -6.33 52.82 1.66
CA SER D 26 -6.56 52.17 0.38
C SER D 26 -7.56 51.02 0.50
N GLN D 27 -7.80 50.59 1.74
CA GLN D 27 -8.74 49.52 2.01
C GLN D 27 -9.66 49.87 3.16
N ASP D 28 -10.83 49.24 3.19
CA ASP D 28 -11.78 49.44 4.28
C ASP D 28 -11.27 48.83 5.57
N ILE D 29 -11.06 49.66 6.59
CA ILE D 29 -10.53 49.21 7.87
C ILE D 29 -11.50 49.48 9.00
N ARG D 30 -12.78 49.60 8.66
CA ARG D 30 -13.82 49.88 9.65
C ARG D 30 -13.43 51.08 10.51
N PHE D 31 -13.17 50.85 11.79
CA PHE D 31 -12.84 51.94 12.69
C PHE D 31 -11.50 51.73 13.38
N TYR D 32 -10.70 50.80 12.87
CA TYR D 32 -9.47 50.43 13.55
C TYR D 32 -8.30 51.33 13.15
N LEU D 33 -8.35 52.57 13.65
CA LEU D 33 -7.33 53.56 13.33
C LEU D 33 -6.88 54.34 14.57
N ASN D 34 -5.56 54.48 14.72
CA ASN D 34 -4.97 55.29 15.79
C ASN D 34 -4.53 56.65 15.26
N TRP D 35 -4.53 57.65 16.15
CA TRP D 35 -3.89 58.93 15.85
C TRP D 35 -2.77 59.23 16.85
N TYR D 36 -1.61 59.59 16.32
CA TYR D 36 -0.43 59.90 17.14
C TYR D 36 0.03 61.34 16.96
N GLN D 37 0.65 61.89 17.99
CA GLN D 37 1.27 63.21 17.93
C GLN D 37 2.73 63.13 18.37
N GLN D 38 3.63 63.63 17.53
CA GLN D 38 5.06 63.56 17.84
C GLN D 38 5.74 64.92 17.78
N LYS D 39 6.54 65.19 18.82
CA LYS D 39 7.41 66.36 18.83
C LYS D 39 8.86 65.92 18.66
N PRO D 40 9.72 66.76 18.08
CA PRO D 40 11.13 66.50 17.82
C PRO D 40 11.86 65.99 19.06
N GLY D 41 12.59 64.90 18.89
CA GLY D 41 13.41 64.35 19.97
C GLY D 41 12.66 63.39 20.87
N LYS D 42 11.35 63.27 20.66
CA LYS D 42 10.52 62.42 21.52
C LYS D 42 9.76 61.36 20.74
N ALA D 43 9.44 60.26 21.42
CA ALA D 43 8.60 59.22 20.83
C ALA D 43 7.17 59.75 20.65
N PRO D 44 6.43 59.21 19.67
CA PRO D 44 5.03 59.49 19.39
C PRO D 44 4.13 59.21 20.58
N LYS D 45 3.13 60.06 20.77
CA LYS D 45 2.12 59.86 21.81
C LYS D 45 0.77 59.56 21.19
N LEU D 46 0.07 58.56 21.73
CA LEU D 46 -1.25 58.20 21.23
C LEU D 46 -2.31 59.15 21.78
N LEU D 47 -3.14 59.69 20.89
CA LEU D 47 -4.22 60.58 21.31
C LEU D 47 -5.57 59.91 21.15
N ILE D 48 -5.77 59.22 20.03
CA ILE D 48 -7.06 58.60 19.72
C ILE D 48 -6.90 57.17 19.23
N SER D 49 -7.78 56.30 19.68
CA SER D 49 -7.79 54.92 19.22
C SER D 49 -9.17 54.50 18.75
N ASP D 50 -9.24 53.44 17.96
CA ASP D 50 -10.52 52.96 17.44
C ASP D 50 -11.32 54.09 16.80
N ALA D 51 -10.62 54.91 16.01
CA ALA D 51 -11.21 56.01 15.25
C ALA D 51 -11.52 57.23 16.11
N SER D 52 -12.33 57.06 17.15
CA SER D 52 -12.87 58.21 17.86
C SER D 52 -12.78 58.15 19.40
N ASN D 53 -12.11 57.13 19.93
CA ASN D 53 -11.98 57.03 21.39
C ASN D 53 -10.77 57.78 21.90
N MET D 54 -10.99 58.69 22.84
CA MET D 54 -9.92 59.52 23.38
C MET D 54 -9.12 58.78 24.44
N GLU D 55 -7.81 58.98 24.46
CA GLU D 55 -6.97 58.44 25.52
C GLU D 55 -7.07 59.28 26.78
N THR D 56 -6.92 58.62 27.94
CA THR D 56 -6.94 59.31 29.21
C THR D 56 -5.79 60.32 29.28
N GLY D 57 -6.12 61.54 29.70
CA GLY D 57 -5.12 62.59 29.84
C GLY D 57 -5.07 63.52 28.63
N VAL D 58 -5.76 63.13 27.55
CA VAL D 58 -5.79 63.94 26.35
C VAL D 58 -6.83 65.05 26.46
N PRO D 59 -6.43 66.31 26.26
CA PRO D 59 -7.26 67.50 26.32
C PRO D 59 -8.51 67.38 25.44
N SER D 60 -9.61 67.93 25.93
CA SER D 60 -10.91 67.84 25.27
C SER D 60 -10.96 68.58 23.95
N ARG D 61 -9.94 69.40 23.68
CA ARG D 61 -9.87 70.12 22.41
C ARG D 61 -9.54 69.18 21.27
N PHE D 62 -9.07 67.98 21.60
CA PHE D 62 -8.77 66.97 20.59
C PHE D 62 -9.98 66.09 20.34
N SER D 63 -10.23 65.76 19.08
CA SER D 63 -11.31 64.85 18.73
C SER D 63 -11.06 64.20 17.38
N GLY D 64 -11.87 63.22 17.02
CA GLY D 64 -11.76 62.57 15.73
C GLY D 64 -12.94 61.66 15.43
N SER D 65 -13.10 61.31 14.17
CA SER D 65 -14.20 60.46 13.73
C SER D 65 -13.94 59.90 12.34
N GLY D 66 -14.81 59.00 11.90
CA GLY D 66 -14.73 58.45 10.55
C GLY D 66 -14.90 56.94 10.55
N SER D 67 -15.12 56.38 9.37
CA SER D 67 -15.32 54.95 9.21
C SER D 67 -14.99 54.50 7.79
N GLY D 68 -14.43 53.31 7.67
CA GLY D 68 -14.15 52.73 6.37
C GLY D 68 -12.79 53.18 5.85
N THR D 69 -12.80 54.16 4.95
CA THR D 69 -11.56 54.64 4.34
C THR D 69 -11.27 56.10 4.65
N ASP D 70 -12.24 56.83 5.17
CA ASP D 70 -12.09 58.28 5.38
C ASP D 70 -12.18 58.67 6.85
N PHE D 71 -11.08 59.17 7.40
CA PHE D 71 -11.02 59.54 8.82
C PHE D 71 -10.50 60.97 9.00
N THR D 72 -10.97 61.63 10.07
CA THR D 72 -10.55 63.00 10.35
C THR D 72 -10.07 63.19 11.79
N PHE D 73 -8.97 63.94 11.93
CA PHE D 73 -8.48 64.39 13.24
C PHE D 73 -8.67 65.89 13.38
N THR D 74 -9.19 66.33 14.51
CA THR D 74 -9.49 67.75 14.70
C THR D 74 -8.94 68.31 16.01
N ILE D 75 -8.43 69.54 15.92
CA ILE D 75 -8.13 70.34 17.12
C ILE D 75 -9.02 71.58 17.11
N SER D 76 -9.97 71.64 18.04
CA SER D 76 -10.98 72.69 18.03
C SER D 76 -10.37 74.07 18.25
N SER D 77 -9.29 74.14 19.01
CA SER D 77 -8.61 75.40 19.31
C SER D 77 -7.13 75.17 19.53
N LEU D 78 -6.33 75.42 18.50
CA LEU D 78 -4.91 75.10 18.55
C LEU D 78 -4.21 75.88 19.66
N GLN D 79 -3.43 75.16 20.47
CA GLN D 79 -2.62 75.77 21.52
C GLN D 79 -1.17 75.85 21.05
N PRO D 80 -0.36 76.71 21.65
CA PRO D 80 1.06 76.86 21.40
C PRO D 80 1.82 75.58 21.73
N GLU D 81 1.20 74.69 22.50
CA GLU D 81 1.81 73.44 22.88
C GLU D 81 1.42 72.29 21.94
N ASP D 82 0.61 72.61 20.92
CA ASP D 82 0.12 71.60 20.00
C ASP D 82 0.89 71.58 18.69
N ILE D 83 2.05 72.22 18.67
CA ILE D 83 2.85 72.26 17.45
C ILE D 83 3.66 70.98 17.32
N ALA D 84 3.20 70.10 16.46
CA ALA D 84 3.72 68.74 16.35
C ALA D 84 3.35 68.11 15.02
N THR D 85 3.95 66.96 14.73
CA THR D 85 3.59 66.20 13.54
C THR D 85 2.62 65.08 13.91
N TYR D 86 1.50 65.01 13.19
CA TYR D 86 0.47 64.02 13.49
C TYR D 86 0.50 62.87 12.51
N TYR D 87 0.28 61.67 13.02
CA TYR D 87 0.26 60.47 12.18
C TYR D 87 -1.02 59.68 12.39
N CYS D 88 -1.52 59.06 11.32
CA CYS D 88 -2.59 58.07 11.43
C CYS D 88 -2.01 56.67 11.23
N GLN D 89 -2.58 55.69 11.92
CA GLN D 89 -2.08 54.33 11.82
C GLN D 89 -3.22 53.31 11.82
N GLN D 90 -3.15 52.36 10.91
CA GLN D 90 -4.17 51.32 10.86
C GLN D 90 -3.67 50.05 11.51
N TYR D 91 -4.57 49.39 12.24
CA TYR D 91 -4.25 48.11 12.85
C TYR D 91 -5.34 47.09 12.57
N ASP D 92 -5.93 47.18 11.39
CA ASP D 92 -6.93 46.22 10.95
C ASP D 92 -6.23 44.94 10.51
N ASN D 93 -5.15 45.10 9.78
CA ASN D 93 -4.39 43.95 9.27
C ASN D 93 -2.91 44.15 9.38
N LEU D 94 -2.21 43.12 9.86
CA LEU D 94 -0.76 43.10 9.83
C LEU D 94 -0.28 42.92 8.39
N PRO D 95 0.79 43.60 8.01
CA PRO D 95 1.61 44.53 8.78
C PRO D 95 0.86 45.82 9.07
N PHE D 96 1.17 46.43 10.20
CA PHE D 96 0.58 47.71 10.56
C PHE D 96 1.28 48.83 9.81
N THR D 97 0.54 49.88 9.48
CA THR D 97 1.12 50.98 8.71
C THR D 97 0.79 52.34 9.28
N PHE D 98 1.74 53.26 9.17
CA PHE D 98 1.55 54.66 9.53
C PHE D 98 1.41 55.51 8.28
N GLY D 99 0.71 56.63 8.40
CA GLY D 99 0.60 57.57 7.29
C GLY D 99 1.88 58.38 7.16
N PRO D 100 2.00 59.19 6.10
CA PRO D 100 3.12 60.06 5.78
C PRO D 100 3.48 61.01 6.92
N GLY D 101 2.47 61.48 7.63
CA GLY D 101 2.67 62.42 8.72
C GLY D 101 2.35 63.85 8.29
N THR D 102 1.53 64.53 9.08
CA THR D 102 1.13 65.89 8.78
C THR D 102 1.73 66.87 9.79
N LYS D 103 2.52 67.82 9.30
CA LYS D 103 3.15 68.79 10.16
C LYS D 103 2.28 70.03 10.33
N VAL D 104 2.01 70.38 11.58
CA VAL D 104 1.28 71.61 11.88
C VAL D 104 2.22 72.66 12.42
N ASP D 105 2.42 73.73 11.65
CA ASP D 105 3.33 74.80 12.05
C ASP D 105 2.57 75.96 12.64
N PHE D 106 3.28 76.99 13.08
CA PHE D 106 2.64 78.16 13.65
C PHE D 106 2.58 79.32 12.66
N LYS D 107 1.38 79.88 12.49
CA LYS D 107 1.17 81.05 11.63
C LYS D 107 1.11 82.32 12.48
N GLU E 1 6.53 54.87 36.29
CA GLU E 1 6.83 53.50 36.70
C GLU E 1 7.27 52.63 35.53
N VAL E 2 6.51 52.70 34.42
CA VAL E 2 6.80 51.92 33.22
C VAL E 2 7.96 52.49 32.44
N GLN E 3 8.93 51.65 32.14
CA GLN E 3 10.11 52.08 31.40
C GLN E 3 10.44 51.11 30.27
N LEU E 4 10.95 51.66 29.18
CA LEU E 4 11.49 50.87 28.08
C LEU E 4 12.81 51.49 27.62
N VAL E 5 13.90 50.73 27.74
CA VAL E 5 15.22 51.26 27.42
C VAL E 5 15.93 50.44 26.36
N GLU E 6 16.15 51.06 25.20
CA GLU E 6 16.85 50.40 24.10
C GLU E 6 18.36 50.49 24.25
N SER E 7 19.06 49.48 23.74
CA SER E 7 20.51 49.50 23.70
C SER E 7 21.04 48.62 22.56
N GLY E 8 22.32 48.75 22.25
CA GLY E 8 22.95 47.95 21.20
C GLY E 8 23.19 48.78 19.95
N GLY E 9 22.67 50.01 19.93
CA GLY E 9 22.84 50.89 18.79
C GLY E 9 24.31 51.29 18.63
N GLY E 10 24.70 51.59 17.40
CA GLY E 10 26.08 51.96 17.09
C GLY E 10 26.27 52.11 15.58
N VAL E 11 27.53 52.09 15.15
CA VAL E 11 27.85 52.26 13.74
C VAL E 11 28.43 50.98 13.14
N VAL E 12 27.82 50.50 12.08
CA VAL E 12 28.27 49.29 11.41
C VAL E 12 28.42 49.51 9.92
N GLN E 13 29.07 48.58 9.24
CA GLN E 13 29.23 48.65 7.79
C GLN E 13 28.08 47.93 7.08
N PRO E 14 27.75 48.33 5.84
CA PRO E 14 26.83 47.69 4.94
C PRO E 14 27.17 46.22 4.77
N GLY E 15 26.14 45.37 4.87
CA GLY E 15 26.33 43.93 4.75
C GLY E 15 26.59 43.29 6.11
N GLY E 16 26.78 44.12 7.12
CA GLY E 16 27.05 43.63 8.47
C GLY E 16 25.77 43.37 9.23
N SER E 17 25.87 43.29 10.56
CA SER E 17 24.72 42.99 11.39
C SER E 17 24.79 43.73 12.72
N LEU E 18 23.63 43.93 13.33
CA LEU E 18 23.56 44.56 14.64
C LEU E 18 22.40 43.99 15.45
N ARG E 19 22.66 43.72 16.73
CA ARG E 19 21.64 43.17 17.62
C ARG E 19 21.14 44.21 18.61
N LEU E 20 19.86 44.57 18.48
CA LEU E 20 19.26 45.52 19.41
C LEU E 20 18.51 44.80 20.51
N SER E 21 18.42 45.45 21.66
CA SER E 21 17.62 44.93 22.75
C SER E 21 16.90 46.07 23.45
N CYS E 22 15.83 45.74 24.16
CA CYS E 22 15.08 46.70 24.97
C CYS E 22 14.69 46.12 26.31
N ALA E 23 15.13 46.76 27.38
CA ALA E 23 14.84 46.29 28.73
C ALA E 23 13.52 46.87 29.21
N ALA E 24 12.61 45.99 29.61
CA ALA E 24 11.29 46.42 30.07
C ALA E 24 11.17 46.28 31.58
N SER E 25 10.52 47.26 32.20
CA SER E 25 10.23 47.20 33.63
C SER E 25 9.00 48.02 33.98
N GLY E 26 8.41 47.73 35.13
CA GLY E 26 7.29 48.51 35.64
C GLY E 26 5.95 47.97 35.18
N PHE E 27 5.97 46.92 34.36
CA PHE E 27 4.74 46.32 33.86
C PHE E 27 5.01 44.86 33.59
N THR E 28 3.91 44.09 33.50
CA THR E 28 4.01 42.63 33.20
C THR E 28 4.33 42.49 31.72
N PHE E 29 5.61 42.54 31.37
CA PHE E 29 6.07 42.44 29.99
C PHE E 29 5.58 41.22 29.24
N ASN E 30 5.52 40.06 29.91
CA ASN E 30 5.24 38.76 29.22
C ASN E 30 3.77 38.56 28.83
N SER E 31 2.89 39.51 29.11
CA SER E 31 1.44 39.38 28.84
C SER E 31 1.14 40.22 27.61
N TYR E 32 2.12 41.00 27.17
CA TYR E 32 1.90 41.95 26.10
C TYR E 32 2.71 41.52 24.89
N GLY E 33 2.13 41.67 23.71
CA GLY E 33 2.88 41.58 22.46
C GLY E 33 3.64 42.89 22.28
N MET E 34 4.77 42.83 21.58
CA MET E 34 5.61 44.00 21.42
C MET E 34 5.91 44.32 19.97
N HIS E 35 6.10 45.60 19.68
CA HIS E 35 6.40 46.06 18.33
C HIS E 35 7.76 46.73 18.25
N TRP E 36 8.36 46.68 17.07
CA TRP E 36 9.48 47.55 16.74
C TRP E 36 9.04 48.55 15.69
N VAL E 37 9.41 49.82 15.90
CA VAL E 37 9.11 50.90 14.96
C VAL E 37 10.37 51.72 14.75
N ARG E 38 10.63 52.13 13.50
CA ARG E 38 11.82 52.91 13.23
C ARG E 38 11.50 54.22 12.53
N GLN E 39 12.33 55.22 12.77
CA GLN E 39 12.17 56.52 12.13
C GLN E 39 13.50 57.11 11.70
N ALA E 40 13.72 57.18 10.40
CA ALA E 40 14.93 57.78 9.87
C ALA E 40 14.85 59.30 10.05
N PRO E 41 15.99 59.98 10.17
CA PRO E 41 16.11 61.42 10.25
C PRO E 41 15.33 62.10 9.12
N GLY E 42 14.40 62.96 9.50
CA GLY E 42 13.61 63.72 8.53
C GLY E 42 12.45 62.92 7.95
N LYS E 43 12.25 61.70 8.43
CA LYS E 43 11.20 60.82 7.91
C LYS E 43 10.10 60.55 8.92
N GLY E 44 9.03 59.91 8.46
CA GLY E 44 7.90 59.56 9.33
C GLY E 44 8.11 58.20 9.99
N LEU E 45 7.06 57.67 10.58
CA LEU E 45 7.15 56.42 11.34
C LEU E 45 6.95 55.20 10.46
N GLU E 46 7.87 54.25 10.55
CA GLU E 46 7.77 53.00 9.81
C GLU E 46 7.67 51.80 10.74
N TRP E 47 6.62 51.01 10.55
CA TRP E 47 6.42 49.80 11.34
C TRP E 47 7.40 48.72 10.88
N VAL E 48 8.03 48.03 11.83
CA VAL E 48 9.04 47.04 11.49
C VAL E 48 8.58 45.61 11.77
N ALA E 49 8.18 45.33 12.99
CA ALA E 49 7.87 43.95 13.38
C ALA E 49 6.98 43.87 14.60
N PHE E 50 6.34 42.72 14.78
CA PHE E 50 5.49 42.44 15.94
C PHE E 50 5.70 41.02 16.45
N ILE E 51 5.78 40.87 17.77
CA ILE E 51 5.90 39.56 18.40
C ILE E 51 4.83 39.38 19.47
N ARG E 52 4.25 38.19 19.52
CA ARG E 52 3.19 37.91 20.50
C ARG E 52 3.76 37.69 21.90
N TYR E 53 2.87 37.80 22.89
CA TYR E 53 3.22 37.71 24.30
C TYR E 53 4.03 36.46 24.66
N ASP E 54 3.70 35.34 24.02
CA ASP E 54 4.36 34.07 24.32
C ASP E 54 5.72 33.97 23.63
N GLY E 55 5.86 34.68 22.52
CA GLY E 55 7.10 34.68 21.77
C GLY E 55 7.07 33.68 20.62
N GLY E 56 5.86 33.22 20.29
CA GLY E 56 5.68 32.25 19.22
C GLY E 56 5.59 32.93 17.86
N ASN E 57 4.41 33.44 17.54
CA ASN E 57 4.19 34.06 16.23
C ASN E 57 4.93 35.37 16.08
N LYS E 58 5.50 35.58 14.90
CA LYS E 58 6.28 36.78 14.60
C LYS E 58 5.86 37.35 13.25
N TYR E 59 5.76 38.68 13.19
CA TYR E 59 5.35 39.36 11.97
C TYR E 59 6.36 40.43 11.58
N TYR E 60 6.56 40.61 10.28
CA TYR E 60 7.55 41.57 9.80
C TYR E 60 7.01 42.42 8.66
N ALA E 61 7.54 43.63 8.55
CA ALA E 61 7.31 44.46 7.38
C ALA E 61 8.05 43.88 6.19
N ASP E 62 7.53 44.10 5.00
CA ASP E 62 8.16 43.58 3.79
C ASP E 62 9.52 44.25 3.54
N SER E 63 9.71 45.40 4.16
CA SER E 63 10.95 46.15 4.02
C SER E 63 12.09 45.53 4.83
N VAL E 64 11.76 44.63 5.74
CA VAL E 64 12.76 44.01 6.60
C VAL E 64 12.65 42.50 6.59
N LYS E 65 11.55 41.97 6.06
CA LYS E 65 11.29 40.54 6.09
C LYS E 65 12.41 39.76 5.44
N GLY E 66 12.92 38.75 6.15
CA GLY E 66 13.99 37.90 5.65
C GLY E 66 15.36 38.35 6.15
N ARG E 67 15.41 39.57 6.68
CA ARG E 67 16.66 40.12 7.19
C ARG E 67 16.60 40.35 8.69
N PHE E 68 15.45 40.82 9.17
CA PHE E 68 15.29 41.12 10.58
C PHE E 68 14.57 39.99 11.30
N THR E 69 15.03 39.68 12.51
CA THR E 69 14.37 38.69 13.35
C THR E 69 13.97 39.28 14.70
N ILE E 70 12.73 39.08 15.08
CA ILE E 70 12.23 39.57 16.36
C ILE E 70 12.12 38.43 17.37
N SER E 71 12.51 38.69 18.60
CA SER E 71 12.42 37.68 19.64
C SER E 71 12.27 38.31 21.01
N ARG E 72 11.94 37.52 22.01
CA ARG E 72 11.82 38.02 23.37
C ARG E 72 12.22 36.98 24.40
N ASP E 73 12.85 37.46 25.47
CA ASP E 73 13.19 36.60 26.59
C ASP E 73 12.33 36.96 27.79
N ASN E 74 11.34 36.12 28.08
CA ASN E 74 10.35 36.43 29.11
C ASN E 74 10.88 36.22 30.51
N SER E 75 12.10 35.67 30.63
CA SER E 75 12.71 35.50 31.94
C SER E 75 13.53 36.72 32.32
N LYS E 76 13.77 37.59 31.34
CA LYS E 76 14.59 38.79 31.56
C LYS E 76 13.82 40.04 31.14
N ASN E 77 12.56 39.88 30.78
CA ASN E 77 11.73 40.98 30.31
C ASN E 77 12.44 41.81 29.26
N THR E 78 13.10 41.13 28.33
CA THR E 78 13.89 41.83 27.32
C THR E 78 13.45 41.50 25.90
N LEU E 79 13.24 42.54 25.11
CA LEU E 79 12.86 42.41 23.71
C LEU E 79 14.09 42.53 22.83
N TYR E 80 14.19 41.68 21.81
CA TYR E 80 15.35 41.70 20.92
C TYR E 80 14.98 41.88 19.45
N LEU E 81 15.89 42.49 18.70
CA LEU E 81 15.78 42.57 17.25
C LEU E 81 17.13 42.31 16.59
N GLN E 82 17.24 41.20 15.88
CA GLN E 82 18.50 40.83 15.22
C GLN E 82 18.46 41.18 13.75
N MET E 83 19.28 42.15 13.35
CA MET E 83 19.25 42.64 11.99
C MET E 83 20.46 42.19 11.20
N LYS E 84 20.23 41.41 10.15
CA LYS E 84 21.31 40.93 9.30
C LYS E 84 21.30 41.63 7.95
N SER E 85 22.43 41.59 7.27
CA SER E 85 22.55 42.19 5.94
C SER E 85 22.06 43.64 5.95
N LEU E 86 22.54 44.40 6.92
CA LEU E 86 22.13 45.79 7.07
C LEU E 86 22.52 46.65 5.88
N ARG E 87 21.61 47.53 5.48
CA ARG E 87 21.84 48.42 4.36
C ARG E 87 21.86 49.88 4.81
N ALA E 88 22.34 50.76 3.95
CA ALA E 88 22.37 52.19 4.27
C ALA E 88 20.96 52.70 4.58
N GLU E 89 19.97 52.13 3.91
CA GLU E 89 18.58 52.53 4.07
C GLU E 89 18.02 52.18 5.45
N ASP E 90 18.75 51.35 6.20
CA ASP E 90 18.29 50.91 7.51
C ASP E 90 18.70 51.89 8.60
N THR E 91 19.40 52.95 8.22
CA THR E 91 19.78 53.97 9.20
C THR E 91 18.55 54.69 9.73
N ALA E 92 18.34 54.58 11.03
CA ALA E 92 17.13 55.14 11.65
C ALA E 92 17.22 55.04 13.17
N VAL E 93 16.33 55.75 13.85
CA VAL E 93 16.16 55.54 15.28
C VAL E 93 15.13 54.46 15.52
N TYR E 94 15.54 53.40 16.22
CA TYR E 94 14.68 52.27 16.46
C TYR E 94 14.07 52.32 17.85
N TYR E 95 12.76 52.12 17.91
CA TYR E 95 12.05 52.13 19.17
C TYR E 95 11.47 50.75 19.46
N CYS E 96 11.43 50.39 20.73
CA CYS E 96 10.58 49.31 21.21
C CYS E 96 9.30 49.93 21.73
N ALA E 97 8.17 49.31 21.42
CA ALA E 97 6.89 49.92 21.76
C ALA E 97 5.81 48.89 22.03
N ASN E 98 4.85 49.29 22.84
CA ASN E 98 3.64 48.53 23.07
C ASN E 98 2.46 49.31 22.54
N LEU E 99 2.07 49.05 21.30
CA LEU E 99 1.08 49.89 20.63
C LEU E 99 -0.32 49.47 20.99
N LYS E 100 -1.18 50.44 21.28
CA LYS E 100 -2.57 50.11 21.61
C LYS E 100 -3.22 49.41 20.41
N ASP E 101 -3.78 48.24 20.67
CA ASP E 101 -4.26 47.35 19.64
C ASP E 101 -5.42 46.49 20.11
N SER E 102 -6.61 46.75 19.55
CA SER E 102 -7.83 46.08 20.00
C SER E 102 -8.12 44.80 19.22
N ARG E 103 -7.28 44.48 18.23
CA ARG E 103 -7.54 43.33 17.37
C ARG E 103 -6.56 42.19 17.53
N TYR E 104 -5.28 42.50 17.68
CA TYR E 104 -4.26 41.45 17.69
C TYR E 104 -3.64 41.24 19.06
N SER E 105 -2.92 42.24 19.56
CA SER E 105 -2.23 42.07 20.84
C SER E 105 -3.16 42.27 22.02
N GLY E 106 -4.25 43.00 21.82
CA GLY E 106 -5.20 43.28 22.89
C GLY E 106 -4.58 44.23 23.92
N SER E 107 -3.71 45.11 23.45
CA SER E 107 -3.01 46.01 24.34
C SER E 107 -3.82 47.28 24.57
N TYR E 108 -4.12 47.56 25.83
CA TYR E 108 -4.96 48.71 26.17
C TYR E 108 -4.14 49.97 26.42
N TYR E 109 -2.88 49.79 26.80
CA TYR E 109 -2.03 50.92 27.14
C TYR E 109 -0.92 51.09 26.10
N ASP E 110 -0.59 52.33 25.81
CA ASP E 110 0.39 52.64 24.76
C ASP E 110 1.69 53.15 25.34
N TYR E 111 2.77 52.40 25.14
CA TYR E 111 4.08 52.76 25.69
C TYR E 111 5.14 52.82 24.61
N TRP E 112 6.10 53.74 24.77
CA TRP E 112 7.23 53.84 23.85
C TRP E 112 8.55 53.96 24.62
N GLY E 113 9.63 53.48 24.01
CA GLY E 113 10.95 53.59 24.59
C GLY E 113 11.61 54.92 24.25
N GLN E 114 12.92 54.98 24.41
CA GLN E 114 13.66 56.23 24.24
C GLN E 114 14.09 56.41 22.80
N GLY E 115 14.47 55.29 22.17
CA GLY E 115 14.92 55.31 20.79
C GLY E 115 16.43 55.23 20.71
N THR E 116 16.93 54.28 19.92
CA THR E 116 18.37 54.12 19.74
C THR E 116 18.75 54.22 18.27
N LEU E 117 19.75 55.04 17.97
CA LEU E 117 20.12 55.30 16.59
C LEU E 117 21.06 54.24 16.04
N VAL E 118 20.67 53.65 14.91
CA VAL E 118 21.48 52.68 14.22
C VAL E 118 21.97 53.25 12.90
N THR E 119 23.29 53.28 12.72
CA THR E 119 23.88 53.86 11.53
C THR E 119 24.63 52.82 10.70
N VAL E 120 24.33 52.78 9.41
CA VAL E 120 25.02 51.88 8.50
C VAL E 120 25.83 52.67 7.48
N SER E 121 27.15 52.52 7.52
CA SER E 121 28.07 53.29 6.67
C SER E 121 29.49 52.73 6.79
N GLN F 14 -53.61 -40.25 -24.84
CA GLN F 14 -54.50 -39.29 -24.21
C GLN F 14 -54.26 -39.24 -22.70
N CYS F 15 -54.62 -38.17 -22.07
CA CYS F 15 -54.52 -37.99 -20.64
C CYS F 15 -55.57 -38.73 -19.93
N VAL F 16 -55.22 -39.42 -18.86
CA VAL F 16 -56.17 -40.12 -18.01
C VAL F 16 -55.89 -39.79 -16.55
N ASN F 17 -56.88 -40.03 -15.69
CA ASN F 17 -56.70 -39.86 -14.26
C ASN F 17 -56.25 -41.17 -13.62
N LEU F 18 -55.25 -41.10 -12.74
CA LEU F 18 -54.70 -42.28 -12.05
C LEU F 18 -54.89 -42.15 -10.55
N GLN F 23 -53.74 -38.71 -0.49
CA GLN F 23 -52.28 -38.76 -0.41
C GLN F 23 -51.84 -39.78 0.65
N LEU F 24 -50.71 -40.45 0.38
CA LEU F 24 -50.08 -41.35 1.34
C LEU F 24 -48.97 -40.62 2.11
N PRO F 25 -48.69 -41.03 3.34
CA PRO F 25 -47.60 -40.56 4.17
C PRO F 25 -46.26 -41.00 3.57
N PRO F 26 -45.23 -40.17 3.71
CA PRO F 26 -43.87 -40.40 3.27
C PRO F 26 -43.14 -41.38 4.17
N ALA F 27 -42.21 -42.12 3.58
CA ALA F 27 -41.27 -42.91 4.35
C ALA F 27 -39.92 -42.23 4.33
N TYR F 28 -39.06 -42.54 5.29
CA TYR F 28 -37.75 -41.91 5.34
C TYR F 28 -36.63 -42.92 5.45
N THR F 29 -35.51 -42.62 4.82
CA THR F 29 -34.31 -43.42 4.94
C THR F 29 -33.09 -42.56 5.24
N ASN F 30 -32.02 -43.20 5.68
CA ASN F 30 -30.78 -42.50 6.02
C ASN F 30 -29.82 -42.47 4.84
N SER F 31 -29.44 -41.26 4.38
CA SER F 31 -28.39 -41.16 3.32
C SER F 31 -27.02 -41.06 3.99
N PHE F 32 -26.30 -42.17 4.17
CA PHE F 32 -25.04 -42.14 4.97
C PHE F 32 -23.91 -41.30 4.35
N THR F 33 -23.61 -41.48 3.05
CA THR F 33 -22.45 -40.77 2.42
C THR F 33 -22.71 -40.69 0.92
N ARG F 34 -23.93 -40.33 0.54
CA ARG F 34 -24.33 -40.27 -0.87
C ARG F 34 -24.53 -38.83 -1.32
N GLY F 35 -24.50 -38.62 -2.64
CA GLY F 35 -24.88 -37.33 -3.20
C GLY F 35 -23.68 -36.42 -3.45
N VAL F 36 -22.48 -36.98 -3.36
CA VAL F 36 -21.27 -36.21 -3.62
C VAL F 36 -20.91 -36.27 -5.09
N TYR F 37 -20.53 -35.14 -5.65
CA TYR F 37 -20.21 -35.04 -7.07
C TYR F 37 -18.98 -34.17 -7.30
N TYR F 38 -18.40 -34.29 -8.48
CA TYR F 38 -17.23 -33.49 -8.85
C TYR F 38 -17.64 -32.02 -9.04
N PRO F 39 -17.16 -31.13 -8.16
CA PRO F 39 -17.58 -29.74 -8.03
C PRO F 39 -17.17 -28.87 -9.21
N ASP F 40 -16.14 -29.29 -9.95
CA ASP F 40 -15.68 -28.53 -11.10
C ASP F 40 -15.01 -29.42 -12.14
N LYS F 41 -14.36 -28.79 -13.11
CA LYS F 41 -13.78 -29.51 -14.24
C LYS F 41 -12.27 -29.50 -14.19
N VAL F 42 -11.72 -29.37 -12.98
CA VAL F 42 -10.29 -29.35 -12.78
C VAL F 42 -9.77 -30.71 -12.33
N PHE F 43 -8.72 -31.19 -12.99
CA PHE F 43 -8.13 -32.46 -12.61
C PHE F 43 -7.22 -32.31 -11.41
N ARG F 44 -7.44 -33.16 -10.41
CA ARG F 44 -6.62 -33.17 -9.22
C ARG F 44 -6.29 -34.60 -8.89
N SER F 45 -5.17 -34.83 -8.21
CA SER F 45 -4.82 -36.18 -7.78
C SER F 45 -3.98 -36.16 -6.52
N SER F 46 -4.09 -37.23 -5.74
CA SER F 46 -3.30 -37.39 -4.53
C SER F 46 -3.33 -36.13 -3.67
N VAL F 47 -4.54 -35.62 -3.41
CA VAL F 47 -4.68 -34.36 -2.70
C VAL F 47 -6.01 -34.27 -1.98
N LEU F 48 -6.02 -33.56 -0.85
CA LEU F 48 -7.26 -33.25 -0.15
C LEU F 48 -7.68 -31.82 -0.45
N HIS F 49 -8.85 -31.68 -1.09
CA HIS F 49 -9.31 -30.37 -1.54
C HIS F 49 -10.57 -29.93 -0.80
N SER F 50 -10.53 -28.72 -0.26
CA SER F 50 -11.69 -28.16 0.43
C SER F 50 -12.52 -27.28 -0.50
N THR F 51 -13.81 -27.57 -0.59
CA THR F 51 -14.69 -26.85 -1.50
C THR F 51 -16.01 -26.48 -0.85
N GLN F 52 -16.64 -25.44 -1.38
CA GLN F 52 -17.97 -25.02 -0.93
C GLN F 52 -18.94 -25.03 -2.09
N ASP F 53 -20.00 -25.82 -1.96
CA ASP F 53 -20.99 -25.98 -3.02
C ASP F 53 -22.28 -26.56 -2.46
N LEU F 54 -23.26 -26.76 -3.33
CA LEU F 54 -24.52 -27.36 -2.90
C LEU F 54 -24.43 -28.87 -2.89
N PHE F 55 -24.40 -29.44 -1.69
CA PHE F 55 -24.24 -30.87 -1.51
C PHE F 55 -25.35 -31.43 -0.63
N LEU F 56 -25.60 -32.72 -0.73
CA LEU F 56 -26.49 -33.38 0.21
C LEU F 56 -25.75 -33.66 1.52
N PRO F 57 -26.22 -33.12 2.64
CA PRO F 57 -25.65 -33.29 3.97
C PRO F 57 -25.56 -34.77 4.32
N PHE F 58 -24.51 -35.15 5.03
CA PHE F 58 -24.33 -36.54 5.41
C PHE F 58 -25.33 -36.95 6.47
N PHE F 59 -25.82 -38.19 6.35
CA PHE F 59 -26.76 -38.77 7.31
C PHE F 59 -28.03 -37.95 7.44
N SER F 60 -28.51 -37.41 6.33
CA SER F 60 -29.75 -36.65 6.30
C SER F 60 -30.95 -37.58 6.09
N ASN F 61 -32.16 -37.05 6.34
CA ASN F 61 -33.40 -37.78 6.11
C ASN F 61 -33.90 -37.57 4.68
N VAL F 62 -33.81 -38.62 3.87
CA VAL F 62 -34.23 -38.59 2.47
C VAL F 62 -35.60 -39.23 2.34
N THR F 63 -36.48 -38.59 1.59
CA THR F 63 -37.84 -39.07 1.47
C THR F 63 -37.94 -40.22 0.48
N TRP F 64 -38.58 -41.29 0.93
CA TRP F 64 -38.71 -42.50 0.14
C TRP F 64 -40.14 -42.66 -0.40
N PHE F 65 -40.27 -42.58 -1.72
CA PHE F 65 -41.58 -42.60 -2.38
C PHE F 65 -41.85 -43.93 -3.06
N HIS F 66 -43.12 -44.31 -3.09
CA HIS F 66 -43.58 -45.44 -3.90
C HIS F 66 -44.74 -45.01 -4.78
N ALA F 67 -44.42 -44.56 -5.99
CA ALA F 67 -45.42 -43.95 -6.86
C ALA F 67 -46.54 -44.93 -7.21
N ILE F 68 -46.17 -46.18 -7.43
CA ILE F 68 -47.15 -47.21 -7.74
C ILE F 68 -47.19 -48.24 -6.62
N HIS F 69 -48.27 -48.23 -5.84
CA HIS F 69 -48.39 -49.05 -4.65
C HIS F 69 -49.53 -50.07 -4.80
N ARG F 78 -53.03 -48.50 -6.11
CA ARG F 78 -53.11 -47.09 -5.74
C ARG F 78 -51.92 -46.30 -6.30
N PHE F 79 -52.24 -45.21 -7.01
CA PHE F 79 -51.21 -44.37 -7.63
C PHE F 79 -51.07 -43.04 -6.89
N ASP F 80 -49.84 -42.71 -6.51
CA ASP F 80 -49.54 -41.45 -5.82
C ASP F 80 -48.15 -40.96 -6.18
N ASN F 81 -48.08 -40.04 -7.12
CA ASN F 81 -46.81 -39.59 -7.67
C ASN F 81 -46.75 -38.06 -7.70
N PRO F 82 -46.51 -37.43 -6.55
CA PRO F 82 -46.76 -36.04 -6.23
C PRO F 82 -45.79 -35.12 -6.93
N VAL F 83 -46.20 -33.86 -7.07
CA VAL F 83 -45.31 -32.82 -7.54
C VAL F 83 -44.52 -32.26 -6.37
N LEU F 84 -43.20 -32.22 -6.51
CA LEU F 84 -42.33 -31.81 -5.43
C LEU F 84 -41.64 -30.50 -5.77
N PRO F 85 -41.28 -29.70 -4.75
CA PRO F 85 -40.49 -28.49 -4.85
C PRO F 85 -39.06 -28.82 -5.28
N PHE F 86 -38.50 -27.97 -6.13
CA PHE F 86 -37.13 -28.16 -6.63
C PHE F 86 -36.13 -27.47 -5.72
N ASN F 87 -36.57 -26.38 -5.08
CA ASN F 87 -35.72 -25.61 -4.19
C ASN F 87 -34.41 -25.19 -4.85
N ASP F 88 -33.29 -25.52 -4.23
CA ASP F 88 -31.99 -25.05 -4.70
C ASP F 88 -31.22 -26.16 -5.41
N GLY F 89 -31.90 -27.25 -5.70
CA GLY F 89 -31.25 -28.41 -6.30
C GLY F 89 -31.69 -29.68 -5.59
N VAL F 90 -31.73 -30.76 -6.35
CA VAL F 90 -32.31 -32.00 -5.86
C VAL F 90 -31.39 -33.20 -6.01
N TYR F 91 -31.32 -34.01 -4.97
CA TYR F 91 -30.70 -35.32 -5.06
C TYR F 91 -31.78 -36.36 -5.34
N PHE F 92 -31.63 -37.07 -6.43
CA PHE F 92 -32.64 -38.05 -6.84
C PHE F 92 -31.99 -39.41 -7.05
N ALA F 93 -32.63 -40.45 -6.55
CA ALA F 93 -32.10 -41.79 -6.74
C ALA F 93 -33.21 -42.82 -6.86
N SER F 94 -32.93 -43.90 -7.56
CA SER F 94 -33.87 -45.01 -7.64
C SER F 94 -33.16 -46.33 -7.86
N THR F 95 -33.76 -47.41 -7.37
CA THR F 95 -33.23 -48.75 -7.60
C THR F 95 -34.29 -49.64 -8.23
N GLU F 96 -33.98 -50.21 -9.39
CA GLU F 96 -34.91 -51.08 -10.08
C GLU F 96 -34.28 -51.73 -11.30
N LYS F 97 -34.83 -52.89 -11.70
CA LYS F 97 -34.45 -53.54 -12.96
C LYS F 97 -35.58 -53.46 -13.97
N SER F 98 -36.70 -52.87 -13.55
CA SER F 98 -37.92 -52.87 -14.34
C SER F 98 -37.98 -51.70 -15.31
N ASN F 99 -37.05 -50.77 -15.18
CA ASN F 99 -37.01 -49.58 -16.04
C ASN F 99 -38.37 -48.89 -16.07
N ILE F 100 -38.89 -48.57 -14.89
CA ILE F 100 -40.19 -47.93 -14.78
C ILE F 100 -40.03 -46.42 -14.84
N ILE F 101 -39.03 -45.90 -14.16
CA ILE F 101 -38.76 -44.47 -14.23
C ILE F 101 -38.09 -44.14 -15.54
N ARG F 102 -38.68 -43.22 -16.28
CA ARG F 102 -38.18 -42.90 -17.61
C ARG F 102 -37.66 -41.48 -17.70
N GLY F 103 -38.19 -40.57 -16.90
CA GLY F 103 -37.83 -39.18 -17.06
C GLY F 103 -38.38 -38.27 -15.98
N TRP F 104 -38.18 -36.97 -16.18
CA TRP F 104 -38.59 -35.96 -15.21
C TRP F 104 -39.17 -34.73 -15.91
N ILE F 105 -40.02 -34.01 -15.20
CA ILE F 105 -40.49 -32.71 -15.64
C ILE F 105 -40.01 -31.63 -14.68
N PHE F 106 -39.42 -30.58 -15.23
CA PHE F 106 -38.98 -29.45 -14.41
C PHE F 106 -39.60 -28.16 -14.92
N GLY F 107 -40.09 -27.33 -14.02
CA GLY F 107 -40.66 -26.05 -14.42
C GLY F 107 -41.34 -25.34 -13.26
N THR F 108 -42.33 -24.53 -13.58
CA THR F 108 -43.05 -23.75 -12.58
C THR F 108 -44.52 -24.18 -12.53
N THR F 109 -45.30 -23.66 -13.46
CA THR F 109 -46.74 -23.95 -13.50
C THR F 109 -47.05 -25.26 -14.19
N LEU F 110 -46.08 -25.77 -14.95
CA LEU F 110 -46.23 -27.07 -15.62
C LEU F 110 -47.46 -27.10 -16.52
N ASP F 111 -47.70 -26.00 -17.23
CA ASP F 111 -48.79 -25.90 -18.19
C ASP F 111 -48.37 -25.05 -19.38
N SER F 112 -49.32 -24.73 -20.25
CA SER F 112 -49.02 -24.03 -21.49
C SER F 112 -48.68 -22.56 -21.30
N LYS F 113 -48.70 -22.09 -20.04
CA LYS F 113 -48.43 -20.69 -19.76
C LYS F 113 -46.94 -20.36 -19.78
N THR F 114 -46.11 -21.36 -19.47
CA THR F 114 -44.66 -21.12 -19.38
C THR F 114 -43.86 -22.23 -20.04
N GLN F 115 -42.58 -21.97 -20.25
CA GLN F 115 -41.67 -23.00 -20.73
C GLN F 115 -41.44 -24.05 -19.66
N SER F 116 -41.43 -25.31 -20.06
CA SER F 116 -41.12 -26.41 -19.14
C SER F 116 -40.10 -27.35 -19.75
N LEU F 117 -39.29 -27.96 -18.89
CA LEU F 117 -38.24 -28.87 -19.32
C LEU F 117 -38.65 -30.33 -19.17
N LEU F 118 -38.68 -31.03 -20.29
CA LEU F 118 -39.08 -32.44 -20.30
C LEU F 118 -37.91 -33.33 -20.68
N ILE F 119 -37.48 -34.16 -19.74
CA ILE F 119 -36.40 -35.11 -19.98
C ILE F 119 -36.95 -36.52 -19.99
N VAL F 120 -36.93 -37.16 -21.16
CA VAL F 120 -37.49 -38.50 -21.28
C VAL F 120 -36.54 -39.48 -21.94
N ASN F 121 -36.38 -40.64 -21.33
CA ASN F 121 -35.55 -41.69 -21.87
C ASN F 121 -36.39 -42.79 -22.51
N ASN F 122 -35.81 -43.48 -23.49
CA ASN F 122 -36.39 -44.69 -24.03
C ASN F 122 -35.32 -45.73 -24.36
N ALA F 123 -35.68 -46.78 -25.09
CA ALA F 123 -34.82 -47.93 -25.33
C ALA F 123 -33.50 -47.57 -26.02
N THR F 124 -33.51 -46.55 -26.89
CA THR F 124 -32.35 -46.27 -27.71
C THR F 124 -31.71 -44.91 -27.44
N ASN F 125 -32.49 -43.95 -26.94
CA ASN F 125 -32.00 -42.58 -26.80
C ASN F 125 -32.62 -41.83 -25.63
N VAL F 126 -32.16 -40.59 -25.45
CA VAL F 126 -32.79 -39.65 -24.54
C VAL F 126 -33.17 -38.38 -25.29
N VAL F 127 -34.36 -37.88 -25.04
CA VAL F 127 -34.80 -36.65 -25.67
C VAL F 127 -35.12 -35.58 -24.65
N ILE F 128 -34.49 -34.43 -24.81
CA ILE F 128 -34.70 -33.32 -23.90
C ILE F 128 -35.26 -32.12 -24.64
N LYS F 129 -36.45 -31.69 -24.23
CA LYS F 129 -37.10 -30.56 -24.89
C LYS F 129 -37.51 -29.50 -23.89
N VAL F 130 -37.49 -28.25 -24.32
CA VAL F 130 -38.09 -27.18 -23.56
C VAL F 130 -39.13 -26.46 -24.39
N CYS F 131 -40.40 -26.61 -23.99
CA CYS F 131 -41.55 -26.11 -24.75
C CYS F 131 -42.66 -25.67 -23.80
N GLU F 132 -43.69 -25.06 -24.37
CA GLU F 132 -44.89 -24.77 -23.59
C GLU F 132 -45.80 -25.98 -23.61
N PHE F 133 -45.54 -26.92 -22.70
CA PHE F 133 -46.26 -28.18 -22.65
C PHE F 133 -47.52 -28.06 -21.81
N GLN F 134 -48.62 -28.57 -22.32
CA GLN F 134 -49.82 -28.69 -21.50
C GLN F 134 -49.92 -30.09 -20.94
N PHE F 135 -49.36 -30.28 -19.75
CA PHE F 135 -49.17 -31.62 -19.19
C PHE F 135 -50.46 -32.23 -18.68
N CYS F 136 -50.49 -33.56 -18.72
CA CYS F 136 -51.66 -34.29 -18.16
C CYS F 136 -51.68 -34.08 -16.65
N ASN F 137 -52.84 -34.27 -16.04
CA ASN F 137 -53.00 -34.16 -14.59
C ASN F 137 -52.18 -35.21 -13.86
N ASP F 138 -52.12 -36.40 -14.45
CA ASP F 138 -51.32 -37.50 -13.91
C ASP F 138 -50.46 -38.11 -15.00
N PRO F 139 -49.40 -37.41 -15.41
CA PRO F 139 -48.60 -37.64 -16.60
C PRO F 139 -47.76 -38.89 -16.45
N PHE F 140 -47.59 -39.62 -17.55
CA PHE F 140 -46.79 -40.83 -17.57
C PHE F 140 -46.45 -41.24 -18.98
N LEU F 141 -45.68 -42.29 -19.11
CA LEU F 141 -45.36 -42.85 -20.41
C LEU F 141 -46.06 -44.20 -20.59
N ASP F 142 -46.71 -44.39 -21.72
CA ASP F 142 -47.33 -45.68 -22.01
C ASP F 142 -46.24 -46.72 -22.20
N VAL F 143 -46.46 -47.93 -21.69
CA VAL F 143 -45.50 -49.00 -21.91
C VAL F 143 -45.46 -49.38 -23.38
N TYR F 144 -46.60 -49.25 -24.06
CA TYR F 144 -46.68 -49.48 -25.48
C TYR F 144 -47.54 -48.39 -26.14
N TYR F 145 -47.02 -47.79 -27.21
CA TYR F 145 -47.70 -46.70 -27.91
C TYR F 145 -48.30 -47.19 -29.22
N LYS F 150 -49.60 -40.06 -32.21
CA LYS F 150 -48.80 -39.06 -31.51
C LYS F 150 -47.32 -39.49 -31.49
N SER F 151 -46.72 -39.54 -30.28
CA SER F 151 -45.32 -39.91 -30.11
C SER F 151 -45.09 -40.60 -28.77
N TRP F 152 -44.03 -41.39 -28.72
CA TRP F 152 -43.64 -42.13 -27.52
C TRP F 152 -43.43 -41.21 -26.32
N MET F 153 -43.17 -39.93 -26.57
CA MET F 153 -42.93 -39.00 -25.47
C MET F 153 -44.06 -38.00 -25.32
N GLU F 154 -45.19 -38.28 -25.97
CA GLU F 154 -46.29 -37.33 -25.99
C GLU F 154 -47.58 -37.88 -25.41
N SER F 155 -48.00 -39.05 -25.89
CA SER F 155 -49.36 -39.52 -25.63
C SER F 155 -49.77 -39.37 -24.17
N GLY F 156 -49.02 -39.97 -23.26
CA GLY F 156 -49.43 -40.04 -21.87
C GLY F 156 -48.85 -38.90 -21.02
N VAL F 157 -48.07 -38.03 -21.65
CA VAL F 157 -47.37 -37.00 -20.88
C VAL F 157 -48.06 -35.66 -20.98
N TYR F 158 -48.41 -35.26 -22.20
CA TYR F 158 -49.04 -33.96 -22.41
C TYR F 158 -50.06 -34.01 -23.55
N SER F 159 -51.00 -33.06 -23.52
CA SER F 159 -52.04 -32.99 -24.53
C SER F 159 -51.59 -32.22 -25.75
N SER F 160 -50.70 -31.26 -25.54
CA SER F 160 -50.18 -30.44 -26.62
C SER F 160 -48.84 -29.81 -26.25
N ALA F 161 -48.10 -29.36 -27.25
CA ALA F 161 -46.87 -28.61 -27.03
C ALA F 161 -46.66 -27.62 -28.15
N ASN F 162 -46.16 -26.44 -27.80
CA ASN F 162 -45.85 -25.41 -28.78
C ASN F 162 -44.68 -24.55 -28.31
N ASN F 163 -44.27 -23.59 -29.16
CA ASN F 163 -43.28 -22.58 -28.81
C ASN F 163 -42.01 -23.20 -28.19
N CYS F 164 -41.50 -24.25 -28.84
CA CYS F 164 -40.28 -24.92 -28.37
C CYS F 164 -39.04 -24.05 -28.57
N THR F 165 -38.20 -23.97 -27.54
CA THR F 165 -37.02 -23.12 -27.57
C THR F 165 -35.72 -23.93 -27.53
N PHE F 166 -35.79 -25.16 -27.03
CA PHE F 166 -34.59 -25.97 -26.90
C PHE F 166 -34.86 -27.44 -27.21
N GLU F 167 -33.93 -28.06 -27.93
CA GLU F 167 -34.00 -29.49 -28.19
C GLU F 167 -32.62 -30.15 -28.16
N TYR F 168 -32.54 -31.29 -27.50
CA TYR F 168 -31.29 -32.03 -27.40
C TYR F 168 -31.55 -33.54 -27.40
N VAL F 169 -30.76 -34.28 -28.18
CA VAL F 169 -30.89 -35.73 -28.22
C VAL F 169 -29.53 -36.41 -28.06
N SER F 170 -29.48 -37.43 -27.22
CA SER F 170 -28.24 -38.18 -27.00
C SER F 170 -28.55 -39.61 -26.56
N GLN F 171 -27.59 -40.23 -25.87
CA GLN F 171 -27.75 -41.59 -25.38
C GLN F 171 -28.52 -41.59 -24.05
N PRO F 172 -29.18 -42.70 -23.70
CA PRO F 172 -30.02 -42.85 -22.53
C PRO F 172 -29.29 -42.50 -21.24
N PHE F 173 -30.01 -41.85 -20.34
CA PHE F 173 -29.51 -41.54 -19.00
C PHE F 173 -29.78 -42.67 -18.01
N LEU F 174 -30.79 -43.51 -18.32
CA LEU F 174 -31.26 -44.58 -17.46
C LEU F 174 -31.10 -45.93 -18.14
N PHE F 184 -29.35 -59.06 -9.99
CA PHE F 184 -29.02 -58.15 -8.89
C PHE F 184 -29.99 -56.96 -8.88
N LYS F 185 -29.48 -55.76 -8.58
CA LYS F 185 -30.26 -54.53 -8.60
C LYS F 185 -29.39 -53.38 -9.08
N ASN F 186 -29.96 -52.48 -9.87
CA ASN F 186 -29.23 -51.32 -10.38
C ASN F 186 -29.66 -50.03 -9.70
N LEU F 187 -28.72 -49.37 -9.04
CA LEU F 187 -28.97 -48.09 -8.40
C LEU F 187 -28.49 -46.93 -9.26
N ARG F 188 -29.39 -45.98 -9.51
CA ARG F 188 -29.06 -44.83 -10.32
C ARG F 188 -29.23 -43.56 -9.52
N GLU F 189 -28.16 -42.75 -9.44
CA GLU F 189 -28.20 -41.52 -8.67
C GLU F 189 -28.01 -40.30 -9.58
N PHE F 190 -28.78 -39.27 -9.31
CA PHE F 190 -28.72 -38.02 -10.07
C PHE F 190 -28.69 -36.80 -9.15
N VAL F 191 -28.01 -35.75 -9.60
CA VAL F 191 -28.09 -34.46 -8.95
C VAL F 191 -28.49 -33.39 -9.95
N PHE F 192 -29.52 -32.63 -9.61
CA PHE F 192 -30.03 -31.59 -10.50
C PHE F 192 -29.79 -30.20 -9.93
N LYS F 193 -29.10 -29.37 -10.70
CA LYS F 193 -28.87 -27.98 -10.35
C LYS F 193 -29.30 -27.07 -11.49
N ASN F 194 -29.70 -25.85 -11.18
CA ASN F 194 -30.12 -24.90 -12.20
C ASN F 194 -29.56 -23.51 -11.91
N ILE F 195 -28.36 -23.25 -12.41
CA ILE F 195 -27.64 -22.04 -12.05
C ILE F 195 -27.22 -21.22 -13.26
N ASP F 196 -27.56 -19.94 -13.26
CA ASP F 196 -27.18 -19.02 -14.32
C ASP F 196 -27.63 -19.49 -15.69
N GLY F 197 -28.80 -20.14 -15.73
CA GLY F 197 -29.39 -20.57 -16.99
C GLY F 197 -28.97 -21.97 -17.39
N TYR F 198 -28.00 -22.54 -16.68
CA TYR F 198 -27.50 -23.86 -17.02
C TYR F 198 -28.13 -24.93 -16.13
N PHE F 199 -28.78 -25.90 -16.77
CA PHE F 199 -29.32 -27.04 -16.05
C PHE F 199 -28.28 -28.15 -16.02
N LYS F 200 -27.71 -28.38 -14.85
CA LYS F 200 -26.60 -29.31 -14.72
C LYS F 200 -27.06 -30.64 -14.16
N ILE F 201 -26.73 -31.71 -14.86
CA ILE F 201 -27.06 -33.04 -14.40
C ILE F 201 -25.80 -33.84 -14.12
N TYR F 202 -25.73 -34.42 -12.92
CA TYR F 202 -24.67 -35.35 -12.56
C TYR F 202 -25.28 -36.73 -12.40
N SER F 203 -24.51 -37.78 -12.65
CA SER F 203 -25.06 -39.12 -12.48
C SER F 203 -24.01 -40.18 -12.17
N LYS F 204 -24.47 -41.27 -11.56
CA LYS F 204 -23.64 -42.45 -11.34
C LYS F 204 -24.50 -43.72 -11.33
N HIS F 205 -23.98 -44.78 -11.93
CA HIS F 205 -24.69 -46.05 -11.99
C HIS F 205 -23.89 -47.16 -11.31
N THR F 206 -24.44 -47.73 -10.25
CA THR F 206 -23.75 -48.79 -9.51
C THR F 206 -24.70 -49.95 -9.21
N PRO F 207 -24.16 -51.16 -9.00
CA PRO F 207 -24.84 -52.34 -8.49
C PRO F 207 -25.16 -52.19 -7.01
N ILE F 208 -26.21 -52.88 -6.57
CA ILE F 208 -26.60 -52.84 -5.17
C ILE F 208 -27.28 -54.15 -4.74
N ASN F 209 -27.08 -54.54 -3.48
CA ASN F 209 -27.69 -55.77 -2.95
C ASN F 209 -28.58 -55.49 -1.75
N LEU F 210 -29.15 -54.30 -1.70
CA LEU F 210 -30.06 -53.91 -0.62
C LEU F 210 -31.48 -53.80 -1.13
N VAL F 211 -32.44 -53.83 -0.22
CA VAL F 211 -33.85 -53.80 -0.60
C VAL F 211 -34.55 -52.50 -0.23
N ARG F 212 -34.39 -52.06 1.02
CA ARG F 212 -35.22 -50.98 1.55
C ARG F 212 -34.46 -49.71 1.89
N ASP F 213 -33.23 -49.59 1.41
CA ASP F 213 -32.44 -48.40 1.74
C ASP F 213 -31.34 -48.13 0.72
N LEU F 214 -30.61 -47.04 0.92
CA LEU F 214 -29.46 -46.67 0.11
C LEU F 214 -28.21 -47.29 0.71
N PRO F 215 -27.22 -47.62 -0.12
CA PRO F 215 -25.98 -48.29 0.23
C PRO F 215 -25.04 -47.37 0.98
N GLN F 216 -24.15 -47.99 1.76
CA GLN F 216 -23.11 -47.20 2.44
C GLN F 216 -21.91 -47.16 1.50
N GLY F 217 -20.82 -46.51 1.91
CA GLY F 217 -19.62 -46.36 1.09
C GLY F 217 -19.68 -45.09 0.28
N PHE F 218 -18.59 -44.77 -0.41
CA PHE F 218 -18.51 -43.51 -1.11
C PHE F 218 -18.36 -43.68 -2.61
N SER F 219 -19.18 -42.95 -3.36
CA SER F 219 -19.08 -42.91 -4.81
C SER F 219 -19.49 -41.55 -5.34
N ALA F 220 -18.59 -40.88 -6.05
CA ALA F 220 -18.85 -39.54 -6.55
C ALA F 220 -19.56 -39.57 -7.89
N LEU F 221 -20.47 -38.63 -8.10
CA LEU F 221 -21.20 -38.51 -9.35
C LEU F 221 -20.49 -37.61 -10.34
N GLU F 222 -20.48 -38.01 -11.60
CA GLU F 222 -19.80 -37.26 -12.64
C GLU F 222 -20.81 -36.43 -13.42
N PRO F 223 -20.39 -35.28 -13.94
CA PRO F 223 -21.13 -34.44 -14.87
C PRO F 223 -21.61 -35.26 -16.05
N LEU F 224 -22.89 -35.13 -16.36
CA LEU F 224 -23.50 -35.86 -17.45
C LEU F 224 -23.77 -34.93 -18.62
N VAL F 225 -24.39 -33.79 -18.34
CA VAL F 225 -24.68 -32.80 -19.37
C VAL F 225 -24.96 -31.43 -18.77
N ASP F 226 -24.46 -30.40 -19.45
CA ASP F 226 -24.74 -29.01 -19.08
C ASP F 226 -25.62 -28.36 -20.15
N LEU F 227 -26.88 -28.12 -19.82
CA LEU F 227 -27.85 -27.62 -20.79
C LEU F 227 -28.11 -26.13 -20.65
N PRO F 228 -27.77 -25.32 -21.68
CA PRO F 228 -27.92 -23.88 -21.76
C PRO F 228 -29.36 -23.50 -22.09
N ILE F 229 -30.26 -23.73 -21.14
CA ILE F 229 -31.68 -23.59 -21.39
C ILE F 229 -32.23 -22.21 -21.03
N GLY F 230 -31.86 -21.70 -19.86
CA GLY F 230 -32.26 -20.35 -19.46
C GLY F 230 -33.71 -20.23 -18.96
N ILE F 231 -34.18 -21.21 -18.18
CA ILE F 231 -35.53 -21.14 -17.61
C ILE F 231 -35.53 -21.27 -16.10
N ASN F 232 -36.64 -20.87 -15.48
CA ASN F 232 -36.78 -20.96 -14.00
C ASN F 232 -37.48 -22.25 -13.59
N ILE F 233 -36.93 -22.97 -12.62
CA ILE F 233 -37.48 -24.22 -12.11
C ILE F 233 -37.79 -24.10 -10.63
N THR F 234 -39.05 -24.36 -10.26
CA THR F 234 -39.47 -24.29 -8.87
C THR F 234 -40.06 -25.61 -8.41
N ARG F 235 -40.52 -26.42 -9.36
CA ARG F 235 -41.16 -27.70 -9.07
C ARG F 235 -40.74 -28.77 -10.07
N PHE F 236 -40.84 -30.02 -9.66
CA PHE F 236 -40.55 -31.11 -10.57
C PHE F 236 -41.39 -32.36 -10.27
N GLN F 237 -41.48 -33.25 -11.25
CA GLN F 237 -42.23 -34.48 -11.12
C GLN F 237 -41.55 -35.63 -11.86
N THR F 238 -41.69 -36.84 -11.34
CA THR F 238 -41.09 -38.01 -11.96
C THR F 238 -42.05 -38.70 -12.92
N LEU F 239 -41.56 -39.01 -14.13
CA LEU F 239 -42.37 -39.71 -15.12
C LEU F 239 -42.08 -41.20 -15.15
N LEU F 240 -43.14 -41.99 -15.04
CA LEU F 240 -43.05 -43.44 -15.01
C LEU F 240 -43.67 -44.07 -16.25
N ALA F 241 -43.23 -45.27 -16.59
CA ALA F 241 -43.89 -46.03 -17.64
C ALA F 241 -44.94 -46.98 -17.06
N LEU F 242 -46.15 -46.94 -17.63
CA LEU F 242 -47.26 -47.80 -17.20
C LEU F 242 -47.75 -48.67 -18.35
N ALA F 261 -41.79 -48.72 -8.71
CA ALA F 261 -41.70 -47.29 -8.97
C ALA F 261 -41.28 -46.52 -7.71
N ALA F 262 -40.23 -47.03 -7.04
CA ALA F 262 -39.71 -46.40 -5.83
C ALA F 262 -38.55 -45.46 -6.16
N TYR F 263 -38.50 -44.33 -5.47
CA TYR F 263 -37.39 -43.40 -5.63
C TYR F 263 -37.17 -42.55 -4.38
N TYR F 264 -36.01 -41.94 -4.31
CA TYR F 264 -35.60 -41.17 -3.14
C TYR F 264 -35.36 -39.71 -3.52
N VAL F 265 -35.80 -38.80 -2.66
CA VAL F 265 -35.58 -37.38 -2.90
C VAL F 265 -34.96 -36.68 -1.71
N GLY F 266 -33.81 -36.05 -1.94
CA GLY F 266 -33.15 -35.23 -0.93
C GLY F 266 -32.91 -33.84 -1.48
N TYR F 267 -32.48 -32.92 -0.64
CA TYR F 267 -32.23 -31.56 -1.09
C TYR F 267 -30.83 -31.09 -0.76
N LEU F 268 -30.24 -30.31 -1.66
CA LEU F 268 -28.88 -29.85 -1.51
C LEU F 268 -28.82 -28.62 -0.62
N GLN F 269 -27.71 -28.45 0.08
CA GLN F 269 -27.48 -27.28 0.91
C GLN F 269 -26.08 -26.73 0.66
N PRO F 270 -25.88 -25.43 0.88
CA PRO F 270 -24.60 -24.75 0.86
C PRO F 270 -23.73 -25.25 2.01
N ARG F 271 -22.79 -26.12 1.67
CA ARG F 271 -22.01 -26.86 2.65
C ARG F 271 -20.52 -26.88 2.30
N THR F 272 -19.68 -27.04 3.32
CA THR F 272 -18.24 -27.18 3.11
C THR F 272 -17.81 -28.62 3.25
N PHE F 273 -17.12 -29.14 2.24
CA PHE F 273 -16.64 -30.51 2.25
C PHE F 273 -15.15 -30.61 1.99
N LEU F 274 -14.52 -31.58 2.62
CA LEU F 274 -13.15 -31.94 2.30
C LEU F 274 -13.14 -33.19 1.45
N LEU F 275 -12.66 -33.07 0.21
CA LEU F 275 -12.71 -34.19 -0.73
C LEU F 275 -11.35 -34.82 -0.92
N LYS F 276 -11.31 -36.15 -0.91
CA LYS F 276 -10.07 -36.89 -1.10
C LYS F 276 -9.95 -37.45 -2.51
N TYR F 277 -8.94 -36.98 -3.24
CA TYR F 277 -8.64 -37.49 -4.58
C TYR F 277 -7.50 -38.49 -4.52
N ASN F 278 -7.69 -39.64 -5.16
CA ASN F 278 -6.64 -40.65 -5.23
C ASN F 278 -5.67 -40.33 -6.36
N GLU F 279 -4.74 -41.23 -6.61
CA GLU F 279 -3.71 -40.99 -7.64
C GLU F 279 -4.27 -40.96 -9.06
N ASN F 280 -5.49 -41.45 -9.26
CA ASN F 280 -6.15 -41.47 -10.56
C ASN F 280 -7.10 -40.29 -10.74
N GLY F 281 -7.14 -39.39 -9.74
CA GLY F 281 -7.99 -38.21 -9.79
C GLY F 281 -9.45 -38.52 -9.46
N THR F 282 -9.68 -39.68 -8.88
CA THR F 282 -11.02 -40.09 -8.50
C THR F 282 -11.28 -39.73 -7.05
N ILE F 283 -12.44 -39.17 -6.76
CA ILE F 283 -12.79 -38.87 -5.38
C ILE F 283 -13.21 -40.16 -4.69
N THR F 284 -12.49 -40.52 -3.63
CA THR F 284 -12.72 -41.79 -2.98
C THR F 284 -13.35 -41.63 -1.61
N ASP F 285 -13.20 -40.44 -1.03
CA ASP F 285 -13.80 -40.18 0.27
C ASP F 285 -14.12 -38.69 0.44
N ALA F 286 -14.81 -38.36 1.52
CA ALA F 286 -15.16 -36.98 1.80
C ALA F 286 -15.54 -36.78 3.26
N VAL F 287 -15.35 -35.56 3.75
CA VAL F 287 -15.81 -35.18 5.09
C VAL F 287 -16.78 -34.02 5.05
N ASP F 288 -17.95 -34.21 5.66
CA ASP F 288 -18.90 -33.13 5.85
C ASP F 288 -18.50 -32.32 7.07
N CYS F 289 -17.94 -31.13 6.85
CA CYS F 289 -17.23 -30.38 7.87
C CYS F 289 -18.16 -29.86 8.97
N ALA F 290 -19.47 -29.94 8.73
CA ALA F 290 -20.42 -29.43 9.70
C ALA F 290 -21.25 -30.54 10.32
N LEU F 291 -20.84 -31.79 10.09
CA LEU F 291 -21.58 -32.93 10.60
C LEU F 291 -21.45 -33.07 12.12
N ASP F 292 -20.21 -33.03 12.60
CA ASP F 292 -19.93 -33.21 14.03
C ASP F 292 -18.54 -32.63 14.34
N PRO F 293 -18.21 -32.43 15.63
CA PRO F 293 -16.93 -31.91 16.12
C PRO F 293 -15.72 -32.66 15.59
N LEU F 294 -15.86 -33.97 15.38
CA LEU F 294 -14.75 -34.76 14.85
C LEU F 294 -14.49 -34.42 13.39
N SER F 295 -15.56 -34.25 12.62
CA SER F 295 -15.44 -33.90 11.22
C SER F 295 -14.85 -32.51 11.07
N GLU F 296 -15.23 -31.62 11.97
CA GLU F 296 -14.69 -30.27 11.99
C GLU F 296 -13.19 -30.32 12.23
N THR F 297 -12.77 -31.19 13.15
CA THR F 297 -11.35 -31.38 13.45
C THR F 297 -10.61 -31.87 12.22
N LYS F 298 -11.18 -32.85 11.54
CA LYS F 298 -10.56 -33.41 10.33
C LYS F 298 -10.38 -32.35 9.24
N CYS F 299 -11.40 -31.50 9.04
CA CYS F 299 -11.35 -30.43 8.05
C CYS F 299 -10.32 -29.37 8.44
N THR F 300 -10.28 -29.04 9.73
CA THR F 300 -9.33 -28.05 10.23
C THR F 300 -7.89 -28.48 10.01
N LEU F 301 -7.62 -29.76 10.24
CA LEU F 301 -6.28 -30.30 10.12
C LEU F 301 -6.07 -30.76 8.69
N LYS F 302 -7.06 -30.63 7.81
CA LYS F 302 -6.96 -31.13 6.42
C LYS F 302 -6.44 -32.58 6.43
N SER F 303 -7.09 -33.46 7.19
CA SER F 303 -6.63 -34.84 7.25
C SER F 303 -7.83 -35.72 7.57
N PHE F 304 -7.84 -36.93 7.04
CA PHE F 304 -8.91 -37.89 7.32
C PHE F 304 -8.57 -38.75 8.52
N THR F 305 -7.36 -38.56 9.06
CA THR F 305 -6.92 -39.29 10.24
C THR F 305 -6.44 -38.32 11.30
N VAL F 306 -6.93 -38.49 12.52
CA VAL F 306 -6.55 -37.61 13.61
C VAL F 306 -5.89 -38.39 14.74
N GLU F 307 -4.70 -37.94 15.13
CA GLU F 307 -3.96 -38.59 16.21
C GLU F 307 -4.46 -38.12 17.57
N LYS F 308 -4.13 -38.85 18.61
CA LYS F 308 -4.53 -38.51 19.96
C LYS F 308 -4.04 -37.13 20.37
N GLY F 309 -4.91 -36.33 20.96
CA GLY F 309 -4.53 -35.02 21.44
C GLY F 309 -5.70 -34.07 21.55
N ILE F 310 -5.39 -32.80 21.79
CA ILE F 310 -6.40 -31.75 21.89
C ILE F 310 -6.13 -30.70 20.82
N TYR F 311 -7.17 -30.35 20.06
CA TYR F 311 -7.01 -29.42 18.95
C TYR F 311 -8.00 -28.27 19.03
N GLN F 312 -7.53 -27.07 18.76
CA GLN F 312 -8.45 -25.95 18.63
C GLN F 312 -8.97 -25.89 17.20
N THR F 313 -10.29 -26.00 17.06
CA THR F 313 -10.87 -26.12 15.74
C THR F 313 -11.64 -24.88 15.33
N SER F 314 -12.18 -24.17 16.31
CA SER F 314 -13.03 -23.02 16.01
C SER F 314 -13.18 -22.09 17.19
N ASN F 315 -14.06 -21.11 17.03
CA ASN F 315 -14.40 -20.18 18.09
C ASN F 315 -15.91 -20.14 18.25
N PHE F 316 -16.37 -19.78 19.45
CA PHE F 316 -17.79 -19.57 19.66
C PHE F 316 -18.05 -18.11 19.98
N ARG F 317 -19.24 -17.65 19.66
CA ARG F 317 -19.62 -16.27 19.94
C ARG F 317 -21.11 -16.16 20.17
N VAL F 318 -21.50 -15.42 21.19
CA VAL F 318 -22.90 -15.14 21.44
C VAL F 318 -23.42 -14.06 20.50
N GLN F 319 -24.53 -14.35 19.84
CA GLN F 319 -25.11 -13.40 18.90
C GLN F 319 -26.10 -12.47 19.62
N PRO F 320 -26.25 -11.24 19.13
CA PRO F 320 -27.18 -10.25 19.61
C PRO F 320 -28.62 -10.70 19.42
N THR F 321 -29.44 -10.45 20.44
CA THR F 321 -30.83 -10.88 20.44
C THR F 321 -31.74 -9.83 19.79
N GLU F 322 -31.34 -8.56 19.89
CA GLU F 322 -32.13 -7.47 19.34
C GLU F 322 -31.27 -6.23 19.12
N SER F 323 -31.85 -5.22 18.48
CA SER F 323 -31.15 -3.96 18.27
C SER F 323 -31.89 -2.81 18.97
N ILE F 324 -31.14 -1.92 19.60
CA ILE F 324 -31.74 -0.76 20.24
C ILE F 324 -31.12 0.54 19.75
N VAL F 325 -31.94 1.59 19.68
CA VAL F 325 -31.48 2.90 19.25
C VAL F 325 -31.83 3.96 20.27
N ARG F 326 -30.84 4.74 20.68
CA ARG F 326 -31.08 5.79 21.64
C ARG F 326 -30.52 7.13 21.15
N PHE F 327 -31.40 7.96 20.60
CA PHE F 327 -31.04 9.30 20.15
C PHE F 327 -31.63 10.34 21.10
N PRO F 328 -31.13 11.59 21.08
CA PRO F 328 -31.66 12.74 21.77
C PRO F 328 -33.12 12.95 21.35
N ASN F 329 -33.95 13.36 22.30
CA ASN F 329 -35.39 13.52 22.03
C ASN F 329 -35.74 14.97 21.67
N ILE F 330 -35.02 15.51 20.69
CA ILE F 330 -35.33 16.83 20.13
C ILE F 330 -36.19 16.67 18.88
N THR F 331 -37.14 17.57 18.69
CA THR F 331 -38.09 17.43 17.59
C THR F 331 -37.98 18.52 16.53
N ASN F 332 -37.25 19.59 16.82
CA ASN F 332 -37.12 20.68 15.87
C ASN F 332 -36.30 20.26 14.66
N LEU F 333 -36.69 20.73 13.49
CA LEU F 333 -35.99 20.37 12.26
C LEU F 333 -34.90 21.38 11.91
N CYS F 334 -33.84 20.90 11.26
CA CYS F 334 -32.75 21.74 10.78
C CYS F 334 -33.22 22.59 9.60
N PRO F 335 -32.93 23.90 9.64
CA PRO F 335 -33.33 24.92 8.69
C PRO F 335 -32.50 24.86 7.41
N PHE F 336 -32.57 23.73 6.71
CA PHE F 336 -31.84 23.59 5.46
C PHE F 336 -32.51 24.34 4.33
N GLY F 337 -33.83 24.28 4.29
CA GLY F 337 -34.59 24.91 3.22
C GLY F 337 -34.36 26.41 3.19
N GLU F 338 -34.06 26.99 4.34
CA GLU F 338 -33.78 28.42 4.44
C GLU F 338 -32.49 28.77 3.70
N VAL F 339 -31.63 27.78 3.50
CA VAL F 339 -30.38 27.96 2.77
C VAL F 339 -30.61 27.77 1.28
N PHE F 340 -31.39 26.75 0.95
CA PHE F 340 -31.61 26.36 -0.44
C PHE F 340 -32.52 27.32 -1.21
N ASN F 341 -33.55 27.87 -0.55
CA ASN F 341 -34.53 28.71 -1.24
C ASN F 341 -34.38 30.19 -0.87
N ALA F 342 -33.17 30.62 -0.49
CA ALA F 342 -32.88 32.02 -0.25
C ALA F 342 -33.04 32.83 -1.54
N THR F 343 -33.58 34.03 -1.42
CA THR F 343 -33.81 34.87 -2.59
C THR F 343 -32.50 35.25 -3.26
N ARG F 344 -31.52 35.63 -2.44
CA ARG F 344 -30.25 36.08 -2.97
C ARG F 344 -29.11 35.19 -2.51
N PHE F 345 -28.26 34.81 -3.46
CA PHE F 345 -27.05 34.07 -3.14
C PHE F 345 -25.82 34.97 -3.23
N ALA F 346 -24.80 34.62 -2.47
CA ALA F 346 -23.55 35.36 -2.45
C ALA F 346 -22.68 35.07 -3.66
N SER F 347 -21.79 36.00 -3.96
CA SER F 347 -20.69 35.76 -4.89
C SER F 347 -19.74 34.74 -4.29
N VAL F 348 -19.06 34.00 -5.14
CA VAL F 348 -18.18 32.94 -4.68
C VAL F 348 -16.96 33.46 -3.91
N TYR F 349 -16.49 34.65 -4.24
CA TYR F 349 -15.35 35.21 -3.53
C TYR F 349 -15.74 35.64 -2.12
N ALA F 350 -17.01 35.98 -1.95
CA ALA F 350 -17.54 36.40 -0.66
C ALA F 350 -18.67 35.47 -0.22
N TRP F 351 -18.34 34.19 -0.12
CA TRP F 351 -19.33 33.15 0.10
C TRP F 351 -19.95 33.23 1.49
N ASN F 352 -21.20 32.80 1.60
CA ASN F 352 -21.90 32.82 2.88
C ASN F 352 -21.69 31.53 3.64
N ARG F 353 -21.70 31.62 4.97
CA ARG F 353 -21.66 30.44 5.82
C ARG F 353 -22.71 30.53 6.91
N LYS F 354 -23.47 29.45 7.08
CA LYS F 354 -24.45 29.34 8.15
C LYS F 354 -24.16 28.13 9.03
N ARG F 355 -24.18 28.33 10.34
CA ARG F 355 -24.00 27.22 11.26
C ARG F 355 -25.32 26.60 11.64
N ILE F 356 -25.38 25.28 11.56
CA ILE F 356 -26.55 24.51 11.94
C ILE F 356 -26.25 23.61 13.12
N SER F 357 -27.08 23.68 14.16
CA SER F 357 -26.87 22.89 15.36
C SER F 357 -28.17 22.66 16.13
N ASN F 358 -28.15 21.69 17.03
CA ASN F 358 -29.26 21.41 17.93
C ASN F 358 -30.59 21.21 17.19
N CYS F 359 -30.62 20.25 16.27
CA CYS F 359 -31.78 20.01 15.42
C CYS F 359 -31.76 18.62 14.79
N VAL F 360 -32.88 18.25 14.17
CA VAL F 360 -33.00 16.99 13.46
C VAL F 360 -32.82 17.20 11.97
N ALA F 361 -31.86 16.50 11.39
CA ALA F 361 -31.48 16.70 10.00
C ALA F 361 -31.94 15.56 9.11
N ASP F 362 -32.94 15.82 8.27
CA ASP F 362 -33.38 14.84 7.29
C ASP F 362 -32.70 15.10 5.97
N TYR F 363 -31.79 14.21 5.58
CA TYR F 363 -30.97 14.44 4.41
C TYR F 363 -31.55 13.75 3.18
N SER F 364 -32.61 12.97 3.39
CA SER F 364 -33.16 12.17 2.30
C SER F 364 -34.06 13.03 1.43
N VAL F 365 -34.62 14.07 2.01
CA VAL F 365 -35.46 14.99 1.27
C VAL F 365 -34.64 15.74 0.22
N LEU F 366 -33.36 15.93 0.52
CA LEU F 366 -32.47 16.58 -0.44
C LEU F 366 -31.93 15.59 -1.44
N TYR F 367 -31.47 14.44 -0.95
CA TYR F 367 -30.83 13.46 -1.82
C TYR F 367 -31.80 12.86 -2.83
N ASN F 368 -33.05 12.65 -2.41
CA ASN F 368 -34.03 12.01 -3.27
C ASN F 368 -34.78 13.02 -4.13
N SER F 369 -34.36 14.27 -4.07
CA SER F 369 -34.97 15.31 -4.90
C SER F 369 -34.56 15.17 -6.35
N ALA F 370 -35.45 15.54 -7.26
CA ALA F 370 -35.17 15.51 -8.68
C ALA F 370 -34.65 16.85 -9.18
N SER F 371 -34.57 17.82 -8.28
CA SER F 371 -34.30 19.20 -8.68
C SER F 371 -32.82 19.58 -8.67
N PHE F 372 -31.98 18.69 -8.15
CA PHE F 372 -30.54 18.99 -8.07
C PHE F 372 -29.78 18.25 -9.16
N SER F 373 -28.88 18.97 -9.83
CA SER F 373 -28.11 18.37 -10.92
C SER F 373 -26.85 17.71 -10.39
N THR F 374 -26.34 18.21 -9.28
CA THR F 374 -25.16 17.66 -8.65
C THR F 374 -25.43 17.35 -7.18
N PHE F 375 -25.03 16.16 -6.75
CA PHE F 375 -25.09 15.80 -5.35
C PHE F 375 -24.00 14.80 -5.04
N LYS F 376 -22.86 15.30 -4.58
CA LYS F 376 -21.70 14.44 -4.36
C LYS F 376 -21.22 14.52 -2.91
N CYS F 377 -20.99 13.37 -2.30
CA CYS F 377 -20.53 13.31 -0.92
C CYS F 377 -19.12 12.76 -0.82
N TYR F 378 -18.38 13.27 0.16
CA TYR F 378 -17.01 12.86 0.40
C TYR F 378 -16.84 12.49 1.86
N GLY F 379 -16.20 11.36 2.13
CA GLY F 379 -15.94 10.93 3.49
C GLY F 379 -17.17 10.30 4.13
N VAL F 380 -18.26 10.26 3.37
CA VAL F 380 -19.52 9.72 3.87
C VAL F 380 -20.42 9.34 2.72
N SER F 381 -21.19 8.27 2.90
CA SER F 381 -22.19 7.87 1.92
C SER F 381 -23.48 8.64 2.12
N PRO F 382 -24.12 9.11 1.03
CA PRO F 382 -25.33 9.90 1.00
C PRO F 382 -26.53 9.11 1.50
N THR F 383 -26.40 7.79 1.57
CA THR F 383 -27.49 6.94 1.99
C THR F 383 -27.37 6.55 3.45
N LYS F 384 -26.31 7.02 4.11
CA LYS F 384 -26.09 6.69 5.51
C LYS F 384 -26.19 7.93 6.41
N LEU F 385 -26.43 9.08 5.80
CA LEU F 385 -26.43 10.35 6.53
C LEU F 385 -27.48 10.39 7.63
N ASN F 386 -28.62 9.77 7.38
CA ASN F 386 -29.71 9.80 8.35
C ASN F 386 -29.45 8.93 9.58
N ASP F 387 -28.38 8.15 9.53
CA ASP F 387 -28.04 7.28 10.65
C ASP F 387 -26.93 7.88 11.51
N LEU F 388 -26.45 9.05 11.12
CA LEU F 388 -25.30 9.64 11.77
C LEU F 388 -25.67 10.84 12.63
N CYS F 389 -24.77 11.18 13.56
CA CYS F 389 -24.87 12.38 14.38
C CYS F 389 -23.59 13.19 14.31
N PHE F 390 -23.72 14.50 14.25
CA PHE F 390 -22.58 15.40 14.13
C PHE F 390 -22.62 16.48 15.19
N THR F 391 -21.47 17.07 15.49
CA THR F 391 -21.41 18.13 16.50
C THR F 391 -21.90 19.45 15.92
N ASN F 392 -21.53 19.70 14.68
CA ASN F 392 -22.02 20.86 13.94
C ASN F 392 -22.13 20.56 12.46
N VAL F 393 -22.99 21.30 11.78
CA VAL F 393 -23.03 21.27 10.32
C VAL F 393 -22.91 22.68 9.77
N TYR F 394 -22.03 22.86 8.80
CA TYR F 394 -21.93 24.16 8.14
C TYR F 394 -22.54 24.11 6.77
N ALA F 395 -23.27 25.15 6.41
CA ALA F 395 -23.83 25.26 5.08
C ALA F 395 -23.28 26.49 4.37
N ASP F 396 -22.43 26.26 3.37
CA ASP F 396 -21.84 27.34 2.61
C ASP F 396 -22.57 27.51 1.28
N SER F 397 -22.79 28.73 0.85
CA SER F 397 -23.52 28.93 -0.40
C SER F 397 -22.99 30.09 -1.25
N PHE F 398 -23.06 29.90 -2.57
CA PHE F 398 -22.57 30.87 -3.53
C PHE F 398 -23.00 30.56 -4.96
N VAL F 399 -22.73 31.49 -5.88
CA VAL F 399 -22.99 31.27 -7.31
C VAL F 399 -21.71 31.25 -8.15
N ILE F 400 -21.59 30.22 -8.98
CA ILE F 400 -20.52 30.07 -9.98
C ILE F 400 -21.13 29.69 -11.32
N ARG F 401 -20.30 29.58 -12.36
CA ARG F 401 -20.83 29.14 -13.64
C ARG F 401 -20.69 27.63 -13.81
N GLY F 402 -21.52 27.05 -14.68
CA GLY F 402 -21.62 25.60 -14.86
C GLY F 402 -20.27 24.88 -14.96
N ASP F 403 -19.38 25.39 -15.81
CA ASP F 403 -18.10 24.71 -16.03
C ASP F 403 -17.23 24.64 -14.78
N GLU F 404 -17.51 25.50 -13.81
CA GLU F 404 -16.67 25.61 -12.62
C GLU F 404 -17.14 24.71 -11.49
N VAL F 405 -18.27 24.05 -11.68
CA VAL F 405 -18.84 23.23 -10.60
C VAL F 405 -17.90 22.09 -10.24
N ARG F 406 -17.15 21.60 -11.23
CA ARG F 406 -16.18 20.53 -10.99
C ARG F 406 -15.04 20.94 -10.06
N GLN F 407 -14.86 22.24 -9.85
CA GLN F 407 -13.78 22.72 -8.99
C GLN F 407 -14.17 22.65 -7.53
N ILE F 408 -15.44 22.45 -7.25
CA ILE F 408 -15.88 22.38 -5.86
C ILE F 408 -15.76 20.95 -5.36
N ALA F 409 -14.53 20.56 -5.10
CA ALA F 409 -14.19 19.22 -4.66
C ALA F 409 -12.77 19.21 -4.10
N PRO F 410 -12.43 18.25 -3.25
CA PRO F 410 -11.10 17.98 -2.74
C PRO F 410 -10.11 17.73 -3.87
N GLY F 411 -8.92 18.32 -3.76
CA GLY F 411 -7.82 18.06 -4.68
C GLY F 411 -7.99 18.71 -6.05
N GLN F 412 -8.75 19.80 -6.12
CA GLN F 412 -8.97 20.47 -7.40
C GLN F 412 -8.15 21.74 -7.52
N THR F 413 -7.89 22.14 -8.76
CA THR F 413 -7.21 23.39 -9.04
C THR F 413 -8.01 24.23 -10.03
N GLY F 414 -7.69 25.52 -10.09
CA GLY F 414 -8.39 26.44 -10.96
C GLY F 414 -8.68 27.73 -10.22
N LYS F 415 -9.18 28.73 -10.92
CA LYS F 415 -9.37 30.05 -10.31
C LYS F 415 -10.31 30.01 -9.12
N ILE F 416 -11.30 29.13 -9.16
CA ILE F 416 -12.26 29.06 -8.06
C ILE F 416 -11.68 28.29 -6.91
N ALA F 417 -11.10 27.14 -7.20
CA ALA F 417 -10.51 26.30 -6.18
C ALA F 417 -9.36 27.01 -5.46
N ASP F 418 -8.62 27.83 -6.20
CA ASP F 418 -7.41 28.44 -5.66
C ASP F 418 -7.63 29.80 -5.01
N TYR F 419 -8.51 30.63 -5.57
CA TYR F 419 -8.62 32.01 -5.09
C TYR F 419 -9.97 32.36 -4.47
N ASN F 420 -10.96 31.48 -4.58
CA ASN F 420 -12.30 31.83 -4.13
C ASN F 420 -12.81 30.94 -3.01
N TYR F 421 -12.91 29.63 -3.28
CA TYR F 421 -13.45 28.69 -2.31
C TYR F 421 -12.67 27.39 -2.32
N LYS F 422 -11.96 27.12 -1.23
CA LYS F 422 -11.11 25.95 -1.15
C LYS F 422 -11.63 24.91 -0.17
N LEU F 423 -11.69 23.65 -0.62
CA LEU F 423 -12.02 22.54 0.27
C LEU F 423 -10.75 21.79 0.67
N PRO F 424 -10.72 21.23 1.87
CA PRO F 424 -9.67 20.38 2.42
C PRO F 424 -9.66 19.02 1.74
N ASP F 425 -8.55 18.32 1.84
CA ASP F 425 -8.39 17.01 1.22
C ASP F 425 -9.08 15.93 2.06
N ASP F 426 -9.20 16.17 3.35
CA ASP F 426 -9.88 15.25 4.25
C ASP F 426 -11.30 15.73 4.52
N PHE F 427 -11.88 16.39 3.53
CA PHE F 427 -13.22 16.95 3.62
C PHE F 427 -14.27 15.87 3.87
N THR F 428 -15.15 16.14 4.82
CA THR F 428 -16.31 15.30 5.04
C THR F 428 -17.57 16.14 4.86
N GLY F 429 -18.36 15.80 3.86
CA GLY F 429 -19.52 16.63 3.53
C GLY F 429 -20.06 16.33 2.15
N CYS F 430 -21.03 17.15 1.72
CA CYS F 430 -21.69 16.98 0.43
C CYS F 430 -21.78 18.29 -0.34
N VAL F 431 -21.56 18.21 -1.65
CA VAL F 431 -21.67 19.36 -2.53
C VAL F 431 -22.93 19.24 -3.40
N ILE F 432 -23.80 20.23 -3.28
CA ILE F 432 -25.08 20.22 -3.96
C ILE F 432 -25.22 21.43 -4.88
N ALA F 433 -25.59 21.21 -6.13
CA ALA F 433 -25.72 22.32 -7.07
C ALA F 433 -26.88 22.14 -8.03
N TRP F 434 -27.42 23.27 -8.49
CA TRP F 434 -28.48 23.26 -9.48
C TRP F 434 -28.41 24.49 -10.38
N ASN F 435 -28.94 24.35 -11.58
CA ASN F 435 -28.99 25.43 -12.56
C ASN F 435 -29.98 26.51 -12.13
N SER F 436 -29.54 27.76 -12.14
CA SER F 436 -30.38 28.88 -11.71
C SER F 436 -30.53 29.93 -12.80
N ASN F 437 -30.46 29.50 -14.06
CA ASN F 437 -30.55 30.42 -15.20
C ASN F 437 -31.81 31.29 -15.11
N ASN F 438 -32.90 30.71 -14.63
CA ASN F 438 -34.18 31.42 -14.57
C ASN F 438 -34.22 32.51 -13.49
N LEU F 439 -33.28 32.46 -12.55
CA LEU F 439 -33.28 33.42 -11.46
C LEU F 439 -32.13 34.42 -11.56
N ASP F 440 -30.97 33.94 -11.97
CA ASP F 440 -29.75 34.73 -11.86
C ASP F 440 -29.31 35.39 -13.18
N SER F 441 -29.88 34.96 -14.30
CA SER F 441 -29.52 35.56 -15.57
C SER F 441 -30.46 36.71 -15.92
N LYS F 442 -29.91 37.73 -16.57
CA LYS F 442 -30.71 38.88 -17.01
C LYS F 442 -30.45 39.19 -18.46
N VAL F 443 -31.43 39.78 -19.13
CA VAL F 443 -31.22 40.25 -20.49
C VAL F 443 -30.34 41.49 -20.47
N GLY F 444 -29.20 41.40 -21.13
CA GLY F 444 -28.21 42.46 -21.07
C GLY F 444 -27.04 42.09 -20.17
N GLY F 445 -27.24 41.08 -19.32
CA GLY F 445 -26.18 40.58 -18.46
C GLY F 445 -26.34 40.97 -16.99
N ASN F 446 -26.23 39.97 -16.11
CA ASN F 446 -26.26 40.20 -14.68
C ASN F 446 -24.84 40.29 -14.13
N TYR F 447 -24.44 41.47 -13.72
CA TYR F 447 -23.05 41.72 -13.32
C TYR F 447 -22.89 41.80 -11.81
N ASN F 448 -23.88 41.29 -11.07
CA ASN F 448 -23.82 41.31 -9.62
C ASN F 448 -22.91 40.22 -9.06
N TYR F 449 -22.80 39.10 -9.76
CA TYR F 449 -22.00 37.99 -9.29
C TYR F 449 -20.56 38.11 -9.75
N ARG F 450 -19.63 38.02 -8.81
CA ARG F 450 -18.23 38.25 -9.09
C ARG F 450 -17.34 37.16 -8.50
N TYR F 451 -16.13 37.06 -9.02
CA TYR F 451 -15.15 36.11 -8.54
C TYR F 451 -13.75 36.71 -8.54
N ARG F 452 -12.86 36.13 -7.76
CA ARG F 452 -11.49 36.59 -7.69
C ARG F 452 -10.65 35.96 -8.79
N LEU F 453 -9.98 36.82 -9.56
CA LEU F 453 -9.21 36.40 -10.71
C LEU F 453 -7.72 36.38 -10.40
N PHE F 454 -7.27 37.31 -9.55
CA PHE F 454 -5.85 37.37 -9.20
C PHE F 454 -5.62 37.35 -7.71
N ARG F 455 -4.63 36.60 -7.27
CA ARG F 455 -4.22 36.58 -5.87
C ARG F 455 -2.75 36.20 -5.76
N LYS F 456 -2.08 36.69 -4.72
CA LYS F 456 -0.65 36.44 -4.56
C LYS F 456 -0.34 35.02 -4.09
N SER F 457 -1.33 34.37 -3.50
CA SER F 457 -1.17 32.99 -3.06
C SER F 457 -2.52 32.27 -3.03
N ASN F 458 -2.48 30.95 -2.94
CA ASN F 458 -3.70 30.16 -2.85
C ASN F 458 -4.34 30.28 -1.48
N LEU F 459 -5.65 30.11 -1.43
CA LEU F 459 -6.38 30.09 -0.18
C LEU F 459 -6.15 28.80 0.58
N LYS F 460 -6.25 28.86 1.90
CA LYS F 460 -6.35 27.67 2.72
C LYS F 460 -7.81 27.23 2.73
N PRO F 461 -8.09 25.96 3.06
CA PRO F 461 -9.41 25.40 3.18
C PRO F 461 -10.30 26.28 4.04
N PHE F 462 -11.47 26.62 3.50
CA PHE F 462 -12.47 27.43 4.16
C PHE F 462 -12.00 28.84 4.51
N GLU F 463 -10.98 29.32 3.81
CA GLU F 463 -10.57 30.71 3.93
C GLU F 463 -11.44 31.62 3.07
N ARG F 464 -11.73 32.81 3.57
CA ARG F 464 -12.57 33.76 2.87
C ARG F 464 -11.88 35.11 2.70
N ASP F 465 -11.68 35.53 1.46
CA ASP F 465 -10.97 36.77 1.16
C ASP F 465 -11.85 37.73 0.37
N ILE F 466 -12.21 38.85 0.98
CA ILE F 466 -13.12 39.80 0.36
C ILE F 466 -12.48 41.15 0.11
N SER F 467 -11.15 41.19 0.07
CA SER F 467 -10.42 42.43 -0.18
C SER F 467 -10.48 42.83 -1.64
N THR F 468 -10.21 44.10 -1.93
CA THR F 468 -10.18 44.61 -3.29
C THR F 468 -8.84 45.28 -3.61
N GLU F 469 -7.80 44.86 -2.92
CA GLU F 469 -6.45 45.39 -3.12
C GLU F 469 -5.98 45.18 -4.55
N ILE F 470 -5.43 46.22 -5.16
CA ILE F 470 -4.90 46.13 -6.52
C ILE F 470 -3.76 45.13 -6.58
N TYR F 471 -3.82 44.23 -7.55
CA TYR F 471 -2.86 43.15 -7.68
C TYR F 471 -1.63 43.60 -8.45
N GLN F 472 -0.46 43.35 -7.88
CA GLN F 472 0.80 43.71 -8.52
C GLN F 472 1.36 42.55 -9.30
N ALA F 473 1.32 42.66 -10.63
CA ALA F 473 1.79 41.60 -11.50
C ALA F 473 3.27 41.78 -11.81
N GLY F 474 3.72 43.03 -11.81
CA GLY F 474 5.09 43.35 -12.16
C GLY F 474 5.95 43.55 -10.92
N SER F 475 7.09 44.23 -11.10
CA SER F 475 8.02 44.48 -10.01
C SER F 475 7.80 45.86 -9.39
N LYS F 476 7.17 46.75 -10.16
CA LYS F 476 6.89 48.10 -9.70
C LYS F 476 5.63 48.12 -8.83
N PRO F 477 5.70 48.73 -7.64
CA PRO F 477 4.60 48.98 -6.71
C PRO F 477 3.46 49.72 -7.41
N CYS F 478 2.22 49.33 -7.09
CA CYS F 478 1.04 49.94 -7.69
C CYS F 478 0.55 51.12 -6.86
N ASN F 479 0.74 51.03 -5.55
CA ASN F 479 0.31 52.07 -4.63
C ASN F 479 -1.17 52.41 -4.78
N GLY F 480 -1.97 51.38 -5.03
CA GLY F 480 -3.43 51.54 -5.10
C GLY F 480 -3.91 52.05 -6.46
N VAL F 481 -2.99 52.16 -7.42
CA VAL F 481 -3.34 52.68 -8.73
C VAL F 481 -3.42 51.57 -9.79
N GLU F 482 -4.56 51.47 -10.45
CA GLU F 482 -4.78 50.48 -11.49
C GLU F 482 -4.18 50.93 -12.82
N GLY F 483 -3.53 50.01 -13.53
CA GLY F 483 -2.90 50.33 -14.80
C GLY F 483 -2.03 49.18 -15.28
N PHE F 484 -0.94 49.50 -15.96
CA PHE F 484 -0.07 48.47 -16.51
C PHE F 484 0.57 47.66 -15.38
N ASN F 485 0.42 46.34 -15.45
CA ASN F 485 0.90 45.42 -14.41
C ASN F 485 0.27 45.65 -13.03
N CYS F 486 -0.88 46.34 -13.01
CA CYS F 486 -1.63 46.62 -11.77
C CYS F 486 -3.12 46.39 -12.00
N TYR F 487 -3.61 45.25 -11.54
CA TYR F 487 -4.94 44.79 -11.94
C TYR F 487 -5.96 44.88 -10.82
N PHE F 488 -7.21 45.11 -11.18
CA PHE F 488 -8.30 44.93 -10.24
C PHE F 488 -8.60 43.43 -10.11
N PRO F 489 -8.52 42.88 -8.90
CA PRO F 489 -8.48 41.47 -8.58
C PRO F 489 -9.78 40.71 -8.88
N LEU F 490 -10.88 41.43 -9.01
CA LEU F 490 -12.17 40.77 -9.22
C LEU F 490 -12.69 40.93 -10.64
N GLN F 491 -13.59 40.03 -11.03
CA GLN F 491 -14.26 40.11 -12.33
C GLN F 491 -15.68 39.56 -12.23
N SER F 492 -16.56 40.03 -13.11
CA SER F 492 -17.97 39.61 -13.11
C SER F 492 -18.24 38.51 -14.12
N TYR F 493 -19.29 37.73 -13.87
CA TYR F 493 -19.72 36.70 -14.79
C TYR F 493 -20.54 37.26 -15.94
N GLY F 494 -21.42 38.22 -15.62
CA GLY F 494 -22.28 38.80 -16.64
C GLY F 494 -23.26 37.78 -17.20
N PHE F 495 -23.98 37.10 -16.32
CA PHE F 495 -24.83 35.99 -16.73
C PHE F 495 -25.97 36.45 -17.62
N GLN F 496 -26.17 35.74 -18.73
CA GLN F 496 -27.25 36.01 -19.67
C GLN F 496 -28.02 34.74 -19.99
N PRO F 497 -29.33 34.85 -20.21
CA PRO F 497 -30.27 33.77 -20.41
C PRO F 497 -29.99 32.97 -21.67
N THR F 498 -29.20 33.55 -22.59
CA THR F 498 -28.92 32.91 -23.86
C THR F 498 -27.53 32.28 -23.89
N ASN F 499 -26.85 32.27 -22.75
CA ASN F 499 -25.52 31.67 -22.66
C ASN F 499 -25.60 30.16 -22.80
N GLY F 500 -24.49 29.56 -23.23
CA GLY F 500 -24.38 28.11 -23.24
C GLY F 500 -24.38 27.58 -21.81
N VAL F 501 -24.67 26.31 -21.64
CA VAL F 501 -24.86 25.74 -20.30
C VAL F 501 -23.65 25.96 -19.40
N GLY F 502 -22.46 25.84 -19.96
CA GLY F 502 -21.23 25.99 -19.19
C GLY F 502 -21.06 27.42 -18.67
N TYR F 503 -21.80 28.35 -19.24
CA TYR F 503 -21.73 29.75 -18.86
C TYR F 503 -22.99 30.23 -18.16
N GLN F 504 -23.87 29.30 -17.83
CA GLN F 504 -25.06 29.61 -17.06
C GLN F 504 -24.73 29.54 -15.57
N PRO F 505 -25.41 30.31 -14.74
CA PRO F 505 -25.25 30.37 -13.30
C PRO F 505 -25.73 29.10 -12.63
N TYR F 506 -24.97 28.64 -11.65
CA TYR F 506 -25.36 27.53 -10.80
C TYR F 506 -25.28 27.93 -9.34
N ARG F 507 -26.31 27.59 -8.59
CA ARG F 507 -26.30 27.82 -7.16
C ARG F 507 -25.75 26.61 -6.44
N VAL F 508 -24.78 26.86 -5.58
CA VAL F 508 -24.07 25.77 -4.91
C VAL F 508 -24.21 25.86 -3.41
N VAL F 509 -24.55 24.74 -2.79
CA VAL F 509 -24.57 24.62 -1.34
C VAL F 509 -23.63 23.50 -0.90
N VAL F 510 -22.72 23.82 0.01
CA VAL F 510 -21.80 22.82 0.52
C VAL F 510 -22.09 22.53 1.99
N LEU F 511 -22.35 21.27 2.29
CA LEU F 511 -22.61 20.87 3.66
C LEU F 511 -21.39 20.18 4.26
N SER F 512 -20.79 20.81 5.25
CA SER F 512 -19.60 20.29 5.90
C SER F 512 -19.95 19.71 7.26
N PHE F 513 -19.61 18.44 7.47
CA PHE F 513 -20.03 17.72 8.67
C PHE F 513 -18.91 17.68 9.70
N GLU F 514 -19.10 18.39 10.80
CA GLU F 514 -18.09 18.47 11.84
C GLU F 514 -18.28 17.37 12.85
N LEU F 515 -17.30 16.48 12.94
CA LEU F 515 -17.37 15.36 13.87
C LEU F 515 -16.17 15.39 14.81
N LEU F 516 -16.43 15.58 16.10
CA LEU F 516 -15.39 15.71 17.12
C LEU F 516 -15.55 14.66 18.21
N ALA F 518 -16.86 15.10 21.33
CA ALA F 518 -17.84 16.04 21.84
C ALA F 518 -19.26 15.48 21.65
N PRO F 519 -20.27 15.99 22.39
CA PRO F 519 -21.69 15.74 22.23
C PRO F 519 -22.16 16.16 20.84
N ALA F 520 -22.97 15.31 20.23
CA ALA F 520 -23.56 15.65 18.95
C ALA F 520 -24.79 16.53 19.16
N THR F 521 -25.06 17.42 18.22
CA THR F 521 -26.22 18.28 18.33
C THR F 521 -27.13 18.14 17.12
N VAL F 522 -26.60 17.56 16.03
CA VAL F 522 -27.39 17.33 14.84
C VAL F 522 -27.44 15.85 14.50
N CYS F 523 -28.64 15.27 14.54
CA CYS F 523 -28.83 13.85 14.28
C CYS F 523 -29.89 13.63 13.23
N GLY F 524 -29.80 12.52 12.50
CA GLY F 524 -30.83 12.16 11.55
C GLY F 524 -32.11 11.77 12.28
N PRO F 525 -33.22 11.65 11.55
CA PRO F 525 -34.56 11.36 12.01
C PRO F 525 -34.78 9.88 12.28
N LYS F 526 -33.93 9.31 13.13
CA LYS F 526 -34.08 7.92 13.51
C LYS F 526 -34.88 7.80 14.79
N LYS F 527 -35.79 6.82 14.83
CA LYS F 527 -36.63 6.63 16.00
C LYS F 527 -35.90 5.81 17.05
N SER F 528 -36.08 6.19 18.31
CA SER F 528 -35.46 5.49 19.42
C SER F 528 -36.30 4.30 19.86
N THR F 529 -35.65 3.36 20.52
CA THR F 529 -36.31 2.17 21.04
C THR F 529 -36.16 2.11 22.55
N ASN F 530 -36.75 1.09 23.16
CA ASN F 530 -36.60 0.88 24.59
C ASN F 530 -35.18 0.42 24.92
N LEU F 531 -34.71 0.80 26.10
CA LEU F 531 -33.40 0.38 26.56
C LEU F 531 -33.43 -1.03 27.11
N VAL F 532 -32.52 -1.88 26.64
CA VAL F 532 -32.46 -3.27 27.07
C VAL F 532 -31.14 -3.58 27.75
N LYS F 533 -31.21 -4.15 28.95
CA LYS F 533 -30.02 -4.44 29.73
C LYS F 533 -29.88 -5.93 30.04
N ASN F 534 -28.65 -6.34 30.33
CA ASN F 534 -28.31 -7.70 30.74
C ASN F 534 -28.51 -8.72 29.62
N LYS F 535 -28.55 -8.24 28.38
CA LYS F 535 -28.62 -9.11 27.21
C LYS F 535 -27.66 -8.62 26.13
N CYS F 536 -27.19 -9.55 25.30
CA CYS F 536 -26.35 -9.21 24.16
C CYS F 536 -27.18 -8.52 23.08
N VAL F 537 -26.88 -7.24 22.82
CA VAL F 537 -27.65 -6.47 21.86
C VAL F 537 -26.75 -5.68 20.92
N ASN F 538 -27.35 -5.25 19.81
CA ASN F 538 -26.74 -4.25 18.96
C ASN F 538 -27.26 -2.88 19.37
N PHE F 539 -26.36 -1.96 19.66
CA PHE F 539 -26.80 -0.66 20.14
C PHE F 539 -26.33 0.49 19.27
N ASN F 540 -27.05 1.60 19.33
CA ASN F 540 -26.66 2.83 18.68
C ASN F 540 -26.95 4.03 19.59
N PHE F 541 -25.90 4.59 20.18
CA PHE F 541 -26.04 5.74 21.07
C PHE F 541 -25.51 7.00 20.39
N ASN F 542 -26.41 7.84 19.91
CA ASN F 542 -26.04 9.06 19.21
C ASN F 542 -25.02 8.81 18.11
N GLY F 543 -25.21 7.73 17.35
CA GLY F 543 -24.33 7.43 16.23
C GLY F 543 -23.21 6.47 16.60
N LEU F 544 -23.06 6.21 17.90
CA LEU F 544 -22.06 5.25 18.37
C LEU F 544 -22.61 3.85 18.35
N THR F 545 -22.07 3.01 17.47
CA THR F 545 -22.62 1.69 17.27
C THR F 545 -21.67 0.61 17.75
N GLY F 546 -22.23 -0.52 18.15
CA GLY F 546 -21.45 -1.67 18.58
C GLY F 546 -22.33 -2.78 19.12
N THR F 547 -21.70 -3.85 19.59
CA THR F 547 -22.42 -4.99 20.14
C THR F 547 -21.91 -5.32 21.52
N GLY F 548 -22.82 -5.59 22.45
CA GLY F 548 -22.42 -5.95 23.80
C GLY F 548 -23.59 -5.97 24.77
N VAL F 549 -23.30 -6.33 26.00
CA VAL F 549 -24.28 -6.36 27.07
C VAL F 549 -24.22 -5.07 27.87
N LEU F 550 -25.38 -4.45 28.06
CA LEU F 550 -25.44 -3.19 28.79
C LEU F 550 -25.93 -3.41 30.21
N THR F 551 -25.18 -2.87 31.17
CA THR F 551 -25.56 -2.99 32.58
C THR F 551 -25.42 -1.65 33.29
N GLU F 552 -26.05 -1.52 34.45
CA GLU F 552 -25.89 -0.31 35.25
C GLU F 552 -24.44 -0.16 35.67
N SER F 553 -23.90 1.04 35.51
CA SER F 553 -22.50 1.30 35.83
C SER F 553 -22.33 1.84 37.24
N ASN F 554 -21.18 1.52 37.84
CA ASN F 554 -20.81 2.11 39.12
C ASN F 554 -19.77 3.21 38.93
N LYS F 555 -19.55 3.59 37.67
CA LYS F 555 -18.56 4.62 37.36
C LYS F 555 -19.13 6.00 37.64
N LYS F 556 -18.41 6.78 38.43
CA LYS F 556 -18.87 8.09 38.84
C LYS F 556 -18.57 9.14 37.77
N PHE F 557 -19.37 9.15 36.72
CA PHE F 557 -19.21 10.13 35.66
C PHE F 557 -19.53 11.53 36.18
N LEU F 558 -18.76 12.51 35.73
CA LEU F 558 -19.09 13.90 36.03
C LEU F 558 -20.13 14.38 35.03
N PRO F 559 -20.97 15.36 35.39
CA PRO F 559 -22.10 15.87 34.63
C PRO F 559 -21.77 16.19 33.17
N PHE F 560 -20.51 16.52 32.89
CA PHE F 560 -20.14 16.91 31.54
C PHE F 560 -19.66 15.74 30.69
N GLN F 561 -19.37 14.60 31.33
CA GLN F 561 -18.80 13.45 30.65
C GLN F 561 -19.88 12.57 30.02
N GLN F 562 -19.66 12.15 28.78
CA GLN F 562 -20.67 11.43 28.03
C GLN F 562 -20.36 9.95 27.84
N PHE F 563 -19.07 9.61 27.82
CA PHE F 563 -18.66 8.23 27.62
C PHE F 563 -17.27 7.98 28.15
N GLY F 564 -16.95 6.71 28.41
CA GLY F 564 -15.61 6.32 28.84
C GLY F 564 -14.87 5.60 27.72
N ARG F 565 -13.55 5.56 27.82
CA ARG F 565 -12.72 4.90 26.82
C ARG F 565 -11.69 3.96 27.41
N ASP F 566 -11.39 2.89 26.68
CA ASP F 566 -10.33 1.94 27.04
C ASP F 566 -9.03 2.29 26.33
N ILE F 567 -7.98 1.52 26.59
CA ILE F 567 -6.67 1.77 25.99
C ILE F 567 -6.64 1.42 24.51
N ALA F 568 -7.64 0.66 24.07
CA ALA F 568 -7.75 0.27 22.66
C ALA F 568 -8.55 1.31 21.88
N ASP F 569 -8.88 2.43 22.53
CA ASP F 569 -9.68 3.48 21.94
C ASP F 569 -11.10 3.00 21.63
N THR F 570 -11.63 2.16 22.50
CA THR F 570 -13.00 1.70 22.38
C THR F 570 -13.83 2.23 23.54
N THR F 571 -15.14 2.30 23.35
CA THR F 571 -16.02 2.80 24.41
C THR F 571 -16.42 1.67 25.34
N ASP F 572 -16.30 1.91 26.64
CA ASP F 572 -16.64 0.88 27.63
C ASP F 572 -17.74 1.35 28.56
N ALA F 573 -18.26 2.54 28.30
CA ALA F 573 -19.36 3.09 29.08
C ALA F 573 -19.94 4.30 28.37
N VAL F 574 -21.26 4.43 28.42
CA VAL F 574 -21.92 5.58 27.82
C VAL F 574 -22.96 6.18 28.73
N ARG F 575 -23.26 7.45 28.52
CA ARG F 575 -24.41 8.08 29.12
C ARG F 575 -25.59 8.02 28.17
N ASP F 576 -26.70 7.47 28.64
CA ASP F 576 -27.90 7.38 27.82
C ASP F 576 -28.46 8.78 27.56
N PRO F 577 -28.66 9.16 26.30
CA PRO F 577 -29.04 10.48 25.83
C PRO F 577 -30.42 10.92 26.28
N GLN F 578 -31.22 9.98 26.81
CA GLN F 578 -32.57 10.33 27.23
C GLN F 578 -32.72 10.28 28.75
N THR F 579 -32.11 9.29 29.40
CA THR F 579 -32.27 9.12 30.83
C THR F 579 -31.06 9.67 31.59
N LEU F 580 -29.97 9.89 30.87
CA LEU F 580 -28.71 10.34 31.45
C LEU F 580 -28.12 9.32 32.41
N GLU F 581 -28.60 8.08 32.31
CA GLU F 581 -28.09 6.95 33.06
C GLU F 581 -26.75 6.48 32.50
N ILE F 582 -25.84 6.08 33.39
CA ILE F 582 -24.55 5.57 32.94
C ILE F 582 -24.58 4.04 32.81
N LEU F 583 -24.23 3.56 31.62
CA LEU F 583 -24.24 2.14 31.33
C LEU F 583 -22.85 1.63 31.00
N ASP F 584 -22.50 0.46 31.52
CA ASP F 584 -21.26 -0.21 31.16
C ASP F 584 -21.47 -1.06 29.92
N ILE F 585 -20.46 -1.11 29.06
CA ILE F 585 -20.54 -1.94 27.87
C ILE F 585 -19.57 -3.09 27.94
N THR F 586 -20.11 -4.31 27.98
CA THR F 586 -19.31 -5.51 28.06
C THR F 586 -19.51 -6.35 26.79
N PRO F 587 -18.44 -6.78 26.13
CA PRO F 587 -18.48 -7.56 24.90
C PRO F 587 -19.18 -8.88 25.15
N CYS F 588 -19.92 -9.35 24.15
CA CYS F 588 -20.68 -10.60 24.24
C CYS F 588 -19.75 -11.79 24.32
N SER F 589 -20.11 -12.77 25.14
CA SER F 589 -19.22 -13.88 25.44
C SER F 589 -18.67 -14.53 24.18
N PHE F 590 -17.38 -14.83 24.23
CA PHE F 590 -16.69 -15.48 23.12
C PHE F 590 -15.53 -16.28 23.68
N GLY F 591 -15.01 -17.19 22.88
CA GLY F 591 -13.84 -17.97 23.27
C GLY F 591 -13.52 -19.06 22.27
N GLY F 592 -12.45 -19.80 22.52
CA GLY F 592 -12.04 -20.85 21.61
C GLY F 592 -12.78 -22.15 21.90
N VAL F 593 -12.85 -23.01 20.89
CA VAL F 593 -13.40 -24.35 21.05
C VAL F 593 -12.35 -25.39 20.70
N SER F 594 -12.06 -26.26 21.66
CA SER F 594 -11.09 -27.32 21.44
C SER F 594 -11.75 -28.69 21.50
N VAL F 595 -11.31 -29.57 20.61
CA VAL F 595 -11.83 -30.93 20.57
C VAL F 595 -10.80 -31.91 21.13
N ILE F 596 -11.21 -32.63 22.16
CA ILE F 596 -10.38 -33.62 22.81
C ILE F 596 -10.68 -34.99 22.25
N THR F 597 -9.67 -35.65 21.71
CA THR F 597 -9.93 -36.92 21.09
C THR F 597 -8.77 -37.89 21.27
N PRO F 598 -9.08 -39.19 21.39
CA PRO F 598 -8.19 -40.30 21.18
C PRO F 598 -7.99 -40.43 19.69
N GLY F 599 -7.02 -41.20 19.26
CA GLY F 599 -6.81 -41.32 17.83
C GLY F 599 -8.04 -41.90 17.16
N THR F 600 -8.28 -41.53 15.91
CA THR F 600 -9.35 -42.13 15.12
C THR F 600 -9.06 -43.60 14.79
N ASN F 601 -7.82 -44.02 15.10
CA ASN F 601 -7.38 -45.41 15.02
C ASN F 601 -7.92 -46.23 16.21
N THR F 602 -8.51 -45.54 17.20
CA THR F 602 -9.06 -46.17 18.41
C THR F 602 -10.56 -45.94 18.53
N SER F 603 -10.99 -44.70 18.41
CA SER F 603 -12.39 -44.35 18.65
C SER F 603 -12.80 -43.09 17.91
N ASN F 604 -14.12 -42.93 17.71
CA ASN F 604 -14.66 -41.72 17.10
C ASN F 604 -15.37 -40.84 18.12
N GLN F 605 -15.16 -41.13 19.41
CA GLN F 605 -15.74 -40.33 20.47
C GLN F 605 -14.88 -39.11 20.75
N VAL F 606 -15.52 -37.96 20.98
CA VAL F 606 -14.77 -36.77 21.34
C VAL F 606 -15.41 -36.04 22.51
N ALA F 607 -14.63 -35.19 23.16
CA ALA F 607 -15.14 -34.25 24.15
C ALA F 607 -14.81 -32.84 23.71
N VAL F 608 -15.64 -31.88 24.08
CA VAL F 608 -15.42 -30.51 23.64
C VAL F 608 -15.20 -29.56 24.80
N LEU F 609 -14.12 -28.80 24.73
CA LEU F 609 -13.80 -27.80 25.73
C LEU F 609 -14.11 -26.39 25.23
N TYR F 610 -14.94 -25.68 25.96
CA TYR F 610 -15.24 -24.29 25.64
C TYR F 610 -14.40 -23.40 26.54
N GLN F 611 -13.42 -22.74 25.96
CA GLN F 611 -12.38 -22.09 26.75
C GLN F 611 -12.83 -20.77 27.35
N GLY F 612 -12.59 -20.63 28.66
CA GLY F 612 -12.82 -19.36 29.36
C GLY F 612 -14.28 -19.02 29.55
N VAL F 613 -15.15 -20.02 29.56
CA VAL F 613 -16.58 -19.77 29.68
C VAL F 613 -17.24 -20.67 30.72
N ASN F 614 -18.33 -20.19 31.30
CA ASN F 614 -19.19 -20.97 32.18
C ASN F 614 -19.99 -22.00 31.38
N CYS F 615 -20.29 -23.14 32.00
CA CYS F 615 -21.10 -24.19 31.38
C CYS F 615 -22.55 -23.75 31.19
N THR F 616 -22.91 -22.63 31.82
CA THR F 616 -24.26 -22.11 31.74
C THR F 616 -24.48 -21.32 30.47
N GLU F 617 -23.41 -20.95 29.79
CA GLU F 617 -23.50 -20.12 28.59
C GLU F 617 -23.25 -20.91 27.31
N VAL F 618 -23.01 -22.20 27.45
CA VAL F 618 -22.65 -23.04 26.31
C VAL F 618 -23.76 -23.18 25.24
N PRO F 619 -25.04 -23.48 25.61
CA PRO F 619 -26.16 -23.67 24.70
C PRO F 619 -26.76 -22.34 24.28
N ASN F 639 -22.58 -35.20 31.01
CA ASN F 639 -21.13 -35.10 31.19
C ASN F 639 -20.67 -33.65 31.02
N VAL F 640 -21.11 -32.78 31.93
CA VAL F 640 -20.71 -31.36 31.91
C VAL F 640 -19.87 -31.03 33.15
N PHE F 641 -18.62 -30.69 32.92
CA PHE F 641 -17.66 -30.45 33.99
C PHE F 641 -16.96 -29.11 33.85
N GLN F 642 -17.04 -28.28 34.89
CA GLN F 642 -16.43 -26.95 34.84
C GLN F 642 -14.99 -27.00 35.34
N THR F 643 -14.06 -26.51 34.52
CA THR F 643 -12.65 -26.44 34.88
C THR F 643 -12.15 -25.01 34.77
N ARG F 644 -10.94 -24.76 35.25
CA ARG F 644 -10.34 -23.43 35.15
C ARG F 644 -10.01 -23.08 33.71
N ALA F 645 -9.90 -24.10 32.86
CA ALA F 645 -9.61 -23.88 31.45
C ALA F 645 -10.88 -23.53 30.67
N GLY F 646 -12.03 -23.82 31.25
CA GLY F 646 -13.31 -23.65 30.55
C GLY F 646 -14.27 -24.80 30.87
N CYS F 647 -15.32 -24.92 30.06
CA CYS F 647 -16.35 -25.94 30.26
C CYS F 647 -16.07 -27.16 29.40
N LEU F 648 -15.90 -28.31 30.03
CA LEU F 648 -15.61 -29.54 29.33
C LEU F 648 -16.85 -30.42 29.23
N ILE F 649 -17.28 -30.70 28.01
CA ILE F 649 -18.50 -31.48 27.80
C ILE F 649 -18.24 -32.75 26.99
N GLY F 650 -18.69 -33.88 27.52
CA GLY F 650 -18.54 -35.15 26.84
C GLY F 650 -17.59 -36.09 27.58
N ALA F 651 -16.91 -35.56 28.59
CA ALA F 651 -16.01 -36.37 29.40
C ALA F 651 -16.59 -36.57 30.79
N GLU F 652 -16.50 -37.80 31.28
CA GLU F 652 -16.97 -38.12 32.62
C GLU F 652 -15.90 -37.85 33.66
N HIS F 653 -16.22 -36.99 34.62
CA HIS F 653 -15.27 -36.67 35.67
C HIS F 653 -15.22 -37.77 36.72
N VAL F 654 -14.01 -38.16 37.09
CA VAL F 654 -13.83 -39.21 38.11
C VAL F 654 -12.93 -38.72 39.22
N ASN F 655 -12.97 -39.39 40.37
CA ASN F 655 -12.18 -39.03 41.55
C ASN F 655 -10.85 -39.78 41.60
N ASN F 656 -10.56 -40.58 40.57
CA ASN F 656 -9.32 -41.34 40.50
C ASN F 656 -8.22 -40.51 39.86
N SER F 657 -6.98 -40.73 40.27
CA SER F 657 -5.86 -40.03 39.68
C SER F 657 -5.03 -40.95 38.80
N TYR F 658 -4.70 -40.47 37.62
CA TYR F 658 -3.91 -41.24 36.67
C TYR F 658 -2.79 -40.39 36.12
N GLU F 659 -1.84 -41.01 35.44
CA GLU F 659 -0.84 -40.27 34.70
C GLU F 659 -1.54 -39.46 33.62
N CYS F 660 -1.02 -38.26 33.34
CA CYS F 660 -1.64 -37.37 32.35
C CYS F 660 -1.52 -37.95 30.95
N ASP F 661 -2.63 -37.92 30.22
CA ASP F 661 -2.67 -38.39 28.85
C ASP F 661 -2.85 -37.22 27.90
N ILE F 662 -4.07 -36.70 27.83
CA ILE F 662 -4.32 -35.47 27.09
C ILE F 662 -4.55 -34.32 28.07
N PRO F 663 -3.64 -33.35 28.14
CA PRO F 663 -3.64 -32.26 29.08
C PRO F 663 -4.78 -31.30 28.79
N ILE F 664 -5.48 -30.87 29.83
CA ILE F 664 -6.52 -29.87 29.68
C ILE F 664 -6.05 -28.54 30.27
N GLY F 665 -5.52 -28.59 31.48
CA GLY F 665 -5.00 -27.41 32.15
C GLY F 665 -5.37 -27.40 33.63
N ALA F 666 -4.56 -26.72 34.42
CA ALA F 666 -4.79 -26.58 35.86
C ALA F 666 -4.90 -27.93 36.55
N GLY F 667 -4.07 -28.88 36.13
CA GLY F 667 -3.99 -30.17 36.78
C GLY F 667 -4.96 -31.19 36.19
N ILE F 668 -5.86 -30.74 35.34
CA ILE F 668 -6.85 -31.63 34.75
C ILE F 668 -6.36 -32.22 33.43
N CYS F 669 -6.53 -33.53 33.28
CA CYS F 669 -6.20 -34.26 32.06
C CYS F 669 -7.36 -35.15 31.66
N ALA F 670 -7.38 -35.58 30.41
CA ALA F 670 -8.41 -36.47 29.91
C ALA F 670 -7.79 -37.71 29.27
N SER F 671 -8.53 -38.81 29.30
CA SER F 671 -8.07 -40.05 28.68
C SER F 671 -9.23 -40.92 28.24
N TYR F 672 -8.95 -41.88 27.37
CA TYR F 672 -9.96 -42.82 26.92
C TYR F 672 -9.84 -44.14 27.67
N GLN F 673 -10.90 -44.50 28.40
CA GLN F 673 -10.91 -45.69 29.26
C GLN F 673 -12.16 -46.53 29.02
N GLN F 688 -16.12 -48.40 26.55
CA GLN F 688 -15.11 -47.41 26.89
C GLN F 688 -15.58 -45.99 26.53
N SER F 689 -15.15 -45.01 27.33
CA SER F 689 -15.53 -43.61 27.15
C SER F 689 -14.42 -42.66 27.60
N ILE F 690 -14.60 -41.38 27.31
CA ILE F 690 -13.63 -40.36 27.70
C ILE F 690 -13.89 -39.88 29.11
N ILE F 691 -12.83 -39.81 29.91
CA ILE F 691 -12.94 -39.34 31.28
C ILE F 691 -12.03 -38.15 31.55
N ALA F 692 -12.35 -37.40 32.60
CA ALA F 692 -11.52 -36.30 33.05
C ALA F 692 -11.12 -36.52 34.50
N TYR F 693 -9.89 -36.15 34.84
CA TYR F 693 -9.37 -36.41 36.17
C TYR F 693 -8.26 -35.45 36.55
N THR F 694 -7.97 -35.39 37.84
CA THR F 694 -6.78 -34.68 38.31
C THR F 694 -5.57 -35.58 38.14
N MET F 695 -4.53 -35.06 37.52
CA MET F 695 -3.36 -35.87 37.18
C MET F 695 -2.56 -36.24 38.42
N SER F 696 -1.98 -37.44 38.39
CA SER F 696 -1.07 -37.88 39.42
C SER F 696 0.34 -37.42 39.12
N LEU F 697 1.11 -37.13 40.16
CA LEU F 697 2.48 -36.70 39.97
C LEU F 697 3.45 -37.87 40.09
N GLY F 698 2.92 -39.04 40.36
CA GLY F 698 3.74 -40.23 40.54
C GLY F 698 3.28 -41.03 41.74
N ALA F 699 3.89 -42.19 41.94
CA ALA F 699 3.53 -43.05 43.07
C ALA F 699 3.92 -42.41 44.39
N GLU F 700 3.09 -42.60 45.40
CA GLU F 700 3.42 -42.11 46.73
C GLU F 700 4.34 -43.08 47.46
N ASN F 701 5.36 -42.54 48.10
CA ASN F 701 6.34 -43.36 48.80
C ASN F 701 6.90 -42.65 50.02
N SER F 702 7.19 -43.40 51.07
CA SER F 702 7.81 -42.84 52.25
C SER F 702 9.23 -43.37 52.43
N VAL F 703 10.19 -42.46 52.49
CA VAL F 703 11.59 -42.84 52.63
C VAL F 703 11.86 -43.30 54.06
N ALA F 704 12.60 -44.40 54.20
CA ALA F 704 12.91 -44.95 55.51
C ALA F 704 13.95 -44.09 56.23
N CYS F 705 13.52 -42.90 56.65
CA CYS F 705 14.41 -41.90 57.22
C CYS F 705 14.71 -42.21 58.68
N SER F 706 16.00 -42.29 59.02
CA SER F 706 16.42 -42.68 60.37
C SER F 706 17.77 -42.07 60.73
N ASN F 707 18.17 -42.17 62.01
CA ASN F 707 19.40 -41.57 62.50
C ASN F 707 20.49 -42.61 62.85
N ASN F 708 20.19 -43.90 62.65
CA ASN F 708 21.13 -44.96 63.01
C ASN F 708 21.07 -46.17 62.09
N SER F 709 20.48 -46.01 60.91
CA SER F 709 20.32 -47.13 60.00
C SER F 709 20.67 -46.73 58.57
N ILE F 710 21.34 -47.62 57.86
CA ILE F 710 21.74 -47.38 56.49
C ILE F 710 21.30 -48.50 55.57
N ALA F 711 20.86 -48.16 54.37
CA ALA F 711 20.50 -49.18 53.38
C ALA F 711 21.62 -49.37 52.38
N ILE F 712 22.02 -50.62 52.18
CA ILE F 712 23.10 -50.93 51.26
C ILE F 712 22.69 -52.02 50.26
N PRO F 713 22.82 -51.74 48.96
CA PRO F 713 22.58 -52.64 47.85
C PRO F 713 23.38 -53.91 47.98
N THR F 714 22.74 -55.05 47.78
CA THR F 714 23.44 -56.33 47.76
C THR F 714 23.57 -56.89 46.34
N ASN F 715 22.91 -56.23 45.38
CA ASN F 715 22.90 -56.63 43.99
C ASN F 715 22.85 -55.38 43.09
N PHE F 716 22.86 -55.59 41.79
CA PHE F 716 22.78 -54.50 40.81
C PHE F 716 22.24 -54.99 39.49
N THR F 717 21.83 -54.06 38.65
CA THR F 717 21.45 -54.38 37.28
C THR F 717 22.15 -53.46 36.30
N ILE F 718 22.36 -53.96 35.09
CA ILE F 718 22.92 -53.16 34.02
C ILE F 718 21.80 -52.66 33.11
N SER F 719 21.64 -51.35 33.06
CA SER F 719 20.56 -50.75 32.30
C SER F 719 21.08 -50.09 31.04
N VAL F 720 20.33 -50.22 29.96
CA VAL F 720 20.64 -49.51 28.74
C VAL F 720 19.46 -48.65 28.30
N THR F 721 19.70 -47.36 28.15
CA THR F 721 18.64 -46.45 27.74
C THR F 721 19.03 -45.68 26.50
N THR F 722 18.03 -45.17 25.79
CA THR F 722 18.25 -44.47 24.54
C THR F 722 18.00 -42.97 24.68
N GLU F 723 18.90 -42.17 24.14
CA GLU F 723 18.69 -40.74 24.05
C GLU F 723 18.81 -40.26 22.61
N ILE F 724 17.80 -39.54 22.14
CA ILE F 724 17.75 -39.12 20.75
C ILE F 724 17.85 -37.61 20.61
N LEU F 725 18.81 -37.16 19.80
CA LEU F 725 18.99 -35.73 19.56
C LEU F 725 19.00 -35.42 18.07
N PRO F 726 18.33 -34.34 17.65
CA PRO F 726 18.45 -33.68 16.36
C PRO F 726 19.84 -33.07 16.20
N VAL F 727 20.38 -33.18 15.00
CA VAL F 727 21.66 -32.57 14.69
C VAL F 727 21.57 -31.55 13.57
N SER F 728 20.78 -31.86 12.55
CA SER F 728 20.71 -30.99 11.37
C SER F 728 19.34 -30.93 10.74
N MET F 729 19.11 -29.90 9.95
CA MET F 729 17.90 -29.75 9.15
C MET F 729 18.20 -30.02 7.68
N THR F 730 17.14 -30.17 6.90
CA THR F 730 17.26 -30.18 5.45
C THR F 730 17.74 -28.81 4.98
N LYS F 731 18.72 -28.80 4.09
CA LYS F 731 19.27 -27.54 3.59
C LYS F 731 18.47 -27.04 2.40
N THR F 732 17.67 -26.02 2.62
CA THR F 732 16.85 -25.49 1.55
C THR F 732 17.45 -24.21 1.02
N SER F 733 17.06 -23.85 -0.19
CA SER F 733 17.44 -22.58 -0.77
C SER F 733 16.30 -22.04 -1.61
N VAL F 734 15.96 -20.78 -1.40
CA VAL F 734 14.90 -20.15 -2.15
C VAL F 734 15.42 -18.95 -2.90
N ASP F 735 15.30 -18.97 -4.21
CA ASP F 735 15.71 -17.83 -5.01
C ASP F 735 14.61 -16.78 -4.95
N CYS F 736 14.89 -15.67 -4.25
CA CYS F 736 13.90 -14.63 -3.99
C CYS F 736 13.22 -14.16 -5.27
N THR F 737 14.02 -13.83 -6.27
CA THR F 737 13.47 -13.25 -7.50
C THR F 737 12.52 -14.20 -8.20
N MET F 738 12.91 -15.47 -8.33
CA MET F 738 12.06 -16.42 -9.03
C MET F 738 10.78 -16.73 -8.27
N TYR F 739 10.88 -16.83 -6.94
CA TYR F 739 9.69 -17.07 -6.13
C TYR F 739 8.66 -15.97 -6.33
N ILE F 740 9.12 -14.73 -6.27
CA ILE F 740 8.22 -13.58 -6.36
C ILE F 740 7.72 -13.31 -7.78
N CYS F 741 8.62 -13.35 -8.77
CA CYS F 741 8.33 -12.86 -10.12
C CYS F 741 8.29 -13.95 -11.16
N GLY F 742 8.76 -15.15 -10.82
CA GLY F 742 8.88 -16.19 -11.83
C GLY F 742 9.83 -15.74 -12.93
N ASP F 743 9.38 -15.82 -14.18
CA ASP F 743 10.19 -15.41 -15.31
C ASP F 743 9.69 -14.10 -15.93
N SER F 744 8.92 -13.34 -15.17
CA SER F 744 8.41 -12.06 -15.65
C SER F 744 9.43 -10.94 -15.48
N THR F 745 9.74 -10.26 -16.57
CA THR F 745 10.72 -9.18 -16.54
C THR F 745 10.09 -7.88 -16.06
N GLU F 746 8.78 -7.76 -16.24
CA GLU F 746 8.06 -6.60 -15.74
C GLU F 746 8.06 -6.57 -14.21
N CYS F 747 7.84 -7.74 -13.61
CA CYS F 747 7.87 -7.90 -12.17
C CYS F 747 9.28 -7.69 -11.63
N SER F 748 10.26 -8.29 -12.30
CA SER F 748 11.64 -8.20 -11.86
C SER F 748 12.09 -6.75 -11.76
N ASN F 749 11.73 -5.95 -12.75
CA ASN F 749 12.12 -4.54 -12.75
C ASN F 749 11.46 -3.76 -11.63
N LEU F 750 10.22 -4.13 -11.28
CA LEU F 750 9.55 -3.51 -10.14
C LEU F 750 10.18 -3.93 -8.83
N LEU F 751 10.63 -5.18 -8.78
CA LEU F 751 11.25 -5.72 -7.57
C LEU F 751 12.52 -4.96 -7.22
N LEU F 752 13.22 -4.44 -8.22
CA LEU F 752 14.45 -3.69 -8.02
C LEU F 752 14.24 -2.44 -7.16
N GLN F 753 13.01 -1.95 -7.11
CA GLN F 753 12.71 -0.73 -6.38
C GLN F 753 12.80 -0.94 -4.88
N TYR F 754 12.88 -2.21 -4.46
CA TYR F 754 12.90 -2.55 -3.06
C TYR F 754 14.31 -2.69 -2.51
N GLY F 755 15.30 -2.47 -3.37
CA GLY F 755 16.68 -2.51 -2.92
C GLY F 755 17.21 -3.93 -2.78
N SER F 756 17.84 -4.21 -1.65
CA SER F 756 18.58 -5.45 -1.46
C SER F 756 17.84 -6.49 -0.63
N PHE F 757 16.54 -6.33 -0.43
CA PHE F 757 15.80 -7.28 0.39
C PHE F 757 16.03 -8.73 -0.04
N CYS F 758 16.02 -8.98 -1.35
CA CYS F 758 16.22 -10.33 -1.89
C CYS F 758 17.63 -10.85 -1.63
N THR F 759 18.61 -9.95 -1.66
CA THR F 759 19.98 -10.34 -1.37
C THR F 759 20.12 -10.76 0.08
N GLN F 760 19.45 -10.03 0.96
CA GLN F 760 19.49 -10.33 2.39
C GLN F 760 18.87 -11.68 2.69
N LEU F 761 17.77 -11.98 2.00
CA LEU F 761 17.06 -13.23 2.22
C LEU F 761 17.84 -14.42 1.70
N ASN F 762 18.46 -14.26 0.54
CA ASN F 762 19.26 -15.33 -0.03
C ASN F 762 20.47 -15.62 0.85
N ARG F 763 21.03 -14.56 1.41
CA ARG F 763 22.20 -14.66 2.28
C ARG F 763 21.88 -15.37 3.59
N ALA F 764 20.72 -15.05 4.17
CA ALA F 764 20.32 -15.67 5.43
C ALA F 764 20.13 -17.18 5.28
N LEU F 765 19.52 -17.60 4.17
CA LEU F 765 19.29 -19.02 3.94
C LEU F 765 20.59 -19.75 3.64
N THR F 766 21.52 -19.06 2.99
CA THR F 766 22.83 -19.63 2.72
C THR F 766 23.57 -19.90 4.03
N GLY F 767 23.49 -18.95 4.96
CA GLY F 767 24.14 -19.09 6.25
C GLY F 767 23.60 -20.30 7.01
N ILE F 768 22.29 -20.52 6.94
CA ILE F 768 21.68 -21.67 7.59
C ILE F 768 22.18 -22.97 6.98
N ALA F 769 22.21 -23.03 5.65
CA ALA F 769 22.63 -24.24 4.95
C ALA F 769 24.06 -24.63 5.32
N VAL F 770 24.94 -23.64 5.42
CA VAL F 770 26.33 -23.90 5.77
C VAL F 770 26.44 -24.43 7.20
N GLU F 771 25.66 -23.84 8.09
CA GLU F 771 25.65 -24.25 9.49
C GLU F 771 25.26 -25.71 9.66
N GLN F 772 24.37 -26.21 8.81
CA GLN F 772 23.91 -27.60 8.95
C GLN F 772 25.03 -28.60 8.76
N ASP F 773 26.00 -28.27 7.91
CA ASP F 773 27.14 -29.14 7.72
C ASP F 773 28.12 -29.01 8.87
N LYS F 774 28.23 -27.81 9.41
CA LYS F 774 29.05 -27.58 10.59
C LYS F 774 28.52 -28.38 11.77
N ASN F 775 27.20 -28.42 11.94
CA ASN F 775 26.58 -29.14 13.04
C ASN F 775 26.96 -30.62 12.99
N THR F 776 26.85 -31.22 11.81
CA THR F 776 27.14 -32.62 11.64
C THR F 776 28.61 -32.92 11.93
N GLN F 777 29.49 -32.07 11.44
CA GLN F 777 30.92 -32.26 11.62
C GLN F 777 31.30 -32.19 13.09
N GLU F 778 30.70 -31.25 13.83
CA GLU F 778 31.01 -31.07 15.24
C GLU F 778 30.64 -32.29 16.08
N VAL F 779 29.57 -32.98 15.67
CA VAL F 779 29.10 -34.15 16.40
C VAL F 779 29.88 -35.41 16.06
N PHE F 780 30.08 -35.68 14.78
CA PHE F 780 30.58 -36.99 14.36
C PHE F 780 32.09 -37.02 14.08
N ALA F 781 32.65 -35.92 13.60
CA ALA F 781 34.05 -35.92 13.22
C ALA F 781 34.94 -35.56 14.41
N GLN F 782 34.88 -36.39 15.46
CA GLN F 782 35.66 -36.14 16.67
C GLN F 782 36.83 -37.09 16.80
N VAL F 783 37.05 -37.89 15.77
CA VAL F 783 38.15 -38.84 15.78
C VAL F 783 39.08 -38.55 14.61
N LYS F 784 40.39 -38.55 14.88
CA LYS F 784 41.37 -38.22 13.85
C LYS F 784 41.63 -39.40 12.93
N GLN F 785 41.53 -40.61 13.47
CA GLN F 785 41.78 -41.81 12.69
C GLN F 785 40.51 -42.60 12.52
N ILE F 786 40.36 -43.26 11.38
CA ILE F 786 39.21 -44.10 11.13
C ILE F 786 39.53 -45.53 11.50
N TYR F 787 38.97 -45.97 12.61
CA TYR F 787 39.26 -47.28 13.16
C TYR F 787 38.27 -48.33 12.66
N LYS F 788 38.73 -49.56 12.59
CA LYS F 788 37.86 -50.69 12.29
C LYS F 788 38.00 -51.77 13.35
N THR F 789 36.95 -52.53 13.58
CA THR F 789 36.99 -53.63 14.53
C THR F 789 37.76 -54.81 13.94
N PRO F 790 38.30 -55.69 14.79
CA PRO F 790 38.97 -56.92 14.44
C PRO F 790 37.98 -57.93 13.88
N PRO F 791 38.45 -58.84 13.03
CA PRO F 791 37.77 -60.03 12.54
C PRO F 791 37.29 -60.94 13.67
N ILE F 792 37.99 -60.92 14.80
CA ILE F 792 37.66 -61.79 15.91
C ILE F 792 37.06 -61.01 17.08
N LYS F 793 35.75 -61.18 17.26
CA LYS F 793 35.03 -60.43 18.29
C LYS F 793 35.02 -61.16 19.63
N ASP F 794 36.19 -61.23 20.27
CA ASP F 794 36.28 -61.83 21.60
C ASP F 794 36.35 -60.76 22.67
N PHE F 795 35.22 -60.50 23.32
CA PHE F 795 35.15 -59.42 24.30
C PHE F 795 34.71 -59.94 25.66
N GLY F 796 35.07 -61.17 25.97
CA GLY F 796 34.85 -61.71 27.30
C GLY F 796 33.38 -61.98 27.61
N GLY F 797 32.60 -62.27 26.58
CA GLY F 797 31.18 -62.58 26.77
C GLY F 797 30.28 -61.41 26.40
N PHE F 798 30.86 -60.25 26.18
CA PHE F 798 30.08 -59.07 25.79
C PHE F 798 29.82 -59.06 24.29
N ASN F 799 28.54 -58.93 23.93
CA ASN F 799 28.07 -59.06 22.55
C ASN F 799 27.63 -57.71 21.98
N PHE F 800 28.36 -57.23 20.96
CA PHE F 800 28.09 -55.92 20.37
C PHE F 800 27.53 -56.02 18.95
N SER F 801 26.99 -57.18 18.61
CA SER F 801 26.55 -57.44 17.23
C SER F 801 25.42 -56.53 16.77
N GLN F 802 24.67 -55.96 17.71
CA GLN F 802 23.53 -55.13 17.35
C GLN F 802 23.92 -53.67 17.11
N ILE F 803 25.12 -53.29 17.55
CA ILE F 803 25.58 -51.92 17.39
C ILE F 803 26.70 -51.80 16.38
N LEU F 804 27.39 -52.92 16.13
CA LEU F 804 28.45 -52.94 15.12
C LEU F 804 27.86 -53.11 13.73
N PRO F 805 28.55 -52.62 12.70
CA PRO F 805 28.19 -52.70 11.29
C PRO F 805 27.92 -54.13 10.88
N ASP F 806 26.83 -54.33 10.13
CA ASP F 806 26.49 -55.63 9.61
C ASP F 806 26.96 -55.76 8.15
N PRO F 807 28.05 -56.50 7.91
CA PRO F 807 28.80 -56.55 6.67
C PRO F 807 27.99 -57.19 5.54
N SER F 808 26.91 -57.88 5.91
CA SER F 808 26.09 -58.58 4.93
C SER F 808 25.12 -57.64 4.22
N LYS F 809 25.03 -56.40 4.70
CA LYS F 809 24.16 -55.41 4.10
C LYS F 809 25.00 -54.35 3.39
N PRO F 810 24.53 -53.87 2.23
CA PRO F 810 25.21 -52.94 1.33
C PRO F 810 25.42 -51.57 1.97
N SER F 811 24.62 -51.27 2.99
CA SER F 811 24.71 -49.99 3.67
C SER F 811 25.78 -50.01 4.76
N LYS F 812 26.22 -51.20 5.13
CA LYS F 812 27.21 -51.37 6.18
C LYS F 812 26.81 -50.66 7.47
N ARG F 813 25.53 -50.80 7.82
CA ARG F 813 25.00 -50.24 9.06
C ARG F 813 24.73 -51.33 10.07
N SER F 814 24.63 -50.96 11.34
CA SER F 814 24.26 -51.92 12.37
C SER F 814 22.78 -52.24 12.26
N PRO F 815 22.33 -53.37 12.82
CA PRO F 815 20.95 -53.78 12.99
C PRO F 815 20.09 -52.68 13.60
N ILE F 816 20.61 -52.01 14.63
CA ILE F 816 19.88 -50.91 15.25
C ILE F 816 19.78 -49.71 14.33
N GLU F 817 20.87 -49.38 13.66
CA GLU F 817 20.85 -48.25 12.72
C GLU F 817 19.88 -48.49 11.56
N ASP F 818 19.84 -49.72 11.04
CA ASP F 818 18.89 -50.03 9.98
C ASP F 818 17.47 -49.77 10.43
N LEU F 819 17.16 -50.13 11.66
CA LEU F 819 15.84 -49.90 12.21
C LEU F 819 15.54 -48.41 12.35
N LEU F 820 16.53 -47.64 12.81
CA LEU F 820 16.33 -46.21 12.99
C LEU F 820 16.04 -45.52 11.67
N PHE F 821 16.77 -45.91 10.62
CA PHE F 821 16.62 -45.28 9.32
C PHE F 821 15.29 -45.63 8.64
N ASN F 822 14.72 -46.78 8.98
CA ASN F 822 13.45 -47.18 8.41
C ASN F 822 12.26 -46.66 9.20
N LYS F 823 12.52 -45.91 10.26
CA LYS F 823 11.45 -45.36 11.10
C LYS F 823 11.20 -43.86 10.91
N VAL F 824 12.05 -43.19 10.12
CA VAL F 824 11.90 -41.75 9.86
C VAL F 824 12.02 -41.48 8.36
N ASN F 854 9.48 -23.13 -8.58
CA ASN F 854 9.09 -21.90 -7.88
C ASN F 854 10.28 -21.23 -7.20
N GLY F 855 11.51 -21.62 -7.60
CA GLY F 855 12.73 -21.07 -7.05
C GLY F 855 13.15 -21.81 -5.79
N LEU F 856 12.46 -22.90 -5.50
CA LEU F 856 12.71 -23.68 -4.30
C LEU F 856 13.54 -24.92 -4.63
N THR F 857 14.67 -25.08 -3.96
CA THR F 857 15.51 -26.25 -4.17
C THR F 857 16.05 -26.80 -2.86
N VAL F 858 16.50 -28.04 -2.89
CA VAL F 858 17.11 -28.67 -1.74
C VAL F 858 18.55 -29.08 -2.04
N LEU F 859 19.45 -28.66 -1.17
CA LEU F 859 20.87 -28.95 -1.33
C LEU F 859 21.22 -30.20 -0.54
N PRO F 860 22.12 -31.04 -1.08
CA PRO F 860 22.66 -32.23 -0.46
C PRO F 860 23.63 -31.84 0.67
N PRO F 861 23.68 -32.63 1.75
CA PRO F 861 24.66 -32.60 2.81
C PRO F 861 26.05 -32.85 2.26
N LEU F 862 27.05 -32.25 2.89
CA LEU F 862 28.43 -32.51 2.51
C LEU F 862 28.81 -33.95 2.82
N LEU F 863 28.41 -34.44 3.99
CA LEU F 863 28.66 -35.82 4.36
C LEU F 863 27.47 -36.70 4.05
N THR F 864 27.72 -37.80 3.38
CA THR F 864 26.69 -38.76 3.04
C THR F 864 26.38 -39.65 4.22
N ASP F 865 25.31 -40.41 4.13
CA ASP F 865 24.93 -41.31 5.22
C ASP F 865 26.01 -42.36 5.46
N GLU F 866 26.66 -42.81 4.40
CA GLU F 866 27.75 -43.77 4.53
C GLU F 866 28.93 -43.17 5.27
N MET F 867 29.25 -41.93 4.99
CA MET F 867 30.37 -41.27 5.66
C MET F 867 30.11 -41.10 7.15
N ILE F 868 28.87 -40.77 7.48
CA ILE F 868 28.48 -40.63 8.88
C ILE F 868 28.54 -41.97 9.59
N ALA F 869 28.10 -43.02 8.91
CA ALA F 869 28.19 -44.37 9.46
C ALA F 869 29.64 -44.78 9.70
N GLN F 870 30.55 -44.35 8.82
CA GLN F 870 31.96 -44.65 8.99
C GLN F 870 32.53 -43.99 10.24
N TYR F 871 32.12 -42.75 10.50
CA TYR F 871 32.54 -42.06 11.71
C TYR F 871 32.04 -42.78 12.94
N THR F 872 30.79 -43.21 12.90
CA THR F 872 30.20 -43.92 14.02
C THR F 872 30.92 -45.23 14.28
N SER F 873 31.25 -45.95 13.21
CA SER F 873 31.96 -47.21 13.33
C SER F 873 33.35 -47.00 13.94
N ALA F 874 34.02 -45.93 13.53
CA ALA F 874 35.34 -45.62 14.05
C ALA F 874 35.29 -45.33 15.55
N LEU F 875 34.24 -44.64 15.99
CA LEU F 875 34.06 -44.33 17.39
C LEU F 875 33.79 -45.58 18.22
N LEU F 876 32.99 -46.49 17.66
CA LEU F 876 32.68 -47.73 18.34
C LEU F 876 33.89 -48.64 18.43
N ALA F 877 34.66 -48.73 17.35
CA ALA F 877 35.84 -49.57 17.34
C ALA F 877 36.86 -49.05 18.35
N GLY F 878 36.98 -47.74 18.43
CA GLY F 878 37.88 -47.11 19.39
C GLY F 878 37.46 -47.42 20.81
N THR F 879 36.19 -47.20 21.13
CA THR F 879 35.70 -47.40 22.48
C THR F 879 35.84 -48.84 22.94
N ILE F 880 35.44 -49.77 22.08
CA ILE F 880 35.44 -51.18 22.44
C ILE F 880 36.83 -51.73 22.70
N CYS F 881 37.82 -51.33 21.89
CA CYS F 881 39.16 -51.92 21.94
C CYS F 881 40.15 -51.09 22.75
N SER F 882 39.92 -49.77 22.89
CA SER F 882 40.89 -48.92 23.59
C SER F 882 40.27 -48.05 24.68
N GLY F 883 38.99 -48.25 24.96
CA GLY F 883 38.32 -47.50 26.02
C GLY F 883 38.30 -46.01 25.74
N TRP F 884 38.72 -45.21 26.73
CA TRP F 884 38.68 -43.76 26.60
C TRP F 884 40.02 -43.16 26.19
N THR F 885 41.02 -44.01 25.99
CA THR F 885 42.37 -43.51 25.76
C THR F 885 42.50 -42.83 24.39
N PHE F 886 41.74 -43.31 23.41
CA PHE F 886 41.83 -42.79 22.05
C PHE F 886 41.23 -41.39 21.96
N GLY F 887 40.49 -41.00 22.98
CA GLY F 887 39.84 -39.70 22.99
C GLY F 887 40.73 -38.62 23.60
N ALA F 888 41.91 -39.02 24.08
CA ALA F 888 42.83 -38.09 24.72
C ALA F 888 44.26 -38.32 24.24
N GLY F 889 44.40 -38.83 23.03
CA GLY F 889 45.71 -39.15 22.49
C GLY F 889 45.64 -40.44 21.67
N PRO F 890 46.74 -41.20 21.60
CA PRO F 890 46.88 -42.43 20.85
C PRO F 890 46.04 -43.53 21.48
N ALA F 891 45.49 -44.40 20.65
CA ALA F 891 44.65 -45.48 21.15
C ALA F 891 45.50 -46.55 21.81
N LEU F 892 45.20 -46.85 23.06
CA LEU F 892 45.91 -47.86 23.83
C LEU F 892 45.02 -49.06 24.06
N GLN F 893 45.42 -50.22 23.57
CA GLN F 893 44.56 -51.39 23.67
C GLN F 893 44.46 -51.90 25.10
N ILE F 894 43.30 -52.45 25.41
CA ILE F 894 43.04 -53.06 26.71
C ILE F 894 41.94 -54.12 26.51
N PRO F 895 41.99 -55.24 27.23
CA PRO F 895 40.95 -56.24 27.30
C PRO F 895 39.64 -55.61 27.74
N PHE F 896 38.53 -55.97 27.08
CA PHE F 896 37.27 -55.32 27.38
C PHE F 896 36.85 -55.47 28.85
N PRO F 897 36.94 -56.68 29.45
CA PRO F 897 36.62 -56.96 30.83
C PRO F 897 37.41 -56.06 31.78
N MET F 898 38.64 -55.74 31.41
CA MET F 898 39.47 -54.87 32.23
C MET F 898 39.05 -53.42 32.08
N GLN F 899 38.57 -53.06 30.90
CA GLN F 899 38.03 -51.74 30.68
C GLN F 899 36.81 -51.53 31.55
N MET F 900 35.97 -52.56 31.63
CA MET F 900 34.76 -52.49 32.43
C MET F 900 35.09 -52.43 33.91
N ALA F 901 36.19 -53.08 34.30
CA ALA F 901 36.66 -53.02 35.67
C ALA F 901 37.06 -51.59 36.05
N TYR F 902 37.70 -50.88 35.12
CA TYR F 902 38.09 -49.51 35.36
C TYR F 902 36.87 -48.62 35.52
N ARG F 903 35.83 -48.91 34.73
CA ARG F 903 34.61 -48.15 34.76
C ARG F 903 33.82 -48.40 36.03
N PHE F 904 33.97 -49.59 36.61
CA PHE F 904 33.38 -49.89 37.91
C PHE F 904 34.06 -49.09 39.01
N ASN F 905 35.39 -48.98 38.96
CA ASN F 905 36.12 -48.17 39.91
C ASN F 905 35.67 -46.72 39.84
N GLY F 906 35.33 -46.27 38.64
CA GLY F 906 34.91 -44.90 38.39
C GLY F 906 33.60 -44.55 39.08
N ILE F 907 32.83 -45.56 39.48
CA ILE F 907 31.55 -45.32 40.13
C ILE F 907 31.59 -45.76 41.59
N GLY F 908 32.78 -45.99 42.11
CA GLY F 908 32.97 -46.30 43.51
C GLY F 908 32.69 -47.75 43.86
N VAL F 909 32.81 -48.64 42.88
CA VAL F 909 32.62 -50.06 43.10
C VAL F 909 33.93 -50.79 42.83
N THR F 910 34.32 -51.67 43.74
CA THR F 910 35.62 -52.33 43.59
C THR F 910 35.63 -53.25 42.38
N GLN F 911 36.80 -53.40 41.77
CA GLN F 911 36.93 -54.12 40.52
C GLN F 911 36.70 -55.61 40.64
N ASN F 912 36.82 -56.15 41.84
CA ASN F 912 36.58 -57.57 42.04
C ASN F 912 35.11 -57.90 41.86
N VAL F 913 34.25 -56.89 41.99
CA VAL F 913 32.82 -57.08 41.80
C VAL F 913 32.54 -57.38 40.34
N LEU F 914 33.28 -56.71 39.45
CA LEU F 914 33.16 -56.93 38.02
C LEU F 914 33.64 -58.33 37.65
N TYR F 915 34.80 -58.71 38.15
CA TYR F 915 35.43 -59.98 37.75
C TYR F 915 34.70 -61.18 38.31
N GLU F 916 34.15 -61.05 39.51
CA GLU F 916 33.46 -62.16 40.16
C GLU F 916 32.10 -62.41 39.53
N ASN F 917 31.53 -61.37 38.92
CA ASN F 917 30.21 -61.46 38.34
C ASN F 917 30.26 -61.25 36.82
N GLN F 918 31.41 -61.52 36.22
CA GLN F 918 31.59 -61.22 34.80
C GLN F 918 30.53 -61.84 33.92
N LYS F 919 30.15 -63.08 34.20
CA LYS F 919 29.16 -63.77 33.37
C LYS F 919 27.78 -63.14 33.53
N LEU F 920 27.42 -62.82 34.76
CA LEU F 920 26.14 -62.18 35.04
C LEU F 920 26.06 -60.82 34.35
N ILE F 921 27.13 -60.05 34.48
CA ILE F 921 27.17 -58.70 33.93
C ILE F 921 27.09 -58.72 32.41
N ALA F 922 27.84 -59.62 31.78
CA ALA F 922 27.80 -59.77 30.34
C ALA F 922 26.40 -60.16 29.87
N ASN F 923 25.74 -61.01 30.63
CA ASN F 923 24.39 -61.45 30.27
C ASN F 923 23.38 -60.33 30.42
N GLN F 924 23.49 -59.55 31.49
CA GLN F 924 22.59 -58.43 31.71
C GLN F 924 22.76 -57.39 30.61
N PHE F 925 24.00 -57.16 30.21
CA PHE F 925 24.30 -56.23 29.12
C PHE F 925 23.68 -56.72 27.82
N ASN F 926 23.93 -57.97 27.47
CA ASN F 926 23.46 -58.52 26.20
C ASN F 926 21.94 -58.50 26.12
N SER F 927 21.29 -58.77 27.24
CA SER F 927 19.83 -58.75 27.30
C SER F 927 19.29 -57.34 27.11
N ALA F 928 19.90 -56.38 27.79
CA ALA F 928 19.46 -54.99 27.71
C ALA F 928 19.55 -54.46 26.28
N ILE F 929 20.61 -54.83 25.58
CA ILE F 929 20.76 -54.40 24.19
C ILE F 929 19.65 -54.98 23.32
N GLY F 930 19.35 -56.26 23.52
CA GLY F 930 18.30 -56.92 22.76
C GLY F 930 16.96 -56.22 22.95
N LYS F 931 16.70 -55.75 24.18
CA LYS F 931 15.46 -55.05 24.47
C LYS F 931 15.34 -53.74 23.70
N ILE F 932 16.47 -53.06 23.48
CA ILE F 932 16.45 -51.81 22.74
C ILE F 932 15.93 -52.02 21.32
N GLN F 933 16.42 -53.08 20.68
CA GLN F 933 16.00 -53.39 19.32
C GLN F 933 14.50 -53.70 19.25
N ASP F 934 14.02 -54.45 20.23
CA ASP F 934 12.61 -54.83 20.27
C ASP F 934 11.71 -53.64 20.62
N SER F 935 12.22 -52.77 21.47
CA SER F 935 11.46 -51.59 21.88
C SER F 935 11.25 -50.66 20.70
N LEU F 936 12.32 -50.36 19.97
CA LEU F 936 12.23 -49.43 18.85
C LEU F 936 11.31 -49.96 17.76
N SER F 937 11.37 -51.27 17.52
CA SER F 937 10.63 -51.87 16.43
C SER F 937 9.12 -51.94 16.73
N SER F 938 8.74 -51.64 17.96
CA SER F 938 7.36 -51.75 18.37
C SER F 938 6.83 -50.46 19.00
N THR F 939 7.59 -49.37 18.85
CA THR F 939 7.20 -48.09 19.44
C THR F 939 7.20 -46.96 18.40
N PRO F 940 6.03 -46.63 17.84
CA PRO F 940 5.79 -45.63 16.81
C PRO F 940 6.25 -44.22 17.19
N SER F 941 6.33 -43.94 18.48
CA SER F 941 6.68 -42.60 18.96
C SER F 941 8.13 -42.49 19.39
N ALA F 942 8.89 -43.58 19.23
CA ALA F 942 10.24 -43.64 19.75
C ALA F 942 11.14 -42.55 19.16
N LEU F 943 10.92 -42.23 17.89
CA LEU F 943 11.78 -41.28 17.19
C LEU F 943 11.03 -40.00 16.86
N GLY F 944 10.09 -39.63 17.72
CA GLY F 944 9.28 -38.43 17.53
C GLY F 944 10.12 -37.16 17.41
N LYS F 945 11.22 -37.11 18.15
CA LYS F 945 12.07 -35.91 18.14
C LYS F 945 12.67 -35.64 16.76
N LEU F 946 13.02 -36.68 16.04
CA LEU F 946 13.59 -36.50 14.71
C LEU F 946 12.51 -36.27 13.69
N GLN F 947 11.37 -36.92 13.89
CA GLN F 947 10.24 -36.79 12.98
C GLN F 947 9.66 -35.37 13.04
N ASN F 948 9.68 -34.78 14.23
CA ASN F 948 9.15 -33.44 14.42
C ASN F 948 9.91 -32.40 13.61
N VAL F 949 11.22 -32.60 13.49
CA VAL F 949 12.04 -31.68 12.71
C VAL F 949 11.70 -31.77 11.24
N VAL F 950 11.55 -32.99 10.76
CA VAL F 950 11.17 -33.23 9.37
C VAL F 950 9.81 -32.64 9.06
N ASN F 951 8.86 -32.84 9.98
CA ASN F 951 7.49 -32.38 9.76
C ASN F 951 7.40 -30.87 9.76
N GLN F 952 8.14 -30.21 10.64
CA GLN F 952 8.10 -28.76 10.74
C GLN F 952 8.67 -28.09 9.50
N ASN F 953 9.73 -28.67 8.96
CA ASN F 953 10.36 -28.09 7.78
C ASN F 953 9.50 -28.29 6.54
N ALA F 954 8.89 -29.46 6.43
CA ALA F 954 7.99 -29.74 5.31
C ALA F 954 6.79 -28.83 5.35
N GLN F 955 6.27 -28.60 6.55
CA GLN F 955 5.11 -27.74 6.74
C GLN F 955 5.40 -26.31 6.34
N ALA F 956 6.59 -25.83 6.68
CA ALA F 956 6.99 -24.47 6.37
C ALA F 956 7.09 -24.25 4.86
N LEU F 957 7.64 -25.21 4.14
CA LEU F 957 7.75 -25.09 2.69
C LEU F 957 6.38 -25.16 2.02
N ASN F 958 5.52 -26.02 2.52
CA ASN F 958 4.19 -26.15 1.95
C ASN F 958 3.42 -24.85 2.12
N THR F 959 3.60 -24.19 3.26
CA THR F 959 2.97 -22.92 3.53
C THR F 959 3.48 -21.85 2.57
N LEU F 960 4.79 -21.82 2.36
CA LEU F 960 5.41 -20.83 1.50
C LEU F 960 4.90 -20.97 0.06
N VAL F 961 4.78 -22.20 -0.42
CA VAL F 961 4.30 -22.44 -1.77
C VAL F 961 2.82 -22.09 -1.93
N LYS F 962 2.01 -22.44 -0.94
CA LYS F 962 0.59 -22.15 -0.97
C LYS F 962 0.29 -20.65 -0.99
N GLN F 963 1.20 -19.85 -0.45
CA GLN F 963 1.02 -18.40 -0.45
C GLN F 963 1.04 -17.82 -1.86
N LEU F 964 1.55 -18.58 -2.83
CA LEU F 964 1.58 -18.13 -4.21
C LEU F 964 0.19 -18.15 -4.83
N SER F 965 -0.77 -18.73 -4.12
CA SER F 965 -2.14 -18.80 -4.59
C SER F 965 -2.97 -17.60 -4.09
N SER F 966 -2.38 -16.78 -3.24
CA SER F 966 -3.09 -15.64 -2.67
C SER F 966 -3.08 -14.45 -3.61
N ASN F 967 -4.18 -13.72 -3.63
CA ASN F 967 -4.30 -12.55 -4.49
C ASN F 967 -3.68 -11.31 -3.86
N PHE F 968 -3.76 -11.22 -2.53
CA PHE F 968 -3.25 -10.06 -1.81
C PHE F 968 -3.89 -8.76 -2.31
N GLY F 969 -5.10 -8.85 -2.83
CA GLY F 969 -5.83 -7.67 -3.27
C GLY F 969 -5.77 -7.50 -4.80
N ALA F 970 -4.95 -8.29 -5.45
CA ALA F 970 -4.83 -8.24 -6.91
C ALA F 970 -6.01 -8.94 -7.57
N ILE F 971 -6.22 -8.66 -8.85
CA ILE F 971 -7.26 -9.31 -9.63
C ILE F 971 -6.99 -10.81 -9.81
N SER F 972 -5.72 -11.19 -9.71
CA SER F 972 -5.34 -12.58 -9.90
C SER F 972 -4.03 -12.89 -9.18
N SER F 973 -3.87 -14.14 -8.78
CA SER F 973 -2.63 -14.61 -8.16
C SER F 973 -1.60 -15.00 -9.22
N VAL F 974 -2.01 -15.02 -10.47
CA VAL F 974 -1.15 -15.45 -11.56
C VAL F 974 -0.64 -14.27 -12.38
N LEU F 975 0.68 -14.10 -12.42
CA LEU F 975 1.27 -12.97 -13.13
C LEU F 975 1.00 -13.02 -14.63
N ASN F 976 0.95 -14.22 -15.19
CA ASN F 976 0.71 -14.36 -16.62
C ASN F 976 -0.69 -13.93 -17.01
N ASP F 977 -1.65 -14.12 -16.09
CA ASP F 977 -3.02 -13.73 -16.35
C ASP F 977 -3.19 -12.22 -16.26
N ILE F 978 -2.37 -11.59 -15.42
CA ILE F 978 -2.38 -10.14 -15.32
C ILE F 978 -1.76 -9.51 -16.56
N LEU F 979 -0.62 -10.03 -16.97
CA LEU F 979 0.14 -9.48 -18.08
C LEU F 979 -0.58 -9.66 -19.41
N SER F 980 -1.34 -10.74 -19.54
CA SER F 980 -2.05 -11.03 -20.77
C SER F 980 -3.33 -10.19 -20.93
N ARG F 981 -3.74 -9.52 -19.85
CA ARG F 981 -4.99 -8.77 -19.87
C ARG F 981 -4.79 -7.26 -19.81
N LEU F 982 -3.86 -6.82 -18.97
CA LEU F 982 -3.69 -5.41 -18.71
C LEU F 982 -2.48 -4.83 -19.41
N ASP F 983 -2.51 -3.53 -19.66
CA ASP F 983 -1.37 -2.82 -20.23
C ASP F 983 -0.38 -2.49 -19.13
N LYS F 984 0.77 -1.91 -19.45
CA LYS F 984 1.84 -1.67 -18.44
C LYS F 984 1.37 -0.95 -17.16
N PRO F 985 0.81 0.28 -17.19
CA PRO F 985 0.45 1.02 -15.98
C PRO F 985 -0.57 0.30 -15.10
N GLU F 986 -1.52 -0.38 -15.73
CA GLU F 986 -2.53 -1.11 -14.97
C GLU F 986 -1.94 -2.39 -14.40
N ALA F 987 -1.12 -3.08 -15.18
CA ALA F 987 -0.48 -4.30 -14.73
C ALA F 987 0.43 -4.02 -13.54
N GLU F 988 1.12 -2.90 -13.58
CA GLU F 988 2.06 -2.54 -12.51
C GLU F 988 1.36 -2.40 -11.17
N VAL F 989 0.16 -1.85 -11.18
CA VAL F 989 -0.60 -1.71 -9.94
C VAL F 989 -0.93 -3.07 -9.35
N GLN F 990 -1.35 -4.00 -10.21
CA GLN F 990 -1.71 -5.34 -9.76
C GLN F 990 -0.48 -6.14 -9.34
N ILE F 991 0.62 -5.95 -10.07
CA ILE F 991 1.84 -6.68 -9.77
C ILE F 991 2.43 -6.23 -8.45
N ASP F 992 2.41 -4.94 -8.19
CA ASP F 992 2.91 -4.42 -6.92
C ASP F 992 2.22 -5.06 -5.72
N ARG F 993 0.93 -5.33 -5.85
CA ARG F 993 0.20 -5.97 -4.77
C ARG F 993 0.71 -7.39 -4.53
N LEU F 994 1.03 -8.10 -5.61
CA LEU F 994 1.56 -9.46 -5.49
C LEU F 994 2.97 -9.47 -4.95
N ILE F 995 3.78 -8.49 -5.36
CA ILE F 995 5.15 -8.40 -4.87
C ILE F 995 5.18 -8.16 -3.37
N THR F 996 4.34 -7.24 -2.91
CA THR F 996 4.28 -6.92 -1.50
C THR F 996 3.93 -8.14 -0.67
N GLY F 997 2.91 -8.87 -1.10
CA GLY F 997 2.43 -10.04 -0.37
C GLY F 997 3.43 -11.18 -0.41
N ARG F 998 4.04 -11.41 -1.56
CA ARG F 998 4.97 -12.53 -1.72
C ARG F 998 6.28 -12.26 -1.01
N LEU F 999 6.71 -11.00 -1.00
CA LEU F 999 7.92 -10.61 -0.29
C LEU F 999 7.72 -10.79 1.20
N GLN F 1000 6.55 -10.41 1.70
CA GLN F 1000 6.22 -10.58 3.11
C GLN F 1000 6.17 -12.05 3.49
N SER F 1001 5.64 -12.88 2.59
CA SER F 1001 5.55 -14.32 2.84
C SER F 1001 6.93 -14.95 2.92
N LEU F 1002 7.83 -14.50 2.07
CA LEU F 1002 9.18 -15.02 2.04
C LEU F 1002 9.98 -14.57 3.26
N GLN F 1003 9.79 -13.32 3.67
CA GLN F 1003 10.47 -12.82 4.85
C GLN F 1003 10.03 -13.57 6.10
N THR F 1004 8.75 -13.92 6.16
CA THR F 1004 8.23 -14.69 7.27
C THR F 1004 8.89 -16.06 7.33
N TYR F 1005 8.99 -16.71 6.19
CA TYR F 1005 9.64 -18.02 6.10
C TYR F 1005 11.07 -17.99 6.62
N VAL F 1006 11.85 -17.04 6.12
CA VAL F 1006 13.26 -16.96 6.47
C VAL F 1006 13.47 -16.69 7.95
N THR F 1007 12.66 -15.79 8.52
CA THR F 1007 12.76 -15.48 9.93
C THR F 1007 12.51 -16.73 10.78
N GLN F 1008 11.50 -17.51 10.40
CA GLN F 1008 11.18 -18.73 11.13
C GLN F 1008 12.29 -19.76 11.01
N GLN F 1009 12.95 -19.80 9.86
CA GLN F 1009 14.04 -20.74 9.64
C GLN F 1009 15.25 -20.38 10.49
N LEU F 1010 15.52 -19.08 10.65
CA LEU F 1010 16.63 -18.63 11.46
C LEU F 1010 16.42 -18.98 12.92
N ILE F 1011 15.18 -18.86 13.38
CA ILE F 1011 14.85 -19.20 14.76
C ILE F 1011 14.94 -20.70 14.99
N ARG F 1012 14.42 -21.49 14.05
CA ARG F 1012 14.51 -22.94 14.16
C ARG F 1012 15.95 -23.42 14.03
N ALA F 1013 16.74 -22.75 13.20
CA ALA F 1013 18.13 -23.12 13.03
C ALA F 1013 18.90 -22.94 14.32
N ALA F 1014 18.59 -21.88 15.07
CA ALA F 1014 19.24 -21.64 16.35
C ALA F 1014 18.93 -22.75 17.34
N GLU F 1015 17.69 -23.24 17.32
CA GLU F 1015 17.30 -24.33 18.19
C GLU F 1015 18.03 -25.62 17.85
N ILE F 1016 18.15 -25.91 16.57
CA ILE F 1016 18.87 -27.10 16.11
C ILE F 1016 20.35 -27.01 16.44
N ARG F 1017 20.92 -25.82 16.29
CA ARG F 1017 22.32 -25.62 16.63
C ARG F 1017 22.58 -25.95 18.10
N ALA F 1018 21.69 -25.49 18.98
CA ALA F 1018 21.81 -25.77 20.40
C ALA F 1018 21.75 -27.27 20.67
N SER F 1019 20.88 -27.97 19.95
CA SER F 1019 20.76 -29.41 20.07
C SER F 1019 22.02 -30.11 19.59
N ALA F 1020 22.57 -29.65 18.48
CA ALA F 1020 23.80 -30.21 17.93
C ALA F 1020 24.98 -29.99 18.88
N ASN F 1021 25.01 -28.83 19.54
CA ASN F 1021 26.07 -28.53 20.49
C ASN F 1021 26.00 -29.46 21.69
N LEU F 1022 24.79 -29.77 22.12
CA LEU F 1022 24.58 -30.70 23.21
C LEU F 1022 25.00 -32.11 22.81
N ALA F 1023 24.66 -32.50 21.59
CA ALA F 1023 25.02 -33.82 21.07
C ALA F 1023 26.54 -33.96 20.97
N ALA F 1024 27.21 -32.90 20.56
CA ALA F 1024 28.66 -32.91 20.46
C ALA F 1024 29.30 -33.03 21.84
N THR F 1025 28.71 -32.38 22.83
CA THR F 1025 29.19 -32.45 24.19
C THR F 1025 29.03 -33.87 24.75
N LYS F 1026 27.89 -34.49 24.48
CA LYS F 1026 27.64 -35.85 24.90
C LYS F 1026 28.57 -36.84 24.22
N MET F 1027 28.87 -36.60 22.96
CA MET F 1027 29.81 -37.46 22.26
C MET F 1027 31.15 -37.46 22.98
N SER F 1028 31.62 -36.28 23.37
CA SER F 1028 32.88 -36.16 24.07
C SER F 1028 32.85 -36.72 25.49
N GLU F 1029 31.79 -36.42 26.22
CA GLU F 1029 31.77 -36.73 27.66
C GLU F 1029 31.16 -38.08 28.01
N CYS F 1030 30.29 -38.62 27.14
CA CYS F 1030 29.62 -39.89 27.40
C CYS F 1030 30.28 -41.03 26.62
N VAL F 1031 30.67 -40.75 25.38
CA VAL F 1031 31.24 -41.78 24.52
C VAL F 1031 32.76 -41.85 24.62
N LEU F 1032 33.43 -40.72 24.63
CA LEU F 1032 34.88 -40.68 24.67
C LEU F 1032 35.42 -40.61 26.09
N GLY F 1033 34.54 -40.82 27.06
CA GLY F 1033 34.95 -40.84 28.45
C GLY F 1033 33.81 -41.25 29.36
N GLN F 1034 34.10 -41.34 30.65
CA GLN F 1034 33.10 -41.69 31.65
C GLN F 1034 32.72 -40.45 32.44
N SER F 1035 31.43 -40.14 32.49
CA SER F 1035 30.96 -38.90 33.09
C SER F 1035 30.55 -39.05 34.54
N LYS F 1036 30.81 -38.01 35.34
CA LYS F 1036 30.35 -37.96 36.73
C LYS F 1036 29.17 -37.01 36.89
N ARG F 1037 28.68 -36.48 35.78
CA ARG F 1037 27.58 -35.53 35.82
C ARG F 1037 26.25 -36.28 35.90
N VAL F 1038 25.49 -36.02 36.95
CA VAL F 1038 24.26 -36.77 37.20
C VAL F 1038 23.24 -36.53 36.11
N ASP F 1039 22.69 -37.62 35.58
CA ASP F 1039 21.66 -37.61 34.55
C ASP F 1039 22.12 -37.00 33.23
N PHE F 1040 23.42 -36.83 33.06
CA PHE F 1040 23.92 -36.34 31.79
C PHE F 1040 24.03 -37.43 30.74
N CYS F 1041 24.40 -38.65 31.18
CA CYS F 1041 24.60 -39.79 30.29
C CYS F 1041 23.70 -40.96 30.72
N GLY F 1042 22.41 -40.68 30.90
CA GLY F 1042 21.45 -41.70 31.28
C GLY F 1042 21.18 -41.72 32.79
N LYS F 1043 20.17 -42.48 33.19
CA LYS F 1043 19.81 -42.60 34.60
C LYS F 1043 20.58 -43.73 35.27
N GLY F 1044 21.18 -43.44 36.41
CA GLY F 1044 22.04 -44.40 37.09
C GLY F 1044 23.48 -43.93 37.04
N TYR F 1045 24.40 -44.78 37.46
CA TYR F 1045 25.80 -44.40 37.44
C TYR F 1045 26.42 -44.76 36.10
N HIS F 1046 26.86 -43.74 35.37
CA HIS F 1046 27.33 -43.94 34.01
C HIS F 1046 28.55 -44.85 33.93
N LEU F 1047 28.48 -45.85 33.06
CA LEU F 1047 29.62 -46.70 32.77
C LEU F 1047 30.22 -46.33 31.42
N MET F 1048 29.40 -46.39 30.38
CA MET F 1048 29.86 -46.08 29.03
C MET F 1048 28.68 -45.84 28.09
N SER F 1049 28.96 -45.27 26.93
CA SER F 1049 27.91 -45.04 25.95
C SER F 1049 28.37 -45.38 24.53
N PHE F 1050 27.40 -45.68 23.68
CA PHE F 1050 27.66 -46.01 22.28
C PHE F 1050 26.78 -45.16 21.37
N PRO F 1051 27.36 -44.48 20.38
CA PRO F 1051 26.69 -43.71 19.35
C PRO F 1051 26.12 -44.60 18.26
N GLN F 1052 24.98 -44.19 17.72
CA GLN F 1052 24.39 -44.77 16.51
C GLN F 1052 23.89 -43.64 15.62
N SER F 1053 24.09 -43.75 14.32
CA SER F 1053 23.62 -42.69 13.43
C SER F 1053 22.12 -42.79 13.20
N ALA F 1054 21.51 -41.66 12.89
CA ALA F 1054 20.09 -41.59 12.56
C ALA F 1054 19.88 -40.46 11.56
N PRO F 1055 18.76 -40.48 10.83
CA PRO F 1055 18.36 -39.44 9.90
C PRO F 1055 18.33 -38.07 10.57
N HIS F 1056 19.22 -37.19 10.15
CA HIS F 1056 19.31 -35.83 10.67
C HIS F 1056 19.59 -35.77 12.17
N GLY F 1057 20.15 -36.82 12.73
CA GLY F 1057 20.41 -36.82 14.16
C GLY F 1057 21.30 -37.95 14.62
N VAL F 1058 21.43 -38.05 15.94
CA VAL F 1058 22.27 -39.07 16.56
C VAL F 1058 21.52 -39.74 17.70
N VAL F 1059 21.77 -41.03 17.87
CA VAL F 1059 21.17 -41.77 18.97
C VAL F 1059 22.26 -42.31 19.89
N PHE F 1060 22.12 -42.04 21.18
CA PHE F 1060 23.08 -42.53 22.15
C PHE F 1060 22.49 -43.67 22.96
N LEU F 1061 23.24 -44.74 23.10
CA LEU F 1061 22.87 -45.83 24.01
C LEU F 1061 23.71 -45.76 25.27
N HIS F 1062 23.08 -45.41 26.37
CA HIS F 1062 23.79 -45.19 27.62
C HIS F 1062 23.72 -46.41 28.50
N VAL F 1063 24.88 -46.90 28.93
CA VAL F 1063 24.96 -48.06 29.80
C VAL F 1063 25.25 -47.60 31.22
N THR F 1064 24.35 -47.88 32.14
CA THR F 1064 24.51 -47.42 33.51
C THR F 1064 24.41 -48.55 34.52
N TYR F 1065 24.99 -48.31 35.68
CA TYR F 1065 24.92 -49.22 36.81
C TYR F 1065 23.83 -48.77 37.78
N VAL F 1066 22.88 -49.65 38.03
CA VAL F 1066 21.78 -49.33 38.94
C VAL F 1066 21.73 -50.32 40.11
N PRO F 1067 21.90 -49.83 41.34
CA PRO F 1067 21.85 -50.59 42.58
C PRO F 1067 20.52 -51.30 42.73
N ALA F 1068 20.55 -52.50 43.31
CA ALA F 1068 19.34 -53.29 43.49
C ALA F 1068 19.38 -54.10 44.79
N GLN F 1069 18.20 -54.44 45.29
CA GLN F 1069 18.06 -55.35 46.42
C GLN F 1069 18.84 -54.87 47.64
N GLU F 1070 18.48 -53.69 48.15
CA GLU F 1070 19.14 -53.15 49.32
C GLU F 1070 18.68 -53.85 50.59
N LYS F 1071 19.52 -53.81 51.63
CA LYS F 1071 19.17 -54.35 52.93
C LYS F 1071 19.41 -53.31 54.04
N ASN F 1072 18.66 -53.43 55.13
CA ASN F 1072 18.80 -52.54 56.29
C ASN F 1072 19.90 -53.03 57.23
N PHE F 1073 20.86 -52.15 57.53
CA PHE F 1073 21.92 -52.44 58.50
C PHE F 1073 21.99 -51.34 59.55
N THR F 1074 22.46 -51.69 60.74
CA THR F 1074 22.73 -50.68 61.77
C THR F 1074 24.09 -50.08 61.54
N THR F 1075 24.21 -48.77 61.69
CA THR F 1075 25.46 -48.11 61.39
C THR F 1075 25.96 -47.23 62.53
N ALA F 1076 27.20 -46.80 62.40
CA ALA F 1076 27.83 -45.89 63.34
C ALA F 1076 28.89 -45.08 62.60
N PRO F 1077 29.10 -43.82 62.99
CA PRO F 1077 30.06 -42.89 62.44
C PRO F 1077 31.51 -43.26 62.75
N ALA F 1078 31.70 -44.01 63.83
CA ALA F 1078 33.05 -44.38 64.25
C ALA F 1078 33.03 -45.58 65.20
N ILE F 1079 34.17 -46.25 65.30
CA ILE F 1079 34.36 -47.33 66.26
C ILE F 1079 35.39 -46.93 67.33
N CYS F 1080 35.04 -47.14 68.58
CA CYS F 1080 35.93 -46.86 69.70
C CYS F 1080 36.70 -48.11 70.13
N HIS F 1081 38.02 -48.00 70.14
CA HIS F 1081 38.87 -49.13 70.53
C HIS F 1081 40.17 -48.63 71.13
N ASP F 1082 40.52 -49.16 72.31
CA ASP F 1082 41.71 -48.73 73.02
C ASP F 1082 41.69 -47.23 73.29
N GLY F 1083 40.49 -46.67 73.45
CA GLY F 1083 40.32 -45.26 73.79
C GLY F 1083 40.45 -44.34 72.57
N LYS F 1084 40.63 -44.93 71.39
CA LYS F 1084 40.81 -44.16 70.18
C LYS F 1084 39.61 -44.26 69.24
N ALA F 1085 39.38 -43.21 68.46
CA ALA F 1085 38.29 -43.20 67.49
C ALA F 1085 38.77 -43.63 66.11
N HIS F 1086 38.20 -44.73 65.61
CA HIS F 1086 38.55 -45.27 64.30
C HIS F 1086 37.49 -44.96 63.25
N PHE F 1087 37.93 -44.43 62.12
CA PHE F 1087 37.02 -44.11 61.02
C PHE F 1087 37.35 -44.99 59.81
N PRO F 1088 36.37 -45.30 58.95
CA PRO F 1088 36.54 -46.04 57.71
C PRO F 1088 37.44 -45.28 56.75
N ARG F 1089 38.33 -45.98 56.07
CA ARG F 1089 39.15 -45.33 55.06
C ARG F 1089 38.39 -45.13 53.76
N GLU F 1090 37.56 -46.11 53.40
CA GLU F 1090 36.87 -46.08 52.12
C GLU F 1090 35.36 -46.33 52.25
N GLY F 1091 34.99 -47.20 53.17
CA GLY F 1091 33.61 -47.66 53.25
C GLY F 1091 32.84 -47.10 54.44
N VAL F 1092 31.88 -47.88 54.92
CA VAL F 1092 31.02 -47.50 56.02
C VAL F 1092 30.89 -48.64 57.03
N PHE F 1093 30.78 -48.30 58.32
CA PHE F 1093 30.61 -49.32 59.35
C PHE F 1093 29.16 -49.79 59.44
N VAL F 1094 28.97 -51.10 59.42
CA VAL F 1094 27.64 -51.68 59.53
C VAL F 1094 27.60 -52.84 60.50
N SER F 1095 26.41 -53.11 61.03
CA SER F 1095 26.21 -54.25 61.90
C SER F 1095 25.03 -55.10 61.44
N ASN F 1096 25.22 -56.43 61.49
CA ASN F 1096 24.16 -57.38 61.14
C ASN F 1096 23.34 -57.78 62.38
N GLY F 1097 23.55 -57.07 63.49
CA GLY F 1097 22.81 -57.30 64.73
C GLY F 1097 23.70 -57.85 65.83
N THR F 1098 24.81 -58.49 65.45
CA THR F 1098 25.72 -59.05 66.45
C THR F 1098 27.18 -58.66 66.20
N HIS F 1099 27.54 -58.46 64.94
CA HIS F 1099 28.93 -58.16 64.60
C HIS F 1099 29.06 -56.93 63.73
N TRP F 1100 30.14 -56.18 63.93
CA TRP F 1100 30.42 -55.00 63.13
C TRP F 1100 31.40 -55.30 62.01
N PHE F 1101 31.11 -54.73 60.83
CA PHE F 1101 31.94 -54.88 59.64
C PHE F 1101 32.12 -53.56 58.93
N VAL F 1102 33.11 -53.49 58.06
CA VAL F 1102 33.24 -52.35 57.17
C VAL F 1102 33.00 -52.79 55.73
N THR F 1103 32.19 -52.04 55.00
CA THR F 1103 31.84 -52.39 53.64
C THR F 1103 31.92 -51.21 52.70
N GLN F 1104 32.22 -51.48 51.44
CA GLN F 1104 32.07 -50.46 50.40
C GLN F 1104 30.61 -50.05 50.32
N ARG F 1105 30.38 -48.80 49.90
CA ARG F 1105 29.08 -48.16 50.06
C ARG F 1105 28.02 -48.60 49.05
N ASN F 1106 28.43 -48.92 47.83
CA ASN F 1106 27.48 -49.16 46.76
C ASN F 1106 27.26 -50.64 46.50
N PHE F 1107 27.84 -51.49 47.34
CA PHE F 1107 27.71 -52.92 47.18
C PHE F 1107 28.07 -53.63 48.48
N TYR F 1108 27.13 -54.37 49.04
CA TYR F 1108 27.35 -55.00 50.33
C TYR F 1108 28.40 -56.09 50.24
N GLU F 1109 29.50 -55.89 50.94
CA GLU F 1109 30.60 -56.81 50.95
C GLU F 1109 31.39 -56.66 52.25
N PRO F 1110 30.86 -57.20 53.36
CA PRO F 1110 31.29 -56.97 54.71
C PRO F 1110 32.66 -57.56 54.97
N GLN F 1111 33.54 -56.78 55.57
CA GLN F 1111 34.87 -57.24 55.93
C GLN F 1111 35.16 -56.95 57.39
N ILE F 1112 36.06 -57.74 57.97
CA ILE F 1112 36.48 -57.52 59.36
C ILE F 1112 37.14 -56.16 59.50
N ILE F 1113 36.81 -55.46 60.58
CA ILE F 1113 37.38 -54.15 60.84
C ILE F 1113 38.79 -54.29 61.38
N THR F 1114 39.75 -53.73 60.65
CA THR F 1114 41.15 -53.87 60.99
C THR F 1114 41.84 -52.52 60.90
N THR F 1115 43.10 -52.49 61.31
CA THR F 1115 43.90 -51.27 61.24
C THR F 1115 44.30 -50.94 59.81
N ASP F 1116 44.00 -51.86 58.88
CA ASP F 1116 44.34 -51.66 57.47
C ASP F 1116 43.21 -51.01 56.69
N ASN F 1117 42.03 -50.91 57.30
CA ASN F 1117 40.88 -50.36 56.59
C ASN F 1117 40.19 -49.25 57.39
N THR F 1118 40.85 -48.81 58.45
CA THR F 1118 40.41 -47.67 59.23
C THR F 1118 41.57 -46.72 59.48
N PHE F 1119 41.25 -45.53 59.97
CA PHE F 1119 42.29 -44.62 60.44
C PHE F 1119 41.87 -43.99 61.76
N VAL F 1120 42.86 -43.59 62.55
CA VAL F 1120 42.57 -43.09 63.88
C VAL F 1120 42.71 -41.58 63.98
N SER F 1121 41.71 -40.95 64.59
CA SER F 1121 41.79 -39.53 64.85
C SER F 1121 41.16 -39.15 66.18
N GLY F 1122 42.00 -38.83 67.15
CA GLY F 1122 41.54 -38.36 68.45
C GLY F 1122 40.96 -39.48 69.32
N ASN F 1123 40.34 -39.09 70.42
CA ASN F 1123 39.76 -40.01 71.38
C ASN F 1123 38.26 -40.20 71.12
N CYS F 1124 37.59 -40.96 71.99
CA CYS F 1124 36.20 -41.36 71.79
C CYS F 1124 35.22 -40.41 72.47
N ASP F 1125 35.73 -39.27 72.94
CA ASP F 1125 34.90 -38.35 73.71
C ASP F 1125 34.20 -37.30 72.85
N VAL F 1126 34.49 -37.30 71.55
CA VAL F 1126 34.00 -36.24 70.68
C VAL F 1126 32.88 -36.70 69.75
N VAL F 1127 33.02 -37.88 69.17
CA VAL F 1127 32.12 -38.32 68.11
C VAL F 1127 30.77 -38.78 68.67
N ILE F 1128 29.71 -38.21 68.16
CA ILE F 1128 28.36 -38.55 68.58
C ILE F 1128 27.89 -39.81 67.90
N GLY F 1129 27.55 -40.83 68.69
CA GLY F 1129 27.06 -42.08 68.14
C GLY F 1129 28.16 -43.12 67.99
N ILE F 1130 29.35 -42.82 68.48
CA ILE F 1130 30.46 -43.77 68.43
C ILE F 1130 30.14 -45.01 69.25
N VAL F 1131 30.48 -46.18 68.71
CA VAL F 1131 30.19 -47.44 69.39
C VAL F 1131 31.46 -48.22 69.70
N ASN F 1132 31.38 -49.14 70.66
CA ASN F 1132 32.52 -49.95 71.08
C ASN F 1132 32.62 -51.23 70.25
N ASN F 1133 33.81 -51.50 69.71
CA ASN F 1133 34.10 -52.75 69.01
C ASN F 1133 35.60 -52.99 68.95
N THR F 1134 35.99 -54.24 68.73
CA THR F 1134 37.38 -54.58 68.51
C THR F 1134 37.86 -54.14 67.14
N VAL F 1135 39.07 -53.61 67.09
CA VAL F 1135 39.74 -53.34 65.82
C VAL F 1135 40.98 -54.22 65.70
N TYR F 1136 40.99 -55.08 64.69
CA TYR F 1136 42.00 -56.12 64.58
C TYR F 1136 43.29 -55.61 63.94
N ASP F 1137 44.42 -55.95 64.57
CA ASP F 1137 45.74 -55.64 64.02
C ASP F 1137 46.40 -56.92 63.51
N PRO F 1138 46.55 -57.06 62.18
CA PRO F 1138 47.08 -58.22 61.46
C PRO F 1138 48.43 -58.69 62.00
N LEU F 1139 49.16 -57.81 62.65
CA LEU F 1139 50.49 -58.16 63.16
C LEU F 1139 50.39 -58.91 64.49
N GLN F 1140 49.25 -58.80 65.15
CA GLN F 1140 49.07 -59.39 66.47
C GLN F 1140 49.43 -60.89 66.52
N PRO F 1141 48.79 -61.77 65.72
CA PRO F 1141 49.00 -63.21 65.71
C PRO F 1141 50.37 -63.59 65.16
N GLU F 1142 50.95 -62.69 64.35
CA GLU F 1142 52.28 -62.91 63.81
C GLU F 1142 53.34 -62.77 64.90
N LEU F 1143 53.11 -61.80 65.81
CA LEU F 1143 54.00 -61.53 66.94
C LEU F 1143 53.26 -61.73 68.25
N ILE G 1 6.44 60.25 -27.82
CA ILE G 1 6.65 59.66 -29.13
C ILE G 1 5.88 60.41 -30.21
N VAL G 2 6.42 60.38 -31.44
CA VAL G 2 5.76 60.95 -32.60
C VAL G 2 5.62 59.90 -33.70
N MET G 3 4.41 59.76 -34.23
CA MET G 3 4.14 58.83 -35.32
C MET G 3 3.91 59.60 -36.62
N MET G 4 4.78 59.34 -37.61
CA MET G 4 4.72 60.12 -38.87
C MET G 4 4.43 59.20 -40.06
N GLN G 5 3.30 59.39 -40.73
CA GLN G 5 2.94 58.59 -41.88
C GLN G 5 3.32 59.27 -43.19
N SER G 6 3.53 58.48 -44.23
CA SER G 6 3.93 59.00 -45.53
C SER G 6 3.59 58.02 -46.65
N PRO G 7 3.20 58.55 -47.81
CA PRO G 7 2.97 59.95 -48.16
C PRO G 7 1.67 60.46 -47.57
N GLY G 8 1.55 61.76 -47.42
CA GLY G 8 0.31 62.36 -46.93
C GLY G 8 -0.87 61.98 -47.82
N THR G 9 -0.63 61.93 -49.12
CA THR G 9 -1.65 61.52 -50.07
C THR G 9 -1.07 60.57 -51.13
N LEU G 10 -1.79 59.50 -51.40
CA LEU G 10 -1.40 58.53 -52.42
C LEU G 10 -2.48 58.42 -53.49
N SER G 11 -2.06 58.44 -54.75
CA SER G 11 -3.01 58.33 -55.86
C SER G 11 -2.63 57.22 -56.82
N LEU G 12 -3.55 56.29 -57.03
CA LEU G 12 -3.33 55.17 -57.92
C LEU G 12 -4.66 54.60 -58.40
N SER G 13 -4.61 53.72 -59.39
CA SER G 13 -5.82 53.14 -59.97
C SER G 13 -6.29 51.94 -59.15
N PRO G 14 -7.57 51.59 -59.27
CA PRO G 14 -8.16 50.33 -58.87
C PRO G 14 -7.45 49.18 -59.55
N GLY G 15 -7.24 48.09 -58.82
CA GLY G 15 -6.56 46.93 -59.36
C GLY G 15 -5.05 47.01 -59.17
N GLU G 16 -4.56 48.15 -58.70
CA GLU G 16 -3.14 48.34 -58.47
C GLU G 16 -2.78 48.17 -56.99
N ARG G 17 -1.50 47.99 -56.72
CA ARG G 17 -1.01 47.81 -55.35
C ARG G 17 -0.64 49.15 -54.70
N ALA G 18 -0.91 49.28 -53.41
CA ALA G 18 -0.52 50.47 -52.66
C ALA G 18 0.30 50.10 -51.44
N THR G 19 1.26 50.95 -51.08
CA THR G 19 2.00 50.79 -49.84
C THR G 19 2.02 52.10 -49.06
N LEU G 20 1.67 52.01 -47.77
CA LEU G 20 1.72 53.15 -46.88
C LEU G 20 2.76 52.92 -45.80
N SER G 21 3.46 53.97 -45.40
CA SER G 21 4.50 53.83 -44.39
C SER G 21 4.15 54.62 -43.12
N CYS G 22 4.68 54.16 -41.99
CA CYS G 22 4.62 54.86 -40.71
C CYS G 22 5.95 54.73 -39.97
N ARG G 23 6.51 55.87 -39.59
CA ARG G 23 7.79 55.90 -38.90
C ARG G 23 7.63 56.40 -37.48
N ALA G 24 8.37 55.81 -36.56
CA ALA G 24 8.34 56.23 -35.17
C ALA G 24 9.62 56.98 -34.79
N SER G 25 9.46 57.97 -33.93
CA SER G 25 10.61 58.72 -33.40
C SER G 25 11.46 57.86 -32.48
N GLN G 26 10.92 56.73 -32.05
CA GLN G 26 11.62 55.79 -31.18
C GLN G 26 11.14 54.37 -31.45
N SER G 27 11.91 53.39 -31.00
CA SER G 27 11.56 52.00 -31.25
C SER G 27 10.20 51.65 -30.66
N VAL G 28 9.41 50.91 -31.43
CA VAL G 28 8.10 50.44 -31.01
C VAL G 28 8.00 48.94 -31.16
N SER G 29 7.54 48.26 -30.12
CA SER G 29 7.35 46.82 -30.20
C SER G 29 6.32 46.50 -31.28
N SER G 30 6.53 45.42 -31.99
CA SER G 30 5.63 45.06 -33.07
C SER G 30 4.23 44.79 -32.53
N SER G 31 4.17 44.32 -31.29
CA SER G 31 2.90 44.00 -30.64
C SER G 31 2.06 45.24 -30.36
N TYR G 32 2.68 46.42 -30.42
CA TYR G 32 2.00 47.65 -30.08
C TYR G 32 1.71 48.53 -31.28
N LEU G 33 1.84 47.99 -32.49
CA LEU G 33 1.59 48.77 -33.70
C LEU G 33 0.31 48.30 -34.41
N ALA G 34 -0.60 49.23 -34.66
CA ALA G 34 -1.87 48.89 -35.31
C ALA G 34 -2.20 49.85 -36.46
N TRP G 35 -3.03 49.39 -37.39
CA TRP G 35 -3.52 50.23 -38.48
C TRP G 35 -5.04 50.29 -38.50
N TYR G 36 -5.58 51.47 -38.79
CA TYR G 36 -7.02 51.66 -38.91
C TYR G 36 -7.39 52.25 -40.27
N GLN G 37 -8.60 51.94 -40.72
CA GLN G 37 -9.13 52.49 -41.96
C GLN G 37 -10.40 53.27 -41.70
N GLN G 38 -10.41 54.55 -42.08
CA GLN G 38 -11.59 55.38 -41.89
C GLN G 38 -12.18 55.87 -43.20
N LYS G 39 -13.39 55.43 -43.50
CA LYS G 39 -14.11 55.89 -44.67
C LYS G 39 -14.81 57.20 -44.34
N PRO G 40 -15.10 58.04 -45.34
CA PRO G 40 -15.83 59.28 -45.22
C PRO G 40 -17.17 59.09 -44.51
N GLY G 41 -17.37 59.85 -43.44
CA GLY G 41 -18.64 59.84 -42.72
C GLY G 41 -18.78 58.65 -41.78
N GLN G 42 -17.70 57.91 -41.56
CA GLN G 42 -17.75 56.73 -40.71
C GLN G 42 -16.69 56.74 -39.62
N ALA G 43 -16.95 56.02 -38.53
CA ALA G 43 -15.94 55.78 -37.51
C ALA G 43 -14.82 54.92 -38.09
N PRO G 44 -13.59 55.04 -37.56
CA PRO G 44 -12.44 54.21 -37.87
C PRO G 44 -12.70 52.74 -37.57
N ARG G 45 -12.11 51.85 -38.35
CA ARG G 45 -12.15 50.43 -38.04
C ARG G 45 -10.75 49.83 -38.08
N LEU G 46 -10.54 48.81 -37.25
CA LEU G 46 -9.24 48.14 -37.17
C LEU G 46 -9.00 47.25 -38.37
N LEU G 47 -7.81 47.35 -38.96
CA LEU G 47 -7.40 46.45 -40.03
C LEU G 47 -6.30 45.52 -39.57
N ILE G 48 -5.26 46.10 -38.98
CA ILE G 48 -4.08 45.34 -38.57
C ILE G 48 -3.74 45.64 -37.12
N TYR G 49 -3.35 44.61 -36.39
CA TYR G 49 -2.83 44.80 -35.04
C TYR G 49 -1.60 43.91 -34.85
N GLY G 50 -0.74 44.29 -33.93
CA GLY G 50 0.45 43.50 -33.69
C GLY G 50 1.39 43.55 -34.89
N ALA G 51 1.34 44.68 -35.61
CA ALA G 51 2.13 44.91 -36.82
C ALA G 51 1.63 44.12 -38.03
N SER G 52 1.36 42.83 -37.84
CA SER G 52 1.11 41.95 -39.00
C SER G 52 -0.22 41.19 -38.95
N SER G 53 -0.91 41.19 -37.83
CA SER G 53 -2.12 40.36 -37.69
C SER G 53 -3.36 41.09 -38.19
N ARG G 54 -4.14 40.42 -39.04
CA ARG G 54 -5.39 41.00 -39.52
C ARG G 54 -6.49 40.93 -38.48
N ALA G 55 -7.32 41.96 -38.43
CA ALA G 55 -8.49 41.98 -37.58
C ALA G 55 -9.58 41.10 -38.17
N THR G 56 -10.48 40.63 -37.33
CA THR G 56 -11.56 39.76 -37.77
C THR G 56 -12.41 40.44 -38.84
N GLY G 57 -12.63 39.75 -39.94
CA GLY G 57 -13.49 40.25 -41.02
C GLY G 57 -12.70 40.99 -42.11
N ILE G 58 -11.41 41.14 -41.90
CA ILE G 58 -10.55 41.86 -42.86
C ILE G 58 -10.03 40.90 -43.93
N PRO G 59 -10.25 41.22 -45.21
CA PRO G 59 -9.79 40.50 -46.40
C PRO G 59 -8.28 40.32 -46.39
N ASP G 60 -7.83 39.24 -47.03
CA ASP G 60 -6.40 38.92 -47.09
C ASP G 60 -5.68 39.80 -48.10
N ARG G 61 -6.41 40.76 -48.65
CA ARG G 61 -5.84 41.75 -49.54
C ARG G 61 -5.02 42.75 -48.75
N PHE G 62 -5.20 42.75 -47.43
CA PHE G 62 -4.47 43.63 -46.53
C PHE G 62 -3.39 42.86 -45.78
N SER G 63 -2.23 43.47 -45.64
CA SER G 63 -1.15 42.89 -44.84
C SER G 63 -0.26 43.98 -44.26
N GLY G 64 0.47 43.63 -43.21
CA GLY G 64 1.38 44.59 -42.60
C GLY G 64 2.68 43.93 -42.17
N SER G 65 3.69 44.76 -41.95
CA SER G 65 4.99 44.28 -41.49
C SER G 65 5.81 45.41 -40.93
N GLY G 66 6.92 45.08 -40.29
CA GLY G 66 7.85 46.08 -39.81
C GLY G 66 8.33 45.80 -38.40
N SER G 67 9.27 46.61 -37.95
CA SER G 67 9.85 46.49 -36.63
C SER G 67 10.59 47.77 -36.27
N GLY G 68 10.95 47.92 -35.01
CA GLY G 68 11.74 49.06 -34.61
C GLY G 68 10.99 50.36 -34.86
N THR G 69 11.50 51.16 -35.79
CA THR G 69 10.91 52.46 -36.09
C THR G 69 10.22 52.52 -37.45
N ASP G 70 10.19 51.40 -38.17
CA ASP G 70 9.68 51.42 -39.53
C ASP G 70 8.63 50.35 -39.79
N PHE G 71 7.40 50.79 -40.06
CA PHE G 71 6.29 49.88 -40.31
C PHE G 71 5.57 50.25 -41.61
N THR G 72 4.99 49.24 -42.27
CA THR G 72 4.25 49.49 -43.49
C THR G 72 2.92 48.76 -43.53
N LEU G 73 1.99 49.29 -44.32
CA LEU G 73 0.73 48.65 -44.62
C LEU G 73 0.58 48.47 -46.12
N THR G 74 0.29 47.24 -46.55
CA THR G 74 0.20 46.94 -47.96
C THR G 74 -1.21 46.51 -48.37
N ILE G 75 -1.68 47.07 -49.47
CA ILE G 75 -2.93 46.64 -50.08
C ILE G 75 -2.62 46.03 -51.45
N SER G 76 -2.84 44.72 -51.57
CA SER G 76 -2.39 43.99 -52.76
C SER G 76 -3.02 44.52 -54.03
N ARG G 77 -4.35 44.55 -54.07
CA ARG G 77 -5.08 45.08 -55.20
C ARG G 77 -6.25 45.92 -54.70
N LEU G 78 -6.26 47.19 -55.06
CA LEU G 78 -7.24 48.11 -54.50
C LEU G 78 -8.62 47.96 -55.12
N GLU G 79 -9.63 48.04 -54.27
CA GLU G 79 -11.01 48.16 -54.69
C GLU G 79 -11.45 49.61 -54.51
N PRO G 80 -12.56 50.02 -55.14
CA PRO G 80 -13.21 51.32 -55.00
C PRO G 80 -13.46 51.67 -53.53
N GLU G 81 -13.57 50.66 -52.68
CA GLU G 81 -13.86 50.86 -51.26
C GLU G 81 -12.61 51.05 -50.42
N ASP G 82 -11.44 50.92 -51.04
CA ASP G 82 -10.19 51.01 -50.29
C ASP G 82 -9.60 52.41 -50.33
N PHE G 83 -10.25 53.32 -51.04
CA PHE G 83 -9.75 54.67 -51.17
C PHE G 83 -10.19 55.52 -50.00
N ALA G 84 -9.60 55.25 -48.85
CA ALA G 84 -9.97 55.89 -47.59
C ALA G 84 -8.74 56.44 -46.87
N VAL G 85 -8.94 56.94 -45.67
CA VAL G 85 -7.82 57.44 -44.87
C VAL G 85 -7.33 56.39 -43.90
N TYR G 86 -6.03 56.14 -43.92
CA TYR G 86 -5.45 55.12 -43.06
C TYR G 86 -4.62 55.75 -41.95
N TYR G 87 -4.71 55.18 -40.76
CA TYR G 87 -3.96 55.66 -39.61
C TYR G 87 -3.11 54.56 -39.02
N CYS G 88 -1.94 54.93 -38.49
CA CYS G 88 -1.15 54.03 -37.65
C CYS G 88 -1.31 54.45 -36.19
N GLN G 89 -1.29 53.48 -35.31
CA GLN G 89 -1.44 53.74 -33.89
C GLN G 89 -0.42 52.97 -33.07
N GLN G 90 0.11 53.62 -32.06
CA GLN G 90 1.11 53.01 -31.21
C GLN G 90 0.70 53.07 -29.74
N TYR G 91 1.06 52.04 -29.00
CA TYR G 91 0.91 52.08 -27.55
C TYR G 91 2.26 52.08 -26.86
N GLY G 92 2.35 52.84 -25.78
CA GLY G 92 3.49 52.77 -24.88
C GLY G 92 3.37 53.80 -23.78
N SER G 93 4.10 53.61 -22.70
CA SER G 93 4.09 54.54 -21.58
C SER G 93 2.67 54.89 -21.15
N SER G 94 1.82 53.88 -21.10
CA SER G 94 0.44 54.04 -20.66
C SER G 94 -0.31 55.10 -21.45
N ALA G 95 -0.04 55.19 -22.75
CA ALA G 95 -0.74 56.13 -23.60
C ALA G 95 -0.92 55.57 -25.01
N TRP G 96 -1.94 56.06 -25.70
CA TRP G 96 -2.24 55.64 -27.07
C TRP G 96 -2.10 56.83 -28.02
N THR G 97 -1.28 56.66 -29.06
CA THR G 97 -0.98 57.75 -29.98
C THR G 97 -1.26 57.36 -31.43
N PHE G 98 -1.87 58.28 -32.16
CA PHE G 98 -2.17 58.07 -33.58
C PHE G 98 -1.28 58.93 -34.48
N GLY G 99 -1.03 58.46 -35.69
CA GLY G 99 -0.36 59.26 -36.70
C GLY G 99 -1.32 60.26 -37.32
N GLN G 100 -0.83 61.09 -38.23
CA GLN G 100 -1.67 62.13 -38.82
C GLN G 100 -2.62 61.57 -39.86
N GLY G 101 -2.33 60.38 -40.35
CA GLY G 101 -3.17 59.72 -41.33
C GLY G 101 -2.75 60.02 -42.76
N THR G 102 -3.03 59.11 -43.67
CA THR G 102 -2.77 59.33 -45.08
C THR G 102 -3.99 58.98 -45.91
N LYS G 103 -4.22 59.74 -46.98
CA LYS G 103 -5.39 59.51 -47.83
C LYS G 103 -5.01 58.78 -49.11
N VAL G 104 -5.75 57.70 -49.40
CA VAL G 104 -5.55 56.92 -50.63
C VAL G 104 -6.69 57.21 -51.61
N VAL H 1 -20.85 42.31 -31.43
CA VAL H 1 -20.47 43.49 -30.66
C VAL H 1 -21.01 44.75 -31.33
N GLN H 2 -21.71 45.58 -30.55
CA GLN H 2 -22.23 46.86 -31.00
C GLN H 2 -21.97 47.96 -29.98
N LEU H 3 -21.68 49.16 -30.47
CA LEU H 3 -21.54 50.33 -29.62
C LEU H 3 -22.39 51.47 -30.16
N VAL H 4 -23.35 51.93 -29.36
CA VAL H 4 -24.28 52.95 -29.80
C VAL H 4 -24.16 54.21 -28.95
N GLN H 5 -23.86 55.32 -29.61
CA GLN H 5 -23.64 56.58 -28.92
C GLN H 5 -24.81 57.54 -29.06
N SER H 6 -24.85 58.55 -28.19
CA SER H 6 -25.88 59.57 -28.23
C SER H 6 -25.74 60.49 -29.44
N GLY H 7 -26.76 61.30 -29.68
CA GLY H 7 -26.78 62.18 -30.83
C GLY H 7 -25.97 63.45 -30.60
N ALA H 8 -25.84 64.26 -31.65
CA ALA H 8 -25.02 65.47 -31.62
C ALA H 8 -25.55 66.50 -30.63
N GLU H 9 -24.62 67.26 -30.04
CA GLU H 9 -24.97 68.30 -29.07
C GLU H 9 -24.35 69.64 -29.45
N VAL H 10 -25.01 70.72 -29.06
CA VAL H 10 -24.47 72.06 -29.26
C VAL H 10 -24.40 72.81 -27.94
N LYS H 11 -23.21 73.27 -27.59
CA LYS H 11 -22.97 73.93 -26.32
C LYS H 11 -22.28 75.28 -26.49
N LYS H 12 -22.32 76.10 -25.45
CA LYS H 12 -21.59 77.35 -25.45
C LYS H 12 -20.36 77.23 -24.55
N PRO H 13 -19.31 78.01 -24.79
CA PRO H 13 -18.08 78.06 -24.03
C PRO H 13 -18.36 78.22 -22.54
N GLY H 14 -17.67 77.42 -21.74
CA GLY H 14 -17.85 77.42 -20.29
C GLY H 14 -18.82 76.33 -19.84
N ALA H 15 -19.56 75.78 -20.79
CA ALA H 15 -20.54 74.74 -20.50
C ALA H 15 -19.88 73.37 -20.38
N SER H 16 -20.70 72.34 -20.20
CA SER H 16 -20.20 70.97 -20.14
C SER H 16 -21.09 70.05 -20.96
N VAL H 17 -20.51 68.99 -21.51
CA VAL H 17 -21.24 68.03 -22.32
C VAL H 17 -21.02 66.61 -21.84
N LYS H 18 -22.06 65.79 -21.90
CA LYS H 18 -21.95 64.39 -21.54
C LYS H 18 -22.37 63.49 -22.69
N VAL H 19 -21.45 62.62 -23.12
CA VAL H 19 -21.70 61.71 -24.22
C VAL H 19 -21.78 60.27 -23.71
N SER H 20 -22.86 59.58 -24.06
CA SER H 20 -23.05 58.20 -23.63
C SER H 20 -22.64 57.21 -24.71
N CYS H 21 -22.38 55.97 -24.29
CA CYS H 21 -22.10 54.86 -25.19
C CYS H 21 -22.64 53.55 -24.62
N LYS H 22 -23.66 53.00 -25.27
CA LYS H 22 -24.27 51.76 -24.82
C LYS H 22 -23.64 50.57 -25.52
N ALA H 23 -23.20 49.60 -24.74
CA ALA H 23 -22.53 48.42 -25.28
C ALA H 23 -23.45 47.21 -25.27
N SER H 24 -23.28 46.34 -26.26
CA SER H 24 -23.98 45.06 -26.27
C SER H 24 -23.20 44.01 -27.05
N GLY H 25 -23.52 42.75 -26.80
CA GLY H 25 -22.94 41.65 -27.57
C GLY H 25 -21.72 41.04 -26.88
N TYR H 26 -21.36 41.57 -25.71
CA TYR H 26 -20.20 41.06 -24.99
C TYR H 26 -20.32 41.34 -23.49
N THR H 27 -19.47 40.68 -22.71
CA THR H 27 -19.41 40.92 -21.29
C THR H 27 -18.84 42.31 -21.01
N PHE H 28 -19.69 43.20 -20.53
CA PHE H 28 -19.36 44.61 -20.42
C PHE H 28 -18.12 44.85 -19.56
N THR H 29 -18.00 44.14 -18.45
CA THR H 29 -16.95 44.39 -17.49
C THR H 29 -15.64 43.70 -17.87
N GLY H 30 -15.64 43.01 -19.00
CA GLY H 30 -14.46 42.29 -19.44
C GLY H 30 -13.51 43.18 -20.25
N TYR H 31 -13.95 44.39 -20.57
CA TYR H 31 -13.16 45.27 -21.42
C TYR H 31 -13.08 46.69 -20.90
N TYR H 32 -12.03 47.41 -21.29
CA TYR H 32 -11.92 48.84 -21.01
C TYR H 32 -12.69 49.63 -22.06
N MET H 33 -13.26 50.74 -21.65
CA MET H 33 -13.90 51.63 -22.61
C MET H 33 -13.07 52.89 -22.78
N HIS H 34 -12.67 53.16 -24.01
CA HIS H 34 -11.85 54.32 -24.33
C HIS H 34 -12.64 55.37 -25.08
N TRP H 35 -12.23 56.62 -24.93
CA TRP H 35 -12.80 57.70 -25.73
C TRP H 35 -11.74 58.33 -26.61
N VAL H 36 -12.09 58.56 -27.88
CA VAL H 36 -11.18 59.15 -28.86
C VAL H 36 -11.85 60.31 -29.58
N ARG H 37 -11.15 61.44 -29.65
CA ARG H 37 -11.70 62.65 -30.26
C ARG H 37 -11.13 62.90 -31.65
N GLN H 38 -11.99 63.29 -32.58
CA GLN H 38 -11.54 63.68 -33.91
C GLN H 38 -12.06 65.06 -34.32
N ALA H 39 -11.24 66.08 -34.17
CA ALA H 39 -11.61 67.42 -34.59
C ALA H 39 -11.74 67.44 -36.11
N PRO H 40 -12.56 68.34 -36.68
CA PRO H 40 -12.80 68.49 -38.10
C PRO H 40 -11.50 68.66 -38.87
N GLY H 41 -11.26 67.77 -39.83
CA GLY H 41 -10.10 67.86 -40.70
C GLY H 41 -8.81 67.38 -40.00
N GLN H 42 -8.97 66.86 -38.79
CA GLN H 42 -7.81 66.45 -38.00
C GLN H 42 -7.76 64.93 -37.82
N GLY H 43 -6.72 64.47 -37.13
CA GLY H 43 -6.56 63.04 -36.87
C GLY H 43 -7.23 62.65 -35.56
N LEU H 44 -6.80 61.54 -34.99
CA LEU H 44 -7.44 60.99 -33.81
C LEU H 44 -6.64 61.26 -32.54
N GLU H 45 -7.32 61.65 -31.47
CA GLU H 45 -6.67 61.88 -30.19
C GLU H 45 -7.30 61.05 -29.08
N TRP H 46 -6.46 60.34 -28.34
CA TRP H 46 -6.94 59.52 -27.22
C TRP H 46 -7.14 60.37 -25.98
N MET H 47 -8.29 60.19 -25.31
CA MET H 47 -8.64 61.01 -24.16
C MET H 47 -8.42 60.30 -22.83
N GLY H 48 -8.71 59.00 -22.80
CA GLY H 48 -8.68 58.25 -21.53
C GLY H 48 -9.52 56.99 -21.60
N TRP H 49 -9.53 56.24 -20.50
CA TRP H 49 -10.34 55.02 -20.41
C TRP H 49 -10.97 54.85 -19.04
N ILE H 50 -12.04 54.07 -18.99
CA ILE H 50 -12.65 53.63 -17.75
C ILE H 50 -12.80 52.11 -17.71
N ASN H 51 -12.58 51.54 -16.53
CA ASN H 51 -12.78 50.11 -16.30
C ASN H 51 -14.03 49.87 -15.44
N PRO H 52 -15.15 49.46 -16.05
CA PRO H 52 -16.47 49.30 -15.46
C PRO H 52 -16.49 48.43 -14.20
N ILE H 53 -15.57 47.48 -14.08
CA ILE H 53 -15.59 46.59 -12.92
C ILE H 53 -15.13 47.32 -11.66
N SER H 54 -14.24 48.28 -11.83
CA SER H 54 -13.64 48.97 -10.70
C SER H 54 -13.99 50.44 -10.66
N SER H 55 -14.49 50.95 -11.79
CA SER H 55 -14.74 52.37 -11.97
C SER H 55 -13.44 53.18 -11.97
N GLY H 56 -12.31 52.49 -12.14
CA GLY H 56 -11.02 53.13 -12.25
C GLY H 56 -10.85 53.78 -13.61
N THR H 57 -10.12 54.88 -13.66
CA THR H 57 -9.91 55.60 -14.91
C THR H 57 -8.46 56.03 -15.09
N SER H 58 -8.13 56.42 -16.31
CA SER H 58 -6.88 57.11 -16.61
C SER H 58 -7.09 58.07 -17.75
N TYR H 59 -6.52 59.27 -17.64
CA TYR H 59 -6.76 60.31 -18.62
C TYR H 59 -5.48 60.79 -19.27
N ALA H 60 -5.58 61.18 -20.53
CA ALA H 60 -4.48 61.84 -21.22
C ALA H 60 -4.19 63.17 -20.56
N GLN H 61 -2.91 63.52 -20.46
CA GLN H 61 -2.51 64.74 -19.77
C GLN H 61 -3.28 65.96 -20.27
N THR H 62 -3.56 65.97 -21.57
CA THR H 62 -4.27 67.08 -22.19
C THR H 62 -5.57 67.43 -21.47
N PHE H 63 -6.29 66.41 -21.02
CA PHE H 63 -7.63 66.63 -20.50
C PHE H 63 -7.71 66.46 -18.97
N GLN H 64 -6.58 66.27 -18.32
CA GLN H 64 -6.62 66.02 -16.89
C GLN H 64 -7.18 67.22 -16.14
N GLY H 65 -8.22 66.98 -15.36
CA GLY H 65 -8.89 68.04 -14.61
C GLY H 65 -10.12 68.56 -15.35
N ARG H 66 -10.25 68.20 -16.63
CA ARG H 66 -11.37 68.65 -17.43
C ARG H 66 -12.36 67.53 -17.73
N VAL H 67 -11.84 66.33 -17.93
CA VAL H 67 -12.68 65.22 -18.34
C VAL H 67 -12.91 64.22 -17.22
N THR H 68 -14.15 63.78 -17.09
CA THR H 68 -14.52 62.73 -16.13
C THR H 68 -15.24 61.60 -16.85
N MET H 69 -14.86 60.37 -16.54
CA MET H 69 -15.53 59.22 -17.13
C MET H 69 -16.20 58.36 -16.07
N THR H 70 -17.41 57.92 -16.37
CA THR H 70 -18.16 57.06 -15.47
C THR H 70 -18.81 55.93 -16.24
N SER H 71 -19.36 54.96 -15.53
CA SER H 71 -20.07 53.87 -16.17
C SER H 71 -21.15 53.30 -15.27
N ASP H 72 -22.13 52.65 -15.88
CA ASP H 72 -23.20 51.99 -15.16
C ASP H 72 -23.45 50.60 -15.72
N THR H 73 -23.03 49.58 -14.98
CA THR H 73 -23.06 48.21 -15.47
C THR H 73 -24.48 47.69 -15.61
N SER H 74 -25.43 48.28 -14.89
CA SER H 74 -26.80 47.80 -14.91
C SER H 74 -27.46 48.07 -16.25
N ILE H 75 -26.89 48.98 -17.02
CA ILE H 75 -27.38 49.31 -18.34
C ILE H 75 -26.25 49.24 -19.37
N THR H 76 -25.17 48.56 -19.00
CA THR H 76 -23.97 48.46 -19.82
C THR H 76 -23.71 49.72 -20.63
N THR H 77 -23.61 50.85 -19.95
CA THR H 77 -23.38 52.14 -20.61
C THR H 77 -22.22 52.90 -19.99
N ALA H 78 -21.38 53.48 -20.85
CA ALA H 78 -20.29 54.33 -20.40
C ALA H 78 -20.58 55.79 -20.73
N TYR H 79 -20.08 56.70 -19.90
CA TYR H 79 -20.29 58.12 -20.10
C TYR H 79 -18.97 58.89 -20.05
N MET H 80 -18.88 59.94 -20.87
CA MET H 80 -17.75 60.87 -20.79
C MET H 80 -18.25 62.30 -20.70
N GLU H 81 -17.79 63.01 -19.66
CA GLU H 81 -18.20 64.38 -19.45
C GLU H 81 -17.01 65.34 -19.50
N LEU H 82 -17.11 66.34 -20.37
CA LEU H 82 -16.04 67.32 -20.53
C LEU H 82 -16.51 68.71 -20.13
N SER H 83 -15.84 69.29 -19.14
CA SER H 83 -16.24 70.60 -18.60
C SER H 83 -15.40 71.74 -19.16
N ARG H 84 -15.78 72.97 -18.82
CA ARG H 84 -15.05 74.17 -19.30
C ARG H 84 -14.85 74.05 -20.81
N LEU H 85 -15.95 73.90 -21.56
CA LEU H 85 -15.85 73.74 -23.00
C LEU H 85 -15.34 74.99 -23.70
N ARG H 86 -14.54 74.77 -24.73
CA ARG H 86 -14.04 75.84 -25.57
C ARG H 86 -14.32 75.54 -27.04
N SER H 87 -14.20 76.54 -27.90
CA SER H 87 -14.51 76.35 -29.31
C SER H 87 -13.62 75.30 -29.96
N ASP H 88 -12.44 75.07 -29.39
CA ASP H 88 -11.50 74.12 -29.96
C ASP H 88 -11.82 72.68 -29.53
N ASP H 89 -12.91 72.52 -28.78
CA ASP H 89 -13.38 71.19 -28.39
C ASP H 89 -14.39 70.66 -29.38
N THR H 90 -14.66 71.44 -30.43
CA THR H 90 -15.56 70.97 -31.48
C THR H 90 -14.94 69.77 -32.18
N ALA H 91 -15.62 68.64 -32.09
CA ALA H 91 -15.07 67.39 -32.60
C ALA H 91 -16.11 66.29 -32.61
N VAL H 92 -15.82 65.23 -33.32
CA VAL H 92 -16.59 64.00 -33.22
C VAL H 92 -15.97 63.09 -32.17
N TYR H 93 -16.75 62.71 -31.18
CA TYR H 93 -16.24 61.89 -30.09
C TYR H 93 -16.67 60.44 -30.25
N TYR H 94 -15.71 59.53 -30.18
CA TYR H 94 -16.00 58.11 -30.34
C TYR H 94 -15.76 57.36 -29.04
N CYS H 95 -16.54 56.29 -28.82
CA CYS H 95 -16.21 55.29 -27.82
C CYS H 95 -15.62 54.07 -28.52
N ALA H 96 -14.65 53.42 -27.87
CA ALA H 96 -14.00 52.26 -28.46
C ALA H 96 -13.64 51.24 -27.41
N ARG H 97 -13.67 49.97 -27.80
CA ARG H 97 -13.39 48.88 -26.88
C ARG H 97 -11.97 48.36 -27.03
N ALA H 98 -11.36 48.05 -25.88
CA ALA H 98 -10.04 47.43 -25.84
C ALA H 98 -9.92 46.50 -24.63
N ALA H 99 -9.03 45.54 -24.71
CA ALA H 99 -8.82 44.60 -23.60
C ALA H 99 -8.18 45.32 -22.43
N PRO H 100 -8.33 44.78 -21.22
CA PRO H 100 -7.68 45.19 -19.99
C PRO H 100 -6.20 44.84 -20.03
N PHE H 101 -5.45 45.45 -19.13
CA PHE H 101 -3.99 45.32 -19.13
C PHE H 101 -3.49 43.91 -18.81
N TYR H 102 -4.36 43.06 -18.28
CA TYR H 102 -3.92 41.71 -17.93
C TYR H 102 -4.05 40.75 -19.09
N ASP H 103 -4.47 41.26 -20.25
CA ASP H 103 -4.58 40.42 -21.44
C ASP H 103 -3.21 39.93 -21.89
N PHE H 104 -3.07 38.61 -21.99
CA PHE H 104 -1.77 37.98 -22.27
C PHE H 104 -1.20 38.39 -23.62
N TRP H 105 -2.06 38.52 -24.62
CA TRP H 105 -1.60 38.81 -25.97
C TRP H 105 -1.75 40.29 -26.34
N SER H 106 -1.64 41.15 -25.35
CA SER H 106 -1.57 42.60 -25.55
C SER H 106 -2.75 43.17 -26.33
N GLY H 107 -3.95 42.71 -26.01
CA GLY H 107 -5.15 43.21 -26.68
C GLY H 107 -5.51 44.62 -26.21
N TYR H 108 -4.76 45.13 -25.25
CA TYR H 108 -5.01 46.45 -24.69
C TYR H 108 -4.36 47.54 -25.52
N SER H 109 -3.47 47.14 -26.43
CA SER H 109 -2.68 48.11 -27.17
C SER H 109 -3.43 48.71 -28.35
N TYR H 110 -4.60 48.16 -28.67
CA TYR H 110 -5.36 48.60 -29.82
C TYR H 110 -6.87 48.56 -29.57
N PHE H 111 -7.63 49.19 -30.45
CA PHE H 111 -9.07 49.28 -30.31
C PHE H 111 -9.77 48.44 -31.36
N ASP H 112 -10.45 47.37 -30.95
CA ASP H 112 -10.99 46.43 -31.91
C ASP H 112 -12.41 46.78 -32.35
N TYR H 113 -13.13 47.53 -31.52
CA TYR H 113 -14.48 47.94 -31.90
C TYR H 113 -14.73 49.41 -31.63
N TRP H 114 -15.38 50.06 -32.58
CA TRP H 114 -15.70 51.47 -32.47
C TRP H 114 -17.19 51.69 -32.61
N GLY H 115 -17.72 52.66 -31.88
CA GLY H 115 -19.08 53.10 -32.10
C GLY H 115 -19.03 54.21 -33.12
N GLN H 116 -20.21 54.58 -33.64
CA GLN H 116 -20.30 55.76 -34.54
C GLN H 116 -20.15 56.96 -33.61
N GLY H 117 -19.51 58.04 -34.06
CA GLY H 117 -19.20 59.14 -33.17
C GLY H 117 -20.34 60.09 -32.86
N THR H 118 -20.16 60.89 -31.83
CA THR H 118 -21.10 61.94 -31.46
C THR H 118 -20.50 63.30 -31.75
N LEU H 119 -21.17 64.07 -32.59
CA LEU H 119 -20.65 65.39 -32.94
C LEU H 119 -21.01 66.43 -31.91
N VAL H 120 -20.00 67.07 -31.35
CA VAL H 120 -20.21 68.12 -30.37
C VAL H 120 -19.67 69.45 -30.88
N THR H 121 -20.53 70.45 -30.91
CA THR H 121 -20.15 71.78 -31.38
C THR H 121 -20.14 72.78 -30.24
N VAL H 122 -19.06 73.57 -30.14
CA VAL H 122 -18.93 74.59 -29.10
C VAL H 122 -18.59 75.94 -29.73
N VAL I 1 -44.49 -3.40 -2.46
CA VAL I 1 -45.82 -3.86 -2.07
C VAL I 1 -46.81 -3.70 -3.21
N ILE I 2 -47.39 -4.81 -3.66
CA ILE I 2 -48.45 -4.80 -4.67
C ILE I 2 -49.80 -4.78 -3.99
N TRP I 3 -50.57 -3.73 -4.25
CA TRP I 3 -51.86 -3.58 -3.58
C TRP I 3 -52.95 -4.30 -4.33
N MET I 4 -53.78 -5.02 -3.60
CA MET I 4 -54.86 -5.78 -4.19
C MET I 4 -56.21 -5.25 -3.73
N THR I 5 -57.16 -5.17 -4.65
CA THR I 5 -58.52 -4.76 -4.31
C THR I 5 -59.53 -5.73 -4.90
N GLN I 6 -60.72 -5.75 -4.31
CA GLN I 6 -61.80 -6.59 -4.83
C GLN I 6 -63.12 -5.82 -4.87
N SER I 7 -63.98 -6.19 -5.81
CA SER I 7 -65.28 -5.54 -5.95
C SER I 7 -66.33 -6.49 -6.52
N PRO I 8 -67.54 -6.43 -5.96
CA PRO I 8 -68.00 -5.64 -4.84
C PRO I 8 -67.44 -6.20 -3.55
N SER I 9 -67.46 -5.39 -2.48
CA SER I 9 -67.04 -5.88 -1.17
C SER I 9 -68.05 -6.87 -0.61
N SER I 10 -69.28 -6.77 -1.09
CA SER I 10 -70.36 -7.66 -0.68
C SER I 10 -71.44 -7.75 -1.74
N LEU I 11 -71.92 -8.97 -1.99
CA LEU I 11 -73.02 -9.19 -2.91
C LEU I 11 -73.96 -10.25 -2.37
N SER I 12 -75.24 -10.17 -2.72
CA SER I 12 -76.19 -11.19 -2.33
C SER I 12 -76.76 -11.89 -3.55
N ALA I 13 -76.90 -13.21 -3.46
CA ALA I 13 -77.44 -14.00 -4.56
C ALA I 13 -78.13 -15.25 -4.03
N SER I 14 -79.05 -15.80 -4.81
CA SER I 14 -79.76 -17.02 -4.41
C SER I 14 -79.17 -18.25 -5.07
N VAL I 15 -79.78 -19.40 -4.82
CA VAL I 15 -79.28 -20.65 -5.38
C VAL I 15 -79.62 -20.73 -6.86
N GLY I 16 -78.61 -20.99 -7.68
CA GLY I 16 -78.78 -21.05 -9.12
C GLY I 16 -78.32 -19.77 -9.80
N ASP I 17 -78.14 -18.72 -9.01
CA ASP I 17 -77.68 -17.43 -9.54
C ASP I 17 -76.20 -17.49 -9.90
N ARG I 18 -75.80 -16.66 -10.85
CA ARG I 18 -74.39 -16.55 -11.22
C ARG I 18 -73.70 -15.46 -10.39
N VAL I 19 -72.56 -15.82 -9.81
CA VAL I 19 -71.81 -14.88 -8.97
C VAL I 19 -70.44 -14.58 -9.55
N THR I 20 -70.15 -13.29 -9.75
CA THR I 20 -68.85 -12.88 -10.27
C THR I 20 -68.17 -11.92 -9.29
N ILE I 21 -66.89 -12.16 -9.05
CA ILE I 21 -66.08 -11.33 -8.19
C ILE I 21 -64.85 -10.80 -8.92
N THR I 22 -64.65 -9.48 -8.86
CA THR I 22 -63.53 -8.86 -9.54
C THR I 22 -62.37 -8.60 -8.57
N CYS I 23 -61.15 -8.89 -9.01
CA CYS I 23 -59.93 -8.58 -8.28
C CYS I 23 -58.94 -7.81 -9.16
N GLN I 24 -58.35 -6.77 -8.59
CA GLN I 24 -57.42 -5.94 -9.34
C GLN I 24 -56.10 -5.75 -8.61
N ALA I 25 -55.02 -5.66 -9.37
CA ALA I 25 -53.70 -5.40 -8.81
C ALA I 25 -53.18 -4.03 -9.22
N SER I 26 -52.47 -3.37 -8.31
CA SER I 26 -51.84 -2.09 -8.60
C SER I 26 -50.64 -2.25 -9.54
N GLN I 27 -50.17 -3.48 -9.68
CA GLN I 27 -49.06 -3.78 -10.55
C GLN I 27 -49.35 -5.00 -11.41
N ASP I 28 -48.66 -5.10 -12.55
CA ASP I 28 -48.80 -6.25 -13.43
C ASP I 28 -48.18 -7.49 -12.82
N ILE I 29 -49.00 -8.51 -12.58
CA ILE I 29 -48.54 -9.75 -11.94
C ILE I 29 -48.75 -10.94 -12.85
N ARG I 30 -48.82 -10.69 -14.15
CA ARG I 30 -49.04 -11.75 -15.13
C ARG I 30 -50.24 -12.61 -14.74
N PHE I 31 -49.99 -13.87 -14.39
CA PHE I 31 -51.08 -14.77 -14.03
C PHE I 31 -50.90 -15.37 -12.65
N TYR I 32 -50.02 -14.79 -11.84
CA TYR I 32 -49.68 -15.37 -10.56
C TYR I 32 -50.64 -14.92 -9.46
N LEU I 33 -51.86 -15.45 -9.52
CA LEU I 33 -52.91 -15.09 -8.56
C LEU I 33 -53.68 -16.32 -8.07
N ASN I 34 -53.87 -16.38 -6.75
CA ASN I 34 -54.67 -17.43 -6.12
C ASN I 34 -56.07 -16.92 -5.76
N TRP I 35 -57.05 -17.82 -5.75
CA TRP I 35 -58.36 -17.52 -5.18
C TRP I 35 -58.68 -18.45 -4.02
N TYR I 36 -59.10 -17.85 -2.90
CA TYR I 36 -59.44 -18.60 -1.69
C TYR I 36 -60.90 -18.43 -1.30
N GLN I 37 -61.45 -19.44 -0.64
CA GLN I 37 -62.80 -19.36 -0.07
C GLN I 37 -62.78 -19.71 1.42
N GLN I 38 -63.32 -18.82 2.24
CA GLN I 38 -63.31 -19.03 3.68
C GLN I 38 -64.69 -18.96 4.31
N LYS I 39 -64.98 -19.95 5.16
CA LYS I 39 -66.18 -19.93 5.98
C LYS I 39 -65.80 -19.66 7.44
N PRO I 40 -66.69 -19.04 8.23
CA PRO I 40 -66.49 -18.69 9.62
C PRO I 40 -65.99 -19.86 10.45
N GLY I 41 -64.94 -19.63 11.22
CA GLY I 41 -64.40 -20.63 12.12
C GLY I 41 -63.38 -21.56 11.46
N LYS I 42 -63.22 -21.43 10.15
CA LYS I 42 -62.32 -22.33 9.41
C LYS I 42 -61.24 -21.56 8.66
N ALA I 43 -60.11 -22.24 8.42
CA ALA I 43 -59.06 -21.68 7.59
C ALA I 43 -59.52 -21.60 6.12
N PRO I 44 -58.99 -20.66 5.35
CA PRO I 44 -59.20 -20.47 3.92
C PRO I 44 -58.86 -21.72 3.11
N LYS I 45 -59.67 -22.00 2.09
CA LYS I 45 -59.40 -23.09 1.16
C LYS I 45 -59.05 -22.56 -0.22
N LEU I 46 -58.02 -23.11 -0.83
CA LEU I 46 -57.63 -22.69 -2.17
C LEU I 46 -58.51 -23.33 -3.22
N LEU I 47 -59.04 -22.51 -4.13
CA LEU I 47 -59.86 -23.02 -5.22
C LEU I 47 -59.15 -22.94 -6.56
N ILE I 48 -58.48 -21.81 -6.80
CA ILE I 48 -57.82 -21.58 -8.07
C ILE I 48 -56.40 -21.04 -7.89
N SER I 49 -55.48 -21.52 -8.70
CA SER I 49 -54.11 -21.03 -8.69
C SER I 49 -53.65 -20.65 -10.09
N ASP I 50 -52.61 -19.83 -10.17
CA ASP I 50 -52.08 -19.39 -11.46
C ASP I 50 -53.19 -18.83 -12.33
N ALA I 51 -54.05 -18.01 -11.72
CA ALA I 51 -55.15 -17.32 -12.41
C ALA I 51 -56.34 -18.23 -12.71
N SER I 52 -56.11 -19.31 -13.44
CA SER I 52 -57.22 -20.09 -13.98
C SER I 52 -57.13 -21.61 -13.78
N ASN I 53 -56.13 -22.08 -13.04
CA ASN I 53 -56.01 -23.52 -12.81
C ASN I 53 -56.80 -23.97 -11.60
N MET I 54 -57.67 -24.94 -11.79
CA MET I 54 -58.53 -25.43 -10.72
C MET I 54 -57.80 -26.43 -9.83
N GLU I 55 -58.05 -26.36 -8.52
CA GLU I 55 -57.53 -27.35 -7.59
C GLU I 55 -58.33 -28.64 -7.64
N THR I 56 -57.65 -29.76 -7.40
CA THR I 56 -58.32 -31.05 -7.35
C THR I 56 -59.38 -31.07 -6.25
N GLY I 57 -60.57 -31.54 -6.60
CA GLY I 57 -61.66 -31.64 -5.63
C GLY I 57 -62.61 -30.45 -5.70
N VAL I 58 -62.21 -29.42 -6.44
CA VAL I 58 -63.05 -28.23 -6.58
C VAL I 58 -64.11 -28.44 -7.66
N PRO I 59 -65.40 -28.25 -7.33
CA PRO I 59 -66.55 -28.38 -8.19
C PRO I 59 -66.40 -27.59 -9.49
N SER I 60 -66.90 -28.17 -10.58
CA SER I 60 -66.76 -27.59 -11.91
C SER I 60 -67.52 -26.28 -12.08
N ARG I 61 -68.39 -25.98 -11.12
CA ARG I 61 -69.14 -24.73 -11.16
C ARG I 61 -68.24 -23.54 -10.86
N PHE I 62 -67.05 -23.81 -10.33
CA PHE I 62 -66.09 -22.76 -10.05
C PHE I 62 -65.15 -22.57 -11.25
N SER I 63 -64.84 -21.31 -11.57
CA SER I 63 -63.90 -21.02 -12.63
C SER I 63 -63.29 -19.62 -12.44
N GLY I 64 -62.28 -19.31 -13.23
CA GLY I 64 -61.67 -17.99 -13.18
C GLY I 64 -60.72 -17.76 -14.34
N SER I 65 -60.39 -16.49 -14.57
CA SER I 65 -59.51 -16.10 -15.66
C SER I 65 -58.98 -14.69 -15.47
N GLY I 66 -58.06 -14.29 -16.33
CA GLY I 66 -57.54 -12.92 -16.32
C GLY I 66 -56.03 -12.90 -16.44
N SER I 67 -55.49 -11.72 -16.70
CA SER I 67 -54.05 -11.53 -16.86
C SER I 67 -53.65 -10.09 -16.61
N GLY I 68 -52.48 -9.90 -16.01
CA GLY I 68 -51.94 -8.56 -15.79
C GLY I 68 -52.46 -7.97 -14.49
N THR I 69 -53.47 -7.11 -14.60
CA THR I 69 -54.01 -6.43 -13.42
C THR I 69 -55.47 -6.76 -13.17
N ASP I 70 -56.15 -7.35 -14.13
CA ASP I 70 -57.59 -7.58 -14.02
C ASP I 70 -57.95 -9.07 -14.04
N PHE I 71 -58.48 -9.56 -12.92
CA PHE I 71 -58.83 -10.98 -12.78
C PHE I 71 -60.26 -11.16 -12.31
N THR I 72 -60.89 -12.27 -12.72
CA THR I 72 -62.27 -12.56 -12.35
C THR I 72 -62.45 -13.97 -11.78
N PHE I 73 -63.23 -14.06 -10.71
CA PHE I 73 -63.67 -15.33 -10.15
C PHE I 73 -65.17 -15.53 -10.39
N THR I 74 -65.55 -16.71 -10.86
CA THR I 74 -66.96 -16.95 -11.20
C THR I 74 -67.51 -18.23 -10.59
N ILE I 75 -68.77 -18.15 -10.13
CA ILE I 75 -69.54 -19.33 -9.78
C ILE I 75 -70.75 -19.41 -10.72
N SER I 76 -70.76 -20.41 -11.60
CA SER I 76 -71.76 -20.48 -12.65
C SER I 76 -73.17 -20.70 -12.09
N SER I 77 -73.25 -21.39 -10.97
CA SER I 77 -74.53 -21.67 -10.32
C SER I 77 -74.36 -21.80 -8.81
N LEU I 78 -74.66 -20.71 -8.10
CA LEU I 78 -74.41 -20.68 -6.66
C LEU I 78 -75.19 -21.75 -5.93
N GLN I 79 -74.48 -22.48 -5.07
CA GLN I 79 -75.10 -23.50 -4.22
C GLN I 79 -75.25 -22.93 -2.80
N PRO I 80 -76.14 -23.51 -1.99
CA PRO I 80 -76.36 -23.17 -0.59
C PRO I 80 -75.10 -23.41 0.24
N GLU I 81 -74.18 -24.21 -0.30
CA GLU I 81 -72.93 -24.52 0.38
C GLU I 81 -71.79 -23.57 -0.02
N ASP I 82 -72.10 -22.62 -0.90
CA ASP I 82 -71.08 -21.70 -1.42
C ASP I 82 -71.13 -20.35 -0.73
N ILE I 83 -71.83 -20.27 0.40
CA ILE I 83 -71.92 -19.00 1.11
C ILE I 83 -70.67 -18.79 1.96
N ALA I 84 -69.79 -17.93 1.47
CA ALA I 84 -68.46 -17.77 2.04
C ALA I 84 -67.84 -16.44 1.61
N THR I 85 -66.73 -16.07 2.24
CA THR I 85 -65.97 -14.90 1.83
C THR I 85 -64.81 -15.31 0.93
N TYR I 86 -64.72 -14.66 -0.22
CA TYR I 86 -63.68 -15.01 -1.20
C TYR I 86 -62.55 -13.99 -1.19
N TYR I 87 -61.32 -14.48 -1.33
CA TYR I 87 -60.15 -13.62 -1.35
C TYR I 87 -59.30 -13.90 -2.58
N CYS I 88 -58.69 -12.84 -3.12
CA CYS I 88 -57.65 -13.01 -4.15
C CYS I 88 -56.28 -12.73 -3.52
N GLN I 89 -55.26 -13.43 -4.01
CA GLN I 89 -53.92 -13.26 -3.47
C GLN I 89 -52.87 -13.32 -4.56
N GLN I 90 -51.93 -12.37 -4.51
CA GLN I 90 -50.85 -12.37 -5.49
C GLN I 90 -49.59 -12.96 -4.90
N TYR I 91 -48.87 -13.72 -5.72
CA TYR I 91 -47.60 -14.28 -5.31
C TYR I 91 -46.55 -14.05 -6.38
N ASP I 92 -46.64 -12.91 -7.05
CA ASP I 92 -45.64 -12.51 -8.03
C ASP I 92 -44.40 -11.99 -7.31
N ASN I 93 -44.62 -11.20 -6.28
CA ASN I 93 -43.51 -10.62 -5.53
C ASN I 93 -43.78 -10.64 -4.04
N LEU I 94 -42.76 -11.03 -3.28
CA LEU I 94 -42.81 -10.91 -1.82
C LEU I 94 -42.67 -9.45 -1.44
N PRO I 95 -43.42 -9.01 -0.42
CA PRO I 95 -44.35 -9.74 0.41
C PRO I 95 -45.60 -10.11 -0.37
N PHE I 96 -46.21 -11.24 -0.01
CA PHE I 96 -47.46 -11.66 -0.62
C PHE I 96 -48.61 -10.90 -0.02
N THR I 97 -49.65 -10.66 -0.82
CA THR I 97 -50.77 -9.86 -0.34
C THR I 97 -52.11 -10.49 -0.68
N PHE I 98 -53.07 -10.33 0.23
CA PHE I 98 -54.45 -10.75 -0.01
C PHE I 98 -55.32 -9.53 -0.27
N GLY I 99 -56.41 -9.72 -1.00
CA GLY I 99 -57.37 -8.65 -1.21
C GLY I 99 -58.24 -8.45 0.03
N PRO I 100 -59.07 -7.41 0.04
CA PRO I 100 -60.00 -7.04 1.10
C PRO I 100 -60.93 -8.17 1.49
N GLY I 101 -61.34 -8.96 0.51
CA GLY I 101 -62.27 -10.06 0.75
C GLY I 101 -63.68 -9.68 0.33
N THR I 102 -64.32 -10.55 -0.45
CA THR I 102 -65.68 -10.31 -0.92
C THR I 102 -66.65 -11.30 -0.30
N LYS I 103 -67.64 -10.78 0.41
CA LYS I 103 -68.62 -11.62 1.08
C LYS I 103 -69.82 -11.88 0.17
N VAL I 104 -70.14 -13.15 -0.03
CA VAL I 104 -71.32 -13.52 -0.79
C VAL I 104 -72.41 -14.03 0.14
N ASP I 105 -73.49 -13.28 0.24
CA ASP I 105 -74.59 -13.63 1.13
C ASP I 105 -75.70 -14.31 0.36
N PHE I 106 -76.75 -14.72 1.06
CA PHE I 106 -77.89 -15.37 0.42
C PHE I 106 -79.06 -14.42 0.24
N LYS I 107 -79.58 -14.33 -0.98
CA LYS I 107 -80.76 -13.52 -1.29
C LYS I 107 -82.00 -14.40 -1.35
N GLU J 1 -54.28 -37.12 6.72
CA GLU J 1 -52.92 -37.49 7.09
C GLU J 1 -52.10 -36.26 7.50
N VAL J 2 -52.16 -35.21 6.66
CA VAL J 2 -51.41 -33.98 6.90
C VAL J 2 -52.05 -33.13 7.98
N GLN J 3 -51.27 -32.75 8.97
CA GLN J 3 -51.76 -31.94 10.07
C GLN J 3 -50.83 -30.78 10.37
N LEU J 4 -51.41 -29.66 10.78
CA LEU J 4 -50.68 -28.52 11.28
C LEU J 4 -51.36 -27.99 12.54
N VAL J 5 -50.65 -28.02 13.66
CA VAL J 5 -51.23 -27.63 14.94
C VAL J 5 -50.46 -26.49 15.61
N GLU J 6 -51.12 -25.34 15.73
CA GLU J 6 -50.51 -24.18 16.37
C GLU J 6 -50.66 -24.24 17.89
N SER J 7 -49.70 -23.67 18.59
CA SER J 7 -49.77 -23.52 20.04
C SER J 7 -48.95 -22.33 20.52
N GLY J 8 -49.14 -21.94 21.78
CA GLY J 8 -48.39 -20.84 22.36
C GLY J 8 -49.25 -19.59 22.49
N GLY J 9 -50.45 -19.63 21.92
CA GLY J 9 -51.37 -18.51 21.98
C GLY J 9 -51.82 -18.26 23.42
N GLY J 10 -52.17 -17.02 23.72
CA GLY J 10 -52.61 -16.62 25.06
C GLY J 10 -52.80 -15.12 25.14
N VAL J 11 -52.84 -14.60 26.37
CA VAL J 11 -53.06 -13.18 26.58
C VAL J 11 -51.82 -12.52 27.18
N VAL J 12 -51.33 -11.49 26.52
CA VAL J 12 -50.15 -10.75 26.97
C VAL J 12 -50.42 -9.26 27.02
N GLN J 13 -49.52 -8.52 27.65
CA GLN J 13 -49.64 -7.06 27.71
C GLN J 13 -48.88 -6.41 26.55
N PRO J 14 -49.31 -5.21 26.13
CA PRO J 14 -48.64 -4.36 25.17
C PRO J 14 -47.19 -4.13 25.56
N GLY J 15 -46.29 -4.27 24.58
CA GLY J 15 -44.87 -4.10 24.81
C GLY J 15 -44.21 -5.43 25.19
N GLY J 16 -45.02 -6.45 25.41
CA GLY J 16 -44.52 -7.76 25.79
C GLY J 16 -44.18 -8.60 24.57
N SER J 17 -44.08 -9.91 24.77
CA SER J 17 -43.72 -10.81 23.69
C SER J 17 -44.43 -12.15 23.81
N LEU J 18 -44.56 -12.84 22.69
CA LEU J 18 -45.17 -14.16 22.68
C LEU J 18 -44.53 -15.04 21.60
N ARG J 19 -44.24 -16.29 21.95
CA ARG J 19 -43.63 -17.22 21.02
C ARG J 19 -44.63 -18.27 20.55
N LEU J 20 -44.94 -18.24 19.25
CA LEU J 20 -45.84 -19.23 18.66
C LEU J 20 -45.06 -20.36 18.02
N SER J 21 -45.69 -21.53 17.98
CA SER J 21 -45.11 -22.65 17.28
C SER J 21 -46.21 -23.43 16.56
N CYS J 22 -45.82 -24.20 15.55
CA CYS J 22 -46.74 -25.08 14.82
C CYS J 22 -46.09 -26.42 14.54
N ALA J 23 -46.73 -27.48 15.03
CA ALA J 23 -46.22 -28.83 14.85
C ALA J 23 -46.74 -29.41 13.54
N ALA J 24 -45.81 -29.86 12.69
CA ALA J 24 -46.17 -30.40 11.39
C ALA J 24 -46.00 -31.91 11.38
N SER J 25 -46.94 -32.60 10.73
CA SER J 25 -46.83 -34.04 10.54
C SER J 25 -47.60 -34.49 9.31
N GLY J 26 -47.26 -35.67 8.80
CA GLY J 26 -47.98 -36.27 7.68
C GLY J 26 -47.39 -35.88 6.34
N PHE J 27 -46.36 -35.04 6.35
CA PHE J 27 -45.72 -34.61 5.11
C PHE J 27 -44.28 -34.29 5.42
N THR J 28 -43.47 -34.26 4.35
CA THR J 28 -42.03 -33.92 4.49
C THR J 28 -41.92 -32.41 4.72
N PHE J 29 -42.04 -31.98 5.97
CA PHE J 29 -41.99 -30.57 6.33
C PHE J 29 -40.76 -29.82 5.85
N ASN J 30 -39.59 -30.46 5.89
CA ASN J 30 -38.30 -29.77 5.60
C ASN J 30 -38.03 -29.47 4.12
N SER J 31 -38.96 -29.82 3.23
CA SER J 31 -38.75 -29.64 1.76
C SER J 31 -39.62 -28.45 1.36
N TYR J 32 -40.45 -27.97 2.28
CA TYR J 32 -41.41 -26.93 1.95
C TYR J 32 -41.04 -25.67 2.69
N GLY J 33 -41.19 -24.54 2.02
CA GLY J 33 -41.17 -23.25 2.70
C GLY J 33 -42.50 -23.04 3.39
N MET J 34 -42.50 -22.27 4.47
CA MET J 34 -43.71 -22.08 5.26
C MET J 34 -44.07 -20.62 5.44
N HIS J 35 -45.37 -20.36 5.57
CA HIS J 35 -45.87 -19.00 5.76
C HIS J 35 -46.60 -18.85 7.08
N TRP J 36 -46.60 -17.64 7.60
CA TRP J 36 -47.52 -17.25 8.66
C TRP J 36 -48.53 -16.26 8.11
N VAL J 37 -49.80 -16.48 8.44
CA VAL J 37 -50.89 -15.58 8.04
C VAL J 37 -51.78 -15.31 9.25
N ARG J 38 -52.22 -14.06 9.41
CA ARG J 38 -53.05 -13.73 10.54
C ARG J 38 -54.36 -13.09 10.13
N GLN J 39 -55.39 -13.29 10.93
CA GLN J 39 -56.70 -12.71 10.67
C GLN J 39 -57.35 -12.20 11.95
N ALA J 40 -57.46 -10.89 12.08
CA ALA J 40 -58.12 -10.30 13.24
C ALA J 40 -59.63 -10.52 13.11
N PRO J 41 -60.35 -10.58 14.22
CA PRO J 41 -61.80 -10.68 14.29
C PRO J 41 -62.46 -9.63 13.41
N GLY J 42 -63.28 -10.09 12.47
CA GLY J 42 -64.02 -9.19 11.59
C GLY J 42 -63.19 -8.67 10.42
N LYS J 43 -61.95 -9.13 10.31
CA LYS J 43 -61.04 -8.66 9.26
C LYS J 43 -60.72 -9.73 8.25
N GLY J 44 -60.03 -9.33 7.17
CA GLY J 44 -59.62 -10.26 6.13
C GLY J 44 -58.26 -10.86 6.43
N LEU J 45 -57.66 -11.51 5.43
CA LEU J 45 -56.41 -12.24 5.63
C LEU J 45 -55.20 -11.34 5.42
N GLU J 46 -54.28 -11.35 6.37
CA GLU J 46 -53.05 -10.58 6.28
C GLU J 46 -51.82 -11.49 6.28
N TRP J 47 -51.00 -11.35 5.26
CA TRP J 47 -49.76 -12.12 5.17
C TRP J 47 -48.74 -11.57 6.15
N VAL J 48 -48.05 -12.46 6.86
CA VAL J 48 -47.11 -12.04 7.89
C VAL J 48 -45.66 -12.30 7.51
N ALA J 49 -45.33 -13.55 7.20
CA ALA J 49 -43.93 -13.91 6.98
C ALA J 49 -43.79 -15.19 6.18
N PHE J 50 -42.61 -15.37 5.59
CA PHE J 50 -42.27 -16.59 4.84
C PHE J 50 -40.85 -17.05 5.13
N ILE J 51 -40.68 -18.36 5.30
CA ILE J 51 -39.36 -18.95 5.51
C ILE J 51 -39.10 -20.07 4.53
N ARG J 52 -37.89 -20.14 4.00
CA ARG J 52 -37.55 -21.17 3.02
C ARG J 52 -37.32 -22.53 3.69
N TYR J 53 -37.38 -23.59 2.87
CA TYR J 53 -37.27 -24.96 3.31
C TYR J 53 -36.04 -25.23 4.20
N ASP J 54 -34.93 -24.58 3.87
CA ASP J 54 -33.67 -24.81 4.60
C ASP J 54 -33.65 -24.04 5.90
N GLY J 55 -34.39 -22.94 5.94
CA GLY J 55 -34.46 -22.11 7.13
C GLY J 55 -33.49 -20.94 7.06
N GLY J 56 -32.98 -20.68 5.86
CA GLY J 56 -32.03 -19.60 5.65
C GLY J 56 -32.74 -18.26 5.45
N ASN J 57 -33.20 -18.02 4.22
CA ASN J 57 -33.84 -16.76 3.88
C ASN J 57 -35.19 -16.59 4.57
N LYS J 58 -35.44 -15.38 5.05
CA LYS J 58 -36.68 -15.06 5.75
C LYS J 58 -37.26 -13.76 5.23
N TYR J 59 -38.59 -13.73 5.08
CA TYR J 59 -39.28 -12.56 4.56
C TYR J 59 -40.40 -12.14 5.49
N TYR J 60 -40.61 -10.83 5.60
CA TYR J 60 -41.62 -10.30 6.52
C TYR J 60 -42.48 -9.23 5.86
N ALA J 61 -43.70 -9.11 6.35
CA ALA J 61 -44.55 -7.98 6.00
C ALA J 61 -44.03 -6.73 6.69
N ASP J 62 -44.25 -5.57 6.07
CA ASP J 62 -43.79 -4.32 6.65
C ASP J 62 -44.52 -4.00 7.96
N SER J 63 -45.66 -4.63 8.15
CA SER J 63 -46.47 -4.43 9.35
C SER J 63 -45.88 -5.15 10.55
N VAL J 64 -44.95 -6.07 10.32
CA VAL J 64 -44.34 -6.83 11.41
C VAL J 64 -42.82 -6.79 11.36
N LYS J 65 -42.27 -6.33 10.25
CA LYS J 65 -40.83 -6.34 10.04
C LYS J 65 -40.11 -5.59 11.15
N GLY J 66 -39.11 -6.24 11.74
CA GLY J 66 -38.31 -5.66 12.81
C GLY J 66 -38.82 -6.07 14.19
N ARG J 67 -40.02 -6.64 14.23
CA ARG J 67 -40.61 -7.07 15.49
C ARG J 67 -40.80 -8.58 15.51
N PHE J 68 -41.22 -9.14 14.39
CA PHE J 68 -41.48 -10.57 14.30
C PHE J 68 -40.31 -11.31 13.68
N THR J 69 -39.99 -12.47 14.23
CA THR J 69 -38.95 -13.33 13.66
C THR J 69 -39.49 -14.72 13.34
N ILE J 70 -39.23 -15.18 12.12
CA ILE J 70 -39.68 -16.50 11.69
C ILE J 70 -38.51 -17.47 11.70
N SER J 71 -38.76 -18.69 12.16
CA SER J 71 -37.72 -19.71 12.18
C SER J 71 -38.32 -21.11 12.09
N ARG J 72 -37.48 -22.10 11.86
CA ARG J 72 -37.96 -23.48 11.81
C ARG J 72 -36.92 -24.45 12.32
N ASP J 73 -37.39 -25.49 13.00
CA ASP J 73 -36.53 -26.57 13.44
C ASP J 73 -36.83 -27.84 12.65
N ASN J 74 -35.94 -28.16 11.72
CA ASN J 74 -36.18 -29.26 10.78
C ASN J 74 -35.96 -30.62 11.42
N SER J 75 -35.47 -30.65 12.66
CA SER J 75 -35.29 -31.91 13.36
C SER J 75 -36.53 -32.26 14.16
N LYS J 76 -37.43 -31.29 14.30
CA LYS J 76 -38.65 -31.48 15.08
C LYS J 76 -39.89 -31.16 14.24
N ASN J 77 -39.68 -30.88 12.96
CA ASN J 77 -40.75 -30.48 12.06
C ASN J 77 -41.63 -29.40 12.66
N THR J 78 -41.00 -28.42 13.29
CA THR J 78 -41.76 -27.38 13.98
C THR J 78 -41.44 -25.98 13.46
N LEU J 79 -42.49 -25.23 13.15
CA LEU J 79 -42.37 -23.86 12.69
C LEU J 79 -42.56 -22.89 13.86
N TYR J 80 -41.74 -21.85 13.92
CA TYR J 80 -41.83 -20.89 15.03
C TYR J 80 -42.03 -19.46 14.55
N LEU J 81 -42.69 -18.66 15.39
CA LEU J 81 -42.80 -17.22 15.17
C LEU J 81 -42.61 -16.48 16.49
N GLN J 82 -41.52 -15.73 16.59
CA GLN J 82 -41.21 -14.99 17.81
C GLN J 82 -41.60 -13.53 17.67
N MET J 83 -42.61 -13.11 18.42
CA MET J 83 -43.13 -11.76 18.28
C MET J 83 -42.74 -10.88 19.46
N LYS J 84 -41.98 -9.82 19.18
CA LYS J 84 -41.56 -8.90 20.22
C LYS J 84 -42.30 -7.57 20.10
N SER J 85 -42.32 -6.81 21.19
CA SER J 85 -42.95 -5.50 21.19
C SER J 85 -44.37 -5.57 20.64
N LEU J 86 -45.14 -6.53 21.16
CA LEU J 86 -46.50 -6.74 20.70
C LEU J 86 -47.40 -5.55 20.98
N ARG J 87 -48.25 -5.23 20.01
CA ARG J 87 -49.18 -4.12 20.13
C ARG J 87 -50.62 -4.60 20.12
N ALA J 88 -51.55 -3.74 20.51
CA ALA J 88 -52.96 -4.09 20.50
C ALA J 88 -53.41 -4.50 19.10
N GLU J 89 -52.81 -3.88 18.08
CA GLU J 89 -53.15 -4.15 16.69
C GLU J 89 -52.75 -5.54 16.24
N ASP J 90 -51.93 -6.23 17.05
CA ASP J 90 -51.45 -7.55 16.70
C ASP J 90 -52.42 -8.64 17.14
N THR J 91 -53.52 -8.24 17.77
CA THR J 91 -54.53 -9.22 18.18
C THR J 91 -55.18 -9.84 16.95
N ALA J 92 -55.05 -11.15 16.83
CA ALA J 92 -55.53 -11.87 15.65
C ALA J 92 -55.41 -13.37 15.84
N VAL J 93 -56.06 -14.13 14.97
CA VAL J 93 -55.82 -15.56 14.91
C VAL J 93 -54.68 -15.84 13.94
N TYR J 94 -53.63 -16.48 14.44
CA TYR J 94 -52.46 -16.75 13.63
C TYR J 94 -52.46 -18.17 13.12
N TYR J 95 -52.21 -18.32 11.83
CA TYR J 95 -52.14 -19.62 11.20
C TYR J 95 -50.74 -19.91 10.69
N CYS J 96 -50.35 -21.18 10.75
CA CYS J 96 -49.22 -21.68 9.98
C CYS J 96 -49.78 -22.30 8.71
N ALA J 97 -49.13 -22.05 7.59
CA ALA J 97 -49.67 -22.48 6.31
C ALA J 97 -48.59 -22.80 5.30
N ASN J 98 -48.93 -23.68 4.38
CA ASN J 98 -48.12 -23.97 3.21
C ASN J 98 -48.87 -23.54 1.97
N LEU J 99 -48.62 -22.32 1.52
CA LEU J 99 -49.43 -21.73 0.45
C LEU J 99 -48.94 -22.17 -0.91
N LYS J 100 -49.86 -22.55 -1.79
CA LYS J 100 -49.47 -22.95 -3.13
C LYS J 100 -48.78 -21.79 -3.83
N ASP J 101 -47.58 -22.06 -4.33
CA ASP J 101 -46.69 -21.03 -4.84
C ASP J 101 -45.77 -21.56 -5.94
N SER J 102 -45.99 -21.09 -7.16
CA SER J 102 -45.27 -21.59 -8.33
C SER J 102 -44.00 -20.80 -8.62
N ARG J 103 -43.73 -19.76 -7.83
CA ARG J 103 -42.60 -18.88 -8.10
C ARG J 103 -41.49 -18.96 -7.06
N TYR J 104 -41.85 -19.03 -5.79
CA TYR J 104 -40.84 -18.94 -4.74
C TYR J 104 -40.63 -20.27 -4.01
N SER J 105 -41.65 -20.74 -3.30
CA SER J 105 -41.48 -21.97 -2.52
C SER J 105 -41.60 -23.22 -3.39
N GLY J 106 -42.30 -23.10 -4.51
CA GLY J 106 -42.52 -24.24 -5.40
C GLY J 106 -43.47 -25.25 -4.75
N SER J 107 -44.39 -24.75 -3.95
CA SER J 107 -45.31 -25.62 -3.23
C SER J 107 -46.53 -25.92 -4.07
N TYR J 108 -46.77 -27.21 -4.30
CA TYR J 108 -47.88 -27.63 -5.16
C TYR J 108 -49.16 -27.86 -4.38
N TYR J 109 -49.02 -28.15 -3.09
CA TYR J 109 -50.18 -28.46 -2.26
C TYR J 109 -50.42 -27.36 -1.24
N ASP J 110 -51.68 -27.07 -0.98
CA ASP J 110 -52.06 -25.97 -0.09
C ASP J 110 -52.61 -26.48 1.24
N TYR J 111 -51.90 -26.18 2.33
CA TYR J 111 -52.30 -26.66 3.65
C TYR J 111 -52.44 -25.51 4.65
N TRP J 112 -53.39 -25.63 5.57
CA TRP J 112 -53.56 -24.65 6.64
C TRP J 112 -53.71 -25.33 7.99
N GLY J 113 -53.29 -24.64 9.05
CA GLY J 113 -53.44 -25.14 10.41
C GLY J 113 -54.81 -24.78 10.98
N GLN J 114 -54.93 -24.87 12.30
CA GLN J 114 -56.20 -24.68 12.97
C GLN J 114 -56.42 -23.21 13.30
N GLY J 115 -55.35 -22.54 13.68
CA GLY J 115 -55.41 -21.12 14.04
C GLY J 115 -55.40 -20.94 15.55
N THR J 116 -54.48 -20.10 16.03
CA THR J 116 -54.39 -19.83 17.45
C THR J 116 -54.54 -18.34 17.74
N LEU J 117 -55.40 -18.00 18.67
CA LEU J 117 -55.71 -16.60 18.95
C LEU J 117 -54.70 -15.96 19.90
N VAL J 118 -54.13 -14.85 19.45
CA VAL J 118 -53.19 -14.07 20.26
C VAL J 118 -53.83 -12.75 20.64
N THR J 119 -53.90 -12.48 21.93
CA THR J 119 -54.54 -11.27 22.43
C THR J 119 -53.55 -10.38 23.15
N VAL J 120 -53.52 -9.11 22.77
CA VAL J 120 -52.67 -8.13 23.44
C VAL J 120 -53.52 -7.08 24.14
N SER J 121 -53.43 -7.03 25.48
CA SER J 121 -54.24 -6.14 26.31
C SER J 121 -53.74 -6.15 27.75
N GLN K 14 41.89 22.29 -53.48
CA GLN K 14 40.98 21.58 -54.37
C GLN K 14 40.94 20.08 -54.03
N CYS K 15 39.91 19.40 -54.38
CA CYS K 15 39.75 17.97 -54.20
C CYS K 15 40.55 17.22 -55.17
N VAL K 16 41.25 16.19 -54.73
CA VAL K 16 42.00 15.30 -55.59
C VAL K 16 41.71 13.86 -55.23
N ASN K 17 42.00 12.94 -56.15
CA ASN K 17 41.85 11.52 -55.87
C ASN K 17 43.16 10.94 -55.33
N LEU K 18 43.06 10.12 -54.29
CA LEU K 18 44.23 9.50 -53.64
C LEU K 18 44.15 7.99 -53.74
N GLN K 23 40.88 -2.05 -52.07
CA GLN K 23 40.88 -2.04 -50.61
C GLN K 23 41.89 -3.04 -50.05
N LEU K 24 42.51 -2.68 -48.92
CA LEU K 24 43.40 -3.58 -48.19
C LEU K 24 42.65 -4.28 -47.06
N PRO K 25 43.08 -5.49 -46.68
CA PRO K 25 42.58 -6.25 -45.56
C PRO K 25 42.94 -5.56 -44.25
N PRO K 26 42.08 -5.66 -43.25
CA PRO K 26 42.24 -5.12 -41.92
C PRO K 26 43.22 -5.94 -41.09
N ALA K 27 43.90 -5.29 -40.17
CA ALA K 27 44.67 -5.97 -39.14
C ALA K 27 43.93 -5.88 -37.83
N TYR K 28 44.23 -6.77 -36.90
CA TYR K 28 43.54 -6.75 -35.61
C TYR K 28 44.51 -6.76 -34.44
N THR K 29 44.15 -6.07 -33.38
CA THR K 29 44.91 -6.09 -32.15
C THR K 29 44.00 -6.34 -30.95
N ASN K 30 44.60 -6.68 -29.82
CA ASN K 30 43.86 -6.96 -28.60
C ASN K 30 43.76 -5.73 -27.71
N SER K 31 42.53 -5.27 -27.41
CA SER K 31 42.37 -4.15 -26.45
C SER K 31 42.21 -4.73 -25.04
N PHE K 32 43.30 -4.84 -24.26
CA PHE K 32 43.24 -5.55 -22.95
C PHE K 32 42.34 -4.88 -21.90
N THR K 33 42.47 -3.56 -21.68
CA THR K 33 41.71 -2.87 -20.60
C THR K 33 41.60 -1.39 -20.96
N ARG K 34 41.29 -1.10 -22.21
CA ARG K 34 41.22 0.27 -22.71
C ARG K 34 39.79 0.68 -22.99
N GLY K 35 39.54 1.99 -23.07
CA GLY K 35 38.25 2.49 -23.52
C GLY K 35 37.29 2.79 -22.39
N VAL K 36 37.80 2.80 -21.16
CA VAL K 36 36.98 3.12 -20.00
C VAL K 36 36.99 4.61 -19.73
N TYR K 37 35.83 5.17 -19.43
CA TYR K 37 35.69 6.60 -19.21
C TYR K 37 34.76 6.89 -18.05
N TYR K 38 34.83 8.11 -17.53
CA TYR K 38 33.97 8.53 -16.42
C TYR K 38 32.52 8.66 -16.90
N PRO K 39 31.63 7.79 -16.41
CA PRO K 39 30.26 7.60 -16.87
C PRO K 39 29.34 8.78 -16.57
N ASP K 40 29.72 9.60 -15.59
CA ASP K 40 28.90 10.76 -15.23
C ASP K 40 29.75 11.86 -14.60
N LYS K 41 29.07 12.86 -14.04
CA LYS K 41 29.74 14.04 -13.51
C LYS K 41 29.66 14.08 -11.99
N VAL K 42 29.54 12.91 -11.37
CA VAL K 42 29.46 12.80 -9.93
C VAL K 42 30.81 12.42 -9.33
N PHE K 43 31.23 13.16 -8.32
CA PHE K 43 32.49 12.86 -7.64
C PHE K 43 32.32 11.71 -6.67
N ARG K 44 33.19 10.72 -6.78
CA ARG K 44 33.21 9.58 -5.88
C ARG K 44 34.63 9.31 -5.47
N SER K 45 34.82 8.71 -4.31
CA SER K 45 36.17 8.35 -3.87
C SER K 45 36.14 7.14 -2.95
N SER K 46 37.23 6.38 -2.97
CA SER K 46 37.38 5.22 -2.10
C SER K 46 36.14 4.33 -2.12
N VAL K 47 35.69 3.98 -3.32
CA VAL K 47 34.46 3.24 -3.48
C VAL K 47 34.43 2.42 -4.76
N LEU K 48 33.76 1.28 -4.72
CA LEU K 48 33.51 0.50 -5.92
C LEU K 48 32.10 0.73 -6.42
N HIS K 49 31.98 1.29 -7.63
CA HIS K 49 30.69 1.68 -8.17
C HIS K 49 30.32 0.85 -9.40
N SER K 50 29.12 0.28 -9.38
CA SER K 50 28.63 -0.50 -10.51
C SER K 50 27.76 0.36 -11.42
N THR K 51 28.10 0.37 -12.71
CA THR K 51 27.39 1.21 -13.67
C THR K 51 27.09 0.46 -14.96
N GLN K 52 26.07 0.92 -15.67
CA GLN K 52 25.72 0.38 -16.98
C GLN K 52 25.74 1.46 -18.03
N ASP K 53 26.58 1.29 -19.04
CA ASP K 53 26.75 2.28 -20.09
C ASP K 53 27.39 1.65 -21.31
N LEU K 54 27.62 2.46 -22.34
CA LEU K 54 28.28 1.97 -23.55
C LEU K 54 29.79 2.00 -23.39
N PHE K 55 30.38 0.82 -23.27
CA PHE K 55 31.81 0.69 -23.03
C PHE K 55 32.42 -0.25 -24.06
N LEU K 56 33.73 -0.13 -24.26
CA LEU K 56 34.45 -1.11 -25.07
C LEU K 56 34.73 -2.36 -24.23
N PRO K 57 34.23 -3.52 -24.64
CA PRO K 57 34.40 -4.81 -23.99
C PRO K 57 35.88 -5.11 -23.81
N PHE K 58 36.23 -5.75 -22.70
CA PHE K 58 37.63 -6.08 -22.44
C PHE K 58 38.11 -7.20 -23.36
N PHE K 59 39.36 -7.07 -23.80
CA PHE K 59 40.00 -8.08 -24.65
C PHE K 59 39.23 -8.31 -25.95
N SER K 60 38.69 -7.25 -26.51
CA SER K 60 37.98 -7.32 -27.79
C SER K 60 38.95 -7.17 -28.95
N ASN K 61 38.48 -7.51 -30.16
CA ASN K 61 39.25 -7.34 -31.39
C ASN K 61 39.03 -5.95 -31.99
N VAL K 62 40.06 -5.11 -31.91
CA VAL K 62 40.03 -3.75 -32.42
C VAL K 62 40.72 -3.69 -33.77
N THR K 63 40.09 -3.01 -34.72
CA THR K 63 40.63 -2.96 -36.08
C THR K 63 41.76 -1.96 -36.19
N TRP K 64 42.87 -2.41 -36.75
CA TRP K 64 44.07 -1.61 -36.89
C TRP K 64 44.26 -1.17 -38.34
N PHE K 65 44.17 0.14 -38.56
CA PHE K 65 44.22 0.72 -39.91
C PHE K 65 45.55 1.41 -40.17
N HIS K 66 45.98 1.37 -41.43
CA HIS K 66 47.12 2.17 -41.90
C HIS K 66 46.70 2.96 -43.13
N ALA K 67 46.23 4.18 -42.91
CA ALA K 67 45.64 4.97 -43.99
C ALA K 67 46.65 5.27 -45.08
N ILE K 68 47.88 5.55 -44.68
CA ILE K 68 48.94 5.82 -45.63
C ILE K 68 50.00 4.72 -45.55
N HIS K 69 50.04 3.87 -46.59
CA HIS K 69 50.90 2.69 -46.60
C HIS K 69 51.96 2.81 -47.69
N ARG K 78 50.51 3.84 -51.34
CA ARG K 78 49.11 3.42 -51.45
C ARG K 78 48.27 4.05 -50.35
N PHE K 79 47.17 4.71 -50.73
CA PHE K 79 46.27 5.37 -49.80
C PHE K 79 44.96 4.61 -49.66
N ASP K 80 44.58 4.30 -48.41
CA ASP K 80 43.34 3.60 -48.13
C ASP K 80 42.78 4.04 -46.78
N ASN K 81 41.84 4.96 -46.81
CA ASN K 81 41.31 5.57 -45.60
C ASN K 81 39.79 5.58 -45.61
N PRO K 82 39.17 4.42 -45.31
CA PRO K 82 37.80 4.05 -45.59
C PRO K 82 36.82 4.80 -44.71
N VAL K 83 35.58 4.88 -45.18
CA VAL K 83 34.49 5.38 -44.36
C VAL K 83 33.93 4.25 -43.53
N LEU K 84 33.84 4.48 -42.22
CA LEU K 84 33.41 3.44 -41.29
C LEU K 84 32.06 3.80 -40.68
N PRO K 85 31.28 2.78 -40.28
CA PRO K 85 30.04 2.91 -39.55
C PRO K 85 30.30 3.44 -38.14
N PHE K 86 29.40 4.30 -37.68
CA PHE K 86 29.53 4.88 -36.34
C PHE K 86 28.81 4.03 -35.31
N ASN K 87 27.77 3.34 -35.75
CA ASN K 87 26.98 2.49 -34.88
C ASN K 87 26.48 3.22 -33.63
N ASP K 88 26.77 2.68 -32.45
CA ASP K 88 26.25 3.22 -31.20
C ASP K 88 27.30 4.00 -30.44
N GLY K 89 28.42 4.28 -31.10
CA GLY K 89 29.53 4.95 -30.45
C GLY K 89 30.84 4.25 -30.78
N VAL K 90 31.90 5.03 -30.83
CA VAL K 90 33.18 4.53 -31.32
C VAL K 90 34.33 4.78 -30.36
N TYR K 91 35.16 3.76 -30.20
CA TYR K 91 36.45 3.92 -29.54
C TYR K 91 37.52 4.15 -30.59
N PHE K 92 38.21 5.27 -30.48
CA PHE K 92 39.21 5.64 -31.47
C PHE K 92 40.54 5.92 -30.79
N ALA K 93 41.62 5.41 -31.35
CA ALA K 93 42.93 5.66 -30.78
C ALA K 93 44.00 5.74 -31.85
N SER K 94 45.06 6.48 -31.58
CA SER K 94 46.20 6.52 -32.47
C SER K 94 47.49 6.82 -31.73
N THR K 95 48.60 6.32 -32.25
CA THR K 95 49.91 6.62 -31.70
C THR K 95 50.83 7.19 -32.75
N GLU K 96 51.35 8.39 -32.49
CA GLU K 96 52.25 9.04 -33.43
C GLU K 96 52.86 10.32 -32.86
N LYS K 97 54.02 10.70 -33.39
CA LYS K 97 54.61 12.00 -33.06
C LYS K 97 54.56 12.93 -34.26
N SER K 98 54.03 12.42 -35.37
CA SER K 98 54.07 13.14 -36.64
C SER K 98 52.88 14.07 -36.81
N ASN K 99 51.91 13.99 -35.91
CA ASN K 99 50.71 14.81 -35.98
C ASN K 99 50.08 14.74 -37.36
N ILE K 100 49.80 13.52 -37.82
CA ILE K 100 49.22 13.31 -39.13
C ILE K 100 47.71 13.34 -39.05
N ILE K 101 47.16 12.71 -38.02
CA ILE K 101 45.72 12.76 -37.82
C ILE K 101 45.33 14.11 -37.24
N ARG K 102 44.42 14.79 -37.92
CA ARG K 102 44.05 16.14 -37.51
C ARG K 102 42.60 16.24 -37.05
N GLY K 103 41.74 15.37 -37.58
CA GLY K 103 40.33 15.52 -37.27
C GLY K 103 39.46 14.39 -37.79
N TRP K 104 38.16 14.56 -37.67
CA TRP K 104 37.18 13.55 -38.04
C TRP K 104 35.97 14.18 -38.71
N ILE K 105 35.30 13.39 -39.55
CA ILE K 105 34.01 13.77 -40.09
C ILE K 105 32.93 12.83 -39.60
N PHE K 106 31.84 13.37 -39.08
CA PHE K 106 30.72 12.56 -38.65
C PHE K 106 29.44 13.00 -39.34
N GLY K 107 28.65 12.05 -39.81
CA GLY K 107 27.38 12.38 -40.45
C GLY K 107 26.73 11.16 -41.08
N THR K 108 25.96 11.40 -42.12
CA THR K 108 25.24 10.33 -42.81
C THR K 108 25.72 10.19 -44.25
N THR K 109 25.22 11.07 -45.11
CA THR K 109 25.56 11.02 -46.53
C THR K 109 26.88 11.72 -46.83
N LEU K 110 27.33 12.55 -45.91
CA LEU K 110 28.61 13.24 -46.04
C LEU K 110 28.68 14.06 -47.32
N ASP K 111 27.57 14.73 -47.65
CA ASP K 111 27.50 15.61 -48.81
C ASP K 111 26.60 16.80 -48.50
N SER K 112 26.30 17.60 -49.52
CA SER K 112 25.56 18.84 -49.33
C SER K 112 24.07 18.62 -49.04
N LYS K 113 23.65 17.37 -48.99
CA LYS K 113 22.23 17.06 -48.76
C LYS K 113 21.85 17.18 -47.29
N THR K 114 22.82 16.95 -46.40
CA THR K 114 22.52 16.94 -44.97
C THR K 114 23.58 17.68 -44.17
N GLN K 115 23.27 17.97 -42.92
CA GLN K 115 24.25 18.53 -42.00
C GLN K 115 25.31 17.50 -41.66
N SER K 116 26.56 17.93 -41.62
CA SER K 116 27.66 17.07 -41.21
C SER K 116 28.55 17.77 -40.19
N LEU K 117 29.14 16.98 -39.30
CA LEU K 117 30.00 17.50 -38.25
C LEU K 117 31.47 17.36 -38.60
N LEU K 118 32.16 18.49 -38.67
CA LEU K 118 33.57 18.51 -39.00
C LEU K 118 34.41 18.98 -37.83
N ILE K 119 35.24 18.09 -37.31
CA ILE K 119 36.14 18.42 -36.22
C ILE K 119 37.57 18.44 -36.69
N VAL K 120 38.18 19.61 -36.74
CA VAL K 120 39.54 19.73 -37.25
C VAL K 120 40.47 20.48 -36.31
N ASN K 121 41.63 19.90 -36.06
CA ASN K 121 42.64 20.53 -35.22
C ASN K 121 43.75 21.14 -36.05
N ASN K 122 44.39 22.17 -35.52
CA ASN K 122 45.62 22.71 -36.09
C ASN K 122 46.61 23.12 -35.00
N ALA K 123 47.66 23.86 -35.37
CA ALA K 123 48.77 24.19 -34.47
C ALA K 123 48.33 24.95 -33.21
N THR K 124 47.30 25.79 -33.33
CA THR K 124 46.96 26.68 -32.23
C THR K 124 45.57 26.42 -31.63
N ASN K 125 44.66 25.84 -32.42
CA ASN K 125 43.27 25.70 -31.98
C ASN K 125 42.57 24.47 -32.54
N VAL K 126 41.32 24.29 -32.13
CA VAL K 126 40.42 23.32 -32.73
C VAL K 126 39.15 24.01 -33.21
N VAL K 127 38.71 23.68 -34.40
CA VAL K 127 37.50 24.25 -34.93
C VAL K 127 36.46 23.18 -35.22
N ILE K 128 35.28 23.35 -34.65
CA ILE K 128 34.21 22.41 -34.84
C ILE K 128 33.01 23.07 -35.50
N LYS K 129 32.63 22.58 -36.67
CA LYS K 129 31.52 23.16 -37.42
C LYS K 129 30.50 22.12 -37.80
N VAL K 130 29.25 22.52 -37.86
CA VAL K 130 28.20 21.68 -38.44
C VAL K 130 27.51 22.43 -39.57
N CYS K 131 27.72 21.96 -40.80
CA CYS K 131 27.25 22.63 -42.01
C CYS K 131 26.89 21.60 -43.08
N GLU K 132 26.31 22.08 -44.17
CA GLU K 132 26.09 21.23 -45.32
C GLU K 132 27.33 21.20 -46.19
N PHE K 133 28.28 20.34 -45.83
CA PHE K 133 29.57 20.28 -46.49
C PHE K 133 29.51 19.35 -47.70
N GLN K 134 30.07 19.80 -48.82
CA GLN K 134 30.25 18.91 -49.95
C GLN K 134 31.67 18.38 -49.96
N PHE K 135 31.87 17.24 -49.31
CA PHE K 135 33.20 16.73 -49.03
C PHE K 135 33.88 16.14 -50.26
N CYS K 136 35.20 16.21 -50.23
CA CYS K 136 35.99 15.60 -51.34
C CYS K 136 35.81 14.08 -51.26
N ASN K 137 36.07 13.40 -52.38
CA ASN K 137 36.00 11.94 -52.45
C ASN K 137 37.03 11.30 -51.54
N ASP K 138 38.20 11.91 -51.47
CA ASP K 138 39.28 11.46 -50.59
C ASP K 138 39.83 12.62 -49.78
N PRO K 139 39.08 13.08 -48.78
CA PRO K 139 39.25 14.32 -48.06
C PRO K 139 40.47 14.27 -47.15
N PHE K 140 41.16 15.38 -47.02
CA PHE K 140 42.33 15.48 -46.18
C PHE K 140 42.70 16.93 -45.92
N LEU K 141 43.72 17.13 -45.11
CA LEU K 141 44.24 18.47 -44.86
C LEU K 141 45.60 18.63 -45.52
N ASP K 142 45.80 19.72 -46.23
CA ASP K 142 47.11 20.00 -46.81
C ASP K 142 48.10 20.28 -45.70
N VAL K 143 49.33 19.80 -45.84
CA VAL K 143 50.35 20.10 -44.85
C VAL K 143 50.70 21.58 -44.89
N TYR K 144 50.59 22.17 -46.08
CA TYR K 144 50.80 23.60 -46.24
C TYR K 144 49.74 24.18 -47.19
N TYR K 145 49.09 25.26 -46.77
CA TYR K 145 48.01 25.89 -47.54
C TYR K 145 48.50 27.17 -48.20
N LYS K 150 41.36 29.89 -49.98
CA LYS K 150 40.35 29.22 -49.17
C LYS K 150 40.71 29.31 -47.68
N SER K 151 40.77 28.15 -47.00
CA SER K 151 41.08 28.07 -45.58
C SER K 151 41.80 26.78 -45.23
N TRP K 152 42.53 26.81 -44.13
CA TRP K 152 43.28 25.65 -43.64
C TRP K 152 42.39 24.44 -43.40
N MET K 153 41.10 24.68 -43.21
CA MET K 153 40.18 23.58 -42.93
C MET K 153 39.23 23.33 -44.09
N GLU K 154 39.54 23.91 -45.24
CA GLU K 154 38.63 23.84 -46.37
C GLU K 154 39.26 23.18 -47.60
N SER K 155 40.43 23.66 -48.01
CA SER K 155 40.96 23.33 -49.33
C SER K 155 40.86 21.84 -49.65
N GLY K 156 41.46 21.00 -48.82
CA GLY K 156 41.56 19.58 -49.13
C GLY K 156 40.43 18.75 -48.54
N VAL K 157 39.50 19.40 -47.84
CA VAL K 157 38.46 18.66 -47.12
C VAL K 157 37.15 18.68 -47.88
N TYR K 158 36.73 19.86 -48.32
CA TYR K 158 35.46 20.01 -49.02
C TYR K 158 35.53 21.07 -50.11
N SER K 159 34.62 20.96 -51.08
CA SER K 159 34.58 21.89 -52.20
C SER K 159 33.76 23.12 -51.85
N SER K 160 32.77 22.95 -50.98
CA SER K 160 31.90 24.04 -50.56
C SER K 160 31.23 23.74 -49.24
N ALA K 161 30.73 24.78 -48.59
CA ALA K 161 29.93 24.62 -47.38
C ALA K 161 28.91 25.73 -47.27
N ASN K 162 27.71 25.38 -46.79
CA ASN K 162 26.66 26.36 -46.60
C ASN K 162 25.75 25.94 -45.44
N ASN K 163 24.77 26.79 -45.12
CA ASN K 163 23.71 26.47 -44.15
C ASN K 163 24.29 25.96 -42.82
N CYS K 164 25.31 26.66 -42.31
CA CYS K 164 25.94 26.29 -41.04
C CYS K 164 25.01 26.55 -39.85
N THR K 165 24.92 25.57 -38.95
CA THR K 165 24.02 25.66 -37.80
C THR K 165 24.77 25.72 -36.47
N PHE K 166 26.02 25.26 -36.46
CA PHE K 166 26.79 25.23 -35.23
C PHE K 166 28.26 25.56 -35.46
N GLU K 167 28.83 26.34 -34.56
CA GLU K 167 30.25 26.64 -34.59
C GLU K 167 30.85 26.72 -33.18
N TYR K 168 32.00 26.09 -33.00
CA TYR K 168 32.70 26.09 -31.73
C TYR K 168 34.21 26.11 -31.93
N VAL K 169 34.89 26.95 -31.15
CA VAL K 169 36.35 27.02 -31.23
C VAL K 169 36.99 26.97 -29.84
N SER K 170 38.01 26.16 -29.69
CA SER K 170 38.72 26.03 -28.42
C SER K 170 40.17 25.61 -28.63
N GLN K 171 40.76 25.00 -27.61
CA GLN K 171 42.14 24.54 -27.68
C GLN K 171 42.20 23.16 -28.36
N PRO K 172 43.34 22.79 -28.96
CA PRO K 172 43.56 21.57 -29.72
C PRO K 172 43.20 20.33 -28.91
N PHE K 173 42.60 19.36 -29.60
CA PHE K 173 42.30 18.05 -29.01
C PHE K 173 43.47 17.08 -29.18
N LEU K 174 44.33 17.35 -30.17
CA LEU K 174 45.44 16.47 -30.54
C LEU K 174 46.77 17.20 -30.37
N PHE K 184 59.99 9.51 -27.56
CA PHE K 184 59.10 8.42 -27.20
C PHE K 184 57.95 8.30 -28.22
N LYS K 185 56.74 8.01 -27.74
CA LYS K 185 55.53 7.95 -28.56
C LYS K 185 54.34 8.46 -27.77
N ASN K 186 53.45 9.19 -28.43
CA ASN K 186 52.25 9.71 -27.79
C ASN K 186 50.99 8.98 -28.22
N LEU K 187 50.31 8.37 -27.26
CA LEU K 187 49.05 7.67 -27.52
C LEU K 187 47.85 8.53 -27.15
N ARG K 188 46.94 8.71 -28.09
CA ARG K 188 45.76 9.51 -27.86
C ARG K 188 44.51 8.66 -28.03
N GLU K 189 43.66 8.64 -27.00
CA GLU K 189 42.45 7.84 -27.02
C GLU K 189 41.21 8.72 -26.95
N PHE K 190 40.21 8.38 -27.75
CA PHE K 190 38.94 9.10 -27.78
C PHE K 190 37.75 8.17 -27.74
N VAL K 191 36.66 8.63 -27.14
CA VAL K 191 35.39 7.94 -27.23
C VAL K 191 34.31 8.89 -27.73
N PHE K 192 33.61 8.46 -28.77
CA PHE K 192 32.57 9.30 -29.37
C PHE K 192 31.19 8.71 -29.15
N LYS K 193 30.31 9.51 -28.54
CA LYS K 193 28.92 9.13 -28.35
C LYS K 193 28.00 10.22 -28.89
N ASN K 194 26.80 9.85 -29.33
CA ASN K 194 25.85 10.82 -29.84
C ASN K 194 24.45 10.53 -29.33
N ILE K 195 24.13 11.10 -28.17
CA ILE K 195 22.89 10.76 -27.47
C ILE K 195 22.04 11.99 -27.16
N ASP K 196 20.77 11.92 -27.56
CA ASP K 196 19.81 12.98 -27.29
C ASP K 196 20.27 14.33 -27.81
N GLY K 197 20.96 14.31 -28.95
CA GLY K 197 21.39 15.54 -29.61
C GLY K 197 22.76 16.00 -29.15
N TYR K 198 23.30 15.37 -28.11
CA TYR K 198 24.60 15.77 -27.59
C TYR K 198 25.72 14.88 -28.12
N PHE K 199 26.70 15.49 -28.76
CA PHE K 199 27.87 14.77 -29.21
C PHE K 199 28.94 14.83 -28.13
N LYS K 200 29.17 13.71 -27.47
CA LYS K 200 30.05 13.67 -26.32
C LYS K 200 31.42 13.12 -26.69
N ILE K 201 32.46 13.87 -26.36
CA ILE K 201 33.81 13.42 -26.61
C ILE K 201 34.56 13.24 -25.30
N TYR K 202 35.17 12.06 -25.14
CA TYR K 202 36.06 11.79 -24.02
C TYR K 202 37.46 11.62 -24.56
N SER K 203 38.48 11.96 -23.77
CA SER K 203 39.84 11.79 -24.24
C SER K 203 40.86 11.56 -23.14
N LYS K 204 41.99 10.96 -23.51
CA LYS K 204 43.14 10.81 -22.63
C LYS K 204 44.43 10.79 -23.43
N HIS K 205 45.47 11.44 -22.91
CA HIS K 205 46.77 11.49 -23.57
C HIS K 205 47.85 10.89 -22.68
N THR K 206 48.47 9.81 -23.14
CA THR K 206 49.51 9.14 -22.36
C THR K 206 50.71 8.81 -23.24
N PRO K 207 51.90 8.66 -22.64
CA PRO K 207 53.12 8.14 -23.23
C PRO K 207 53.02 6.64 -23.46
N ILE K 208 53.76 6.15 -24.45
CA ILE K 208 53.77 4.72 -24.76
C ILE K 208 55.11 4.28 -25.36
N ASN K 209 55.53 3.05 -25.05
CA ASN K 209 56.79 2.52 -25.57
C ASN K 209 56.58 1.25 -26.40
N LEU K 210 55.41 1.13 -27.02
CA LEU K 210 55.09 -0.01 -27.86
C LEU K 210 55.01 0.40 -29.32
N VAL K 211 55.11 -0.57 -30.21
CA VAL K 211 55.13 -0.27 -31.64
C VAL K 211 53.87 -0.73 -32.37
N ARG K 212 53.45 -1.97 -32.14
CA ARG K 212 52.42 -2.58 -32.98
C ARG K 212 51.12 -2.90 -32.24
N ASP K 213 50.94 -2.35 -31.05
CA ASP K 213 49.73 -2.66 -30.30
C ASP K 213 49.39 -1.57 -29.27
N LEU K 214 48.27 -1.76 -28.58
CA LEU K 214 47.85 -0.88 -27.51
C LEU K 214 48.42 -1.38 -26.19
N PRO K 215 48.69 -0.48 -25.25
CA PRO K 215 49.32 -0.74 -23.96
C PRO K 215 48.38 -1.44 -23.01
N GLN K 216 48.98 -2.15 -22.05
CA GLN K 216 48.15 -2.78 -20.99
C GLN K 216 48.05 -1.76 -19.86
N GLY K 217 47.36 -2.12 -18.78
CA GLY K 217 47.15 -1.23 -17.64
C GLY K 217 45.86 -0.45 -17.81
N PHE K 218 45.48 0.30 -16.78
CA PHE K 218 44.20 0.96 -16.79
C PHE K 218 44.33 2.48 -16.73
N SER K 219 43.63 3.16 -17.63
CA SER K 219 43.55 4.62 -17.63
C SER K 219 42.19 5.08 -18.13
N ALA K 220 41.48 5.83 -17.30
CA ALA K 220 40.13 6.28 -17.65
C ALA K 220 40.17 7.58 -18.44
N LEU K 221 39.25 7.70 -19.40
CA LEU K 221 39.15 8.90 -20.22
C LEU K 221 38.19 9.91 -19.61
N GLU K 222 38.57 11.18 -19.67
CA GLU K 222 37.75 12.23 -19.09
C GLU K 222 36.96 12.93 -20.17
N PRO K 223 35.78 13.44 -19.85
CA PRO K 223 34.95 14.30 -20.68
C PRO K 223 35.77 15.47 -21.20
N LEU K 224 35.68 15.69 -22.50
CA LEU K 224 36.41 16.76 -23.15
C LEU K 224 35.47 17.90 -23.53
N VAL K 225 34.37 17.54 -24.18
CA VAL K 225 33.36 18.52 -24.58
C VAL K 225 32.02 17.88 -24.86
N ASP K 226 30.94 18.56 -24.45
CA ASP K 226 29.59 18.14 -24.77
C ASP K 226 28.95 19.13 -25.75
N LEU K 227 28.77 18.71 -26.99
CA LEU K 227 28.29 19.61 -28.03
C LEU K 227 26.80 19.41 -28.34
N PRO K 228 25.97 20.44 -28.11
CA PRO K 228 24.54 20.47 -28.32
C PRO K 228 24.20 20.70 -29.79
N ILE K 229 24.49 19.71 -30.62
CA ILE K 229 24.41 19.86 -32.06
C ILE K 229 23.06 19.43 -32.63
N GLY K 230 22.56 18.27 -32.21
CA GLY K 230 21.24 17.82 -32.64
C GLY K 230 21.19 17.22 -34.06
N ILE K 231 22.20 16.43 -34.44
CA ILE K 231 22.20 15.78 -35.74
C ILE K 231 22.37 14.27 -35.64
N ASN K 232 22.03 13.57 -36.72
CA ASN K 232 22.15 12.09 -36.75
C ASN K 232 23.48 11.67 -37.38
N ILE K 233 24.20 10.75 -36.73
CA ILE K 233 25.48 10.24 -37.20
C ILE K 233 25.40 8.73 -37.42
N THR K 234 25.73 8.30 -38.63
CA THR K 234 25.70 6.88 -38.97
C THR K 234 27.06 6.42 -39.47
N ARG K 235 27.87 7.35 -39.96
CA ARG K 235 29.17 7.05 -40.53
C ARG K 235 30.20 8.09 -40.14
N PHE K 236 31.47 7.72 -40.16
CA PHE K 236 32.53 8.67 -39.88
C PHE K 236 33.81 8.35 -40.65
N GLN K 237 34.68 9.34 -40.77
CA GLN K 237 35.95 9.19 -41.46
C GLN K 237 37.04 10.01 -40.79
N THR K 238 38.27 9.50 -40.84
CA THR K 238 39.41 10.20 -40.23
C THR K 238 40.12 11.11 -41.22
N LEU K 239 40.37 12.34 -40.81
CA LEU K 239 41.10 13.30 -41.66
C LEU K 239 42.57 13.39 -41.31
N LEU K 240 43.40 13.23 -42.32
CA LEU K 240 44.85 13.24 -42.18
C LEU K 240 45.47 14.44 -42.86
N ALA K 241 46.65 14.85 -42.40
CA ALA K 241 47.42 15.88 -43.09
C ALA K 241 48.41 15.25 -44.06
N LEU K 242 48.42 15.74 -45.31
CA LEU K 242 49.32 15.25 -46.35
C LEU K 242 50.18 16.39 -46.88
N ALA K 261 50.20 7.16 -40.29
CA ALA K 261 48.76 7.40 -40.28
C ALA K 261 48.02 6.15 -39.81
N ALA K 262 48.49 5.56 -38.70
CA ALA K 262 47.86 4.37 -38.12
C ALA K 262 46.87 4.75 -37.03
N TYR K 263 45.76 4.04 -36.98
CA TYR K 263 44.78 4.24 -35.92
C TYR K 263 43.95 3.00 -35.65
N TYR K 264 43.29 2.98 -34.51
CA TYR K 264 42.53 1.83 -34.06
C TYR K 264 41.06 2.19 -33.90
N VAL K 265 40.18 1.27 -34.33
CA VAL K 265 38.75 1.49 -34.17
C VAL K 265 38.04 0.33 -33.50
N GLY K 266 37.37 0.62 -32.40
CA GLY K 266 36.55 -0.36 -31.71
C GLY K 266 35.14 0.17 -31.56
N TYR K 267 34.22 -0.66 -31.11
CA TYR K 267 32.84 -0.23 -30.95
C TYR K 267 32.32 -0.49 -29.55
N LEU K 268 31.50 0.44 -29.06
CA LEU K 268 30.98 0.36 -27.70
C LEU K 268 29.76 -0.55 -27.63
N GLN K 269 29.57 -1.18 -26.49
CA GLN K 269 28.41 -2.02 -26.25
C GLN K 269 27.80 -1.70 -24.89
N PRO K 270 26.50 -1.94 -24.73
CA PRO K 270 25.76 -1.86 -23.48
C PRO K 270 26.25 -2.93 -22.51
N ARG K 271 27.08 -2.51 -21.57
CA ARG K 271 27.80 -3.41 -20.69
C ARG K 271 27.75 -2.97 -19.23
N THR K 272 27.90 -3.93 -18.32
CA THR K 272 27.97 -3.62 -16.90
C THR K 272 29.40 -3.70 -16.41
N PHE K 273 29.87 -2.64 -15.77
CA PHE K 273 31.22 -2.57 -15.23
C PHE K 273 31.24 -2.22 -13.76
N LEU K 274 32.20 -2.79 -13.04
CA LEU K 274 32.50 -2.36 -11.68
C LEU K 274 33.73 -1.48 -11.68
N LEU K 275 33.57 -0.22 -11.29
CA LEU K 275 34.66 0.74 -11.35
C LEU K 275 35.23 1.04 -9.98
N LYS K 276 36.56 1.07 -9.90
CA LYS K 276 37.24 1.35 -8.64
C LYS K 276 37.77 2.77 -8.59
N TYR K 277 37.24 3.56 -7.66
CA TYR K 277 37.70 4.92 -7.42
C TYR K 277 38.65 4.97 -6.24
N ASN K 278 39.81 5.62 -6.43
CA ASN K 278 40.76 5.78 -5.34
C ASN K 278 40.38 6.97 -4.46
N GLU K 279 41.24 7.30 -3.51
CA GLU K 279 40.92 8.38 -2.57
C GLU K 279 40.89 9.77 -3.21
N ASN K 280 41.43 9.90 -4.43
CA ASN K 280 41.45 11.15 -5.17
C ASN K 280 40.31 11.24 -6.18
N GLY K 281 39.44 10.23 -6.19
CA GLY K 281 38.28 10.17 -7.09
C GLY K 281 38.66 9.77 -8.50
N THR K 282 39.85 9.21 -8.66
CA THR K 282 40.31 8.75 -9.95
C THR K 282 40.00 7.27 -10.13
N ILE K 283 39.50 6.89 -11.29
CA ILE K 283 39.23 5.49 -11.56
C ILE K 283 40.56 4.81 -11.88
N THR K 284 40.91 3.81 -11.08
CA THR K 284 42.21 3.17 -11.22
C THR K 284 42.09 1.76 -11.75
N ASP K 285 40.92 1.17 -11.62
CA ASP K 285 40.70 -0.18 -12.13
C ASP K 285 39.25 -0.40 -12.51
N ALA K 286 38.97 -1.53 -13.13
CA ALA K 286 37.60 -1.88 -13.52
C ALA K 286 37.45 -3.36 -13.81
N VAL K 287 36.24 -3.87 -13.64
CA VAL K 287 35.92 -5.24 -14.02
C VAL K 287 34.79 -5.29 -15.04
N ASP K 288 35.04 -5.97 -16.16
CA ASP K 288 34.01 -6.25 -17.14
C ASP K 288 33.21 -7.46 -16.69
N CYS K 289 31.99 -7.23 -16.19
CA CYS K 289 31.23 -8.22 -15.44
C CYS K 289 30.77 -9.39 -16.32
N ALA K 290 30.90 -9.24 -17.64
CA ALA K 290 30.46 -10.28 -18.55
C ALA K 290 31.61 -10.93 -19.29
N LEU K 291 32.84 -10.64 -18.84
CA LEU K 291 34.02 -11.17 -19.50
C LEU K 291 34.18 -12.67 -19.26
N ASP K 292 34.10 -13.08 -18.00
CA ASP K 292 34.30 -14.47 -17.61
C ASP K 292 33.67 -14.71 -16.23
N PRO K 293 33.49 -15.98 -15.82
CA PRO K 293 32.92 -16.40 -14.54
C PRO K 293 33.63 -15.77 -13.35
N LEU K 294 34.92 -15.54 -13.44
CA LEU K 294 35.65 -14.92 -12.34
C LEU K 294 35.27 -13.46 -12.19
N SER K 295 35.14 -12.76 -13.32
CA SER K 295 34.75 -11.36 -13.30
C SER K 295 33.33 -11.21 -12.77
N GLU K 296 32.47 -12.16 -13.13
CA GLU K 296 31.11 -12.17 -12.65
C GLU K 296 31.10 -12.32 -11.13
N THR K 297 31.98 -13.18 -10.63
CA THR K 297 32.12 -13.38 -9.18
C THR K 297 32.54 -12.09 -8.50
N LYS K 298 33.54 -11.43 -9.08
CA LYS K 298 34.03 -10.17 -8.52
C LYS K 298 32.94 -9.10 -8.45
N CYS K 299 32.14 -8.99 -9.52
CA CYS K 299 31.05 -8.02 -9.57
C CYS K 299 29.95 -8.37 -8.56
N THR K 300 29.65 -9.66 -8.45
CA THR K 300 28.63 -10.13 -7.52
C THR K 300 29.00 -9.80 -6.07
N LEU K 301 30.27 -9.99 -5.74
CA LEU K 301 30.75 -9.76 -4.38
C LEU K 301 31.17 -8.30 -4.24
N LYS K 302 31.05 -7.49 -5.30
CA LYS K 302 31.53 -6.09 -5.27
C LYS K 302 32.95 -6.03 -4.69
N SER K 303 33.88 -6.81 -5.26
CA SER K 303 35.24 -6.81 -4.74
C SER K 303 36.17 -7.18 -5.88
N PHE K 304 37.37 -6.63 -5.88
CA PHE K 304 38.37 -6.95 -6.88
C PHE K 304 39.25 -8.10 -6.43
N THR K 305 39.03 -8.56 -5.21
CA THR K 305 39.76 -9.70 -4.65
C THR K 305 38.79 -10.75 -4.15
N VAL K 306 39.01 -12.00 -4.54
CA VAL K 306 38.14 -13.08 -4.13
C VAL K 306 38.92 -14.14 -3.36
N GLU K 307 38.42 -14.47 -2.18
CA GLU K 307 39.06 -15.48 -1.34
C GLU K 307 38.64 -16.88 -1.77
N LYS K 308 39.39 -17.88 -1.33
CA LYS K 308 39.09 -19.26 -1.67
C LYS K 308 37.71 -19.66 -1.20
N GLY K 309 36.96 -20.33 -2.07
CA GLY K 309 35.64 -20.82 -1.70
C GLY K 309 34.74 -21.03 -2.90
N ILE K 310 33.46 -21.28 -2.62
CA ILE K 310 32.46 -21.47 -3.66
C ILE K 310 31.38 -20.41 -3.51
N TYR K 311 31.04 -19.74 -4.61
CA TYR K 311 30.10 -18.64 -4.56
C TYR K 311 28.99 -18.81 -5.59
N GLN K 312 27.76 -18.55 -5.19
CA GLN K 312 26.68 -18.50 -6.16
C GLN K 312 26.61 -17.11 -6.78
N THR K 313 26.77 -17.05 -8.09
CA THR K 313 26.89 -15.76 -8.76
C THR K 313 25.66 -15.45 -9.61
N SER K 314 25.00 -16.47 -10.10
CA SER K 314 23.89 -16.25 -11.01
C SER K 314 22.99 -17.47 -11.12
N ASN K 315 22.05 -17.39 -12.05
CA ASN K 315 21.16 -18.48 -12.36
C ASN K 315 21.18 -18.75 -13.86
N PHE K 316 20.87 -19.98 -14.25
CA PHE K 316 20.72 -20.29 -15.65
C PHE K 316 19.28 -20.66 -15.95
N ARG K 317 18.85 -20.43 -17.18
CA ARG K 317 17.51 -20.77 -17.60
C ARG K 317 17.46 -21.09 -19.07
N VAL K 318 16.76 -22.16 -19.42
CA VAL K 318 16.55 -22.50 -20.82
C VAL K 318 15.47 -21.63 -21.43
N GLN K 319 15.78 -21.04 -22.58
CA GLN K 319 14.84 -20.16 -23.26
C GLN K 319 13.97 -20.96 -24.23
N PRO K 320 12.74 -20.51 -24.47
CA PRO K 320 11.79 -21.07 -25.39
C PRO K 320 12.30 -20.97 -26.82
N THR K 321 12.11 -22.05 -27.58
CA THR K 321 12.59 -22.13 -28.95
C THR K 321 11.57 -21.57 -29.95
N GLU K 322 10.29 -21.68 -29.59
CA GLU K 322 9.22 -21.20 -30.45
C GLU K 322 7.94 -20.96 -29.67
N SER K 323 6.94 -20.38 -30.32
CA SER K 323 5.64 -20.16 -29.70
C SER K 323 4.55 -20.93 -30.43
N ILE K 324 3.64 -21.53 -29.67
CA ILE K 324 2.51 -22.24 -30.27
C ILE K 324 1.18 -21.74 -29.75
N VAL K 325 0.17 -21.74 -30.61
CA VAL K 325 -1.17 -21.32 -30.23
C VAL K 325 -2.19 -22.39 -30.55
N ARG K 326 -3.00 -22.74 -29.57
CA ARG K 326 -4.03 -23.75 -29.78
C ARG K 326 -5.40 -23.26 -29.31
N PHE K 327 -6.20 -22.80 -30.27
CA PHE K 327 -7.56 -22.35 -29.99
C PHE K 327 -8.56 -23.37 -30.56
N PRO K 328 -9.82 -23.33 -30.11
CA PRO K 328 -10.93 -24.09 -30.64
C PRO K 328 -11.10 -23.77 -32.12
N ASN K 329 -11.45 -24.79 -32.92
CA ASN K 329 -11.56 -24.61 -34.36
C ASN K 329 -13.00 -24.31 -34.80
N ILE K 330 -13.60 -23.30 -34.17
CA ILE K 330 -14.91 -22.79 -34.57
C ILE K 330 -14.74 -21.60 -35.50
N THR K 331 -15.60 -21.49 -36.49
CA THR K 331 -15.44 -20.45 -37.51
C THR K 331 -16.56 -19.42 -37.52
N ASN K 332 -17.65 -19.69 -36.81
CA ASN K 332 -18.78 -18.76 -36.79
C ASN K 332 -18.41 -17.49 -36.03
N LEU K 333 -18.89 -16.35 -36.51
CA LEU K 333 -18.58 -15.07 -35.89
C LEU K 333 -19.65 -14.68 -34.87
N CYS K 334 -19.23 -13.95 -33.83
CA CYS K 334 -20.13 -13.42 -32.81
C CYS K 334 -20.99 -12.30 -33.38
N PRO K 335 -22.29 -12.34 -33.14
CA PRO K 335 -23.32 -11.44 -33.64
C PRO K 335 -23.33 -10.11 -32.90
N PHE K 336 -22.21 -9.39 -32.98
CA PHE K 336 -22.13 -8.09 -32.31
C PHE K 336 -22.87 -7.04 -33.10
N GLY K 337 -22.75 -7.08 -34.42
CA GLY K 337 -23.37 -6.08 -35.27
C GLY K 337 -24.89 -6.06 -35.09
N GLU K 338 -25.45 -7.21 -34.75
CA GLU K 338 -26.89 -7.32 -34.51
C GLU K 338 -27.31 -6.51 -33.29
N VAL K 339 -26.36 -6.23 -32.41
CA VAL K 339 -26.61 -5.43 -31.22
C VAL K 339 -26.45 -3.95 -31.55
N PHE K 340 -25.39 -3.64 -32.30
CA PHE K 340 -25.04 -2.27 -32.59
C PHE K 340 -25.97 -1.58 -33.60
N ASN K 341 -26.45 -2.31 -34.59
CA ASN K 341 -27.28 -1.72 -35.65
C ASN K 341 -28.76 -2.12 -35.54
N ALA K 342 -29.21 -2.42 -34.33
CA ALA K 342 -30.62 -2.68 -34.08
C ALA K 342 -31.46 -1.42 -34.35
N THR K 343 -32.63 -1.60 -34.93
CA THR K 343 -33.49 -0.48 -35.27
C THR K 343 -33.94 0.26 -34.03
N ARG K 344 -34.33 -0.49 -33.01
CA ARG K 344 -34.85 0.10 -31.79
C ARG K 344 -34.00 -0.26 -30.59
N PHE K 345 -33.69 0.75 -29.79
CA PHE K 345 -32.99 0.54 -28.53
C PHE K 345 -33.93 0.68 -27.35
N ALA K 346 -33.61 0.00 -26.27
CA ALA K 346 -34.41 0.05 -25.05
C ALA K 346 -34.17 1.32 -24.26
N SER K 347 -35.14 1.65 -23.42
CA SER K 347 -34.97 2.65 -22.38
C SER K 347 -33.99 2.14 -21.34
N VAL K 348 -33.28 3.06 -20.70
CA VAL K 348 -32.25 2.68 -19.74
C VAL K 348 -32.81 1.97 -18.51
N TYR K 349 -34.02 2.30 -18.10
CA TYR K 349 -34.61 1.66 -16.94
C TYR K 349 -34.99 0.21 -17.26
N ALA K 350 -35.28 -0.05 -18.53
CA ALA K 350 -35.65 -1.38 -18.99
C ALA K 350 -34.66 -1.86 -20.04
N TRP K 351 -33.40 -1.92 -19.66
CA TRP K 351 -32.31 -2.17 -20.59
C TRP K 351 -32.32 -3.60 -21.11
N ASN K 352 -31.85 -3.78 -22.34
CA ASN K 352 -31.81 -5.10 -22.96
C ASN K 352 -30.51 -5.82 -22.65
N ARG K 353 -30.57 -7.14 -22.57
CA ARG K 353 -29.38 -7.97 -22.43
C ARG K 353 -29.40 -9.13 -23.41
N LYS K 354 -28.29 -9.31 -24.11
CA LYS K 354 -28.12 -10.44 -25.01
C LYS K 354 -26.90 -11.27 -24.61
N ARG K 355 -27.07 -12.59 -24.56
CA ARG K 355 -25.96 -13.47 -24.27
C ARG K 355 -25.26 -13.91 -25.55
N ILE K 356 -23.95 -13.82 -25.55
CA ILE K 356 -23.12 -14.24 -26.67
C ILE K 356 -22.20 -15.37 -26.25
N SER K 357 -22.23 -16.47 -27.00
CA SER K 357 -21.42 -17.64 -26.69
C SER K 357 -21.12 -18.48 -27.92
N ASN K 358 -20.12 -19.35 -27.81
CA ASN K 358 -19.78 -20.32 -28.85
C ASN K 358 -19.54 -19.66 -30.21
N CYS K 359 -18.60 -18.71 -30.26
CA CYS K 359 -18.34 -17.94 -31.47
C CYS K 359 -16.96 -17.28 -31.43
N VAL K 360 -16.55 -16.73 -32.58
CA VAL K 360 -15.31 -15.99 -32.68
C VAL K 360 -15.56 -14.50 -32.62
N ALA K 361 -14.91 -13.84 -31.67
CA ALA K 361 -15.16 -12.44 -31.40
C ALA K 361 -14.02 -11.55 -31.87
N ASP K 362 -14.26 -10.79 -32.92
CA ASP K 362 -13.28 -9.82 -33.39
C ASP K 362 -13.59 -8.45 -32.81
N TYR K 363 -12.76 -7.99 -31.89
CA TYR K 363 -13.04 -6.76 -31.16
C TYR K 363 -12.35 -5.57 -31.80
N SER K 364 -11.52 -5.82 -32.80
CA SER K 364 -10.73 -4.74 -33.40
C SER K 364 -11.57 -3.96 -34.38
N VAL K 365 -12.58 -4.61 -34.95
CA VAL K 365 -13.48 -3.94 -35.87
C VAL K 365 -14.28 -2.86 -35.15
N LEU K 366 -14.52 -3.08 -33.86
CA LEU K 366 -15.23 -2.09 -33.07
C LEU K 366 -14.28 -1.02 -32.56
N TYR K 367 -13.14 -1.45 -32.02
CA TYR K 367 -12.21 -0.52 -31.40
C TYR K 367 -11.59 0.44 -32.41
N ASN K 368 -11.33 -0.06 -33.61
CA ASN K 368 -10.66 0.75 -34.63
C ASN K 368 -11.65 1.54 -35.47
N SER K 369 -12.92 1.48 -35.10
CA SER K 369 -13.96 2.23 -35.80
C SER K 369 -13.86 3.71 -35.48
N ALA K 370 -14.21 4.55 -36.45
CA ALA K 370 -14.22 5.99 -36.25
C ALA K 370 -15.60 6.49 -35.83
N SER K 371 -16.55 5.57 -35.73
CA SER K 371 -17.95 5.96 -35.54
C SER K 371 -18.38 6.04 -34.08
N PHE K 372 -17.53 5.60 -33.17
CA PHE K 372 -17.88 5.59 -31.75
C PHE K 372 -17.20 6.75 -31.03
N SER K 373 -17.97 7.46 -30.20
CA SER K 373 -17.43 8.61 -29.48
C SER K 373 -16.81 8.19 -28.15
N THR K 374 -17.30 7.09 -27.61
CA THR K 374 -16.79 6.56 -26.36
C THR K 374 -16.44 5.08 -26.51
N PHE K 375 -15.26 4.71 -26.04
CA PHE K 375 -14.86 3.31 -26.01
C PHE K 375 -13.90 3.10 -24.85
N LYS K 376 -14.44 2.71 -23.71
CA LYS K 376 -13.63 2.58 -22.50
C LYS K 376 -13.69 1.17 -21.93
N CYS K 377 -12.54 0.61 -21.61
CA CYS K 377 -12.46 -0.75 -21.06
C CYS K 377 -11.98 -0.74 -19.62
N TYR K 378 -12.49 -1.68 -18.85
CA TYR K 378 -12.13 -1.82 -17.45
C TYR K 378 -11.74 -3.27 -17.17
N GLY K 379 -10.63 -3.45 -16.46
CA GLY K 379 -10.18 -4.79 -16.09
C GLY K 379 -9.49 -5.48 -17.26
N VAL K 380 -9.42 -4.81 -18.39
CA VAL K 380 -8.82 -5.36 -19.59
C VAL K 380 -8.42 -4.27 -20.56
N SER K 381 -7.32 -4.48 -21.26
CA SER K 381 -6.90 -3.55 -22.31
C SER K 381 -7.61 -3.85 -23.62
N PRO K 382 -8.08 -2.82 -24.33
CA PRO K 382 -8.82 -2.88 -25.58
C PRO K 382 -7.97 -3.45 -26.72
N THR K 383 -6.65 -3.47 -26.53
CA THR K 383 -5.75 -3.94 -27.56
C THR K 383 -5.33 -5.39 -27.32
N LYS K 384 -5.82 -5.99 -26.24
CA LYS K 384 -5.49 -7.37 -25.91
C LYS K 384 -6.69 -8.29 -26.00
N LEU K 385 -7.85 -7.72 -26.33
CA LEU K 385 -9.10 -8.48 -26.33
C LEU K 385 -9.07 -9.65 -27.31
N ASN K 386 -8.40 -9.46 -28.44
CA ASN K 386 -8.37 -10.50 -29.47
C ASN K 386 -7.49 -11.69 -29.09
N ASP K 387 -6.76 -11.56 -28.00
CA ASP K 387 -5.87 -12.62 -27.54
C ASP K 387 -6.50 -13.42 -26.40
N LEU K 388 -7.69 -13.03 -26.00
CA LEU K 388 -8.33 -13.62 -24.82
C LEU K 388 -9.49 -14.54 -25.19
N CYS K 389 -9.84 -15.41 -24.24
CA CYS K 389 -11.02 -16.26 -24.34
C CYS K 389 -11.88 -16.13 -23.10
N PHE K 390 -13.19 -16.11 -23.28
CA PHE K 390 -14.14 -15.93 -22.19
C PHE K 390 -15.20 -17.03 -22.21
N THR K 391 -15.82 -17.27 -21.07
CA THR K 391 -16.85 -18.30 -20.98
C THR K 391 -18.16 -17.78 -21.56
N ASN K 392 -18.46 -16.52 -21.28
CA ASN K 392 -19.62 -15.85 -21.86
C ASN K 392 -19.34 -14.37 -22.06
N VAL K 393 -20.08 -13.77 -22.98
CA VAL K 393 -20.07 -12.32 -23.13
C VAL K 393 -21.50 -11.80 -23.10
N TYR K 394 -21.74 -10.77 -22.29
CA TYR K 394 -23.05 -10.14 -22.29
C TYR K 394 -23.00 -8.81 -22.99
N ALA K 395 -24.02 -8.53 -23.78
CA ALA K 395 -24.13 -7.24 -24.43
C ALA K 395 -25.39 -6.52 -23.98
N ASP K 396 -25.23 -5.47 -23.19
CA ASP K 396 -26.35 -4.70 -22.69
C ASP K 396 -26.51 -3.42 -23.51
N SER K 397 -27.74 -3.03 -23.81
CA SER K 397 -27.93 -1.84 -24.63
C SER K 397 -29.12 -0.99 -24.21
N PHE K 398 -28.96 0.32 -24.35
CA PHE K 398 -29.98 1.29 -23.96
C PHE K 398 -29.68 2.70 -24.48
N VAL K 399 -30.64 3.61 -24.31
CA VAL K 399 -30.45 5.03 -24.64
C VAL K 399 -30.49 5.95 -23.43
N ILE K 400 -29.49 6.81 -23.32
CA ILE K 400 -29.41 7.88 -22.32
C ILE K 400 -29.03 9.19 -22.99
N ARG K 401 -28.98 10.28 -22.24
CA ARG K 401 -28.54 11.53 -22.84
C ARG K 401 -27.04 11.76 -22.64
N GLY K 402 -26.46 12.58 -23.50
CA GLY K 402 -25.00 12.80 -23.55
C GLY K 402 -24.34 12.99 -22.20
N ASP K 403 -24.90 13.88 -21.38
CA ASP K 403 -24.29 14.21 -20.09
C ASP K 403 -24.23 13.01 -19.14
N GLU K 404 -25.05 12.01 -19.39
CA GLU K 404 -25.17 10.88 -18.47
C GLU K 404 -24.22 9.74 -18.84
N VAL K 405 -23.52 9.87 -19.95
CA VAL K 405 -22.66 8.78 -20.41
C VAL K 405 -21.55 8.50 -19.40
N ARG K 406 -21.12 9.55 -18.70
CA ARG K 406 -20.08 9.41 -17.68
C ARG K 406 -20.51 8.55 -16.49
N GLN K 407 -21.81 8.32 -16.35
CA GLN K 407 -22.32 7.52 -15.25
C GLN K 407 -22.20 6.03 -15.53
N ILE K 408 -21.94 5.67 -16.78
CA ILE K 408 -21.82 4.26 -17.12
C ILE K 408 -20.40 3.80 -16.90
N ALA K 409 -20.04 3.64 -15.64
CA ALA K 409 -18.71 3.25 -15.23
C ALA K 409 -18.76 2.78 -13.77
N PRO K 410 -17.79 1.99 -13.34
CA PRO K 410 -17.57 1.57 -11.96
C PRO K 410 -17.38 2.77 -11.04
N GLY K 411 -18.02 2.72 -9.87
CA GLY K 411 -17.82 3.71 -8.83
C GLY K 411 -18.49 5.05 -9.11
N GLN K 412 -19.55 5.05 -9.93
CA GLN K 412 -20.23 6.30 -10.25
C GLN K 412 -21.54 6.44 -9.50
N THR K 413 -21.98 7.68 -9.33
CA THR K 413 -23.26 7.97 -8.72
C THR K 413 -24.09 8.89 -9.61
N GLY K 414 -25.39 8.94 -9.35
CA GLY K 414 -26.30 9.73 -10.15
C GLY K 414 -27.57 8.94 -10.43
N LYS K 415 -28.56 9.59 -11.02
CA LYS K 415 -29.85 8.94 -11.21
C LYS K 415 -29.74 7.69 -12.08
N ILE K 416 -28.83 7.68 -13.04
CA ILE K 416 -28.71 6.53 -13.92
C ILE K 416 -27.93 5.43 -13.23
N ALA K 417 -26.81 5.79 -12.62
CA ALA K 417 -25.96 4.83 -11.94
C ALA K 417 -26.71 4.18 -10.77
N ASP K 418 -27.58 4.94 -10.11
CA ASP K 418 -28.22 4.47 -8.89
C ASP K 418 -29.57 3.77 -9.13
N TYR K 419 -30.36 4.25 -10.07
CA TYR K 419 -31.73 3.73 -10.21
C TYR K 419 -32.01 3.01 -11.53
N ASN K 420 -31.10 3.08 -12.48
CA ASN K 420 -31.37 2.53 -13.81
C ASN K 420 -30.44 1.40 -14.21
N TYR K 421 -29.14 1.70 -14.27
CA TYR K 421 -28.15 0.73 -14.71
C TYR K 421 -26.88 0.82 -13.88
N LYS K 422 -26.62 -0.22 -13.10
CA LYS K 422 -25.49 -0.21 -12.18
C LYS K 422 -24.40 -1.20 -12.60
N LEU K 423 -23.16 -0.73 -12.64
CA LEU K 423 -22.01 -1.60 -12.86
C LEU K 423 -21.30 -1.90 -11.54
N PRO K 424 -20.72 -3.09 -11.42
CA PRO K 424 -19.90 -3.54 -10.30
C PRO K 424 -18.56 -2.84 -10.28
N ASP K 425 -17.91 -2.85 -9.13
CA ASP K 425 -16.62 -2.19 -8.97
C ASP K 425 -15.49 -3.03 -9.56
N ASP K 426 -15.70 -4.34 -9.59
CA ASP K 426 -14.74 -5.27 -10.18
C ASP K 426 -15.14 -5.63 -11.60
N PHE K 427 -15.80 -4.70 -12.27
CA PHE K 427 -16.30 -4.89 -13.62
C PHE K 427 -15.18 -5.17 -14.60
N THR K 428 -15.38 -6.19 -15.43
CA THR K 428 -14.50 -6.47 -16.54
C THR K 428 -15.30 -6.39 -17.83
N GLY K 429 -14.94 -5.44 -18.69
CA GLY K 429 -15.74 -5.21 -19.89
C GLY K 429 -15.44 -3.85 -20.51
N CYS K 430 -16.22 -3.50 -21.54
CA CYS K 430 -16.05 -2.26 -22.28
C CYS K 430 -17.37 -1.52 -22.46
N VAL K 431 -17.33 -0.20 -22.33
CA VAL K 431 -18.49 0.64 -22.55
C VAL K 431 -18.35 1.42 -23.85
N ILE K 432 -19.30 1.23 -24.76
CA ILE K 432 -19.24 1.83 -26.08
C ILE K 432 -20.47 2.70 -26.32
N ALA K 433 -20.25 3.93 -26.77
CA ALA K 433 -21.39 4.83 -27.00
C ALA K 433 -21.18 5.71 -28.21
N TRP K 434 -22.30 6.11 -28.83
CA TRP K 434 -22.27 7.03 -29.95
C TRP K 434 -23.52 7.90 -29.99
N ASN K 435 -23.37 9.08 -30.59
CA ASN K 435 -24.48 10.02 -30.75
C ASN K 435 -25.51 9.50 -31.75
N SER K 436 -26.77 9.51 -31.35
CA SER K 436 -27.84 9.00 -32.21
C SER K 436 -28.91 10.05 -32.48
N ASN K 437 -28.52 11.32 -32.47
CA ASN K 437 -29.46 12.42 -32.68
C ASN K 437 -30.27 12.24 -33.96
N ASN K 438 -29.64 11.70 -34.99
CA ASN K 438 -30.29 11.53 -36.29
C ASN K 438 -31.34 10.43 -36.31
N LEU K 439 -31.32 9.56 -35.30
CA LEU K 439 -32.26 8.44 -35.27
C LEU K 439 -33.31 8.60 -34.17
N ASP K 440 -32.89 9.09 -33.02
CA ASP K 440 -33.71 9.05 -31.83
C ASP K 440 -34.43 10.37 -31.51
N SER K 441 -33.99 11.47 -32.13
CA SER K 441 -34.64 12.74 -31.88
C SER K 441 -35.76 13.01 -32.88
N LYS K 442 -36.82 13.65 -32.42
CA LYS K 442 -37.94 14.02 -33.29
C LYS K 442 -38.29 15.48 -33.14
N VAL K 443 -38.86 16.07 -34.18
CA VAL K 443 -39.36 17.41 -34.09
C VAL K 443 -40.64 17.42 -33.26
N GLY K 444 -40.61 18.16 -32.17
CA GLY K 444 -41.71 18.14 -31.21
C GLY K 444 -41.36 17.33 -29.97
N GLY K 445 -40.32 16.49 -30.08
CA GLY K 445 -39.85 15.72 -28.94
C GLY K 445 -40.20 14.23 -29.03
N ASN K 446 -39.20 13.38 -28.82
CA ASN K 446 -39.39 11.94 -28.76
C ASN K 446 -39.52 11.49 -27.31
N TYR K 447 -40.72 11.06 -26.93
CA TYR K 447 -41.00 10.77 -25.53
C TYR K 447 -41.07 9.27 -25.27
N ASN K 448 -40.50 8.48 -26.18
CA ASN K 448 -40.48 7.04 -26.04
C ASN K 448 -39.42 6.56 -25.05
N TYR K 449 -38.32 7.29 -24.94
CA TYR K 449 -37.24 6.90 -24.07
C TYR K 449 -37.43 7.46 -22.66
N ARG K 450 -37.35 6.57 -21.68
CA ARG K 450 -37.65 6.94 -20.30
C ARG K 450 -36.59 6.44 -19.33
N TYR K 451 -36.55 7.04 -18.16
CA TYR K 451 -35.62 6.65 -17.11
C TYR K 451 -36.29 6.72 -15.74
N ARG K 452 -35.72 6.01 -14.78
CA ARG K 452 -36.24 6.03 -13.42
C ARG K 452 -35.68 7.19 -12.63
N LEU K 453 -36.57 7.98 -12.06
CA LEU K 453 -36.22 9.19 -11.34
C LEU K 453 -36.25 8.98 -9.83
N PHE K 454 -37.17 8.14 -9.36
CA PHE K 454 -37.29 7.88 -7.93
C PHE K 454 -37.24 6.40 -7.61
N ARG K 455 -36.53 6.06 -6.55
CA ARG K 455 -36.50 4.69 -6.06
C ARG K 455 -36.18 4.68 -4.56
N LYS K 456 -36.67 3.67 -3.85
CA LYS K 456 -36.47 3.61 -2.40
C LYS K 456 -35.06 3.20 -2.01
N SER K 457 -34.35 2.56 -2.93
CA SER K 457 -32.97 2.17 -2.68
C SER K 457 -32.21 2.07 -4.00
N ASN K 458 -30.88 2.01 -3.90
CA ASN K 458 -30.04 1.86 -5.08
C ASN K 458 -30.10 0.45 -5.63
N LEU K 459 -29.87 0.32 -6.93
CA LEU K 459 -29.80 -0.98 -7.58
C LEU K 459 -28.49 -1.68 -7.25
N LYS K 460 -28.53 -3.01 -7.25
CA LYS K 460 -27.32 -3.81 -7.25
C LYS K 460 -26.82 -3.91 -8.70
N PRO K 461 -25.54 -4.22 -8.89
CA PRO K 461 -24.91 -4.41 -10.19
C PRO K 461 -25.73 -5.35 -11.06
N PHE K 462 -26.03 -4.89 -12.27
CA PHE K 462 -26.79 -5.65 -13.25
C PHE K 462 -28.21 -6.00 -12.82
N GLU K 463 -28.75 -5.24 -11.87
CA GLU K 463 -30.15 -5.37 -11.50
C GLU K 463 -31.04 -4.59 -12.47
N ARG K 464 -32.20 -5.13 -12.76
CA ARG K 464 -33.14 -4.51 -13.70
C ARG K 464 -34.52 -4.33 -13.07
N ASP K 465 -34.97 -3.08 -12.97
CA ASP K 465 -36.25 -2.77 -12.33
C ASP K 465 -37.19 -2.06 -13.30
N ILE K 466 -38.28 -2.73 -13.65
CA ILE K 466 -39.21 -2.20 -14.64
C ILE K 466 -40.59 -1.94 -14.07
N SER K 467 -40.68 -1.81 -12.75
CA SER K 467 -41.96 -1.54 -12.09
C SER K 467 -42.38 -0.09 -12.27
N THR K 468 -43.67 0.17 -12.07
CA THR K 468 -44.21 1.53 -12.14
C THR K 468 -44.95 1.90 -10.86
N GLU K 469 -44.54 1.31 -9.76
CA GLU K 469 -45.14 1.58 -8.45
C GLU K 469 -44.98 3.05 -8.07
N ILE K 470 -46.06 3.66 -7.60
CA ILE K 470 -46.02 5.05 -7.16
C ILE K 470 -45.07 5.21 -5.98
N TYR K 471 -44.18 6.19 -6.08
CA TYR K 471 -43.16 6.42 -5.08
C TYR K 471 -43.67 7.25 -3.92
N GLN K 472 -43.45 6.77 -2.71
CA GLN K 472 -43.88 7.47 -1.52
C GLN K 472 -42.76 8.33 -0.95
N ALA K 473 -42.91 9.64 -1.09
CA ALA K 473 -41.88 10.56 -0.64
C ALA K 473 -42.12 10.97 0.81
N GLY K 474 -43.40 10.97 1.21
CA GLY K 474 -43.78 11.40 2.55
C GLY K 474 -44.00 10.21 3.48
N SER K 475 -44.72 10.44 4.57
CA SER K 475 -44.99 9.41 5.56
C SER K 475 -46.34 8.75 5.32
N LYS K 476 -47.21 9.45 4.61
CA LYS K 476 -48.54 8.94 4.31
C LYS K 476 -48.49 7.98 3.11
N PRO K 477 -49.09 6.79 3.23
CA PRO K 477 -49.26 5.80 2.19
C PRO K 477 -49.98 6.39 0.98
N CYS K 478 -49.52 6.00 -0.22
CA CYS K 478 -50.09 6.51 -1.46
C CYS K 478 -51.24 5.62 -1.95
N ASN K 479 -51.13 4.33 -1.66
CA ASN K 479 -52.14 3.36 -2.07
C ASN K 479 -52.40 3.40 -3.57
N GLY K 480 -51.35 3.63 -4.35
CA GLY K 480 -51.46 3.60 -5.81
C GLY K 480 -51.97 4.91 -6.39
N VAL K 481 -52.14 5.93 -5.55
CA VAL K 481 -52.67 7.20 -6.01
C VAL K 481 -51.59 8.27 -6.11
N GLU K 482 -51.46 8.86 -7.29
CA GLU K 482 -50.48 9.91 -7.53
C GLU K 482 -50.99 11.26 -7.04
N GLY K 483 -50.11 12.03 -6.41
CA GLY K 483 -50.48 13.34 -5.87
C GLY K 483 -49.37 13.91 -5.00
N PHE K 484 -49.75 14.64 -3.97
CA PHE K 484 -48.77 15.27 -3.09
C PHE K 484 -47.97 14.21 -2.35
N ASN K 485 -46.65 14.31 -2.44
CA ASN K 485 -45.72 13.32 -1.87
C ASN K 485 -45.89 11.89 -2.42
N CYS K 486 -46.54 11.78 -3.59
CA CYS K 486 -46.75 10.49 -4.26
C CYS K 486 -46.47 10.63 -5.75
N TYR K 487 -45.30 10.16 -6.17
CA TYR K 487 -44.80 10.49 -7.50
C TYR K 487 -44.82 9.31 -8.44
N PHE K 488 -45.00 9.58 -9.72
CA PHE K 488 -44.77 8.57 -10.74
C PHE K 488 -43.25 8.47 -10.97
N PRO K 489 -42.68 7.28 -10.79
CA PRO K 489 -41.26 6.99 -10.68
C PRO K 489 -40.46 7.22 -11.96
N LEU K 490 -41.12 7.27 -13.10
CA LEU K 490 -40.43 7.40 -14.37
C LEU K 490 -40.59 8.79 -14.99
N GLN K 491 -39.66 9.14 -15.87
CA GLN K 491 -39.74 10.38 -16.63
C GLN K 491 -39.14 10.20 -18.03
N SER K 492 -39.58 11.02 -18.98
CA SER K 492 -39.11 10.94 -20.36
C SER K 492 -38.02 11.95 -20.66
N TYR K 493 -37.20 11.65 -21.65
CA TYR K 493 -36.17 12.57 -22.10
C TYR K 493 -36.72 13.64 -23.02
N GLY K 494 -37.62 13.25 -23.92
CA GLY K 494 -38.20 14.19 -24.87
C GLY K 494 -37.16 14.72 -25.83
N PHE K 495 -36.42 13.81 -26.46
CA PHE K 495 -35.29 14.19 -27.30
C PHE K 495 -35.72 14.99 -28.51
N GLN K 496 -35.03 16.11 -28.75
CA GLN K 496 -35.28 16.97 -29.90
C GLN K 496 -33.98 17.27 -30.64
N PRO K 497 -34.04 17.39 -31.96
CA PRO K 497 -32.92 17.57 -32.88
C PRO K 497 -32.17 18.87 -32.64
N THR K 498 -32.80 19.80 -31.95
CA THR K 498 -32.20 21.11 -31.72
C THR K 498 -31.63 21.25 -30.31
N ASN K 499 -31.62 20.15 -29.56
CA ASN K 499 -31.07 20.16 -28.21
C ASN K 499 -29.57 20.34 -28.23
N GLY K 500 -29.02 20.85 -27.13
CA GLY K 500 -27.58 20.90 -26.96
C GLY K 500 -27.03 19.49 -26.84
N VAL K 501 -25.73 19.34 -27.07
CA VAL K 501 -25.13 18.00 -27.15
C VAL K 501 -25.37 17.18 -25.89
N GLY K 502 -25.32 17.82 -24.74
CA GLY K 502 -25.50 17.12 -23.47
C GLY K 502 -26.93 16.57 -23.33
N TYR K 503 -27.84 17.08 -24.14
CA TYR K 503 -29.24 16.67 -24.09
C TYR K 503 -29.64 15.87 -25.33
N GLN K 504 -28.67 15.52 -26.14
CA GLN K 504 -28.92 14.65 -27.29
C GLN K 504 -28.83 13.20 -26.86
N PRO K 505 -29.55 12.30 -27.52
CA PRO K 505 -29.58 10.88 -27.26
C PRO K 505 -28.27 10.21 -27.65
N TYR K 506 -27.83 9.30 -26.81
CA TYR K 506 -26.69 8.45 -27.10
C TYR K 506 -27.06 6.99 -26.93
N ARG K 507 -26.66 6.18 -27.90
CA ARG K 507 -26.86 4.75 -27.81
C ARG K 507 -25.66 4.10 -27.16
N VAL K 508 -25.92 3.29 -26.15
CA VAL K 508 -24.85 2.70 -25.36
C VAL K 508 -24.90 1.19 -25.39
N VAL K 509 -23.75 0.58 -25.65
CA VAL K 509 -23.60 -0.86 -25.56
C VAL K 509 -22.52 -1.22 -24.56
N VAL K 510 -22.85 -2.07 -23.60
CA VAL K 510 -21.88 -2.50 -22.60
C VAL K 510 -21.54 -3.97 -22.79
N LEU K 511 -20.27 -4.26 -22.98
CA LEU K 511 -19.82 -5.64 -23.13
C LEU K 511 -19.18 -6.14 -21.85
N SER K 512 -19.82 -7.11 -21.21
CA SER K 512 -19.33 -7.66 -19.96
C SER K 512 -18.70 -9.02 -20.20
N PHE K 513 -17.44 -9.18 -19.80
CA PHE K 513 -16.69 -10.39 -20.11
C PHE K 513 -16.66 -11.34 -18.91
N GLU K 514 -17.35 -12.47 -19.05
CA GLU K 514 -17.45 -13.44 -17.98
C GLU K 514 -16.31 -14.44 -18.07
N LEU K 515 -15.45 -14.43 -17.06
CA LEU K 515 -14.31 -15.35 -17.02
C LEU K 515 -14.37 -16.21 -15.76
N LEU K 516 -14.53 -17.52 -15.95
CA LEU K 516 -14.68 -18.47 -14.84
C LEU K 516 -13.60 -19.53 -14.89
N ALA K 518 -13.91 -22.74 -16.00
CA ALA K 518 -14.81 -23.34 -16.98
C ALA K 518 -14.19 -23.23 -18.39
N PRO K 519 -14.65 -24.05 -19.36
CA PRO K 519 -14.33 -23.97 -20.79
C PRO K 519 -14.77 -22.64 -21.37
N ALA K 520 -13.90 -22.05 -22.18
CA ALA K 520 -14.24 -20.83 -22.87
C ALA K 520 -15.06 -21.14 -24.11
N THR K 521 -15.96 -20.23 -24.47
CA THR K 521 -16.77 -20.44 -25.66
C THR K 521 -16.62 -19.29 -26.65
N VAL K 522 -16.09 -18.16 -26.16
CA VAL K 522 -15.86 -17.02 -27.02
C VAL K 522 -14.38 -16.64 -27.03
N CYS K 523 -13.75 -16.74 -28.20
CA CYS K 523 -12.33 -16.46 -28.35
C CYS K 523 -12.09 -15.48 -29.48
N GLY K 524 -11.00 -14.72 -29.39
CA GLY K 524 -10.62 -13.83 -30.46
C GLY K 524 -10.15 -14.62 -31.67
N PRO K 525 -10.00 -13.97 -32.83
CA PRO K 525 -9.65 -14.51 -34.12
C PRO K 525 -8.16 -14.76 -34.26
N LYS K 526 -7.61 -15.54 -33.34
CA LYS K 526 -6.19 -15.89 -33.40
C LYS K 526 -6.01 -17.22 -34.12
N LYS K 527 -5.01 -17.29 -34.97
CA LYS K 527 -4.75 -18.51 -35.73
C LYS K 527 -3.94 -19.49 -34.91
N SER K 528 -4.29 -20.76 -35.01
CA SER K 528 -3.59 -21.82 -34.29
C SER K 528 -2.35 -22.27 -35.06
N THR K 529 -1.42 -22.87 -34.33
CA THR K 529 -0.21 -23.40 -34.90
C THR K 529 -0.11 -24.90 -34.65
N ASN K 530 0.94 -25.52 -35.16
CA ASN K 530 1.17 -26.93 -34.90
C ASN K 530 1.58 -27.16 -33.45
N LEU K 531 1.21 -28.32 -32.91
CA LEU K 531 1.58 -28.67 -31.56
C LEU K 531 3.02 -29.20 -31.51
N VAL K 532 3.81 -28.65 -30.59
CA VAL K 532 5.21 -29.04 -30.45
C VAL K 532 5.47 -29.62 -29.07
N LYS K 533 6.07 -30.81 -29.04
CA LYS K 533 6.33 -31.50 -27.79
C LYS K 533 7.82 -31.76 -27.57
N ASN K 534 8.18 -31.96 -26.30
CA ASN K 534 9.54 -32.32 -25.90
C ASN K 534 10.54 -31.18 -26.11
N LYS K 535 10.04 -29.97 -26.26
CA LYS K 535 10.88 -28.79 -26.37
C LYS K 535 10.33 -27.66 -25.52
N CYS K 536 11.22 -26.77 -25.06
CA CYS K 536 10.81 -25.59 -24.31
C CYS K 536 10.13 -24.59 -25.23
N VAL K 537 8.84 -24.34 -25.00
CA VAL K 537 8.08 -23.45 -25.87
C VAL K 537 7.24 -22.46 -25.07
N ASN K 538 6.81 -21.41 -25.75
CA ASN K 538 5.76 -20.54 -25.23
C ASN K 538 4.44 -21.03 -25.78
N PHE K 539 3.49 -21.27 -24.91
CA PHE K 539 2.21 -21.81 -25.37
C PHE K 539 1.03 -20.94 -25.00
N ASN K 540 -0.05 -21.09 -25.76
CA ASN K 540 -1.31 -20.44 -25.46
C ASN K 540 -2.48 -21.39 -25.74
N PHE K 541 -3.07 -21.93 -24.67
CA PHE K 541 -4.19 -22.85 -24.80
C PHE K 541 -5.49 -22.17 -24.36
N ASN K 542 -6.30 -21.78 -25.33
CA ASN K 542 -7.55 -21.08 -25.05
C ASN K 542 -7.36 -19.91 -24.10
N GLY K 543 -6.30 -19.14 -24.30
CA GLY K 543 -6.07 -17.96 -23.48
C GLY K 543 -5.13 -18.23 -22.31
N LEU K 544 -4.85 -19.51 -22.06
CA LEU K 544 -3.93 -19.89 -20.99
C LEU K 544 -2.50 -19.87 -21.49
N THR K 545 -1.72 -18.94 -20.97
CA THR K 545 -0.37 -18.74 -21.48
C THR K 545 0.68 -19.13 -20.45
N GLY K 546 1.84 -19.55 -20.95
CA GLY K 546 2.96 -19.89 -20.09
C GLY K 546 4.12 -20.46 -20.89
N THR K 547 5.17 -20.86 -20.19
CA THR K 547 6.35 -21.42 -20.82
C THR K 547 6.69 -22.76 -20.21
N GLY K 548 7.03 -23.74 -21.04
CA GLY K 548 7.39 -25.05 -20.54
C GLY K 548 7.49 -26.09 -21.64
N VAL K 549 7.86 -27.30 -21.27
CA VAL K 549 7.95 -28.43 -22.17
C VAL K 549 6.68 -29.25 -22.11
N LEU K 550 6.11 -29.53 -23.27
CA LEU K 550 4.87 -30.29 -23.33
C LEU K 550 5.14 -31.74 -23.72
N THR K 551 4.59 -32.67 -22.94
CA THR K 551 4.76 -34.09 -23.22
C THR K 551 3.43 -34.82 -23.08
N GLU K 552 3.35 -36.03 -23.64
CA GLU K 552 2.16 -36.84 -23.48
C GLU K 552 1.96 -37.17 -22.00
N SER K 553 0.73 -37.00 -21.53
CA SER K 553 0.42 -37.24 -20.12
C SER K 553 -0.09 -38.64 -19.88
N ASN K 554 0.19 -39.16 -18.68
CA ASN K 554 -0.38 -40.43 -18.25
C ASN K 554 -1.53 -40.20 -17.28
N LYS K 555 -1.96 -38.95 -17.14
CA LYS K 555 -3.02 -38.59 -16.23
C LYS K 555 -4.38 -38.94 -16.82
N LYS K 556 -5.16 -39.70 -16.09
CA LYS K 556 -6.45 -40.16 -16.57
C LYS K 556 -7.54 -39.12 -16.38
N PHE K 557 -7.53 -38.11 -17.25
CA PHE K 557 -8.55 -37.08 -17.20
C PHE K 557 -9.91 -37.64 -17.55
N LEU K 558 -10.94 -37.18 -16.85
CA LEU K 558 -12.30 -37.53 -17.21
C LEU K 558 -12.76 -36.61 -18.33
N PRO K 559 -13.69 -37.05 -19.18
CA PRO K 559 -14.18 -36.38 -20.37
C PRO K 559 -14.55 -34.91 -20.17
N PHE K 560 -14.93 -34.56 -18.95
CA PHE K 560 -15.37 -33.19 -18.67
C PHE K 560 -14.23 -32.28 -18.21
N GLN K 561 -13.10 -32.88 -17.83
CA GLN K 561 -11.98 -32.13 -17.25
C GLN K 561 -11.08 -31.55 -18.34
N GLN K 562 -10.69 -30.29 -18.18
CA GLN K 562 -9.95 -29.59 -19.22
C GLN K 562 -8.48 -29.34 -18.86
N PHE K 563 -8.20 -29.24 -17.57
CA PHE K 563 -6.83 -28.96 -17.12
C PHE K 563 -6.63 -29.40 -15.68
N GLY K 564 -5.38 -29.61 -15.29
CA GLY K 564 -5.04 -29.94 -13.91
C GLY K 564 -4.37 -28.76 -13.22
N ARG K 565 -4.38 -28.78 -11.89
CA ARG K 565 -3.77 -27.69 -11.11
C ARG K 565 -2.87 -28.20 -10.00
N ASP K 566 -1.83 -27.42 -9.71
CA ASP K 566 -0.92 -27.70 -8.60
C ASP K 566 -1.34 -26.91 -7.35
N ILE K 567 -0.61 -27.08 -6.26
CA ILE K 567 -0.92 -26.41 -5.01
C ILE K 567 -0.61 -24.91 -5.06
N ALA K 568 0.18 -24.52 -6.05
CA ALA K 568 0.54 -23.12 -6.25
C ALA K 568 -0.47 -22.41 -7.13
N ASP K 569 -1.56 -23.11 -7.46
CA ASP K 569 -2.59 -22.60 -8.35
C ASP K 569 -2.06 -22.37 -9.76
N THR K 570 -1.19 -23.26 -10.19
CA THR K 570 -0.67 -23.21 -11.55
C THR K 570 -1.14 -24.44 -12.32
N THR K 571 -1.16 -24.34 -13.64
CA THR K 571 -1.59 -25.45 -14.47
C THR K 571 -0.44 -26.39 -14.77
N ASP K 572 -0.65 -27.68 -14.58
CA ASP K 572 0.41 -28.67 -14.80
C ASP K 572 0.00 -29.68 -15.85
N ALA K 573 -1.16 -29.48 -16.44
CA ALA K 573 -1.65 -30.35 -17.50
C ALA K 573 -2.84 -29.70 -18.18
N VAL K 574 -2.93 -29.85 -19.49
CA VAL K 574 -4.06 -29.32 -20.25
C VAL K 574 -4.60 -30.31 -21.25
N ARG K 575 -5.85 -30.15 -21.60
CA ARG K 575 -6.43 -30.84 -22.74
C ARG K 575 -6.33 -29.96 -23.97
N ASP K 576 -5.73 -30.48 -25.02
CA ASP K 576 -5.61 -29.75 -26.28
C ASP K 576 -6.99 -29.57 -26.91
N PRO K 577 -7.39 -28.32 -27.20
CA PRO K 577 -8.70 -27.91 -27.66
C PRO K 577 -9.06 -28.47 -29.03
N GLN K 578 -8.09 -29.02 -29.76
CA GLN K 578 -8.38 -29.54 -31.09
C GLN K 578 -8.28 -31.07 -31.14
N THR K 579 -7.29 -31.64 -30.45
CA THR K 579 -7.10 -33.08 -30.49
C THR K 579 -7.67 -33.77 -29.26
N LEU K 580 -7.97 -32.98 -28.23
CA LEU K 580 -8.45 -33.50 -26.96
C LEU K 580 -7.44 -34.39 -26.27
N GLU K 581 -6.18 -34.29 -26.70
CA GLU K 581 -5.06 -34.98 -26.10
C GLU K 581 -4.66 -34.32 -24.78
N ILE K 582 -4.26 -35.14 -23.80
CA ILE K 582 -3.82 -34.59 -22.53
C ILE K 582 -2.31 -34.43 -22.49
N LEU K 583 -1.86 -33.21 -22.21
CA LEU K 583 -0.45 -32.89 -22.18
C LEU K 583 0.00 -32.45 -20.80
N ASP K 584 1.17 -32.92 -20.38
CA ASP K 584 1.78 -32.46 -19.14
C ASP K 584 2.60 -31.21 -19.38
N ILE K 585 2.59 -30.29 -18.44
CA ILE K 585 3.40 -29.09 -18.56
C ILE K 585 4.51 -29.06 -17.54
N THR K 586 5.75 -29.11 -18.03
CA THR K 586 6.92 -29.11 -17.18
C THR K 586 7.74 -27.84 -17.43
N PRO K 587 8.12 -27.10 -16.39
CA PRO K 587 8.86 -25.86 -16.48
C PRO K 587 10.22 -26.12 -17.11
N CYS K 588 10.70 -25.15 -17.90
CA CYS K 588 11.97 -25.27 -18.60
C CYS K 588 13.12 -25.26 -17.62
N SER K 589 14.14 -26.07 -17.88
CA SER K 589 15.22 -26.28 -16.93
C SER K 589 15.82 -24.98 -16.44
N PHE K 590 16.06 -24.93 -15.13
CA PHE K 590 16.66 -23.77 -14.49
C PHE K 590 17.42 -24.23 -13.27
N GLY K 591 18.30 -23.37 -12.76
CA GLY K 591 19.03 -23.68 -11.55
C GLY K 591 20.08 -22.63 -11.25
N GLY K 592 20.78 -22.79 -10.14
CA GLY K 592 21.80 -21.83 -9.75
C GLY K 592 23.14 -22.14 -10.41
N VAL K 593 23.98 -21.11 -10.51
CA VAL K 593 25.33 -21.27 -10.99
C VAL K 593 26.34 -20.83 -9.94
N SER K 594 27.21 -21.74 -9.54
CA SER K 594 28.23 -21.44 -8.55
C SER K 594 29.62 -21.50 -9.14
N VAL K 595 30.47 -20.57 -8.74
CA VAL K 595 31.84 -20.53 -9.20
C VAL K 595 32.78 -21.00 -8.10
N ILE K 596 33.55 -22.03 -8.42
CA ILE K 596 34.52 -22.60 -7.50
C ILE K 596 35.89 -22.03 -7.78
N THR K 597 36.48 -21.42 -6.78
CA THR K 597 37.76 -20.77 -7.03
C THR K 597 38.68 -20.87 -5.83
N PRO K 598 39.99 -20.97 -6.07
CA PRO K 598 41.06 -20.67 -5.16
C PRO K 598 41.15 -19.17 -5.05
N GLY K 599 41.86 -18.66 -4.08
CA GLY K 599 41.94 -17.22 -3.97
C GLY K 599 42.57 -16.61 -5.22
N THR K 600 42.17 -15.39 -5.55
CA THR K 600 42.80 -14.66 -6.65
C THR K 600 44.25 -14.27 -6.32
N ASN K 601 44.63 -14.49 -5.05
CA ASN K 601 45.99 -14.35 -4.55
C ASN K 601 46.86 -15.54 -4.98
N THR K 602 46.22 -16.59 -5.52
CA THR K 602 46.89 -17.82 -5.97
C THR K 602 46.73 -18.05 -7.47
N SER K 603 45.51 -17.98 -7.96
CA SER K 603 45.22 -18.32 -9.35
C SER K 603 43.96 -17.64 -9.86
N ASN K 604 43.85 -17.53 -11.19
CA ASN K 604 42.66 -16.99 -11.81
C ASN K 604 41.83 -18.07 -12.50
N GLN K 605 42.14 -19.34 -12.20
CA GLN K 605 41.38 -20.46 -12.73
C GLN K 605 40.14 -20.70 -11.91
N VAL K 606 39.02 -21.01 -12.57
CA VAL K 606 37.81 -21.35 -11.85
C VAL K 606 37.13 -22.57 -12.44
N ALA K 607 36.26 -23.19 -11.65
CA ALA K 607 35.37 -24.23 -12.13
C ALA K 607 33.93 -23.81 -11.89
N VAL K 608 33.02 -24.26 -12.73
CA VAL K 608 31.64 -23.83 -12.60
C VAL K 608 30.70 -25.01 -12.34
N LEU K 609 29.89 -24.88 -11.30
CA LEU K 609 28.90 -25.88 -10.95
C LEU K 609 27.50 -25.43 -11.34
N TYR K 610 26.84 -26.24 -12.16
CA TYR K 610 25.45 -25.98 -12.53
C TYR K 610 24.55 -26.84 -11.68
N GLN K 611 23.84 -26.22 -10.75
CA GLN K 611 23.17 -26.94 -9.70
C GLN K 611 21.88 -27.61 -10.15
N GLY K 612 21.75 -28.90 -9.84
CA GLY K 612 20.52 -29.65 -10.07
C GLY K 612 20.24 -29.94 -11.53
N VAL K 613 21.28 -29.99 -12.36
CA VAL K 613 21.08 -30.20 -13.78
C VAL K 613 22.03 -31.25 -14.33
N ASN K 614 21.61 -31.93 -15.40
CA ASN K 614 22.45 -32.84 -16.17
C ASN K 614 23.49 -32.07 -16.98
N CYS K 615 24.65 -32.68 -17.19
CA CYS K 615 25.72 -32.08 -18.00
C CYS K 615 25.33 -32.00 -19.47
N THR K 616 24.25 -32.68 -19.83
CA THR K 616 23.78 -32.70 -21.21
C THR K 616 22.98 -31.46 -21.55
N GLU K 617 22.55 -30.72 -20.53
CA GLU K 617 21.70 -29.56 -20.73
C GLU K 617 22.45 -28.25 -20.55
N VAL K 618 23.74 -28.33 -20.24
CA VAL K 618 24.52 -27.15 -19.93
C VAL K 618 24.69 -26.16 -21.10
N PRO K 619 25.05 -26.59 -22.34
CA PRO K 619 25.27 -25.76 -23.51
C PRO K 619 23.95 -25.41 -24.19
N ASN K 639 36.78 -31.54 -19.06
CA ASN K 639 36.62 -31.63 -17.61
C ASN K 639 35.15 -31.47 -17.22
N VAL K 640 34.31 -32.41 -17.63
CA VAL K 640 32.89 -32.41 -17.29
C VAL K 640 32.54 -33.60 -16.38
N PHE K 641 32.15 -33.29 -15.16
CA PHE K 641 31.90 -34.31 -14.14
C PHE K 641 30.52 -34.15 -13.51
N GLN K 642 29.72 -35.21 -13.55
CA GLN K 642 28.37 -35.16 -13.00
C GLN K 642 28.36 -35.57 -11.53
N THR K 643 27.82 -34.70 -10.69
CA THR K 643 27.70 -34.97 -9.26
C THR K 643 26.25 -34.86 -8.82
N ARG K 644 25.96 -35.27 -7.59
CA ARG K 644 24.60 -35.16 -7.05
C ARG K 644 24.21 -33.71 -6.84
N ALA K 645 25.20 -32.83 -6.75
CA ALA K 645 24.95 -31.41 -6.56
C ALA K 645 24.63 -30.72 -7.88
N GLY K 646 24.98 -31.38 -8.99
CA GLY K 646 24.84 -30.76 -10.31
C GLY K 646 26.04 -31.11 -11.19
N CYS K 647 26.18 -30.37 -12.30
CA CYS K 647 27.25 -30.61 -13.26
C CYS K 647 28.44 -29.70 -13.00
N LEU K 648 29.59 -30.30 -12.75
CA LEU K 648 30.80 -29.55 -12.45
C LEU K 648 31.73 -29.51 -13.66
N ILE K 649 32.00 -28.31 -14.16
CA ILE K 649 32.82 -28.16 -15.35
C ILE K 649 34.06 -27.31 -15.10
N GLY K 650 35.22 -27.84 -15.47
CA GLY K 650 36.47 -27.11 -15.31
C GLY K 650 37.38 -27.78 -14.28
N ALA K 651 36.85 -28.75 -13.56
CA ALA K 651 37.64 -29.47 -12.57
C ALA K 651 37.89 -30.90 -13.05
N GLU K 652 39.13 -31.34 -12.87
CA GLU K 652 39.49 -32.70 -13.24
C GLU K 652 39.20 -33.69 -12.12
N HIS K 653 38.38 -34.68 -12.40
CA HIS K 653 38.04 -35.68 -11.41
C HIS K 653 39.16 -36.69 -11.24
N VAL K 654 39.52 -36.98 -10.00
CA VAL K 654 40.57 -37.94 -9.70
C VAL K 654 40.06 -39.02 -8.75
N ASN K 655 40.77 -40.15 -8.69
CA ASN K 655 40.40 -41.28 -7.84
C ASN K 655 41.10 -41.23 -6.48
N ASN K 656 41.86 -40.17 -6.23
CA ASN K 656 42.56 -40.00 -4.96
C ASN K 656 41.68 -39.30 -3.95
N SER K 657 41.86 -39.62 -2.68
CA SER K 657 41.09 -38.99 -1.62
C SER K 657 41.96 -38.03 -0.82
N TYR K 658 41.45 -36.84 -0.59
CA TYR K 658 42.16 -35.82 0.17
C TYR K 658 41.25 -35.22 1.22
N GLU K 659 41.82 -34.47 2.14
CA GLU K 659 41.02 -33.68 3.06
C GLU K 659 40.21 -32.67 2.26
N CYS K 660 38.99 -32.38 2.71
CA CYS K 660 38.11 -31.45 2.00
C CYS K 660 38.64 -30.04 2.05
N ASP K 661 38.65 -29.38 0.88
CA ASP K 661 39.09 -28.01 0.78
C ASP K 661 37.90 -27.10 0.49
N ILE K 662 37.44 -27.12 -0.75
CA ILE K 662 36.21 -26.43 -1.10
C ILE K 662 35.09 -27.46 -1.31
N PRO K 663 34.08 -27.49 -0.44
CA PRO K 663 33.01 -28.46 -0.42
C PRO K 663 32.09 -28.26 -1.61
N ILE K 664 31.71 -29.36 -2.26
CA ILE K 664 30.76 -29.30 -3.36
C ILE K 664 29.42 -29.88 -2.90
N GLY K 665 29.48 -31.06 -2.29
CA GLY K 665 28.29 -31.73 -1.78
C GLY K 665 28.33 -33.22 -2.04
N ALA K 666 27.63 -33.98 -1.21
CA ALA K 666 27.54 -35.43 -1.35
C ALA K 666 28.91 -36.09 -1.36
N GLY K 667 29.80 -35.60 -0.52
CA GLY K 667 31.11 -36.21 -0.35
C GLY K 667 32.16 -35.66 -1.31
N ILE K 668 31.73 -34.87 -2.28
CA ILE K 668 32.64 -34.33 -3.27
C ILE K 668 33.18 -32.97 -2.85
N CYS K 669 34.49 -32.80 -2.97
CA CYS K 669 35.18 -31.54 -2.69
C CYS K 669 36.11 -31.20 -3.85
N ALA K 670 36.51 -29.94 -3.92
CA ALA K 670 37.43 -29.48 -4.95
C ALA K 670 38.63 -28.78 -4.33
N SER K 671 39.76 -28.83 -5.02
CA SER K 671 40.97 -28.15 -4.55
C SER K 671 41.87 -27.77 -5.71
N TYR K 672 42.80 -26.86 -5.44
CA TYR K 672 43.77 -26.44 -6.44
C TYR K 672 45.10 -27.15 -6.22
N GLN K 673 45.53 -27.94 -7.22
CA GLN K 673 46.74 -28.77 -7.12
C GLN K 673 47.61 -28.59 -8.35
N GLN K 688 49.60 -26.34 -12.39
CA GLN K 688 48.57 -26.64 -11.39
C GLN K 688 47.16 -26.35 -11.95
N SER K 689 46.19 -27.14 -11.51
CA SER K 689 44.80 -27.02 -11.96
C SER K 689 43.82 -27.42 -10.85
N ILE K 690 42.54 -27.17 -11.10
CA ILE K 690 41.49 -27.52 -10.14
C ILE K 690 41.05 -28.96 -10.33
N ILE K 691 40.95 -29.70 -9.22
CA ILE K 691 40.52 -31.09 -9.26
C ILE K 691 39.30 -31.31 -8.39
N ALA K 692 38.58 -32.40 -8.66
CA ALA K 692 37.47 -32.83 -7.85
C ALA K 692 37.69 -34.25 -7.35
N TYR K 693 37.29 -34.50 -6.12
CA TYR K 693 37.56 -35.80 -5.51
C TYR K 693 36.56 -36.13 -4.41
N THR K 694 36.50 -37.40 -4.03
CA THR K 694 35.77 -37.81 -2.85
C THR K 694 36.61 -37.53 -1.61
N MET K 695 36.03 -36.86 -0.63
CA MET K 695 36.79 -36.43 0.53
C MET K 695 37.14 -37.60 1.43
N SER K 696 38.32 -37.51 2.05
CA SER K 696 38.75 -38.47 3.04
C SER K 696 38.22 -38.08 4.41
N LEU K 697 37.93 -39.08 5.23
CA LEU K 697 37.43 -38.81 6.57
C LEU K 697 38.55 -38.84 7.60
N GLY K 698 39.77 -39.11 7.13
CA GLY K 698 40.91 -39.21 8.00
C GLY K 698 41.76 -40.43 7.66
N ALA K 699 42.89 -40.56 8.32
CA ALA K 699 43.80 -41.67 8.08
C ALA K 699 43.18 -42.98 8.53
N GLU K 700 43.42 -44.04 7.78
CA GLU K 700 42.94 -45.37 8.17
C GLU K 700 43.90 -46.00 9.17
N ASN K 701 43.33 -46.59 10.22
CA ASN K 701 44.12 -47.20 11.27
C ASN K 701 43.42 -48.40 11.88
N SER K 702 44.18 -49.41 12.28
CA SER K 702 43.61 -50.57 12.94
C SER K 702 44.09 -50.63 14.39
N VAL K 703 43.15 -50.65 15.32
CA VAL K 703 43.47 -50.70 16.74
C VAL K 703 43.94 -52.09 17.13
N ALA K 704 45.01 -52.16 17.91
CA ALA K 704 45.58 -53.44 18.32
C ALA K 704 44.69 -54.10 19.38
N CYS K 705 43.54 -54.58 18.94
CA CYS K 705 42.50 -55.11 19.82
C CYS K 705 42.83 -56.55 20.23
N SER K 706 42.88 -56.79 21.54
CA SER K 706 43.27 -58.11 22.06
C SER K 706 42.61 -58.39 23.41
N ASN K 707 42.73 -59.64 23.88
CA ASN K 707 42.08 -60.06 25.14
C ASN K 707 43.09 -60.32 26.27
N ASN K 708 44.40 -60.10 26.01
CA ASN K 708 45.42 -60.38 27.02
C ASN K 708 46.61 -59.43 26.95
N SER K 709 46.44 -58.30 26.27
CA SER K 709 47.55 -57.37 26.10
C SER K 709 47.11 -55.94 26.33
N ILE K 710 47.96 -55.16 27.00
CA ILE K 710 47.66 -53.77 27.30
C ILE K 710 48.79 -52.86 26.84
N ALA K 711 48.44 -51.70 26.30
CA ALA K 711 49.44 -50.72 25.92
C ALA K 711 49.56 -49.63 26.99
N ILE K 712 50.79 -49.38 27.42
CA ILE K 712 51.04 -48.38 28.45
C ILE K 712 52.12 -47.39 28.01
N PRO K 713 51.82 -46.08 28.04
CA PRO K 713 52.70 -44.97 27.77
C PRO K 713 53.94 -45.02 28.63
N THR K 714 55.10 -44.83 28.02
CA THR K 714 56.35 -44.73 28.77
C THR K 714 56.86 -43.29 28.83
N ASN K 715 56.21 -42.40 28.09
CA ASN K 715 56.58 -40.99 28.00
C ASN K 715 55.32 -40.14 27.83
N PHE K 716 55.50 -38.83 27.77
CA PHE K 716 54.39 -37.90 27.58
C PHE K 716 54.88 -36.59 26.97
N THR K 717 53.95 -35.80 26.47
CA THR K 717 54.25 -34.46 26.01
C THR K 717 53.29 -33.45 26.61
N ILE K 718 53.75 -32.22 26.76
CA ILE K 718 52.90 -31.14 27.21
C ILE K 718 52.43 -30.31 26.03
N SER K 719 51.12 -30.31 25.81
CA SER K 719 50.55 -29.64 24.66
C SER K 719 49.84 -28.36 25.07
N VAL K 720 49.97 -27.33 24.25
CA VAL K 720 49.22 -26.10 24.45
C VAL K 720 48.41 -25.77 23.21
N THR K 721 47.10 -25.64 23.39
CA THR K 721 46.23 -25.32 22.27
C THR K 721 45.41 -24.07 22.55
N THR K 722 44.94 -23.45 21.48
CA THR K 722 44.19 -22.21 21.60
C THR K 722 42.72 -22.39 21.28
N GLU K 723 41.87 -21.82 22.12
CA GLU K 723 40.44 -21.78 21.85
C GLU K 723 39.93 -20.34 21.85
N ILE K 724 39.25 -19.95 20.79
CA ILE K 724 38.80 -18.58 20.63
C ILE K 724 37.29 -18.47 20.66
N LEU K 725 36.77 -17.62 21.54
CA LEU K 725 35.34 -17.40 21.65
C LEU K 725 34.99 -15.91 21.55
N PRO K 726 33.93 -15.57 20.81
CA PRO K 726 33.24 -14.29 20.82
C PRO K 726 32.57 -14.06 22.17
N VAL K 727 32.62 -12.82 22.64
CA VAL K 727 31.96 -12.44 23.87
C VAL K 727 30.92 -11.36 23.66
N SER K 728 31.24 -10.38 22.82
CA SER K 728 30.34 -9.24 22.64
C SER K 728 30.32 -8.70 21.22
N MET K 729 29.30 -7.94 20.91
CA MET K 729 29.17 -7.23 19.64
C MET K 729 29.40 -5.74 19.85
N THR K 730 29.58 -5.03 18.74
CA THR K 730 29.55 -3.57 18.77
C THR K 730 28.16 -3.10 19.16
N LYS K 731 28.08 -2.16 20.08
CA LYS K 731 26.80 -1.65 20.54
C LYS K 731 26.30 -0.52 19.66
N THR K 732 25.32 -0.83 18.83
CA THR K 732 24.80 0.17 17.93
C THR K 732 23.48 0.71 18.43
N SER K 733 23.11 1.88 17.95
CA SER K 733 21.82 2.46 18.24
C SER K 733 21.30 3.21 17.03
N VAL K 734 20.07 2.94 16.64
CA VAL K 734 19.47 3.61 15.51
C VAL K 734 18.23 4.36 15.94
N ASP K 735 18.22 5.66 15.74
CA ASP K 735 17.04 6.45 16.04
C ASP K 735 16.04 6.30 14.91
N CYS K 736 14.95 5.60 15.19
CA CYS K 736 13.95 5.24 14.18
C CYS K 736 13.47 6.46 13.40
N THR K 737 13.09 7.51 14.12
CA THR K 737 12.51 8.68 13.47
C THR K 737 13.49 9.34 12.51
N MET K 738 14.74 9.53 12.94
CA MET K 738 15.70 10.20 12.08
C MET K 738 16.08 9.36 10.87
N TYR K 739 16.20 8.04 11.06
CA TYR K 739 16.52 7.16 9.94
C TYR K 739 15.46 7.26 8.85
N ILE K 740 14.20 7.21 9.26
CA ILE K 740 13.08 7.21 8.32
C ILE K 740 12.81 8.59 7.71
N CYS K 741 12.78 9.64 8.55
CA CYS K 741 12.27 10.94 8.15
C CYS K 741 13.35 12.02 8.09
N GLY K 742 14.53 11.74 8.62
CA GLY K 742 15.55 12.78 8.72
C GLY K 742 15.03 13.93 9.58
N ASP K 743 15.10 15.14 9.04
CA ASP K 743 14.63 16.32 9.77
C ASP K 743 13.34 16.88 9.18
N SER K 744 12.62 16.05 8.43
CA SER K 744 11.35 16.45 7.83
C SER K 744 10.20 16.32 8.81
N THR K 745 9.48 17.42 9.03
CA THR K 745 8.37 17.43 9.96
C THR K 745 7.11 16.87 9.31
N GLU K 746 7.03 16.97 7.99
CA GLU K 746 5.90 16.38 7.26
C GLU K 746 5.92 14.87 7.36
N CYS K 747 7.11 14.28 7.22
CA CYS K 747 7.30 12.84 7.35
C CYS K 747 7.04 12.39 8.79
N SER K 748 7.59 13.14 9.74
CA SER K 748 7.45 12.78 11.15
C SER K 748 5.98 12.68 11.55
N ASN K 749 5.17 13.63 11.10
CA ASN K 749 3.76 13.62 11.42
C ASN K 749 3.02 12.44 10.80
N LEU K 750 3.46 12.02 9.62
CA LEU K 750 2.89 10.83 8.99
C LEU K 750 3.31 9.57 9.72
N LEU K 751 4.54 9.57 10.23
CA LEU K 751 5.08 8.43 10.94
C LEU K 751 4.28 8.14 12.21
N LEU K 752 3.71 9.17 12.81
CA LEU K 752 2.91 9.02 14.02
C LEU K 752 1.69 8.14 13.83
N GLN K 753 1.25 7.99 12.58
CA GLN K 753 0.06 7.21 12.29
C GLN K 753 0.30 5.72 12.49
N TYR K 754 1.57 5.34 12.64
CA TYR K 754 1.95 3.94 12.76
C TYR K 754 2.03 3.50 14.21
N GLY K 755 1.76 4.42 15.13
CA GLY K 755 1.75 4.06 16.54
C GLY K 755 3.15 3.99 17.14
N SER K 756 3.43 2.91 17.85
CA SER K 756 4.64 2.80 18.65
C SER K 756 5.73 1.95 18.01
N PHE K 757 5.62 1.66 16.72
CA PHE K 757 6.62 0.81 16.07
C PHE K 757 8.05 1.30 16.33
N CYS K 758 8.28 2.61 16.24
CA CYS K 758 9.60 3.19 16.46
C CYS K 758 10.07 3.05 17.90
N THR K 759 9.13 3.11 18.84
CA THR K 759 9.47 2.93 20.24
C THR K 759 9.92 1.49 20.49
N GLN K 760 9.23 0.55 19.86
CA GLN K 760 9.56 -0.86 20.01
C GLN K 760 10.95 -1.16 19.46
N LEU K 761 11.28 -0.55 18.33
CA LEU K 761 12.56 -0.78 17.68
C LEU K 761 13.70 -0.18 18.47
N ASN K 762 13.49 1.02 19.01
CA ASN K 762 14.52 1.66 19.81
C ASN K 762 14.77 0.87 21.09
N ARG K 763 13.70 0.32 21.64
CA ARG K 763 13.77 -0.47 22.86
C ARG K 763 14.53 -1.77 22.66
N ALA K 764 14.27 -2.44 21.54
CA ALA K 764 14.93 -3.71 21.25
C ALA K 764 16.44 -3.53 21.10
N LEU K 765 16.86 -2.46 20.44
CA LEU K 765 18.28 -2.21 20.25
C LEU K 765 18.96 -1.81 21.56
N THR K 766 18.21 -1.12 22.41
CA THR K 766 18.71 -0.75 23.72
C THR K 766 18.99 -2.00 24.56
N GLY K 767 18.06 -2.95 24.51
CA GLY K 767 18.20 -4.20 25.24
C GLY K 767 19.45 -4.96 24.80
N ILE K 768 19.73 -4.97 23.50
CA ILE K 768 20.91 -5.63 22.99
C ILE K 768 22.18 -4.95 23.49
N ALA K 769 22.20 -3.63 23.43
CA ALA K 769 23.38 -2.87 23.86
C ALA K 769 23.71 -3.14 25.32
N VAL K 770 22.70 -3.20 26.17
CA VAL K 770 22.92 -3.45 27.59
C VAL K 770 23.47 -4.86 27.81
N GLU K 771 22.93 -5.82 27.07
CA GLU K 771 23.37 -7.20 27.16
C GLU K 771 24.85 -7.36 26.84
N GLN K 772 25.37 -6.55 25.93
CA GLN K 772 26.77 -6.70 25.52
C GLN K 772 27.72 -6.41 26.67
N ASP K 773 27.33 -5.51 27.57
CA ASP K 773 28.15 -5.21 28.74
C ASP K 773 28.02 -6.31 29.78
N LYS K 774 26.81 -6.87 29.87
CA LYS K 774 26.58 -7.99 30.76
C LYS K 774 27.42 -9.20 30.35
N ASN K 775 27.52 -9.44 29.05
CA ASN K 775 28.29 -10.56 28.53
C ASN K 775 29.75 -10.45 28.96
N THR K 776 30.33 -9.27 28.80
CA THR K 776 31.72 -9.04 29.13
C THR K 776 31.96 -9.23 30.63
N GLN K 777 31.06 -8.70 31.44
CA GLN K 777 31.19 -8.79 32.88
C GLN K 777 31.15 -10.24 33.35
N GLU K 778 30.24 -11.03 32.78
CA GLU K 778 30.09 -12.42 33.17
C GLU K 778 31.34 -13.25 32.89
N VAL K 779 32.06 -12.90 31.83
CA VAL K 779 33.27 -13.63 31.47
C VAL K 779 34.49 -13.21 32.26
N PHE K 780 34.72 -11.90 32.39
CA PHE K 780 36.00 -11.43 32.91
C PHE K 780 35.96 -11.05 34.40
N ALA K 781 34.83 -10.56 34.89
CA ALA K 781 34.76 -10.09 36.26
C ALA K 781 34.39 -11.23 37.21
N GLN K 782 35.23 -12.26 37.25
CA GLN K 782 34.99 -13.42 38.09
C GLN K 782 35.90 -13.45 39.30
N VAL K 783 36.66 -12.39 39.49
CA VAL K 783 37.56 -12.30 40.63
C VAL K 783 37.21 -11.08 41.47
N LYS K 784 37.16 -11.27 42.78
CA LYS K 784 36.77 -10.19 43.69
C LYS K 784 37.92 -9.22 43.92
N GLN K 785 39.14 -9.73 43.92
CA GLN K 785 40.31 -8.92 44.16
C GLN K 785 41.16 -8.81 42.91
N ILE K 786 41.79 -7.66 42.72
CA ILE K 786 42.67 -7.47 41.59
C ILE K 786 44.10 -7.78 41.98
N TYR K 787 44.59 -8.92 41.51
CA TYR K 787 45.90 -9.41 41.89
C TYR K 787 46.96 -8.95 40.93
N LYS K 788 48.18 -8.82 41.42
CA LYS K 788 49.33 -8.55 40.57
C LYS K 788 50.42 -9.57 40.84
N THR K 789 51.24 -9.85 39.83
CA THR K 789 52.36 -10.77 39.98
C THR K 789 53.49 -10.10 40.75
N PRO K 790 54.37 -10.89 41.39
CA PRO K 790 55.56 -10.47 42.08
C PRO K 790 56.60 -9.95 41.10
N PRO K 791 57.47 -9.05 41.55
CA PRO K 791 58.68 -8.58 40.88
C PRO K 791 59.62 -9.71 40.52
N ILE K 792 59.60 -10.80 41.29
CA ILE K 792 60.51 -11.91 41.06
C ILE K 792 59.79 -13.13 40.51
N LYS K 793 60.00 -13.39 39.23
CA LYS K 793 59.32 -14.48 38.54
C LYS K 793 60.07 -15.80 38.65
N ASP K 794 60.11 -16.36 39.86
CA ASP K 794 60.73 -17.67 40.06
C ASP K 794 59.68 -18.76 40.16
N PHE K 795 59.48 -19.49 39.08
CA PHE K 795 58.44 -20.49 39.02
C PHE K 795 59.00 -21.86 38.69
N GLY K 796 60.22 -22.11 39.13
CA GLY K 796 60.80 -23.45 39.01
C GLY K 796 61.14 -23.85 37.58
N GLY K 797 61.44 -22.86 36.75
CA GLY K 797 61.80 -23.13 35.35
C GLY K 797 60.67 -22.85 34.38
N PHE K 798 59.47 -22.63 34.90
CA PHE K 798 58.33 -22.32 34.05
C PHE K 798 58.29 -20.84 33.69
N ASN K 799 58.21 -20.56 32.38
CA ASN K 799 58.33 -19.22 31.83
C ASN K 799 56.99 -18.71 31.30
N PHE K 800 56.45 -17.66 31.93
CA PHE K 800 55.13 -17.12 31.59
C PHE K 800 55.23 -15.74 30.93
N SER K 801 56.41 -15.40 30.41
CA SER K 801 56.65 -14.05 29.91
C SER K 801 55.78 -13.69 28.71
N GLN K 802 55.26 -14.68 28.00
CA GLN K 802 54.47 -14.42 26.81
C GLN K 802 53.00 -14.19 27.12
N ILE K 803 52.58 -14.56 28.33
CA ILE K 803 51.18 -14.41 28.72
C ILE K 803 51.00 -13.32 29.77
N LEU K 804 52.07 -13.01 30.49
CA LEU K 804 52.03 -11.94 31.47
C LEU K 804 52.19 -10.58 30.80
N PRO K 805 51.66 -9.52 31.41
CA PRO K 805 51.72 -8.13 30.96
C PRO K 805 53.15 -7.71 30.71
N ASP K 806 53.38 -7.03 29.59
CA ASP K 806 54.69 -6.49 29.27
C ASP K 806 54.75 -5.01 29.64
N PRO K 807 55.44 -4.68 30.74
CA PRO K 807 55.44 -3.38 31.41
C PRO K 807 56.09 -2.30 30.55
N SER K 808 56.83 -2.72 29.53
CA SER K 808 57.55 -1.77 28.67
C SER K 808 56.63 -1.16 27.63
N LYS K 809 55.40 -1.68 27.52
CA LYS K 809 54.44 -1.16 26.57
C LYS K 809 53.33 -0.41 27.32
N PRO K 810 52.85 0.70 26.76
CA PRO K 810 51.87 1.61 27.33
C PRO K 810 50.51 0.96 27.53
N SER K 811 50.26 -0.11 26.80
CA SER K 811 48.98 -0.83 26.88
C SER K 811 48.99 -1.84 28.02
N LYS K 812 50.17 -2.15 28.53
CA LYS K 812 50.32 -3.13 29.59
C LYS K 812 49.66 -4.47 29.24
N ARG K 813 49.86 -4.90 28.00
CA ARG K 813 49.34 -6.18 27.53
C ARG K 813 50.47 -7.18 27.37
N SER K 814 50.13 -8.46 27.34
CA SER K 814 51.12 -9.49 27.08
C SER K 814 51.51 -9.46 25.60
N PRO K 815 52.67 -10.02 25.24
CA PRO K 815 53.14 -10.27 23.89
C PRO K 815 52.09 -10.97 23.03
N ILE K 816 51.42 -11.97 23.59
CA ILE K 816 50.36 -12.67 22.86
C ILE K 816 49.15 -11.79 22.65
N GLU K 817 48.76 -11.04 23.68
CA GLU K 817 47.61 -10.14 23.55
C GLU K 817 47.87 -9.05 22.52
N ASP K 818 49.08 -8.51 22.49
CA ASP K 818 49.41 -7.50 21.49
C ASP K 818 49.21 -8.04 20.09
N LEU K 819 49.62 -9.28 19.88
CA LEU K 819 49.46 -9.93 18.59
C LEU K 819 47.98 -10.11 18.25
N LEU K 820 47.18 -10.53 19.23
CA LEU K 820 45.76 -10.76 18.98
C LEU K 820 45.05 -9.48 18.59
N PHE K 821 45.40 -8.38 19.25
CA PHE K 821 44.75 -7.10 18.98
C PHE K 821 45.13 -6.51 17.64
N ASN K 822 46.31 -6.85 17.14
CA ASN K 822 46.76 -6.36 15.84
C ASN K 822 46.30 -7.23 14.69
N LYS K 823 45.56 -8.30 15.00
CA LYS K 823 45.08 -9.22 13.95
C LYS K 823 43.58 -9.07 13.64
N VAL K 824 42.86 -8.26 14.41
CA VAL K 824 41.42 -8.04 14.19
C VAL K 824 41.12 -6.54 14.19
N ASN K 854 22.52 9.74 9.81
CA ASN K 854 21.33 9.00 9.42
C ASN K 854 20.62 8.38 10.63
N GLY K 855 20.96 8.86 11.83
CA GLY K 855 20.36 8.37 13.07
C GLY K 855 21.11 7.17 13.61
N LEU K 856 22.23 6.85 12.97
CA LEU K 856 23.04 5.70 13.34
C LEU K 856 24.23 6.11 14.19
N THR K 857 24.36 5.51 15.37
CA THR K 857 25.49 5.81 16.23
C THR K 857 26.04 4.55 16.88
N VAL K 858 27.26 4.65 17.38
CA VAL K 858 27.89 3.55 18.09
C VAL K 858 28.23 3.95 19.52
N LEU K 859 27.79 3.13 20.46
CA LEU K 859 28.02 3.39 21.88
C LEU K 859 29.28 2.67 22.33
N PRO K 860 30.06 3.28 23.23
CA PRO K 860 31.24 2.72 23.85
C PRO K 860 30.84 1.65 24.88
N PRO K 861 31.65 0.60 25.02
CA PRO K 861 31.61 -0.39 26.07
C PRO K 861 31.78 0.25 27.43
N LEU K 862 31.16 -0.34 28.45
CA LEU K 862 31.36 0.15 29.80
C LEU K 862 32.79 -0.10 30.26
N LEU K 863 33.31 -1.28 29.96
CA LEU K 863 34.69 -1.61 30.29
C LEU K 863 35.60 -1.35 29.12
N THR K 864 36.68 -0.63 29.38
CA THR K 864 37.67 -0.34 28.36
C THR K 864 38.60 -1.52 28.16
N ASP K 865 39.41 -1.48 27.12
CA ASP K 865 40.35 -2.56 26.86
C ASP K 865 41.36 -2.71 27.98
N GLU K 866 41.75 -1.60 28.59
CA GLU K 866 42.67 -1.63 29.71
C GLU K 866 42.04 -2.32 30.91
N MET K 867 40.77 -2.04 31.17
CA MET K 867 40.09 -2.65 32.30
C MET K 867 39.96 -4.16 32.13
N ILE K 868 39.69 -4.59 30.91
CA ILE K 868 39.60 -6.01 30.60
C ILE K 868 40.95 -6.68 30.77
N ALA K 869 42.01 -6.00 30.32
CA ALA K 869 43.36 -6.51 30.50
C ALA K 869 43.72 -6.64 31.98
N GLN K 870 43.23 -5.72 32.80
CA GLN K 870 43.47 -5.79 34.24
C GLN K 870 42.82 -7.02 34.86
N TYR K 871 41.60 -7.33 34.42
CA TYR K 871 40.92 -8.53 34.89
C TYR K 871 41.69 -9.77 34.51
N THR K 872 42.17 -9.80 33.27
CA THR K 872 42.93 -10.94 32.78
C THR K 872 44.21 -11.12 33.58
N SER K 873 44.89 -10.02 33.86
CA SER K 873 46.13 -10.06 34.63
C SER K 873 45.87 -10.59 36.04
N ALA K 874 44.77 -10.16 36.64
CA ALA K 874 44.41 -10.60 37.98
C ALA K 874 44.16 -12.11 38.02
N LEU K 875 43.53 -12.62 36.97
CA LEU K 875 43.24 -14.04 36.88
C LEU K 875 44.52 -14.85 36.71
N LEU K 876 45.46 -14.32 35.92
CA LEU K 876 46.73 -15.00 35.70
C LEU K 876 47.58 -14.99 36.95
N ALA K 877 47.62 -13.86 37.64
CA ALA K 877 48.41 -13.74 38.86
C ALA K 877 47.87 -14.69 39.92
N GLY K 878 46.55 -14.81 39.99
CA GLY K 878 45.91 -15.72 40.93
C GLY K 878 46.28 -17.15 40.62
N THR K 879 46.11 -17.56 39.37
CA THR K 879 46.35 -18.94 38.97
C THR K 879 47.81 -19.35 39.20
N ILE K 880 48.73 -18.50 38.78
CA ILE K 880 50.14 -18.83 38.85
C ILE K 880 50.65 -18.97 40.29
N CYS K 881 50.19 -18.11 41.20
CA CYS K 881 50.73 -18.07 42.56
C CYS K 881 49.87 -18.83 43.57
N SER K 882 48.57 -19.01 43.30
CA SER K 882 47.69 -19.67 44.28
C SER K 882 46.86 -20.82 43.70
N GLY K 883 47.13 -21.18 42.45
CA GLY K 883 46.43 -22.29 41.82
C GLY K 883 44.93 -22.06 41.72
N TRP K 884 44.14 -23.03 42.18
CA TRP K 884 42.70 -22.94 42.07
C TRP K 884 42.03 -22.45 43.36
N THR K 885 42.83 -22.17 44.37
CA THR K 885 42.27 -21.86 45.68
C THR K 885 41.55 -20.52 45.69
N PHE K 886 42.05 -19.58 44.89
CA PHE K 886 41.48 -18.23 44.87
C PHE K 886 40.12 -18.21 44.21
N GLY K 887 39.77 -19.29 43.52
CA GLY K 887 38.50 -19.36 42.82
C GLY K 887 37.41 -19.94 43.71
N ALA K 888 37.77 -20.33 44.93
CA ALA K 888 36.82 -20.94 45.86
C ALA K 888 36.97 -20.36 47.26
N GLY K 889 37.46 -19.13 47.33
CA GLY K 889 37.72 -18.50 48.62
C GLY K 889 38.98 -17.65 48.55
N PRO K 890 39.69 -17.50 49.67
CA PRO K 890 40.89 -16.71 49.81
C PRO K 890 42.04 -17.36 49.06
N ALA K 891 42.92 -16.55 48.48
CA ALA K 891 44.04 -17.07 47.73
C ALA K 891 45.09 -17.65 48.66
N LEU K 892 45.44 -18.92 48.45
CA LEU K 892 46.43 -19.60 49.25
C LEU K 892 47.67 -19.87 48.43
N GLN K 893 48.81 -19.32 48.84
CA GLN K 893 50.00 -19.45 48.04
C GLN K 893 50.56 -20.86 48.06
N ILE K 894 51.15 -21.25 46.94
CA ILE K 894 51.80 -22.54 46.79
C ILE K 894 52.90 -22.39 45.73
N PRO K 895 54.04 -23.07 45.87
CA PRO K 895 55.09 -23.19 44.86
C PRO K 895 54.52 -23.73 43.57
N PHE K 896 54.90 -23.14 42.44
CA PHE K 896 54.32 -23.53 41.17
C PHE K 896 54.51 -25.02 40.85
N PRO K 897 55.74 -25.58 41.03
CA PRO K 897 56.05 -26.97 40.82
C PRO K 897 55.14 -27.89 41.63
N MET K 898 54.76 -27.45 42.83
CA MET K 898 53.88 -28.23 43.67
C MET K 898 52.45 -28.15 43.18
N GLN K 899 52.09 -27.01 42.61
CA GLN K 899 50.78 -26.86 42.01
C GLN K 899 50.64 -27.81 40.84
N MET K 900 51.70 -27.91 40.05
CA MET K 900 51.70 -28.80 38.89
C MET K 900 51.66 -30.25 39.32
N ALA K 901 52.28 -30.55 40.47
CA ALA K 901 52.22 -31.90 41.02
C ALA K 901 50.79 -32.28 41.39
N TYR K 902 50.04 -31.33 41.93
CA TYR K 902 48.64 -31.58 42.29
C TYR K 902 47.82 -31.84 41.04
N ARG K 903 48.13 -31.11 39.98
CA ARG K 903 47.42 -31.24 38.72
C ARG K 903 47.73 -32.56 38.03
N PHE K 904 48.93 -33.09 38.27
CA PHE K 904 49.29 -34.42 37.77
C PHE K 904 48.48 -35.49 38.49
N ASN K 905 48.32 -35.36 39.81
CA ASN K 905 47.49 -36.28 40.56
C ASN K 905 46.07 -36.27 40.05
N GLY K 906 45.60 -35.11 39.63
CA GLY K 906 44.24 -34.93 39.13
C GLY K 906 43.96 -35.71 37.86
N ILE K 907 45.01 -36.13 37.16
CA ILE K 907 44.85 -36.87 35.91
C ILE K 907 45.31 -38.31 36.06
N GLY K 908 45.50 -38.74 37.30
CA GLY K 908 45.83 -40.13 37.59
C GLY K 908 47.30 -40.46 37.39
N VAL K 909 48.16 -39.45 37.48
CA VAL K 909 49.59 -39.65 37.36
C VAL K 909 50.27 -39.27 38.68
N THR K 910 51.15 -40.13 39.16
CA THR K 910 51.75 -39.88 40.48
C THR K 910 52.64 -38.65 40.45
N GLN K 911 52.73 -37.97 41.58
CA GLN K 911 53.41 -36.68 41.66
C GLN K 911 54.92 -36.78 41.50
N ASN K 912 55.48 -37.97 41.71
CA ASN K 912 56.91 -38.14 41.55
C ASN K 912 57.29 -38.05 40.09
N VAL K 913 56.33 -38.26 39.19
CA VAL K 913 56.58 -38.15 37.77
C VAL K 913 56.85 -36.71 37.40
N LEU K 914 56.13 -35.80 38.05
CA LEU K 914 56.32 -34.37 37.85
C LEU K 914 57.69 -33.93 38.35
N TYR K 915 58.04 -34.35 39.56
CA TYR K 915 59.26 -33.88 40.21
C TYR K 915 60.52 -34.45 39.57
N GLU K 916 60.43 -35.69 39.10
CA GLU K 916 61.58 -36.35 38.50
C GLU K 916 61.87 -35.82 37.10
N ASN K 917 60.85 -35.27 36.45
CA ASN K 917 60.98 -34.76 35.10
C ASN K 917 60.74 -33.26 35.04
N GLN K 918 60.95 -32.58 36.16
CA GLN K 918 60.60 -31.16 36.24
C GLN K 918 61.25 -30.33 35.15
N LYS K 919 62.51 -30.60 34.84
CA LYS K 919 63.23 -29.82 33.82
C LYS K 919 62.66 -30.09 32.43
N LEU K 920 62.38 -31.35 32.14
CA LEU K 920 61.79 -31.73 30.86
C LEU K 920 60.43 -31.08 30.68
N ILE K 921 59.62 -31.15 31.72
CA ILE K 921 58.25 -30.64 31.67
C ILE K 921 58.24 -29.12 31.49
N ALA K 922 59.10 -28.43 32.23
CA ALA K 922 59.21 -26.99 32.10
C ALA K 922 59.65 -26.60 30.70
N ASN K 923 60.55 -27.38 30.12
CA ASN K 923 61.03 -27.10 28.77
C ASN K 923 59.96 -27.34 27.72
N GLN K 924 59.21 -28.43 27.87
CA GLN K 924 58.12 -28.73 26.95
C GLN K 924 57.06 -27.65 26.99
N PHE K 925 56.76 -27.16 28.20
CA PHE K 925 55.80 -26.09 28.39
C PHE K 925 56.28 -24.81 27.71
N ASN K 926 57.52 -24.43 27.98
CA ASN K 926 58.05 -23.18 27.46
C ASN K 926 58.09 -23.19 25.94
N SER K 927 58.42 -24.35 25.37
CA SER K 927 58.46 -24.50 23.93
C SER K 927 57.07 -24.38 23.31
N ALA K 928 56.09 -25.04 23.93
CA ALA K 928 54.73 -25.03 23.43
C ALA K 928 54.16 -23.61 23.40
N ILE K 929 54.48 -22.82 24.42
CA ILE K 929 54.01 -21.44 24.47
C ILE K 929 54.61 -20.64 23.33
N GLY K 930 55.91 -20.82 23.10
CA GLY K 930 56.59 -20.12 22.02
C GLY K 930 55.95 -20.42 20.66
N LYS K 931 55.53 -21.66 20.47
CA LYS K 931 54.88 -22.06 19.23
C LYS K 931 53.56 -21.32 19.00
N ILE K 932 52.84 -21.04 20.09
CA ILE K 932 51.57 -20.34 19.97
C ILE K 932 51.77 -18.96 19.37
N GLN K 933 52.79 -18.26 19.85
CA GLN K 933 53.09 -16.92 19.36
C GLN K 933 53.45 -16.94 17.87
N ASP K 934 54.26 -17.93 17.48
CA ASP K 934 54.69 -18.05 16.10
C ASP K 934 53.56 -18.48 15.18
N SER K 935 52.67 -19.33 15.70
CA SER K 935 51.54 -19.81 14.93
C SER K 935 50.58 -18.67 14.61
N LEU K 936 50.23 -17.89 15.61
CA LEU K 936 49.28 -16.80 15.42
C LEU K 936 49.82 -15.76 14.44
N SER K 937 51.12 -15.47 14.55
CA SER K 937 51.74 -14.42 13.74
C SER K 937 51.87 -14.81 12.28
N SER K 938 51.62 -16.08 11.96
CA SER K 938 51.79 -16.58 10.61
C SER K 938 50.54 -17.26 10.08
N THR K 939 49.41 -17.10 10.78
CA THR K 939 48.16 -17.74 10.38
C THR K 939 47.01 -16.73 10.27
N PRO K 940 46.72 -16.26 9.05
CA PRO K 940 45.71 -15.27 8.70
C PRO K 940 44.30 -15.65 9.13
N SER K 941 44.04 -16.95 9.28
CA SER K 941 42.70 -17.43 9.61
C SER K 941 42.53 -17.78 11.09
N ALA K 942 43.58 -17.54 11.87
CA ALA K 942 43.60 -17.96 13.26
C ALA K 942 42.46 -17.34 14.07
N LEU K 943 42.13 -16.09 13.76
CA LEU K 943 41.12 -15.37 14.52
C LEU K 943 39.87 -15.12 13.71
N GLY K 944 39.56 -16.05 12.80
CA GLY K 944 38.39 -15.93 11.95
C GLY K 944 37.09 -15.79 12.72
N LYS K 945 36.99 -16.46 13.87
CA LYS K 945 35.77 -16.43 14.66
C LYS K 945 35.43 -15.03 15.16
N LEU K 946 36.45 -14.26 15.50
CA LEU K 946 36.22 -12.90 15.98
C LEU K 946 36.01 -11.95 14.82
N GLN K 947 36.72 -12.21 13.72
CA GLN K 947 36.60 -11.37 12.54
C GLN K 947 35.22 -11.51 11.90
N ASN K 948 34.65 -12.71 11.98
CA ASN K 948 33.33 -12.97 11.41
C ASN K 948 32.25 -12.13 12.08
N VAL K 949 32.39 -11.92 13.38
CA VAL K 949 31.42 -11.12 14.11
C VAL K 949 31.50 -9.67 13.68
N VAL K 950 32.71 -9.17 13.53
CA VAL K 950 32.93 -7.81 13.08
C VAL K 950 32.40 -7.59 11.68
N ASN K 951 32.66 -8.57 10.80
CA ASN K 951 32.25 -8.46 9.40
C ASN K 951 30.74 -8.50 9.25
N GLN K 952 30.07 -9.34 10.02
CA GLN K 952 28.63 -9.48 9.92
C GLN K 952 27.91 -8.22 10.39
N ASN K 953 28.43 -7.59 11.44
CA ASN K 953 27.80 -6.39 11.96
C ASN K 953 28.01 -5.21 11.04
N ALA K 954 29.21 -5.11 10.46
CA ALA K 954 29.49 -4.05 9.50
C ALA K 954 28.63 -4.20 8.27
N GLN K 955 28.45 -5.42 7.83
CA GLN K 955 27.65 -5.70 6.65
C GLN K 955 26.20 -5.32 6.86
N ALA K 956 25.68 -5.61 8.04
CA ALA K 956 24.29 -5.29 8.37
C ALA K 956 24.04 -3.79 8.35
N LEU K 957 24.96 -3.01 8.90
CA LEU K 957 24.81 -1.56 8.90
C LEU K 957 24.91 -0.98 7.50
N ASN K 958 25.82 -1.52 6.71
CA ASN K 958 25.99 -1.03 5.34
C ASN K 958 24.73 -1.28 4.54
N THR K 959 24.09 -2.42 4.77
CA THR K 959 22.86 -2.76 4.10
C THR K 959 21.73 -1.80 4.51
N LEU K 960 21.65 -1.51 5.80
CA LEU K 960 20.62 -0.63 6.33
C LEU K 960 20.74 0.77 5.73
N VAL K 961 21.97 1.27 5.62
CA VAL K 961 22.20 2.60 5.06
C VAL K 961 21.91 2.65 3.57
N LYS K 962 22.32 1.61 2.84
CA LYS K 962 22.08 1.56 1.40
C LYS K 962 20.59 1.51 1.05
N GLN K 963 19.77 1.01 1.96
CA GLN K 963 18.33 0.98 1.72
C GLN K 963 17.72 2.37 1.63
N LEU K 964 18.44 3.37 2.10
CA LEU K 964 17.95 4.75 2.02
C LEU K 964 18.01 5.28 0.59
N SER K 965 18.66 4.52 -0.29
CA SER K 965 18.77 4.90 -1.70
C SER K 965 17.63 4.32 -2.54
N SER K 966 16.80 3.49 -1.92
CA SER K 966 15.70 2.84 -2.63
C SER K 966 14.49 3.76 -2.74
N ASN K 967 13.79 3.68 -3.86
CA ASN K 967 12.62 4.51 -4.08
C ASN K 967 11.36 3.88 -3.47
N PHE K 968 11.31 2.56 -3.46
CA PHE K 968 10.14 1.84 -2.96
C PHE K 968 8.85 2.27 -3.67
N GLY K 969 8.99 2.70 -4.92
CA GLY K 969 7.84 3.08 -5.73
C GLY K 969 7.62 4.59 -5.77
N ALA K 970 8.37 5.32 -4.97
CA ALA K 970 8.28 6.78 -4.95
C ALA K 970 9.02 7.38 -6.13
N ILE K 971 8.72 8.64 -6.44
CA ILE K 971 9.40 9.36 -7.51
C ILE K 971 10.87 9.60 -7.18
N SER K 972 11.21 9.60 -5.90
CA SER K 972 12.57 9.84 -5.47
C SER K 972 12.84 9.20 -4.11
N SER K 973 14.10 8.85 -3.87
CA SER K 973 14.52 8.33 -2.58
C SER K 973 14.85 9.46 -1.60
N VAL K 974 14.87 10.69 -2.10
CA VAL K 974 15.23 11.84 -1.30
C VAL K 974 14.01 12.66 -0.89
N LEU K 975 13.78 12.78 0.42
CA LEU K 975 12.62 13.50 0.92
C LEU K 975 12.65 14.97 0.55
N ASN K 976 13.83 15.57 0.52
CA ASN K 976 13.95 16.98 0.19
C ASN K 976 13.56 17.26 -1.26
N ASP K 977 13.82 16.30 -2.14
CA ASP K 977 13.48 16.45 -3.54
C ASP K 977 11.98 16.31 -3.76
N ILE K 978 11.33 15.51 -2.92
CA ILE K 978 9.89 15.37 -2.98
C ILE K 978 9.21 16.63 -2.47
N LEU K 979 9.66 17.13 -1.33
CA LEU K 979 9.06 18.27 -0.68
C LEU K 979 9.25 19.56 -1.47
N SER K 980 10.35 19.66 -2.20
CA SER K 980 10.64 20.86 -2.98
C SER K 980 9.86 20.91 -4.29
N ARG K 981 9.22 19.80 -4.66
CA ARG K 981 8.53 19.71 -5.94
C ARG K 981 7.02 19.63 -5.79
N LEU K 982 6.56 18.84 -4.83
CA LEU K 982 5.14 18.55 -4.70
C LEU K 982 4.50 19.33 -3.56
N ASP K 983 3.20 19.54 -3.66
CA ASP K 983 2.43 20.16 -2.59
C ASP K 983 2.08 19.11 -1.54
N LYS K 984 1.46 19.51 -0.44
CA LYS K 984 1.19 18.56 0.69
C LYS K 984 0.52 17.22 0.26
N PRO K 985 -0.69 17.19 -0.34
CA PRO K 985 -1.38 15.95 -0.64
C PRO K 985 -0.61 15.03 -1.57
N GLU K 986 0.10 15.60 -2.54
CA GLU K 986 0.89 14.80 -3.46
C GLU K 986 2.16 14.29 -2.79
N ALA K 987 2.79 15.14 -1.99
CA ALA K 987 3.99 14.77 -1.29
C ALA K 987 3.70 13.63 -0.31
N GLU K 988 2.55 13.69 0.34
CA GLU K 988 2.18 12.68 1.33
C GLU K 988 2.09 11.29 0.72
N VAL K 989 1.60 11.21 -0.51
CA VAL K 989 1.52 9.92 -1.19
C VAL K 989 2.90 9.35 -1.42
N GLN K 990 3.83 10.20 -1.86
CA GLN K 990 5.19 9.76 -2.14
C GLN K 990 5.95 9.44 -0.85
N ILE K 991 5.70 10.23 0.18
CA ILE K 991 6.38 10.04 1.46
C ILE K 991 5.94 8.74 2.11
N ASP K 992 4.65 8.44 2.05
CA ASP K 992 4.14 7.21 2.62
C ASP K 992 4.83 5.98 2.04
N ARG K 993 5.16 6.03 0.76
CA ARG K 993 5.86 4.92 0.12
C ARG K 993 7.26 4.75 0.71
N LEU K 994 7.93 5.87 0.98
CA LEU K 994 9.26 5.81 1.56
C LEU K 994 9.21 5.36 3.02
N ILE K 995 8.21 5.80 3.76
CA ILE K 995 8.08 5.40 5.14
C ILE K 995 7.86 3.90 5.26
N THR K 996 7.00 3.37 4.42
CA THR K 996 6.70 1.95 4.45
C THR K 996 7.95 1.12 4.20
N GLY K 997 8.71 1.50 3.17
CA GLY K 997 9.91 0.78 2.80
C GLY K 997 11.02 0.90 3.84
N ARG K 998 11.20 2.10 4.38
CA ARG K 998 12.27 2.35 5.34
C ARG K 998 11.96 1.72 6.69
N LEU K 999 10.69 1.71 7.06
CA LEU K 999 10.27 1.07 8.29
C LEU K 999 10.48 -0.43 8.21
N GLN K 1000 10.16 -1.02 7.05
CA GLN K 1000 10.38 -2.44 6.83
C GLN K 1000 11.87 -2.78 6.87
N SER K 1001 12.69 -1.90 6.31
CA SER K 1001 14.13 -2.12 6.29
C SER K 1001 14.71 -2.10 7.69
N LEU K 1002 14.21 -1.19 8.52
CA LEU K 1002 14.67 -1.06 9.89
C LEU K 1002 14.21 -2.24 10.75
N GLN K 1003 12.98 -2.69 10.53
CA GLN K 1003 12.47 -3.84 11.27
C GLN K 1003 13.28 -5.10 10.94
N THR K 1004 13.67 -5.23 9.69
CA THR K 1004 14.49 -6.35 9.27
C THR K 1004 15.84 -6.35 9.98
N TYR K 1005 16.46 -5.17 10.04
CA TYR K 1005 17.74 -5.02 10.73
C TYR K 1005 17.66 -5.44 12.19
N VAL K 1006 16.66 -4.92 12.90
CA VAL K 1006 16.54 -5.17 14.33
C VAL K 1006 16.29 -6.65 14.61
N THR K 1007 15.43 -7.28 13.82
CA THR K 1007 15.16 -8.70 13.99
C THR K 1007 16.43 -9.52 13.85
N GLN K 1008 17.24 -9.20 12.84
CA GLN K 1008 18.49 -9.92 12.63
C GLN K 1008 19.47 -9.70 13.76
N GLN K 1009 19.46 -8.51 14.35
CA GLN K 1009 20.35 -8.20 15.46
C GLN K 1009 19.95 -8.98 16.72
N LEU K 1010 18.65 -9.14 16.94
CA LEU K 1010 18.17 -9.89 18.08
C LEU K 1010 18.56 -11.35 17.98
N ILE K 1011 18.50 -11.90 16.78
CA ILE K 1011 18.89 -13.28 16.54
C ILE K 1011 20.39 -13.47 16.71
N ARG K 1012 21.18 -12.55 16.17
CA ARG K 1012 22.62 -12.61 16.32
C ARG K 1012 23.04 -12.39 17.76
N ALA K 1013 22.32 -11.52 18.47
CA ALA K 1013 22.62 -11.24 19.86
C ALA K 1013 22.44 -12.49 20.71
N ALA K 1014 21.42 -13.28 20.40
CA ALA K 1014 21.18 -14.52 21.13
C ALA K 1014 22.32 -15.51 20.92
N GLU K 1015 22.86 -15.55 19.71
CA GLU K 1015 23.98 -16.42 19.41
C GLU K 1015 25.24 -16.01 20.18
N ILE K 1016 25.49 -14.71 20.23
CA ILE K 1016 26.64 -14.18 20.95
C ILE K 1016 26.50 -14.41 22.45
N ARG K 1017 25.28 -14.25 22.97
CA ARG K 1017 25.03 -14.51 24.38
C ARG K 1017 25.37 -15.95 24.75
N ALA K 1018 24.98 -16.90 23.89
CA ALA K 1018 25.28 -18.30 24.13
C ALA K 1018 26.79 -18.54 24.13
N SER K 1019 27.51 -17.86 23.25
CA SER K 1019 28.96 -17.95 23.19
C SER K 1019 29.59 -17.37 24.45
N ALA K 1020 29.09 -16.24 24.91
CA ALA K 1020 29.58 -15.60 26.12
C ALA K 1020 29.34 -16.47 27.35
N ASN K 1021 28.19 -17.16 27.37
CA ASN K 1021 27.87 -18.04 28.48
C ASN K 1021 28.82 -19.22 28.53
N LEU K 1022 29.19 -19.72 27.36
CA LEU K 1022 30.15 -20.80 27.26
C LEU K 1022 31.54 -20.34 27.71
N ALA K 1023 31.92 -19.13 27.30
CA ALA K 1023 33.20 -18.55 27.69
C ALA K 1023 33.29 -18.36 29.19
N ALA K 1024 32.18 -17.93 29.80
CA ALA K 1024 32.13 -17.74 31.24
C ALA K 1024 32.27 -19.07 31.97
N THR K 1025 31.65 -20.11 31.42
CA THR K 1025 31.73 -21.44 32.00
C THR K 1025 33.16 -21.97 31.94
N LYS K 1026 33.83 -21.76 30.80
CA LYS K 1026 35.21 -22.17 30.63
C LYS K 1026 36.15 -21.40 31.55
N MET K 1027 35.88 -20.12 31.76
CA MET K 1027 36.67 -19.35 32.68
C MET K 1027 36.63 -19.99 34.07
N SER K 1028 35.44 -20.37 34.51
CA SER K 1028 35.28 -20.98 35.82
C SER K 1028 35.89 -22.38 35.90
N GLU K 1029 35.64 -23.20 34.88
CA GLU K 1029 35.98 -24.62 34.97
C GLU K 1029 37.36 -24.98 34.43
N CYS K 1030 37.91 -24.16 33.53
CA CYS K 1030 39.22 -24.42 32.93
C CYS K 1030 40.31 -23.58 33.58
N VAL K 1031 39.99 -22.32 33.88
CA VAL K 1031 40.98 -21.40 34.44
C VAL K 1031 40.99 -21.40 35.96
N LEU K 1032 39.83 -21.40 36.57
CA LEU K 1032 39.72 -21.34 38.04
C LEU K 1032 39.67 -22.73 38.66
N GLY K 1033 39.94 -23.74 37.85
CA GLY K 1033 39.97 -25.11 38.35
C GLY K 1033 40.45 -26.08 37.29
N GLN K 1034 40.56 -27.34 37.67
CA GLN K 1034 40.97 -28.40 36.75
C GLN K 1034 39.76 -29.25 36.38
N SER K 1035 39.51 -29.38 35.08
CA SER K 1035 38.30 -30.03 34.61
C SER K 1035 38.50 -31.51 34.30
N LYS K 1036 37.47 -32.31 34.57
CA LYS K 1036 37.47 -33.73 34.20
C LYS K 1036 36.57 -33.99 33.00
N ARG K 1037 36.03 -32.93 32.41
CA ARG K 1037 35.14 -33.07 31.27
C ARG K 1037 35.94 -33.21 29.99
N VAL K 1038 35.74 -34.31 29.29
CA VAL K 1038 36.53 -34.62 28.12
C VAL K 1038 36.32 -33.61 27.01
N ASP K 1039 37.42 -33.09 26.47
CA ASP K 1039 37.43 -32.13 25.38
C ASP K 1039 36.77 -30.80 25.72
N PHE K 1040 36.55 -30.55 27.00
CA PHE K 1040 36.00 -29.26 27.40
C PHE K 1040 37.08 -28.18 27.48
N CYS K 1041 38.28 -28.57 27.93
CA CYS K 1041 39.40 -27.64 28.11
C CYS K 1041 40.60 -28.10 27.29
N GLY K 1042 40.38 -28.37 26.00
CA GLY K 1042 41.45 -28.79 25.11
C GLY K 1042 41.52 -30.30 24.96
N LYS K 1043 42.32 -30.75 24.00
CA LYS K 1043 42.49 -32.18 23.74
C LYS K 1043 43.61 -32.76 24.59
N GLY K 1044 43.31 -33.88 25.25
CA GLY K 1044 44.25 -34.49 26.19
C GLY K 1044 43.71 -34.34 27.61
N TYR K 1045 44.54 -34.68 28.59
CA TYR K 1045 44.10 -34.58 29.97
C TYR K 1045 44.41 -33.19 30.51
N HIS K 1046 43.36 -32.46 30.86
CA HIS K 1046 43.51 -31.07 31.25
C HIS K 1046 44.36 -30.89 32.49
N LEU K 1047 45.35 -30.00 32.40
CA LEU K 1047 46.14 -29.61 33.55
C LEU K 1047 45.72 -28.24 34.05
N MET K 1048 45.78 -27.25 33.17
CA MET K 1048 45.42 -25.88 33.53
C MET K 1048 45.22 -25.03 32.28
N SER K 1049 44.62 -23.87 32.46
CA SER K 1049 44.40 -22.96 31.33
C SER K 1049 44.69 -21.52 31.71
N PHE K 1050 45.02 -20.71 30.70
CA PHE K 1050 45.29 -19.31 30.89
C PHE K 1050 44.46 -18.46 29.91
N PRO K 1051 43.75 -17.45 30.40
CA PRO K 1051 42.98 -16.50 29.63
C PRO K 1051 43.86 -15.42 29.02
N GLN K 1052 43.49 -14.96 27.84
CA GLN K 1052 44.07 -13.78 27.20
C GLN K 1052 42.95 -12.95 26.59
N SER K 1053 43.02 -11.63 26.71
CA SER K 1053 41.97 -10.80 26.14
C SER K 1053 42.12 -10.68 24.63
N ALA K 1054 41.00 -10.44 23.96
CA ALA K 1054 40.99 -10.21 22.52
C ALA K 1054 39.85 -9.25 22.19
N PRO K 1055 39.89 -8.59 21.04
CA PRO K 1055 38.85 -7.71 20.53
C PRO K 1055 37.50 -8.42 20.49
N HIS K 1056 36.58 -7.96 21.32
CA HIS K 1056 35.23 -8.51 21.38
C HIS K 1056 35.18 -9.99 21.76
N GLY K 1057 36.23 -10.49 22.40
CA GLY K 1057 36.24 -11.90 22.75
C GLY K 1057 37.34 -12.27 23.72
N VAL K 1058 37.47 -13.57 23.94
CA VAL K 1058 38.46 -14.12 24.86
C VAL K 1058 39.20 -15.27 24.21
N VAL K 1059 40.48 -15.40 24.52
CA VAL K 1059 41.26 -16.52 24.03
C VAL K 1059 41.78 -17.36 25.19
N PHE K 1060 41.54 -18.65 25.14
CA PHE K 1060 42.02 -19.54 26.17
C PHE K 1060 43.19 -20.37 25.68
N LEU K 1061 44.24 -20.44 26.48
CA LEU K 1061 45.35 -21.34 26.22
C LEU K 1061 45.28 -22.54 27.14
N HIS K 1062 44.97 -23.69 26.57
CA HIS K 1062 44.75 -24.90 27.35
C HIS K 1062 46.00 -25.75 27.38
N VAL K 1063 46.45 -26.08 28.59
CA VAL K 1063 47.63 -26.92 28.77
C VAL K 1063 47.18 -28.32 29.14
N THR K 1064 47.53 -29.31 28.30
CA THR K 1064 47.09 -30.67 28.54
C THR K 1064 48.23 -31.66 28.56
N TYR K 1065 48.00 -32.78 29.20
CA TYR K 1065 48.94 -33.89 29.24
C TYR K 1065 48.56 -34.94 28.20
N VAL K 1066 49.48 -35.23 27.30
CA VAL K 1066 49.23 -36.21 26.25
C VAL K 1066 50.24 -37.37 26.32
N PRO K 1067 49.77 -38.59 26.56
CA PRO K 1067 50.56 -39.81 26.61
C PRO K 1067 51.34 -40.03 25.32
N ALA K 1068 52.54 -40.58 25.44
CA ALA K 1068 53.39 -40.82 24.28
C ALA K 1068 54.22 -42.09 24.44
N GLN K 1069 54.62 -42.66 23.31
CA GLN K 1069 55.55 -43.78 23.28
C GLN K 1069 55.07 -44.96 24.11
N GLU K 1070 53.92 -45.51 23.75
CA GLU K 1070 53.38 -46.65 24.46
C GLU K 1070 54.12 -47.94 24.11
N LYS K 1071 54.07 -48.91 25.03
CA LYS K 1071 54.65 -50.22 24.78
C LYS K 1071 53.63 -51.33 25.06
N ASN K 1072 53.80 -52.47 24.38
CA ASN K 1072 52.94 -53.63 24.56
C ASN K 1072 53.40 -54.48 25.74
N PHE K 1073 52.49 -54.75 26.67
CA PHE K 1073 52.75 -55.64 27.81
C PHE K 1073 51.68 -56.72 27.90
N THR K 1074 52.03 -57.87 28.47
CA THR K 1074 51.04 -58.90 28.76
C THR K 1074 50.37 -58.59 30.08
N THR K 1075 49.06 -58.77 30.15
CA THR K 1075 48.34 -58.40 31.36
C THR K 1075 47.47 -59.52 31.90
N ALA K 1076 46.99 -59.34 33.11
CA ALA K 1076 46.07 -60.25 33.76
C ALA K 1076 45.21 -59.46 34.74
N PRO K 1077 43.95 -59.86 34.92
CA PRO K 1077 42.97 -59.27 35.81
C PRO K 1077 43.28 -59.49 37.28
N ALA K 1078 44.05 -60.52 37.58
CA ALA K 1078 44.37 -60.85 38.96
C ALA K 1078 45.58 -61.77 39.06
N ILE K 1079 46.21 -61.78 40.23
CA ILE K 1079 47.30 -62.69 40.52
C ILE K 1079 46.88 -63.71 41.60
N CYS K 1080 47.14 -64.97 41.35
CA CYS K 1080 46.85 -66.03 42.30
C CYS K 1080 48.07 -66.39 43.13
N HIS K 1081 47.92 -66.32 44.45
CA HIS K 1081 49.01 -66.63 45.36
C HIS K 1081 48.48 -67.15 46.68
N ASP K 1082 49.01 -68.28 47.14
CA ASP K 1082 48.55 -68.93 48.35
C ASP K 1082 47.06 -69.24 48.29
N GLY K 1083 46.55 -69.49 47.08
CA GLY K 1083 45.16 -69.87 46.88
C GLY K 1083 44.21 -68.68 46.90
N LYS K 1084 44.76 -67.48 47.01
CA LYS K 1084 43.95 -66.27 47.09
C LYS K 1084 44.09 -65.41 45.83
N ALA K 1085 43.03 -64.67 45.50
CA ALA K 1085 43.05 -63.77 44.36
C ALA K 1085 43.43 -62.35 44.77
N HIS K 1086 44.53 -61.86 44.20
CA HIS K 1086 45.04 -60.52 44.49
C HIS K 1086 44.74 -59.56 43.34
N PHE K 1087 44.17 -58.41 43.68
CA PHE K 1087 43.86 -57.37 42.70
C PHE K 1087 44.71 -56.13 42.98
N PRO K 1088 45.03 -55.33 41.96
CA PRO K 1088 45.74 -54.06 42.07
C PRO K 1088 44.92 -53.06 42.88
N ARG K 1089 45.57 -52.31 43.75
CA ARG K 1089 44.87 -51.26 44.48
C ARG K 1089 44.67 -50.03 43.63
N GLU K 1090 45.67 -49.70 42.82
CA GLU K 1090 45.64 -48.46 42.04
C GLU K 1090 45.95 -48.68 40.56
N GLY K 1091 46.86 -49.61 40.28
CA GLY K 1091 47.38 -49.76 38.92
C GLY K 1091 46.87 -51.01 38.22
N VAL K 1092 47.71 -51.54 37.32
CA VAL K 1092 47.38 -52.70 36.52
C VAL K 1092 48.56 -53.69 36.49
N PHE K 1093 48.25 -54.99 36.46
CA PHE K 1093 49.30 -56.00 36.40
C PHE K 1093 49.82 -56.18 34.98
N VAL K 1094 51.14 -56.13 34.85
CA VAL K 1094 51.78 -56.31 33.56
C VAL K 1094 52.96 -57.26 33.62
N SER K 1095 53.29 -57.85 32.49
CA SER K 1095 54.47 -58.71 32.38
C SER K 1095 55.35 -58.31 31.21
N ASN K 1096 56.67 -58.32 31.45
CA ASN K 1096 57.65 -58.02 30.41
C ASN K 1096 58.12 -59.29 29.70
N GLY K 1097 57.43 -60.41 29.94
CA GLY K 1097 57.70 -61.68 29.30
C GLY K 1097 58.25 -62.70 30.29
N THR K 1098 58.84 -62.24 31.39
CA THR K 1098 59.38 -63.16 32.39
C THR K 1098 58.92 -62.83 33.80
N HIS K 1099 58.68 -61.56 34.08
CA HIS K 1099 58.31 -61.14 35.43
C HIS K 1099 57.06 -60.28 35.45
N TRP K 1100 56.26 -60.44 36.51
CA TRP K 1100 55.06 -59.64 36.70
C TRP K 1100 55.30 -58.45 37.61
N PHE K 1101 54.72 -57.31 37.22
CA PHE K 1101 54.81 -56.07 37.97
C PHE K 1101 53.46 -55.39 38.05
N VAL K 1102 53.33 -54.46 38.97
CA VAL K 1102 52.17 -53.58 39.00
C VAL K 1102 52.59 -52.15 38.69
N THR K 1103 51.85 -51.50 37.80
CA THR K 1103 52.19 -50.15 37.38
C THR K 1103 50.99 -49.24 37.35
N GLN K 1104 51.22 -47.95 37.57
CA GLN K 1104 50.19 -46.95 37.31
C GLN K 1104 49.83 -46.98 35.84
N ARG K 1105 48.59 -46.60 35.53
CA ARG K 1105 48.00 -46.86 34.22
C ARG K 1105 48.46 -45.92 33.11
N ASN K 1106 48.73 -44.67 33.46
CA ASN K 1106 48.99 -43.65 32.45
C ASN K 1106 50.47 -43.37 32.27
N PHE K 1107 51.31 -44.15 32.94
CA PHE K 1107 52.74 -43.97 32.86
C PHE K 1107 53.47 -45.22 33.33
N TYR K 1108 54.26 -45.81 32.46
CA TYR K 1108 54.90 -47.08 32.79
C TYR K 1108 55.96 -46.89 33.87
N GLU K 1109 55.72 -47.52 35.00
CA GLU K 1109 56.60 -47.44 36.14
C GLU K 1109 56.44 -48.69 37.01
N PRO K 1110 57.03 -49.81 36.58
CA PRO K 1110 56.81 -51.14 37.09
C PRO K 1110 57.36 -51.29 38.49
N GLN K 1111 56.55 -51.86 39.38
CA GLN K 1111 56.96 -52.12 40.74
C GLN K 1111 56.70 -53.57 41.11
N ILE K 1112 57.45 -54.07 42.08
CA ILE K 1112 57.25 -55.42 42.58
C ILE K 1112 55.87 -55.56 43.20
N ILE K 1113 55.20 -56.67 42.91
CA ILE K 1113 53.88 -56.92 43.44
C ILE K 1113 53.97 -57.37 44.89
N THR K 1114 53.36 -56.60 45.77
CA THR K 1114 53.44 -56.84 47.20
C THR K 1114 52.07 -56.74 47.83
N THR K 1115 51.99 -57.07 49.11
CA THR K 1115 50.74 -56.98 49.85
C THR K 1115 50.37 -55.53 50.15
N ASP K 1116 51.27 -54.60 49.82
CA ASP K 1116 51.03 -53.18 50.06
C ASP K 1116 50.42 -52.48 48.85
N ASN K 1117 50.36 -53.17 47.72
CA ASN K 1117 49.84 -52.55 46.50
C ASN K 1117 48.79 -53.43 45.83
N THR K 1118 48.34 -54.45 46.54
CA THR K 1118 47.23 -55.29 46.10
C THR K 1118 46.25 -55.48 47.24
N PHE K 1119 45.08 -56.02 46.91
CA PHE K 1119 44.14 -56.45 47.94
C PHE K 1119 43.56 -57.80 47.59
N VAL K 1120 43.14 -58.54 48.60
CA VAL K 1120 42.68 -59.90 48.38
C VAL K 1120 41.17 -60.02 48.46
N SER K 1121 40.60 -60.71 47.48
CA SER K 1121 39.17 -61.00 47.52
C SER K 1121 38.85 -62.38 46.97
N GLY K 1122 38.52 -63.31 47.85
CA GLY K 1122 38.10 -64.64 47.47
C GLY K 1122 39.26 -65.51 46.99
N ASN K 1123 38.91 -66.66 46.43
CA ASN K 1123 39.89 -67.64 45.94
C ASN K 1123 40.13 -67.46 44.45
N CYS K 1124 40.94 -68.36 43.86
CA CYS K 1124 41.39 -68.24 42.48
C CYS K 1124 40.49 -69.01 41.52
N ASP K 1125 39.34 -69.48 42.00
CA ASP K 1125 38.48 -70.32 41.19
C ASP K 1125 37.44 -69.53 40.40
N VAL K 1126 37.40 -68.22 40.60
CA VAL K 1126 36.34 -67.41 40.01
C VAL K 1126 36.82 -66.54 38.84
N VAL K 1127 37.98 -65.92 39.00
CA VAL K 1127 38.44 -64.92 38.05
C VAL K 1127 38.97 -65.55 36.76
N ILE K 1128 38.43 -65.12 35.64
CA ILE K 1128 38.84 -65.62 34.34
C ILE K 1128 40.11 -64.94 33.87
N GLY K 1129 41.15 -65.72 33.64
CA GLY K 1129 42.41 -65.18 33.16
C GLY K 1129 43.40 -64.93 34.29
N ILE K 1130 43.05 -65.36 35.49
CA ILE K 1130 43.96 -65.20 36.64
C ILE K 1130 45.23 -66.01 36.42
N VAL K 1131 46.38 -65.43 36.77
CA VAL K 1131 47.66 -66.09 36.57
C VAL K 1131 48.38 -66.29 37.89
N ASN K 1132 49.33 -67.24 37.91
CA ASN K 1132 50.11 -67.56 39.11
C ASN K 1132 51.37 -66.70 39.20
N ASN K 1133 51.57 -66.08 40.37
CA ASN K 1133 52.79 -65.32 40.67
C ASN K 1133 52.97 -65.16 42.17
N THR K 1134 54.20 -64.89 42.58
CA THR K 1134 54.47 -64.58 43.97
C THR K 1134 53.98 -63.18 44.34
N VAL K 1135 53.40 -63.06 45.53
CA VAL K 1135 53.08 -61.76 46.09
C VAL K 1135 53.90 -61.55 47.36
N TYR K 1136 54.74 -60.51 47.34
CA TYR K 1136 55.72 -60.31 48.38
C TYR K 1136 55.16 -59.60 49.60
N ASP K 1137 55.47 -60.14 50.78
CA ASP K 1137 55.09 -59.53 52.04
C ASP K 1137 56.33 -58.93 52.72
N PRO K 1138 56.44 -57.60 52.80
CA PRO K 1138 57.55 -56.82 53.33
C PRO K 1138 57.98 -57.25 54.72
N LEU K 1139 57.08 -57.88 55.46
CA LEU K 1139 57.39 -58.29 56.82
C LEU K 1139 58.17 -59.60 56.85
N GLN K 1140 58.12 -60.34 55.75
CA GLN K 1140 58.75 -61.66 55.69
C GLN K 1140 60.23 -61.65 56.10
N PRO K 1141 61.13 -60.87 55.44
CA PRO K 1141 62.55 -60.81 55.71
C PRO K 1141 62.86 -60.15 57.06
N GLU K 1142 61.92 -59.34 57.54
CA GLU K 1142 62.08 -58.70 58.85
C GLU K 1142 61.91 -59.73 59.97
N LEU K 1143 60.97 -60.67 59.77
CA LEU K 1143 60.69 -61.75 60.71
C LEU K 1143 60.95 -63.10 60.07
N ILE L 1 -61.06 26.68 2.18
CA ILE L 1 -60.50 28.02 2.33
C ILE L 1 -61.25 29.04 1.46
N VAL L 2 -61.27 30.30 1.91
CA VAL L 2 -61.84 31.40 1.16
C VAL L 2 -60.80 32.51 0.98
N MET L 3 -60.63 32.97 -0.26
CA MET L 3 -59.71 34.06 -0.55
C MET L 3 -60.50 35.32 -0.90
N MET L 4 -60.30 36.37 -0.08
CA MET L 4 -61.10 37.62 -0.26
C MET L 4 -60.20 38.80 -0.59
N GLN L 5 -60.36 39.38 -1.77
CA GLN L 5 -59.56 40.53 -2.18
C GLN L 5 -60.29 41.84 -1.90
N SER L 6 -59.53 42.91 -1.73
CA SER L 6 -60.09 44.23 -1.44
C SER L 6 -59.13 45.35 -1.81
N PRO L 7 -59.67 46.47 -2.30
CA PRO L 7 -61.06 46.76 -2.62
C PRO L 7 -61.50 46.07 -3.90
N GLY L 8 -62.81 45.89 -4.05
CA GLY L 8 -63.34 45.31 -5.28
C GLY L 8 -62.92 46.13 -6.49
N THR L 9 -62.91 47.44 -6.34
CA THR L 9 -62.48 48.34 -7.40
C THR L 9 -61.58 49.44 -6.86
N LEU L 10 -60.48 49.69 -7.55
CA LEU L 10 -59.56 50.76 -7.19
C LEU L 10 -59.43 51.76 -8.34
N SER L 11 -59.49 53.05 -8.00
CA SER L 11 -59.37 54.09 -9.01
C SER L 11 -58.29 55.11 -8.65
N LEU L 12 -57.33 55.28 -9.56
CA LEU L 12 -56.23 56.21 -9.35
C LEU L 12 -55.62 56.62 -10.68
N SER L 13 -54.77 57.63 -10.66
CA SER L 13 -54.16 58.13 -11.88
C SER L 13 -52.92 57.32 -12.25
N PRO L 14 -52.52 57.37 -13.52
CA PRO L 14 -51.23 56.95 -14.03
C PRO L 14 -50.12 57.72 -13.32
N GLY L 15 -49.02 57.02 -13.02
CA GLY L 15 -47.90 57.64 -12.33
C GLY L 15 -48.04 57.55 -10.82
N GLU L 16 -49.19 57.08 -10.35
CA GLU L 16 -49.44 56.93 -8.92
C GLU L 16 -49.25 55.50 -8.46
N ARG L 17 -49.12 55.31 -7.15
CA ARG L 17 -48.93 53.97 -6.57
C ARG L 17 -50.27 53.33 -6.21
N ALA L 18 -50.36 52.01 -6.40
CA ALA L 18 -51.55 51.26 -6.00
C ALA L 18 -51.19 50.10 -5.10
N THR L 19 -52.07 49.79 -4.15
CA THR L 19 -51.91 48.60 -3.33
C THR L 19 -53.20 47.78 -3.31
N LEU L 20 -53.07 46.49 -3.57
CA LEU L 20 -54.19 45.58 -3.50
C LEU L 20 -53.98 44.56 -2.38
N SER L 21 -55.05 44.19 -1.70
CA SER L 21 -54.94 43.25 -0.59
C SER L 21 -55.68 41.95 -0.89
N CYS L 22 -55.21 40.87 -0.27
CA CYS L 22 -55.88 39.57 -0.27
C CYS L 22 -55.80 38.92 1.11
N ARG L 23 -56.95 38.55 1.65
CA ARG L 23 -57.01 37.94 2.96
C ARG L 23 -57.49 36.49 2.89
N ALA L 24 -56.89 35.65 3.71
CA ALA L 24 -57.28 34.24 3.75
C ALA L 24 -58.08 33.93 5.01
N SER L 25 -59.04 33.04 4.89
CA SER L 25 -59.82 32.57 6.03
C SER L 25 -58.98 31.72 6.97
N GLN L 26 -57.82 31.29 6.51
CA GLN L 26 -56.90 30.50 7.31
C GLN L 26 -55.47 30.76 6.87
N SER L 27 -54.51 30.38 7.69
CA SER L 27 -53.11 30.64 7.39
C SER L 27 -52.68 29.98 6.09
N VAL L 28 -51.94 30.72 5.28
CA VAL L 28 -51.40 30.22 4.02
C VAL L 28 -49.90 30.40 3.97
N SER L 29 -49.18 29.35 3.61
CA SER L 29 -47.74 29.44 3.46
C SER L 29 -47.41 30.46 2.39
N SER L 30 -46.34 31.22 2.59
CA SER L 30 -45.96 32.25 1.63
C SER L 30 -45.63 31.63 0.29
N SER L 31 -45.13 30.39 0.32
CA SER L 31 -44.74 29.67 -0.89
C SER L 31 -45.94 29.31 -1.75
N TYR L 32 -47.14 29.39 -1.19
CA TYR L 32 -48.34 28.97 -1.89
C TYR L 32 -49.24 30.12 -2.31
N LEU L 33 -48.73 31.35 -2.22
CA LEU L 33 -49.52 32.52 -2.59
C LEU L 33 -49.02 33.16 -3.89
N ALA L 34 -49.91 33.33 -4.85
CA ALA L 34 -49.53 33.91 -6.14
C ALA L 34 -50.51 34.99 -6.59
N TRP L 35 -50.03 35.90 -7.45
CA TRP L 35 -50.87 36.92 -8.05
C TRP L 35 -50.86 36.85 -9.57
N TYR L 36 -52.03 37.06 -10.18
CA TYR L 36 -52.17 37.09 -11.63
C TYR L 36 -52.76 38.41 -12.11
N GLN L 37 -52.41 38.78 -13.34
CA GLN L 37 -52.97 39.98 -13.97
C GLN L 37 -53.70 39.61 -15.25
N GLN L 38 -54.98 39.96 -15.34
CA GLN L 38 -55.76 39.66 -16.54
C GLN L 38 -56.25 40.93 -17.23
N LYS L 39 -55.76 41.16 -18.43
CA LYS L 39 -56.22 42.27 -19.24
C LYS L 39 -57.49 41.86 -19.97
N PRO L 40 -58.34 42.83 -20.37
CA PRO L 40 -59.55 42.62 -21.14
C PRO L 40 -59.29 41.83 -22.41
N GLY L 41 -60.02 40.73 -22.58
CA GLY L 41 -59.94 39.93 -23.79
C GLY L 41 -58.73 39.01 -23.82
N GLN L 42 -58.03 38.89 -22.70
CA GLN L 42 -56.81 38.07 -22.65
C GLN L 42 -56.85 37.04 -21.52
N ALA L 43 -56.10 35.95 -21.68
CA ALA L 43 -55.88 35.01 -20.59
C ALA L 43 -55.08 35.68 -19.48
N PRO L 44 -55.23 35.23 -18.23
CA PRO L 44 -54.46 35.63 -17.07
C PRO L 44 -52.98 35.36 -17.25
N ARG L 45 -52.14 36.20 -16.67
CA ARG L 45 -50.71 35.92 -16.64
C ARG L 45 -50.16 36.06 -15.23
N LEU L 46 -49.13 35.28 -14.91
CA LEU L 46 -48.53 35.30 -13.58
C LEU L 46 -47.67 36.53 -13.39
N LEU L 47 -47.83 37.19 -12.25
CA LEU L 47 -46.97 38.31 -11.87
C LEU L 47 -46.08 37.94 -10.71
N ILE L 48 -46.68 37.41 -9.66
CA ILE L 48 -45.96 37.10 -8.43
C ILE L 48 -46.25 35.67 -8.00
N TYR L 49 -45.22 34.98 -7.52
CA TYR L 49 -45.40 33.67 -6.92
C TYR L 49 -44.56 33.59 -5.65
N GLY L 50 -44.95 32.72 -4.74
CA GLY L 50 -44.21 32.57 -3.51
C GLY L 50 -44.33 33.83 -2.65
N ALA L 51 -45.47 34.51 -2.79
CA ALA L 51 -45.76 35.77 -2.09
C ALA L 51 -44.97 36.96 -2.65
N SER L 52 -43.67 36.79 -2.85
CA SER L 52 -42.81 37.94 -3.14
C SER L 52 -41.99 37.83 -4.43
N SER L 53 -41.93 36.66 -5.05
CA SER L 53 -41.06 36.47 -6.21
C SER L 53 -41.73 36.87 -7.51
N ARG L 54 -41.06 37.68 -8.32
CA ARG L 54 -41.60 38.06 -9.62
C ARG L 54 -41.46 36.96 -10.65
N ALA L 55 -42.46 36.83 -11.51
CA ALA L 55 -42.41 35.91 -12.62
C ALA L 55 -41.49 36.45 -13.70
N THR L 56 -40.97 35.56 -14.53
CA THR L 56 -40.07 35.95 -15.60
C THR L 56 -40.74 36.94 -16.55
N GLY L 57 -40.05 38.06 -16.81
CA GLY L 57 -40.55 39.05 -17.77
C GLY L 57 -41.35 40.17 -17.08
N ILE L 58 -41.55 40.04 -15.77
CA ILE L 58 -42.31 41.04 -15.02
C ILE L 58 -41.39 42.17 -14.54
N PRO L 59 -41.75 43.43 -14.84
CA PRO L 59 -41.07 44.65 -14.44
C PRO L 59 -40.95 44.76 -12.93
N ASP L 60 -39.90 45.44 -12.48
CA ASP L 60 -39.65 45.60 -11.05
C ASP L 60 -40.57 46.64 -10.43
N ARG L 61 -41.51 47.12 -11.23
CA ARG L 61 -42.55 48.02 -10.75
C ARG L 61 -43.57 47.25 -9.92
N PHE L 62 -43.53 45.92 -10.03
CA PHE L 62 -44.41 45.06 -9.26
C PHE L 62 -43.68 44.39 -8.12
N SER L 63 -44.34 44.31 -6.96
CA SER L 63 -43.78 43.60 -5.82
C SER L 63 -44.88 43.05 -4.94
N GLY L 64 -44.55 42.06 -4.12
CA GLY L 64 -45.54 41.48 -3.21
C GLY L 64 -44.93 41.16 -1.86
N SER L 65 -45.78 40.99 -0.87
CA SER L 65 -45.35 40.62 0.47
C SER L 65 -46.50 40.10 1.28
N GLY L 66 -46.20 39.53 2.44
CA GLY L 66 -47.23 39.09 3.36
C GLY L 66 -46.94 37.72 3.95
N SER L 67 -47.78 37.32 4.88
CA SER L 67 -47.65 36.04 5.55
C SER L 67 -48.95 35.70 6.26
N GLY L 68 -49.09 34.46 6.70
CA GLY L 68 -50.25 34.08 7.47
C GLY L 68 -51.52 34.26 6.65
N THR L 69 -52.36 35.19 7.06
CA THR L 69 -53.65 35.42 6.40
C THR L 69 -53.71 36.73 5.63
N ASP L 70 -52.60 37.47 5.59
CA ASP L 70 -52.63 38.80 4.99
C ASP L 70 -51.52 39.02 3.97
N PHE L 71 -51.92 39.20 2.71
CA PHE L 71 -50.97 39.40 1.62
C PHE L 71 -51.34 40.63 0.80
N THR L 72 -50.33 41.28 0.23
CA THR L 72 -50.56 42.45 -0.61
C THR L 72 -49.78 42.42 -1.91
N LEU L 73 -50.29 43.13 -2.91
CA LEU L 73 -49.60 43.36 -4.17
C LEU L 73 -49.44 44.86 -4.40
N THR L 74 -48.23 45.29 -4.67
CA THR L 74 -47.94 46.70 -4.84
C THR L 74 -47.47 47.03 -6.26
N ILE L 75 -48.03 48.09 -6.82
CA ILE L 75 -47.56 48.62 -8.08
C ILE L 75 -47.00 50.02 -7.85
N SER L 76 -45.68 50.17 -8.02
CA SER L 76 -45.01 51.39 -7.62
C SER L 76 -45.53 52.61 -8.36
N ARG L 77 -45.50 52.56 -9.68
CA ARG L 77 -46.03 53.62 -10.52
C ARG L 77 -46.81 53.03 -11.68
N LEU L 78 -48.08 53.36 -11.76
CA LEU L 78 -48.95 52.71 -12.74
C LEU L 78 -48.76 53.25 -14.15
N GLU L 79 -48.78 52.33 -15.10
CA GLU L 79 -48.85 52.66 -16.51
C GLU L 79 -50.27 52.41 -17.00
N PRO L 80 -50.65 52.96 -18.16
CA PRO L 80 -51.92 52.74 -18.85
C PRO L 80 -52.23 51.25 -19.02
N GLU L 81 -51.19 50.43 -19.04
CA GLU L 81 -51.35 48.99 -19.23
C GLU L 81 -51.58 48.22 -17.93
N ASP L 82 -51.51 48.92 -16.81
CA ASP L 82 -51.64 48.26 -15.51
C ASP L 82 -53.06 48.30 -14.98
N PHE L 83 -53.95 48.94 -15.72
CA PHE L 83 -55.32 49.07 -15.28
C PHE L 83 -56.13 47.85 -15.68
N ALA L 84 -55.87 46.75 -14.99
CA ALA L 84 -56.46 45.45 -15.31
C ALA L 84 -57.04 44.80 -14.06
N VAL L 85 -57.50 43.57 -14.20
CA VAL L 85 -58.04 42.85 -13.05
C VAL L 85 -56.99 41.93 -12.45
N TYR L 86 -56.79 42.04 -11.15
CA TYR L 86 -55.78 41.25 -10.48
C TYR L 86 -56.41 40.18 -9.60
N TYR L 87 -55.82 39.00 -9.59
CA TYR L 87 -56.31 37.89 -8.78
C TYR L 87 -55.24 37.38 -7.85
N CYS L 88 -55.63 36.92 -6.66
CA CYS L 88 -54.75 36.16 -5.79
C CYS L 88 -55.13 34.68 -5.86
N GLN L 89 -54.13 33.83 -5.75
CA GLN L 89 -54.36 32.39 -5.82
C GLN L 89 -53.61 31.67 -4.72
N GLN L 90 -54.27 30.67 -4.14
CA GLN L 90 -53.68 29.90 -3.06
C GLN L 90 -53.70 28.41 -3.38
N TYR L 91 -52.66 27.72 -2.94
CA TYR L 91 -52.66 26.26 -2.99
C TYR L 91 -52.71 25.65 -1.60
N GLY L 92 -53.45 24.57 -1.48
CA GLY L 92 -53.40 23.75 -0.27
C GLY L 92 -54.40 22.62 -0.36
N SER L 93 -54.22 21.60 0.46
CA SER L 93 -55.12 20.46 0.48
C SER L 93 -55.41 19.92 -0.92
N SER L 94 -54.36 19.83 -1.73
CA SER L 94 -54.45 19.31 -3.08
C SER L 94 -55.49 20.02 -3.93
N ALA L 95 -55.62 21.34 -3.75
CA ALA L 95 -56.55 22.13 -4.53
C ALA L 95 -56.02 23.53 -4.78
N TRP L 96 -56.47 24.13 -5.87
CA TRP L 96 -56.08 25.49 -6.24
C TRP L 96 -57.29 26.42 -6.21
N THR L 97 -57.18 27.51 -5.46
CA THR L 97 -58.30 28.43 -5.25
C THR L 97 -57.94 29.86 -5.62
N PHE L 98 -58.85 30.54 -6.32
CA PHE L 98 -58.65 31.93 -6.69
C PHE L 98 -59.57 32.86 -5.91
N GLY L 99 -59.13 34.10 -5.72
CA GLY L 99 -59.99 35.14 -5.14
C GLY L 99 -60.96 35.66 -6.19
N GLN L 100 -61.82 36.58 -5.80
CA GLN L 100 -62.85 37.09 -6.70
C GLN L 100 -62.26 38.08 -7.71
N GLY L 101 -61.10 38.62 -7.40
CA GLY L 101 -60.42 39.55 -8.27
C GLY L 101 -60.78 41.00 -7.96
N THR L 102 -59.87 41.92 -8.26
CA THR L 102 -60.13 43.34 -8.11
C THR L 102 -59.75 44.10 -9.37
N LYS L 103 -60.53 45.13 -9.70
CA LYS L 103 -60.28 45.90 -10.90
C LYS L 103 -59.58 47.22 -10.58
N VAL L 104 -58.48 47.50 -11.29
CA VAL L 104 -57.74 48.75 -11.15
C VAL L 104 -58.00 49.64 -12.36
N VAL M 1 -42.09 28.96 -24.55
CA VAL M 1 -43.27 28.18 -24.17
C VAL M 1 -44.52 28.78 -24.80
N GLN M 2 -45.30 27.93 -25.48
CA GLN M 2 -46.57 28.32 -26.08
C GLN M 2 -47.65 27.29 -25.79
N LEU M 3 -48.87 27.77 -25.59
CA LEU M 3 -50.03 26.91 -25.45
C LEU M 3 -51.14 27.36 -26.37
N VAL M 4 -51.54 26.50 -27.29
CA VAL M 4 -52.54 26.84 -28.28
C VAL M 4 -53.79 25.98 -28.16
N GLN M 5 -54.92 26.63 -27.96
CA GLN M 5 -56.17 25.92 -27.74
C GLN M 5 -57.09 25.96 -28.95
N SER M 6 -58.07 25.07 -28.97
CA SER M 6 -59.06 25.01 -30.04
C SER M 6 -60.00 26.20 -30.02
N GLY M 7 -60.77 26.36 -31.09
CA GLY M 7 -61.68 27.49 -31.22
C GLY M 7 -62.97 27.28 -30.44
N ALA M 8 -63.81 28.31 -30.42
CA ALA M 8 -65.05 28.31 -29.65
C ALA M 8 -66.04 27.25 -30.15
N GLU M 9 -66.83 26.71 -29.22
CA GLU M 9 -67.82 25.69 -29.54
C GLU M 9 -69.20 26.08 -29.00
N VAL M 10 -70.24 25.63 -29.68
CA VAL M 10 -71.61 25.82 -29.20
C VAL M 10 -72.34 24.49 -29.08
N LYS M 11 -72.84 24.21 -27.88
CA LYS M 11 -73.48 22.94 -27.59
C LYS M 11 -74.85 23.13 -26.97
N LYS M 12 -75.65 22.07 -26.97
CA LYS M 12 -76.94 22.08 -26.29
C LYS M 12 -76.85 21.26 -25.00
N PRO M 13 -77.67 21.56 -24.00
CA PRO M 13 -77.76 20.88 -22.73
C PRO M 13 -77.86 19.37 -22.92
N GLY M 14 -77.08 18.63 -22.14
CA GLY M 14 -77.04 17.17 -22.22
C GLY M 14 -75.91 16.69 -23.12
N ALA M 15 -75.34 17.60 -23.90
CA ALA M 15 -74.25 17.28 -24.82
C ALA M 15 -72.91 17.24 -24.09
N SER M 16 -71.84 17.03 -24.86
CA SER M 16 -70.49 17.03 -24.31
C SER M 16 -69.56 17.83 -25.20
N VAL M 17 -68.54 18.42 -24.62
CA VAL M 17 -67.57 19.22 -25.36
C VAL M 17 -66.14 18.78 -25.06
N LYS M 18 -65.28 18.79 -26.06
CA LYS M 18 -63.89 18.47 -25.87
C LYS M 18 -62.99 19.62 -26.33
N VAL M 19 -62.17 20.13 -25.41
CA VAL M 19 -61.27 21.23 -25.70
C VAL M 19 -59.82 20.75 -25.69
N SER M 20 -59.10 21.06 -26.75
CA SER M 20 -57.70 20.64 -26.86
C SER M 20 -56.75 21.78 -26.48
N CYS M 21 -55.51 21.40 -26.16
CA CYS M 21 -54.43 22.34 -25.88
C CYS M 21 -53.09 21.77 -26.33
N LYS M 22 -52.52 22.37 -27.37
CA LYS M 22 -51.25 21.92 -27.89
C LYS M 22 -50.10 22.68 -27.26
N ALA M 23 -49.12 21.95 -26.75
CA ALA M 23 -47.99 22.56 -26.07
C ALA M 23 -46.74 22.52 -26.93
N SER M 24 -45.90 23.54 -26.79
CA SER M 24 -44.59 23.54 -27.45
C SER M 24 -43.60 24.39 -26.68
N GLY M 25 -42.31 24.16 -26.93
CA GLY M 25 -41.26 24.98 -26.36
C GLY M 25 -40.69 24.39 -25.06
N TYR M 26 -41.20 23.24 -24.66
CA TYR M 26 -40.72 22.60 -23.43
C TYR M 26 -40.96 21.10 -23.46
N THR M 27 -40.32 20.39 -22.53
CA THR M 27 -40.54 18.96 -22.39
C THR M 27 -41.94 18.69 -21.86
N PHE M 28 -42.78 18.14 -22.71
CA PHE M 28 -44.20 18.01 -22.43
C PHE M 28 -44.48 17.24 -21.15
N THR M 29 -43.75 16.15 -20.93
CA THR M 29 -44.02 15.25 -19.83
C THR M 29 -43.39 15.73 -18.52
N GLY M 30 -42.73 16.88 -18.56
CA GLY M 30 -42.08 17.42 -17.38
C GLY M 30 -43.02 18.26 -16.53
N TYR M 31 -44.22 18.52 -17.03
CA TYR M 31 -45.15 19.41 -16.34
C TYR M 31 -46.56 18.84 -16.28
N TYR M 32 -47.32 19.29 -15.29
CA TYR M 32 -48.75 18.98 -15.22
C TYR M 32 -49.53 19.96 -16.09
N MET M 33 -50.61 19.48 -16.68
CA MET M 33 -51.50 20.37 -17.41
C MET M 33 -52.79 20.57 -16.65
N HIS M 34 -53.11 21.82 -16.34
CA HIS M 34 -54.31 22.16 -15.59
C HIS M 34 -55.33 22.84 -16.46
N TRP M 35 -56.60 22.67 -16.10
CA TRP M 35 -57.67 23.42 -16.76
C TRP M 35 -58.37 24.35 -15.79
N VAL M 36 -58.60 25.58 -16.23
CA VAL M 36 -59.24 26.61 -15.42
C VAL M 36 -60.40 27.25 -16.18
N ARG M 37 -61.55 27.34 -15.53
CA ARG M 37 -62.75 27.89 -16.16
C ARG M 37 -63.06 29.31 -15.70
N GLN M 38 -63.44 30.17 -16.63
CA GLN M 38 -63.88 31.52 -16.28
C GLN M 38 -65.24 31.85 -16.89
N ALA M 39 -66.29 31.73 -16.10
CA ALA M 39 -67.62 32.10 -16.55
C ALA M 39 -67.68 33.60 -16.78
N PRO M 40 -68.55 34.09 -17.67
CA PRO M 40 -68.71 35.50 -18.01
C PRO M 40 -68.96 36.34 -16.77
N GLY M 41 -68.10 37.33 -16.56
CA GLY M 41 -68.26 38.28 -15.46
C GLY M 41 -67.82 37.67 -14.12
N GLN M 42 -67.27 36.47 -14.17
CA GLN M 42 -66.88 35.76 -12.95
C GLN M 42 -65.36 35.63 -12.82
N GLY M 43 -64.92 35.03 -11.72
CA GLY M 43 -63.51 34.81 -11.49
C GLY M 43 -63.06 33.47 -12.06
N LEU M 44 -61.96 32.94 -11.54
CA LEU M 44 -61.35 31.74 -12.09
C LEU M 44 -61.62 30.53 -11.21
N GLU M 45 -61.97 29.41 -11.84
CA GLU M 45 -62.20 28.16 -11.11
C GLU M 45 -61.32 27.04 -11.63
N TRP M 46 -60.62 26.37 -10.72
CA TRP M 46 -59.77 25.24 -11.08
C TRP M 46 -60.58 23.96 -11.25
N MET M 47 -60.33 23.23 -12.34
CA MET M 47 -61.11 22.04 -12.65
C MET M 47 -60.38 20.75 -12.31
N GLY M 48 -59.08 20.72 -12.55
CA GLY M 48 -58.30 19.49 -12.40
C GLY M 48 -57.00 19.53 -13.19
N TRP M 49 -56.23 18.45 -13.11
CA TRP M 49 -54.98 18.33 -13.85
C TRP M 49 -54.75 16.92 -14.39
N ILE M 50 -53.93 16.84 -15.42
CA ILE M 50 -53.43 15.56 -15.93
C ILE M 50 -51.91 15.56 -16.01
N ASN M 51 -51.32 14.41 -15.69
CA ASN M 51 -49.88 14.19 -15.82
C ASN M 51 -49.57 13.26 -17.00
N PRO M 52 -49.13 13.81 -18.13
CA PRO M 52 -48.90 13.14 -19.41
C PRO M 52 -48.01 11.90 -19.31
N ILE M 53 -47.09 11.87 -18.35
CA ILE M 53 -46.17 10.73 -18.26
C ILE M 53 -46.89 9.49 -17.74
N SER M 54 -47.91 9.69 -16.91
CA SER M 54 -48.58 8.57 -16.26
C SER M 54 -50.03 8.48 -16.67
N SER M 55 -50.56 9.57 -17.25
CA SER M 55 -51.97 9.70 -17.57
C SER M 55 -52.82 9.76 -16.31
N GLY M 56 -52.18 10.02 -15.17
CA GLY M 56 -52.89 10.20 -13.91
C GLY M 56 -53.57 11.55 -13.86
N THR M 57 -54.71 11.61 -13.18
CA THR M 57 -55.46 12.86 -13.08
C THR M 57 -55.95 13.12 -11.66
N SER M 58 -56.38 14.35 -11.43
CA SER M 58 -57.12 14.72 -10.24
C SER M 58 -58.10 15.82 -10.56
N TYR M 59 -59.32 15.71 -10.03
CA TYR M 59 -60.37 16.65 -10.37
C TYR M 59 -60.92 17.37 -9.15
N ALA M 60 -61.34 18.61 -9.36
CA ALA M 60 -62.05 19.36 -8.33
C ALA M 60 -63.38 18.69 -8.05
N GLN M 61 -63.78 18.66 -6.79
CA GLN M 61 -65.00 17.97 -6.38
C GLN M 61 -66.19 18.39 -7.24
N THR M 62 -66.23 19.66 -7.60
CA THR M 62 -67.31 20.22 -8.39
C THR M 62 -67.59 19.40 -9.66
N PHE M 63 -66.54 18.93 -10.31
CA PHE M 63 -66.69 18.31 -11.62
C PHE M 63 -66.48 16.80 -11.60
N GLN M 64 -66.32 16.22 -10.42
CA GLN M 64 -66.04 14.79 -10.35
C GLN M 64 -67.20 13.99 -10.90
N GLY M 65 -66.90 13.14 -11.88
CA GLY M 65 -67.92 12.33 -12.54
C GLY M 65 -68.40 12.97 -13.84
N ARG M 66 -68.07 14.24 -14.04
CA ARG M 66 -68.49 14.96 -15.23
C ARG M 66 -67.34 15.23 -16.19
N VAL M 67 -66.16 15.48 -15.63
CA VAL M 67 -65.02 15.88 -16.46
C VAL M 67 -63.99 14.75 -16.57
N THR M 68 -63.50 14.56 -17.78
CA THR M 68 -62.42 13.61 -18.04
C THR M 68 -61.27 14.29 -18.77
N MET M 69 -60.05 14.05 -18.32
CA MET M 69 -58.88 14.62 -18.98
C MET M 69 -57.98 13.55 -19.54
N THR M 70 -57.49 13.77 -20.75
CA THR M 70 -56.58 12.84 -21.41
C THR M 70 -55.44 13.61 -22.06
N SER M 71 -54.44 12.89 -22.52
CA SER M 71 -53.33 13.50 -23.23
C SER M 71 -52.71 12.54 -24.23
N ASP M 72 -52.02 13.11 -25.21
CA ASP M 72 -51.31 12.33 -26.20
C ASP M 72 -49.92 12.91 -26.44
N THR M 73 -48.90 12.22 -25.93
CA THR M 73 -47.55 12.74 -25.94
C THR M 73 -46.97 12.81 -27.34
N SER M 74 -47.50 12.01 -28.26
CA SER M 74 -46.97 11.95 -29.61
C SER M 74 -47.23 13.25 -30.36
N ILE M 75 -48.19 14.02 -29.89
CA ILE M 75 -48.53 15.30 -30.47
C ILE M 75 -48.52 16.40 -29.42
N THR M 76 -47.89 16.12 -28.29
CA THR M 76 -47.84 17.02 -27.14
C THR M 76 -49.13 17.82 -26.99
N THR M 77 -50.26 17.12 -26.88
CA THR M 77 -51.55 17.76 -26.75
C THR M 77 -52.36 17.20 -25.58
N ALA M 78 -52.99 18.09 -24.83
CA ALA M 78 -53.88 17.69 -23.75
C ALA M 78 -55.34 17.97 -24.12
N TYR M 79 -56.24 17.15 -23.60
CA TYR M 79 -57.66 17.30 -23.88
C TYR M 79 -58.48 17.32 -22.59
N MET M 80 -59.55 18.11 -22.60
CA MET M 80 -60.52 18.09 -21.50
C MET M 80 -61.93 17.93 -22.05
N GLU M 81 -62.63 16.91 -21.55
CA GLU M 81 -63.99 16.63 -22.00
C GLU M 81 -64.99 16.74 -20.86
N LEU M 82 -66.01 17.57 -21.05
CA LEU M 82 -67.02 17.78 -20.03
C LEU M 82 -68.39 17.31 -20.54
N SER M 83 -68.99 16.35 -19.82
CA SER M 83 -70.25 15.76 -20.24
C SER M 83 -71.44 16.35 -19.48
N ARG M 84 -72.65 15.96 -19.89
CA ARG M 84 -73.89 16.45 -19.23
C ARG M 84 -73.81 17.97 -19.14
N LEU M 85 -73.63 18.65 -20.28
CA LEU M 85 -73.51 20.10 -20.26
C LEU M 85 -74.79 20.80 -19.85
N ARG M 86 -74.63 21.89 -19.12
CA ARG M 86 -75.74 22.73 -18.71
C ARG M 86 -75.46 24.18 -19.09
N SER M 87 -76.47 25.03 -19.06
CA SER M 87 -76.30 26.42 -19.45
C SER M 87 -75.31 27.15 -18.56
N ASP M 88 -75.12 26.66 -17.34
CA ASP M 88 -74.21 27.31 -16.40
C ASP M 88 -72.76 26.91 -16.64
N ASP M 89 -72.53 26.09 -17.67
CA ASP M 89 -71.18 25.70 -18.05
C ASP M 89 -70.64 26.63 -19.11
N THR M 90 -71.42 27.65 -19.48
CA THR M 90 -70.94 28.65 -20.43
C THR M 90 -69.78 29.41 -19.80
N ALA M 91 -68.62 29.31 -20.43
CA ALA M 91 -67.41 29.88 -19.86
C ALA M 91 -66.26 29.85 -20.86
N VAL M 92 -65.23 30.62 -20.57
CA VAL M 92 -63.97 30.48 -21.29
C VAL M 92 -63.06 29.51 -20.56
N TYR M 93 -62.63 28.47 -21.26
CA TYR M 93 -61.81 27.43 -20.65
C TYR M 93 -60.34 27.61 -21.03
N TYR M 94 -59.47 27.62 -20.04
CA TYR M 94 -58.05 27.80 -20.27
C TYR M 94 -57.28 26.54 -19.92
N CYS M 95 -56.18 26.29 -20.63
CA CYS M 95 -55.16 25.34 -20.20
C CYS M 95 -53.99 26.11 -19.61
N ALA M 96 -53.37 25.53 -18.58
CA ALA M 96 -52.25 26.20 -17.92
C ALA M 96 -51.21 25.20 -17.46
N ARG M 97 -49.96 25.61 -17.46
CA ARG M 97 -48.86 24.74 -17.08
C ARG M 97 -48.41 24.99 -15.65
N ALA M 98 -48.10 23.90 -14.95
CA ALA M 98 -47.52 23.96 -13.61
C ALA M 98 -46.58 22.78 -13.38
N ALA M 99 -45.65 22.94 -12.45
CA ALA M 99 -44.71 21.88 -12.13
C ALA M 99 -45.43 20.72 -11.45
N PRO M 100 -44.85 19.51 -11.49
CA PRO M 100 -45.25 18.33 -10.78
C PRO M 100 -44.98 18.47 -9.29
N PHE M 101 -45.60 17.61 -8.50
CA PHE M 101 -45.52 17.70 -7.05
C PHE M 101 -44.13 17.46 -6.47
N TYR M 102 -43.24 16.90 -7.28
CA TYR M 102 -41.90 16.61 -6.76
C TYR M 102 -40.95 17.79 -6.92
N ASP M 103 -41.47 18.90 -7.43
CA ASP M 103 -40.66 20.09 -7.60
C ASP M 103 -40.23 20.65 -6.23
N PHE M 104 -38.93 20.78 -6.04
CA PHE M 104 -38.35 21.16 -4.75
C PHE M 104 -38.82 22.54 -4.29
N TRP M 105 -38.94 23.47 -5.22
CA TRP M 105 -39.27 24.85 -4.86
C TRP M 105 -40.74 25.18 -5.09
N SER M 106 -41.60 24.17 -4.95
CA SER M 106 -43.05 24.34 -4.95
C SER M 106 -43.58 25.03 -6.20
N GLY M 107 -43.08 24.64 -7.36
CA GLY M 107 -43.53 25.22 -8.62
C GLY M 107 -44.91 24.70 -9.01
N TYR M 108 -45.43 23.77 -8.22
CA TYR M 108 -46.73 23.16 -8.49
C TYR M 108 -47.87 24.00 -7.93
N SER M 109 -47.53 24.97 -7.10
CA SER M 109 -48.54 25.75 -6.38
C SER M 109 -49.13 26.87 -7.24
N TYR M 110 -48.54 27.11 -8.41
CA TYR M 110 -48.98 28.21 -9.25
C TYR M 110 -48.86 27.86 -10.74
N PHE M 111 -49.48 28.68 -11.58
CA PHE M 111 -49.51 28.44 -13.01
C PHE M 111 -48.67 29.46 -13.74
N ASP M 112 -47.57 29.02 -14.35
CA ASP M 112 -46.62 29.97 -14.92
C ASP M 112 -46.92 30.31 -16.38
N TYR M 113 -47.62 29.42 -17.08
CA TYR M 113 -47.98 29.70 -18.46
C TYR M 113 -49.44 29.37 -18.75
N TRP M 114 -50.09 30.26 -19.48
CA TRP M 114 -51.48 30.11 -19.85
C TRP M 114 -51.64 30.14 -21.35
N GLY M 115 -52.57 29.35 -21.87
CA GLY M 115 -52.96 29.47 -23.27
C GLY M 115 -54.09 30.47 -23.32
N GLN M 116 -54.42 30.91 -24.55
CA GLN M 116 -55.62 31.76 -24.75
C GLN M 116 -56.80 30.82 -24.58
N GLY M 117 -57.92 31.28 -24.02
CA GLY M 117 -59.01 30.38 -23.69
C GLY M 117 -59.90 29.98 -24.85
N THR M 118 -60.70 28.94 -24.62
CA THR M 118 -61.69 28.48 -25.58
C THR M 118 -63.08 28.79 -25.05
N LEU M 119 -63.84 29.56 -25.82
CA LEU M 119 -65.18 29.91 -25.38
C LEU M 119 -66.19 28.82 -25.71
N VAL M 120 -66.86 28.32 -24.69
CA VAL M 120 -67.87 27.30 -24.87
C VAL M 120 -69.23 27.81 -24.42
N THR M 121 -70.21 27.77 -25.32
CA THR M 121 -71.55 28.23 -25.02
C THR M 121 -72.53 27.06 -24.98
N VAL M 122 -73.36 27.02 -23.93
CA VAL M 122 -74.37 25.96 -23.77
C VAL M 122 -75.74 26.58 -23.53
N VAL N 1 5.19 -0.35 -44.39
CA VAL N 1 5.71 -0.83 -45.66
C VAL N 1 5.56 0.25 -46.73
N ILE N 2 6.69 0.69 -47.30
CA ILE N 2 6.69 1.63 -48.41
C ILE N 2 6.76 0.87 -49.73
N TRP N 3 5.73 1.03 -50.55
CA TRP N 3 5.64 0.28 -51.80
C TRP N 3 6.39 0.98 -52.91
N MET N 4 7.17 0.21 -53.66
CA MET N 4 7.96 0.76 -54.75
C MET N 4 7.49 0.19 -56.08
N THR N 5 7.42 1.04 -57.09
CA THR N 5 7.08 0.61 -58.44
C THR N 5 8.08 1.15 -59.45
N GLN N 6 8.16 0.50 -60.59
CA GLN N 6 9.04 0.96 -61.68
C GLN N 6 8.31 0.90 -63.02
N SER N 7 8.71 1.78 -63.93
CA SER N 7 8.11 1.82 -65.25
C SER N 7 9.08 2.34 -66.30
N PRO N 8 9.10 1.72 -67.47
CA PRO N 8 8.35 0.54 -67.89
C PRO N 8 8.91 -0.70 -67.22
N SER N 9 8.13 -1.78 -67.21
CA SER N 9 8.62 -3.05 -66.68
C SER N 9 9.67 -3.65 -67.62
N SER N 10 9.61 -3.24 -68.88
CA SER N 10 10.55 -3.71 -69.89
C SER N 10 10.66 -2.72 -71.03
N LEU N 11 11.89 -2.48 -71.48
CA LEU N 11 12.14 -1.63 -72.63
C LEU N 11 13.25 -2.20 -73.49
N SER N 12 13.21 -1.94 -74.79
CA SER N 12 14.28 -2.36 -75.67
C SER N 12 14.98 -1.16 -76.29
N ALA N 13 16.31 -1.23 -76.38
CA ALA N 13 17.10 -0.15 -76.95
C ALA N 13 18.39 -0.69 -77.56
N SER N 14 18.95 0.05 -78.50
CA SER N 14 20.20 -0.38 -79.13
C SER N 14 21.40 0.36 -78.54
N VAL N 15 22.58 0.09 -79.09
CA VAL N 15 23.79 0.72 -78.57
C VAL N 15 23.86 2.17 -79.01
N GLY N 16 24.05 3.06 -78.04
CA GLY N 16 24.10 4.49 -78.31
C GLY N 16 22.78 5.16 -77.96
N ASP N 17 21.74 4.37 -77.75
CA ASP N 17 20.43 4.90 -77.38
C ASP N 17 20.41 5.34 -75.93
N ARG N 18 19.54 6.30 -75.62
CA ARG N 18 19.36 6.75 -74.25
C ARG N 18 18.28 5.95 -73.55
N VAL N 19 18.59 5.45 -72.36
CA VAL N 19 17.65 4.65 -71.59
C VAL N 19 17.27 5.30 -70.28
N THR N 20 15.98 5.49 -70.06
CA THR N 20 15.49 6.07 -68.82
C THR N 20 14.53 5.13 -68.10
N ILE N 21 14.72 4.98 -66.80
CA ILE N 21 13.87 4.14 -65.97
C ILE N 21 13.27 4.94 -64.82
N THR N 22 11.96 4.87 -64.66
CA THR N 22 11.27 5.60 -63.62
C THR N 22 10.99 4.70 -62.41
N CYS N 23 11.22 5.23 -61.20
CA CYS N 23 10.87 4.57 -59.95
C CYS N 23 10.05 5.49 -59.06
N GLN N 24 9.00 4.94 -58.47
CA GLN N 24 8.11 5.72 -57.63
C GLN N 24 7.88 5.08 -56.27
N ALA N 25 7.72 5.91 -55.25
CA ALA N 25 7.43 5.43 -53.91
C ALA N 25 6.03 5.84 -53.46
N SER N 26 5.36 4.96 -52.73
CA SER N 26 4.05 5.25 -52.17
C SER N 26 4.13 6.27 -51.04
N GLN N 27 5.34 6.47 -50.53
CA GLN N 27 5.58 7.43 -49.45
C GLN N 27 6.79 8.29 -49.76
N ASP N 28 6.84 9.48 -49.15
CA ASP N 28 7.97 10.38 -49.29
C ASP N 28 9.20 9.84 -48.59
N ILE N 29 10.26 9.57 -49.35
CA ILE N 29 11.48 8.99 -48.79
C ILE N 29 12.67 9.92 -49.01
N ARG N 30 12.39 11.20 -49.18
CA ARG N 30 13.44 12.19 -49.43
C ARG N 30 14.36 11.74 -50.56
N PHE N 31 15.61 11.43 -50.24
CA PHE N 31 16.57 11.04 -51.26
C PHE N 31 17.19 9.68 -50.97
N TYR N 32 16.58 8.92 -50.06
CA TYR N 32 17.18 7.68 -49.62
C TYR N 32 16.80 6.51 -50.52
N LEU N 33 17.37 6.50 -51.72
CA LEU N 33 17.08 5.47 -52.71
C LEU N 33 18.35 4.96 -53.40
N ASN N 34 18.45 3.63 -53.50
CA ASN N 34 19.54 2.98 -54.21
C ASN N 34 19.09 2.52 -55.61
N TRP N 35 20.04 2.47 -56.54
CA TRP N 35 19.81 1.80 -57.83
C TRP N 35 20.77 0.64 -58.03
N TYR N 36 20.22 -0.51 -58.40
CA TYR N 36 21.01 -1.72 -58.63
C TYR N 36 20.90 -2.21 -60.07
N GLN N 37 21.94 -2.89 -60.53
CA GLN N 37 21.94 -3.53 -61.84
C GLN N 37 22.32 -5.01 -61.71
N GLN N 38 21.47 -5.89 -62.24
CA GLN N 38 21.71 -7.33 -62.12
C GLN N 38 21.72 -8.04 -63.46
N LYS N 39 22.74 -8.88 -63.65
CA LYS N 39 22.78 -9.78 -64.79
C LYS N 39 22.52 -11.22 -64.33
N PRO N 40 21.97 -12.08 -65.19
CA PRO N 40 21.63 -13.46 -64.92
C PRO N 40 22.81 -14.23 -64.32
N GLY N 41 22.55 -14.93 -63.23
CA GLY N 41 23.54 -15.78 -62.59
C GLY N 41 24.41 -15.03 -61.58
N LYS N 42 24.25 -13.71 -61.50
CA LYS N 42 25.09 -12.90 -60.63
C LYS N 42 24.26 -12.09 -59.63
N ALA N 43 24.88 -11.77 -58.49
CA ALA N 43 24.27 -10.88 -57.52
C ALA N 43 24.17 -9.46 -58.08
N PRO N 44 23.19 -8.67 -57.63
CA PRO N 44 23.00 -7.26 -57.95
C PRO N 44 24.20 -6.40 -57.61
N LYS N 45 24.48 -5.43 -58.48
CA LYS N 45 25.55 -4.46 -58.23
C LYS N 45 24.97 -3.07 -58.00
N LEU N 46 25.48 -2.38 -56.98
CA LEU N 46 25.01 -1.03 -56.69
C LEU N 46 25.66 -0.02 -57.62
N LEU N 47 24.84 0.84 -58.23
CA LEU N 47 25.36 1.88 -59.11
C LEU N 47 25.22 3.26 -58.49
N ILE N 48 24.06 3.51 -57.88
CA ILE N 48 23.77 4.82 -57.31
C ILE N 48 23.18 4.72 -55.91
N SER N 49 23.61 5.61 -55.03
CA SER N 49 23.06 5.67 -53.69
C SER N 49 22.63 7.08 -53.34
N ASP N 50 21.77 7.21 -52.33
CA ASP N 50 21.27 8.51 -51.91
C ASP N 50 20.74 9.30 -53.10
N ALA N 51 19.98 8.62 -53.95
CA ALA N 51 19.31 9.21 -55.12
C ALA N 51 20.26 9.46 -56.28
N SER N 52 21.33 10.23 -56.06
CA SER N 52 22.14 10.72 -57.17
C SER N 52 23.65 10.56 -57.01
N ASN N 53 24.09 9.89 -55.95
CA ASN N 53 25.53 9.72 -55.74
C ASN N 53 26.04 8.46 -56.44
N MET N 54 27.05 8.62 -57.28
CA MET N 54 27.59 7.51 -58.04
C MET N 54 28.58 6.70 -57.22
N GLU N 55 28.54 5.37 -57.39
CA GLU N 55 29.54 4.51 -56.77
C GLU N 55 30.85 4.54 -57.52
N THR N 56 31.95 4.36 -56.78
CA THR N 56 33.27 4.31 -57.39
C THR N 56 33.36 3.14 -58.37
N GLY N 57 33.87 3.41 -59.57
CA GLY N 57 34.04 2.39 -60.58
C GLY N 57 32.88 2.36 -61.58
N VAL N 58 31.82 3.10 -61.28
CA VAL N 58 30.67 3.16 -62.16
C VAL N 58 30.90 4.18 -63.29
N PRO N 59 30.76 3.75 -64.56
CA PRO N 59 30.93 4.53 -65.76
C PRO N 59 30.10 5.83 -65.72
N SER N 60 30.68 6.89 -66.27
CA SER N 60 30.06 8.22 -66.24
C SER N 60 28.79 8.30 -67.07
N ARG N 61 28.54 7.28 -67.89
CA ARG N 61 27.32 7.25 -68.69
C ARG N 61 26.10 6.97 -67.82
N PHE N 62 26.33 6.53 -66.58
CA PHE N 62 25.25 6.29 -65.64
C PHE N 62 25.00 7.54 -64.80
N SER N 63 23.73 7.85 -64.56
CA SER N 63 23.36 8.95 -63.70
C SER N 63 21.95 8.77 -63.15
N GLY N 64 21.58 9.62 -62.20
CA GLY N 64 20.23 9.57 -61.64
C GLY N 64 19.93 10.79 -60.78
N SER N 65 18.66 11.01 -60.52
CA SER N 65 18.21 12.15 -59.72
C SER N 65 16.78 11.96 -59.24
N GLY N 66 16.32 12.87 -58.39
CA GLY N 66 14.93 12.85 -57.93
C GLY N 66 14.85 13.07 -56.44
N SER N 67 13.64 13.35 -55.96
CA SER N 67 13.39 13.58 -54.54
C SER N 67 11.93 13.32 -54.19
N GLY N 68 11.72 12.80 -52.99
CA GLY N 68 10.36 12.58 -52.49
C GLY N 68 9.82 11.24 -52.94
N THR N 69 8.99 11.26 -53.98
CA THR N 69 8.36 10.03 -54.48
C THR N 69 8.75 9.69 -55.91
N ASP N 70 9.36 10.62 -56.62
CA ASP N 70 9.65 10.43 -58.04
C ASP N 70 11.16 10.45 -58.34
N PHE N 71 11.69 9.32 -58.77
CA PHE N 71 13.12 9.19 -59.06
C PHE N 71 13.38 8.63 -60.45
N THR N 72 14.50 9.04 -61.06
CA THR N 72 14.85 8.58 -62.40
C THR N 72 16.28 8.03 -62.48
N PHE N 73 16.44 6.92 -63.20
CA PHE N 73 17.74 6.36 -63.54
C PHE N 73 17.98 6.50 -65.03
N THR N 74 19.17 6.97 -65.41
CA THR N 74 19.45 7.23 -66.82
C THR N 74 20.78 6.61 -67.29
N ILE N 75 20.75 6.07 -68.51
CA ILE N 75 21.98 5.71 -69.21
C ILE N 75 22.08 6.57 -70.47
N SER N 76 23.07 7.48 -70.49
CA SER N 76 23.16 8.45 -71.57
C SER N 76 23.44 7.80 -72.92
N SER N 77 24.16 6.70 -72.90
CA SER N 77 24.51 5.98 -74.13
C SER N 77 24.65 4.49 -73.85
N LEU N 78 23.61 3.73 -74.15
CA LEU N 78 23.59 2.31 -73.81
C LEU N 78 24.72 1.56 -74.48
N GLN N 79 25.44 0.77 -73.70
CA GLN N 79 26.49 -0.10 -74.22
C GLN N 79 25.97 -1.53 -74.30
N PRO N 80 26.59 -2.39 -75.11
CA PRO N 80 26.30 -3.81 -75.24
C PRO N 80 26.50 -4.55 -73.93
N GLU N 81 27.25 -3.93 -73.01
CA GLU N 81 27.52 -4.52 -71.71
C GLU N 81 26.52 -4.07 -70.64
N ASP N 82 25.56 -3.23 -71.04
CA ASP N 82 24.59 -2.68 -70.10
C ASP N 82 23.25 -3.40 -70.16
N ILE N 83 23.23 -4.57 -70.77
CA ILE N 83 21.99 -5.32 -70.87
C ILE N 83 21.74 -6.09 -69.59
N ALA N 84 20.83 -5.58 -68.77
CA ALA N 84 20.62 -6.05 -67.41
C ALA N 84 19.27 -5.62 -66.88
N THR N 85 18.88 -6.18 -65.74
CA THR N 85 17.66 -5.75 -65.06
C THR N 85 17.99 -4.77 -63.95
N TYR N 86 17.32 -3.62 -63.95
CA TYR N 86 17.60 -2.58 -62.97
C TYR N 86 16.54 -2.54 -61.88
N TYR N 87 16.98 -2.32 -60.66
CA TYR N 87 16.07 -2.23 -59.52
C TYR N 87 16.29 -0.94 -58.74
N CYS N 88 15.20 -0.38 -58.21
CA CYS N 88 15.29 0.70 -57.23
C CYS N 88 14.97 0.17 -55.84
N GLN N 89 15.61 0.73 -54.83
CA GLN N 89 15.41 0.28 -53.46
C GLN N 89 15.40 1.43 -52.47
N GLN N 90 14.41 1.43 -51.58
CA GLN N 90 14.34 2.47 -50.56
C GLN N 90 14.88 1.98 -49.25
N TYR N 91 15.60 2.86 -48.55
CA TYR N 91 16.12 2.55 -47.23
C TYR N 91 15.82 3.68 -46.27
N ASP N 92 14.67 4.31 -46.45
CA ASP N 92 14.21 5.35 -45.54
C ASP N 92 13.67 4.70 -44.27
N ASN N 93 12.89 3.64 -44.45
CA ASN N 93 12.29 2.94 -43.32
C ASN N 93 12.35 1.44 -43.49
N LEU N 94 12.72 0.76 -42.41
CA LEU N 94 12.63 -0.70 -42.36
C LEU N 94 11.17 -1.11 -42.26
N PRO N 95 10.79 -2.18 -42.95
CA PRO N 95 11.58 -3.06 -43.81
C PRO N 95 11.99 -2.35 -45.09
N PHE N 96 13.14 -2.72 -45.62
CA PHE N 96 13.61 -2.17 -46.89
C PHE N 96 12.90 -2.87 -48.03
N THR N 97 12.68 -2.14 -49.12
CA THR N 97 11.95 -2.72 -50.25
C THR N 97 12.62 -2.45 -51.58
N PHE N 98 12.53 -3.42 -52.49
CA PHE N 98 12.99 -3.27 -53.86
C PHE N 98 11.81 -3.10 -54.80
N GLY N 99 12.03 -2.44 -55.92
CA GLY N 99 10.99 -2.31 -56.93
C GLY N 99 10.86 -3.61 -57.73
N PRO N 100 9.85 -3.70 -58.60
CA PRO N 100 9.54 -4.82 -59.46
C PRO N 100 10.72 -5.25 -60.32
N GLY N 101 11.51 -4.28 -60.77
CA GLY N 101 12.64 -4.55 -61.63
C GLY N 101 12.32 -4.24 -63.09
N THR N 102 13.19 -3.47 -63.74
CA THR N 102 13.00 -3.10 -65.14
C THR N 102 14.04 -3.76 -66.02
N LYS N 103 13.57 -4.55 -66.98
CA LYS N 103 14.48 -5.25 -67.88
C LYS N 103 14.76 -4.41 -69.13
N VAL N 104 16.04 -4.21 -69.41
CA VAL N 104 16.45 -3.52 -70.62
C VAL N 104 17.02 -4.50 -71.62
N ASP N 105 16.31 -4.69 -72.73
CA ASP N 105 16.74 -5.64 -73.74
C ASP N 105 17.44 -4.93 -74.88
N PHE N 106 17.91 -5.69 -75.87
CA PHE N 106 18.58 -5.10 -77.01
C PHE N 106 17.68 -5.03 -78.23
N LYS N 107 17.60 -3.85 -78.84
CA LYS N 107 16.82 -3.63 -80.06
C LYS N 107 17.75 -3.63 -81.27
N GLU O 1 39.47 -9.32 -52.19
CA GLU O 1 39.80 -9.60 -50.80
C GLU O 1 38.54 -9.98 -50.00
N VAL O 2 37.47 -9.18 -50.16
CA VAL O 2 36.22 -9.39 -49.44
C VAL O 2 35.43 -10.53 -50.05
N GLN O 3 35.04 -11.48 -49.22
CA GLN O 3 34.27 -12.63 -49.67
C GLN O 3 33.08 -12.89 -48.76
N LEU O 4 32.00 -13.37 -49.37
CA LEU O 4 30.83 -13.85 -48.64
C LEU O 4 30.36 -15.16 -49.26
N VAL O 5 30.38 -16.24 -48.47
CA VAL O 5 30.04 -17.56 -48.99
C VAL O 5 28.90 -18.21 -48.23
N GLU O 6 27.78 -18.39 -48.92
CA GLU O 6 26.61 -19.03 -48.32
C GLU O 6 26.70 -20.55 -48.36
N SER O 7 26.10 -21.20 -47.38
CA SER O 7 26.00 -22.65 -47.36
C SER O 7 24.78 -23.11 -46.55
N GLY O 8 24.43 -24.38 -46.67
CA GLY O 8 23.31 -24.95 -45.94
C GLY O 8 22.10 -25.16 -46.84
N GLY O 9 22.19 -24.66 -48.07
CA GLY O 9 21.10 -24.82 -49.03
C GLY O 9 20.91 -26.28 -49.40
N GLY O 10 19.68 -26.64 -49.78
CA GLY O 10 19.34 -28.01 -50.13
C GLY O 10 17.84 -28.15 -50.38
N VAL O 11 17.35 -29.39 -50.36
CA VAL O 11 15.94 -29.65 -50.62
C VAL O 11 15.25 -30.18 -49.38
N VAL O 12 14.18 -29.51 -48.97
CA VAL O 12 13.41 -29.91 -47.79
C VAL O 12 11.92 -30.01 -48.11
N GLN O 13 11.17 -30.60 -47.21
CA GLN O 13 9.72 -30.70 -47.38
C GLN O 13 9.01 -29.51 -46.73
N PRO O 14 7.82 -29.15 -47.23
CA PRO O 14 6.92 -28.17 -46.66
C PRO O 14 6.64 -28.47 -45.19
N GLY O 15 6.72 -27.43 -44.36
CA GLY O 15 6.50 -27.57 -42.93
C GLY O 15 7.80 -27.87 -42.19
N GLY O 16 8.87 -28.11 -42.96
CA GLY O 16 10.16 -28.43 -42.38
C GLY O 16 10.96 -27.17 -42.09
N SER O 17 12.27 -27.33 -41.92
CA SER O 17 13.13 -26.21 -41.60
C SER O 17 14.49 -26.35 -42.24
N LEU O 18 15.17 -25.21 -42.42
CA LEU O 18 16.52 -25.22 -42.97
C LEU O 18 17.34 -24.07 -42.37
N ARG O 19 18.58 -24.38 -42.01
CA ARG O 19 19.48 -23.38 -41.43
C ARG O 19 20.55 -22.95 -42.41
N LEU O 20 20.50 -21.68 -42.82
CA LEU O 20 21.52 -21.13 -43.71
C LEU O 20 22.60 -20.41 -42.93
N SER O 21 23.78 -20.38 -43.50
CA SER O 21 24.88 -19.61 -42.93
C SER O 21 25.68 -18.95 -44.04
N CYS O 22 26.41 -17.90 -43.69
CA CYS O 22 27.31 -17.21 -44.62
C CYS O 22 28.62 -16.85 -43.94
N ALA O 23 29.72 -17.35 -44.50
CA ALA O 23 31.04 -17.11 -43.95
C ALA O 23 31.61 -15.82 -44.52
N ALA O 24 32.00 -14.91 -43.65
CA ALA O 24 32.53 -13.62 -44.07
C ALA O 24 34.04 -13.56 -43.84
N SER O 25 34.75 -12.96 -44.79
CA SER O 25 36.17 -12.72 -44.64
C SER O 25 36.63 -11.53 -45.47
N GLY O 26 37.78 -10.99 -45.12
CA GLY O 26 38.39 -9.90 -45.88
C GLY O 26 37.95 -8.52 -45.39
N PHE O 27 37.06 -8.48 -44.41
CA PHE O 27 36.58 -7.23 -43.87
C PHE O 27 36.20 -7.45 -42.42
N THR O 28 36.11 -6.33 -41.68
CA THR O 28 35.71 -6.38 -40.25
C THR O 28 34.21 -6.64 -40.19
N PHE O 29 33.82 -7.90 -40.25
CA PHE O 29 32.41 -8.30 -40.23
C PHE O 29 31.60 -7.75 -39.06
N ASN O 30 32.20 -7.69 -37.87
CA ASN O 30 31.44 -7.35 -36.62
C ASN O 30 31.10 -5.86 -36.47
N SER O 31 31.47 -5.03 -37.43
CA SER O 31 31.25 -3.55 -37.34
C SER O 31 30.10 -3.24 -38.27
N TYR O 32 29.67 -4.21 -39.06
CA TYR O 32 28.67 -3.98 -40.09
C TYR O 32 27.40 -4.72 -39.71
N GLY O 33 26.26 -4.09 -39.95
CA GLY O 33 24.99 -4.80 -39.94
C GLY O 33 24.85 -5.58 -41.23
N MET O 34 24.10 -6.67 -41.19
CA MET O 34 23.98 -7.55 -42.35
C MET O 34 22.55 -7.78 -42.76
N HIS O 35 22.33 -8.00 -44.05
CA HIS O 35 21.01 -8.26 -44.60
C HIS O 35 20.92 -9.63 -45.24
N TRP O 36 19.71 -10.18 -45.25
CA TRP O 36 19.39 -11.31 -46.12
C TRP O 36 18.43 -10.85 -47.20
N VAL O 37 18.71 -11.25 -48.44
CA VAL O 37 17.85 -10.95 -49.59
C VAL O 37 17.64 -12.22 -50.40
N ARG O 38 16.41 -12.44 -50.88
CA ARG O 38 16.14 -13.63 -51.65
C ARG O 38 15.55 -13.32 -53.01
N GLN O 39 15.82 -14.18 -53.98
CA GLN O 39 15.28 -14.03 -55.32
C GLN O 39 14.83 -15.36 -55.90
N ALA O 40 13.52 -15.53 -56.06
CA ALA O 40 12.99 -16.73 -56.66
C ALA O 40 13.26 -16.70 -58.16
N PRO O 41 13.38 -17.86 -58.81
CA PRO O 41 13.54 -18.01 -60.24
C PRO O 41 12.50 -17.21 -61.01
N GLY O 42 12.97 -16.31 -61.86
CA GLY O 42 12.09 -15.50 -62.71
C GLY O 42 11.50 -14.30 -61.97
N LYS O 43 11.92 -14.09 -60.72
CA LYS O 43 11.38 -13.00 -59.91
C LYS O 43 12.41 -11.94 -59.60
N GLY O 44 11.96 -10.83 -59.01
CA GLY O 44 12.85 -9.74 -58.63
C GLY O 44 13.41 -9.94 -57.23
N LEU O 45 14.01 -8.89 -56.68
CA LEU O 45 14.68 -8.98 -55.39
C LEU O 45 13.73 -8.72 -54.23
N GLU O 46 13.73 -9.61 -53.25
CA GLU O 46 12.91 -9.45 -52.05
C GLU O 46 13.75 -9.36 -50.79
N TRP O 47 13.57 -8.28 -50.05
CA TRP O 47 14.28 -8.09 -48.79
C TRP O 47 13.71 -9.02 -47.72
N VAL O 48 14.58 -9.67 -46.95
CA VAL O 48 14.15 -10.64 -45.97
C VAL O 48 14.34 -10.16 -44.53
N ALA O 49 15.57 -9.80 -44.19
CA ALA O 49 15.87 -9.47 -42.79
C ALA O 49 17.13 -8.63 -42.65
N PHE O 50 17.25 -7.97 -41.50
CA PHE O 50 18.43 -7.17 -41.16
C PHE O 50 18.83 -7.35 -39.70
N ILE O 51 20.14 -7.49 -39.47
CA ILE O 51 20.67 -7.60 -38.12
C ILE O 51 21.77 -6.57 -37.89
N ARG O 52 21.78 -5.96 -36.71
CA ARG O 52 22.77 -4.94 -36.39
C ARG O 52 24.14 -5.55 -36.07
N TYR O 53 25.17 -4.71 -36.13
CA TYR O 53 26.55 -5.12 -35.94
C TYR O 53 26.79 -5.91 -34.65
N ASP O 54 26.08 -5.53 -33.58
CA ASP O 54 26.28 -6.16 -32.28
C ASP O 54 25.54 -7.48 -32.20
N GLY O 55 24.47 -7.60 -32.98
CA GLY O 55 23.66 -8.82 -33.01
C GLY O 55 22.47 -8.70 -32.08
N GLY O 56 22.15 -7.48 -31.67
CA GLY O 56 21.03 -7.23 -30.78
C GLY O 56 19.72 -7.11 -31.55
N ASN O 57 19.47 -5.93 -32.10
CA ASN O 57 18.23 -5.66 -32.81
C ASN O 57 18.13 -6.44 -34.12
N LYS O 58 16.94 -6.96 -34.39
CA LYS O 58 16.68 -7.75 -35.58
C LYS O 58 15.40 -7.30 -36.26
N TYR O 59 15.43 -7.23 -37.59
CA TYR O 59 14.27 -6.79 -38.36
C TYR O 59 13.92 -7.81 -39.43
N TYR O 60 12.62 -7.96 -39.69
CA TYR O 60 12.16 -8.96 -40.66
C TYR O 60 11.11 -8.39 -41.60
N ALA O 61 11.05 -8.95 -42.79
CA ALA O 61 9.95 -8.69 -43.71
C ALA O 61 8.69 -9.37 -43.19
N ASP O 62 7.53 -8.80 -43.50
CA ASP O 62 6.28 -9.38 -43.05
C ASP O 62 6.02 -10.73 -43.70
N SER O 63 6.70 -10.98 -44.80
CA SER O 63 6.56 -12.23 -45.53
C SER O 63 7.27 -13.39 -44.84
N VAL O 64 8.14 -13.07 -43.89
CA VAL O 64 8.91 -14.09 -43.19
C VAL O 64 8.81 -13.95 -41.68
N LYS O 65 8.29 -12.81 -41.21
CA LYS O 65 8.25 -12.52 -39.79
C LYS O 65 7.49 -13.60 -39.03
N GLY O 66 8.12 -14.11 -37.97
CA GLY O 66 7.52 -15.14 -37.13
C GLY O 66 7.99 -16.53 -37.52
N ARG O 67 8.60 -16.65 -38.70
CA ARG O 67 9.08 -17.92 -39.18
C ARG O 67 10.60 -17.93 -39.32
N PHE O 68 11.16 -16.80 -39.78
CA PHE O 68 12.60 -16.71 -39.99
C PHE O 68 13.27 -15.98 -38.83
N THR O 69 14.43 -16.48 -38.43
CA THR O 69 15.24 -15.83 -37.40
C THR O 69 16.63 -15.52 -37.91
N ILE O 70 17.06 -14.27 -37.71
CA ILE O 70 18.38 -13.84 -38.13
C ILE O 70 19.31 -13.75 -36.93
N SER O 71 20.54 -14.19 -37.09
CA SER O 71 21.52 -14.12 -36.02
C SER O 71 22.93 -14.04 -36.57
N ARG O 72 23.89 -13.73 -35.71
CA ARG O 72 25.28 -13.67 -36.13
C ARG O 72 26.23 -14.10 -35.02
N ASP O 73 27.30 -14.78 -35.41
CA ASP O 73 28.35 -15.14 -34.47
C ASP O 73 29.61 -14.33 -34.77
N ASN O 74 29.88 -13.33 -33.93
CA ASN O 74 30.96 -12.39 -34.19
C ASN O 74 32.33 -12.98 -33.87
N SER O 75 32.36 -14.18 -33.30
CA SER O 75 33.63 -14.84 -33.02
C SER O 75 34.05 -15.71 -34.20
N LYS O 76 33.13 -15.93 -35.13
CA LYS O 76 33.38 -16.78 -36.29
C LYS O 76 33.08 -16.04 -37.59
N ASN O 77 32.76 -14.76 -37.47
CA ASN O 77 32.40 -13.93 -38.62
C ASN O 77 31.38 -14.62 -39.50
N THR O 78 30.38 -15.23 -38.87
CA THR O 78 29.39 -15.99 -39.62
C THR O 78 27.97 -15.49 -39.40
N LEU O 79 27.26 -15.27 -40.50
CA LEU O 79 25.86 -14.83 -40.45
C LEU O 79 24.94 -16.03 -40.61
N TYR O 80 23.86 -16.07 -39.83
CA TYR O 80 22.93 -17.20 -39.88
C TYR O 80 21.50 -16.77 -40.17
N LEU O 81 20.75 -17.67 -40.81
CA LEU O 81 19.31 -17.49 -40.98
C LEU O 81 18.59 -18.81 -40.74
N GLN O 82 17.80 -18.87 -39.68
CA GLN O 82 17.07 -20.09 -39.32
C GLN O 82 15.63 -20.00 -39.77
N MET O 83 15.26 -20.82 -40.75
CA MET O 83 13.93 -20.75 -41.32
C MET O 83 13.06 -21.92 -40.90
N LYS O 84 11.97 -21.63 -40.20
CA LYS O 84 11.05 -22.66 -39.75
C LYS O 84 9.76 -22.61 -40.54
N SER O 85 9.02 -23.72 -40.52
CA SER O 85 7.73 -23.80 -41.20
C SER O 85 7.86 -23.34 -42.65
N LEU O 86 8.85 -23.88 -43.34
CA LEU O 86 9.12 -23.51 -44.73
C LEU O 86 7.96 -23.88 -45.65
N ARG O 87 7.66 -22.97 -46.58
CA ARG O 87 6.59 -23.19 -47.54
C ARG O 87 7.14 -23.25 -48.95
N ALA O 88 6.32 -23.72 -49.89
CA ALA O 88 6.73 -23.79 -51.28
C ALA O 88 7.12 -22.42 -51.81
N GLU O 89 6.46 -21.38 -51.31
CA GLU O 89 6.71 -20.01 -51.72
C GLU O 89 8.08 -19.50 -51.30
N ASP O 90 8.74 -20.23 -50.40
CA ASP O 90 10.04 -19.82 -49.90
C ASP O 90 11.18 -20.30 -50.79
N THR O 91 10.84 -21.01 -51.86
CA THR O 91 11.86 -21.45 -52.80
C THR O 91 12.48 -20.26 -53.50
N ALA O 92 13.79 -20.10 -53.33
CA ALA O 92 14.50 -18.94 -53.86
C ALA O 92 16.00 -19.09 -53.67
N VAL O 93 16.76 -18.24 -54.35
CA VAL O 93 18.18 -18.12 -54.05
C VAL O 93 18.39 -17.07 -52.97
N TYR O 94 19.00 -17.49 -51.86
CA TYR O 94 19.21 -16.60 -50.73
C TYR O 94 20.61 -16.05 -50.71
N TYR O 95 20.72 -14.75 -50.54
CA TYR O 95 22.01 -14.08 -50.47
C TYR O 95 22.22 -13.48 -49.09
N CYS O 96 23.48 -13.49 -48.65
CA CYS O 96 23.92 -12.62 -47.55
C CYS O 96 24.53 -11.38 -48.16
N ALA O 97 24.22 -10.23 -47.60
CA ALA O 97 24.66 -8.98 -48.21
C ALA O 97 24.90 -7.89 -47.19
N ASN O 98 25.78 -6.96 -47.56
CA ASN O 98 26.00 -5.74 -46.80
C ASN O 98 25.58 -4.57 -47.65
N LEU O 99 24.34 -4.13 -47.49
CA LEU O 99 23.76 -3.14 -48.38
C LEU O 99 24.15 -1.73 -47.97
N LYS O 100 24.55 -0.91 -48.94
CA LYS O 100 24.90 0.46 -48.62
C LYS O 100 23.70 1.19 -48.01
N ASP O 101 23.91 1.77 -46.84
CA ASP O 101 22.83 2.30 -46.03
C ASP O 101 23.30 3.47 -45.17
N SER O 102 22.80 4.67 -45.48
CA SER O 102 23.26 5.89 -44.83
C SER O 102 22.41 6.25 -43.60
N ARG O 103 21.37 5.45 -43.33
CA ARG O 103 20.45 5.78 -42.25
C ARG O 103 20.50 4.81 -41.08
N TYR O 104 20.61 3.52 -41.35
CA TYR O 104 20.51 2.53 -40.28
C TYR O 104 21.84 1.86 -39.96
N SER O 105 22.37 1.09 -40.92
CA SER O 105 23.61 0.36 -40.64
C SER O 105 24.84 1.24 -40.78
N GLY O 106 24.73 2.32 -41.55
CA GLY O 106 25.86 3.22 -41.78
C GLY O 106 26.92 2.54 -42.64
N SER O 107 26.47 1.66 -43.53
CA SER O 107 27.39 0.91 -44.36
C SER O 107 27.73 1.67 -45.63
N TYR O 108 29.02 1.92 -45.83
CA TYR O 108 29.47 2.72 -46.97
C TYR O 108 29.77 1.85 -48.19
N TYR O 109 30.08 0.59 -47.96
CA TYR O 109 30.45 -0.31 -49.05
C TYR O 109 29.39 -1.38 -49.26
N ASP O 110 29.16 -1.73 -50.52
CA ASP O 110 28.09 -2.66 -50.87
C ASP O 110 28.66 -4.01 -51.31
N TYR O 111 28.35 -5.06 -50.55
CA TYR O 111 28.88 -6.39 -50.85
C TYR O 111 27.75 -7.42 -50.95
N TRP O 112 27.94 -8.40 -51.84
CA TRP O 112 26.99 -9.50 -51.98
C TRP O 112 27.71 -10.84 -52.01
N GLY O 113 27.02 -11.89 -51.55
CA GLY O 113 27.55 -13.24 -51.59
C GLY O 113 27.27 -13.91 -52.93
N GLN O 114 27.38 -15.23 -52.95
CA GLN O 114 27.27 -15.99 -54.19
C GLN O 114 25.82 -16.37 -54.45
N GLY O 115 25.11 -16.70 -53.38
CA GLY O 115 23.70 -17.09 -53.47
C GLY O 115 23.56 -18.60 -53.37
N THR O 116 22.70 -19.04 -52.47
CA THR O 116 22.44 -20.47 -52.28
C THR O 116 20.96 -20.79 -52.47
N LEU O 117 20.68 -21.80 -53.29
CA LEU O 117 19.31 -22.12 -53.63
C LEU O 117 18.65 -23.01 -52.59
N VAL O 118 17.51 -22.55 -52.09
CA VAL O 118 16.70 -23.33 -51.14
C VAL O 118 15.42 -23.77 -51.79
N THR O 119 15.18 -25.08 -51.80
CA THR O 119 14.01 -25.64 -52.45
C THR O 119 13.09 -26.32 -51.45
N VAL O 120 11.81 -25.98 -51.50
CA VAL O 120 10.82 -26.61 -50.64
C VAL O 120 9.82 -27.39 -51.48
N SER O 121 9.79 -28.72 -51.31
CA SER O 121 8.95 -29.62 -52.10
C SER O 121 8.98 -31.02 -51.50
#